data_2JPE
#
_entry.id   2JPE
#
_cell.length_a   1.000
_cell.length_b   1.000
_cell.length_c   1.000
_cell.angle_alpha   90.00
_cell.angle_beta   90.00
_cell.angle_gamma   90.00
#
_symmetry.space_group_name_H-M   'P 1'
#
_entity_poly.entity_id   1
_entity_poly.type   'polypeptide(L)'
_entity_poly.pdbx_seq_one_letter_code
;GPLGSPNSMAAAVNSGSSLPLFDCPTWAGKPPPGLHLDVVKGDKLIEKLIIDEKKYYLFGRNPDLCDFTIDHQSCSRVHA
ALVYHKHLKRVFLIDLNSTHGTFLGHIRLEPHKPQQIPIDSTVSFGASTRAYTLREKPQT
;
_entity_poly.pdbx_strand_id   A
#
# COMPACT_ATOMS: atom_id res chain seq x y z
N MET A 9 17.67 -5.21 8.97
CA MET A 9 16.56 -5.82 8.26
C MET A 9 17.04 -6.96 7.35
N ALA A 10 16.61 -8.16 7.69
CA ALA A 10 17.00 -9.34 6.93
C ALA A 10 15.75 -10.18 6.63
N ALA A 11 15.98 -11.28 5.93
CA ALA A 11 14.89 -12.17 5.58
C ALA A 11 15.27 -13.60 5.93
N ALA A 12 14.45 -14.21 6.77
CA ALA A 12 14.69 -15.58 7.21
C ALA A 12 13.39 -16.39 7.06
N VAL A 13 12.73 -16.20 5.93
CA VAL A 13 11.50 -16.90 5.65
C VAL A 13 11.79 -18.40 5.50
N ASN A 14 11.32 -19.15 6.48
CA ASN A 14 11.52 -20.60 6.46
C ASN A 14 10.18 -21.30 6.26
N SER A 15 9.12 -20.53 6.46
CA SER A 15 7.77 -21.06 6.30
C SER A 15 7.58 -21.57 4.87
N GLY A 16 6.91 -22.71 4.77
CA GLY A 16 6.65 -23.31 3.48
C GLY A 16 7.94 -23.44 2.67
N SER A 17 7.78 -23.91 1.43
CA SER A 17 8.91 -24.08 0.55
C SER A 17 9.41 -22.72 0.06
N SER A 18 8.53 -22.01 -0.61
CA SER A 18 8.86 -20.69 -1.13
C SER A 18 7.61 -20.01 -1.67
N LEU A 19 7.31 -18.84 -1.11
CA LEU A 19 6.15 -18.08 -1.52
C LEU A 19 6.59 -16.65 -1.87
N PRO A 20 5.73 -15.99 -2.70
CA PRO A 20 6.02 -14.64 -3.13
C PRO A 20 5.74 -13.64 -2.00
N LEU A 21 5.62 -12.38 -2.38
CA LEU A 21 5.35 -11.32 -1.42
C LEU A 21 3.98 -10.72 -1.69
N PHE A 22 3.39 -11.13 -2.79
CA PHE A 22 2.08 -10.63 -3.18
C PHE A 22 1.57 -11.34 -4.44
N ASP A 23 0.31 -11.10 -4.75
CA ASP A 23 -0.31 -11.71 -5.92
C ASP A 23 -1.23 -10.68 -6.59
N CYS A 24 -0.78 -10.18 -7.72
CA CYS A 24 -1.55 -9.19 -8.47
C CYS A 24 -2.85 -9.85 -8.91
N PRO A 25 -3.97 -9.10 -8.73
CA PRO A 25 -5.29 -9.59 -9.11
C PRO A 25 -5.47 -9.55 -10.62
N THR A 26 -6.72 -9.62 -11.03
CA THR A 26 -7.05 -9.60 -12.45
C THR A 26 -7.80 -8.31 -12.81
N TRP A 27 -8.07 -7.51 -11.78
CA TRP A 27 -8.78 -6.26 -11.96
C TRP A 27 -7.73 -5.14 -12.11
N ALA A 28 -6.48 -5.53 -11.93
CA ALA A 28 -5.39 -4.58 -12.03
C ALA A 28 -5.10 -4.28 -13.51
N GLY A 29 -4.74 -3.03 -13.76
CA GLY A 29 -4.45 -2.61 -15.12
C GLY A 29 -3.18 -1.75 -15.16
N LYS A 30 -3.34 -0.53 -15.65
CA LYS A 30 -2.23 0.40 -15.75
C LYS A 30 -2.72 1.81 -15.43
N PRO A 31 -2.13 2.39 -14.34
CA PRO A 31 -2.51 3.72 -13.92
C PRO A 31 -1.90 4.78 -14.85
N PRO A 32 -2.68 5.88 -15.04
CA PRO A 32 -2.24 6.97 -15.90
C PRO A 32 -1.16 7.80 -15.21
N PRO A 33 -0.38 8.54 -16.05
CA PRO A 33 0.69 9.39 -15.53
C PRO A 33 0.12 10.66 -14.90
N GLY A 34 -0.49 10.47 -13.73
CA GLY A 34 -1.08 11.58 -13.01
C GLY A 34 -1.52 11.15 -11.61
N LEU A 35 -0.80 10.19 -11.07
CA LEU A 35 -1.11 9.69 -9.74
C LEU A 35 0.17 9.68 -8.89
N HIS A 36 -0.02 9.57 -7.59
CA HIS A 36 1.09 9.55 -6.66
C HIS A 36 0.58 9.33 -5.23
N LEU A 37 1.37 8.60 -4.47
CA LEU A 37 1.01 8.30 -3.10
C LEU A 37 1.54 9.41 -2.18
N ASP A 38 1.16 9.33 -0.91
CA ASP A 38 1.59 10.32 0.07
C ASP A 38 1.47 9.72 1.47
N VAL A 39 2.07 10.42 2.42
CA VAL A 39 2.04 9.98 3.81
C VAL A 39 1.85 11.18 4.72
N VAL A 40 1.09 10.97 5.78
CA VAL A 40 0.81 12.03 6.74
C VAL A 40 0.89 11.46 8.15
N LYS A 41 1.65 12.14 9.00
CA LYS A 41 1.80 11.72 10.37
C LYS A 41 0.50 11.98 11.14
N GLY A 42 -0.32 12.85 10.57
CA GLY A 42 -1.59 13.21 11.18
C GLY A 42 -2.20 14.45 10.52
N ASP A 43 -1.46 15.54 10.60
CA ASP A 43 -1.91 16.79 10.03
C ASP A 43 -0.74 17.46 9.30
N LYS A 44 0.24 16.65 8.95
CA LYS A 44 1.42 17.15 8.26
C LYS A 44 1.92 16.08 7.28
N LEU A 45 2.14 16.52 6.04
CA LEU A 45 2.61 15.61 5.00
C LEU A 45 4.06 15.22 5.30
N ILE A 46 4.27 13.93 5.48
CA ILE A 46 5.59 13.41 5.77
C ILE A 46 6.41 13.36 4.48
N GLU A 47 6.09 12.37 3.65
CA GLU A 47 6.79 12.20 2.39
C GLU A 47 5.78 12.01 1.26
N LYS A 48 6.31 11.74 0.08
CA LYS A 48 5.47 11.54 -1.09
C LYS A 48 6.04 10.41 -1.94
N LEU A 49 5.14 9.67 -2.57
CA LEU A 49 5.54 8.55 -3.42
C LEU A 49 4.70 8.57 -4.70
N ILE A 50 5.13 7.75 -5.66
CA ILE A 50 4.44 7.66 -6.93
C ILE A 50 3.73 6.31 -7.02
N ILE A 51 2.61 6.32 -7.73
CA ILE A 51 1.83 5.11 -7.90
C ILE A 51 1.31 5.04 -9.34
N ASP A 52 1.88 5.89 -10.18
CA ASP A 52 1.48 5.94 -11.58
C ASP A 52 2.60 5.33 -12.44
N GLU A 53 3.00 4.13 -12.07
CA GLU A 53 4.05 3.42 -12.79
C GLU A 53 3.69 1.95 -12.97
N LYS A 54 3.22 1.36 -11.88
CA LYS A 54 2.84 -0.05 -11.90
C LYS A 54 1.33 -0.16 -11.65
N LYS A 55 0.88 -1.39 -11.47
CA LYS A 55 -0.52 -1.65 -11.21
C LYS A 55 -0.68 -2.31 -9.85
N TYR A 56 0.45 -2.58 -9.22
CA TYR A 56 0.44 -3.21 -7.91
C TYR A 56 1.82 -3.09 -7.24
N TYR A 57 1.80 -2.52 -6.05
CA TYR A 57 3.04 -2.34 -5.30
C TYR A 57 2.98 -3.10 -3.97
N LEU A 58 3.93 -2.79 -3.10
CA LEU A 58 4.01 -3.42 -1.80
C LEU A 58 4.14 -2.35 -0.72
N PHE A 59 4.11 -2.81 0.53
CA PHE A 59 4.22 -1.91 1.66
C PHE A 59 4.57 -2.66 2.93
N GLY A 60 5.81 -2.49 3.37
CA GLY A 60 6.29 -3.15 4.57
C GLY A 60 7.53 -2.45 5.14
N ARG A 61 8.68 -3.02 4.83
CA ARG A 61 9.94 -2.45 5.29
C ARG A 61 11.09 -2.95 4.42
N ASN A 62 11.03 -4.24 4.10
CA ASN A 62 12.07 -4.85 3.29
C ASN A 62 11.79 -4.56 1.81
N PRO A 63 12.68 -3.71 1.22
CA PRO A 63 12.54 -3.33 -0.18
C PRO A 63 12.96 -4.49 -1.09
N ASP A 64 13.75 -5.39 -0.54
CA ASP A 64 14.24 -6.53 -1.30
C ASP A 64 13.04 -7.34 -1.79
N LEU A 65 11.88 -7.07 -1.20
CA LEU A 65 10.67 -7.76 -1.59
C LEU A 65 9.61 -6.74 -1.99
N CYS A 66 9.45 -5.73 -1.16
CA CYS A 66 8.48 -4.67 -1.41
C CYS A 66 9.18 -3.57 -2.20
N ASP A 67 8.37 -2.65 -2.72
CA ASP A 67 8.88 -1.55 -3.50
C ASP A 67 9.07 -0.33 -2.58
N PHE A 68 8.20 -0.24 -1.59
CA PHE A 68 8.27 0.85 -0.64
C PHE A 68 8.73 0.37 0.74
N THR A 69 8.62 1.25 1.71
CA THR A 69 9.01 0.93 3.07
C THR A 69 8.24 1.78 4.08
N ILE A 70 7.51 1.11 4.94
CA ILE A 70 6.73 1.79 5.95
C ILE A 70 7.66 2.48 6.94
N ASP A 71 8.79 1.83 7.19
CA ASP A 71 9.78 2.37 8.10
C ASP A 71 9.27 2.21 9.54
N HIS A 72 8.90 0.98 9.88
CA HIS A 72 8.40 0.69 11.21
C HIS A 72 8.70 -0.78 11.55
N GLN A 73 9.15 -0.97 12.78
CA GLN A 73 9.48 -2.31 13.25
C GLN A 73 8.21 -3.15 13.41
N SER A 74 7.17 -2.50 13.91
CA SER A 74 5.89 -3.17 14.10
C SER A 74 5.46 -3.86 12.81
N CYS A 75 5.43 -3.08 11.74
CA CYS A 75 5.04 -3.60 10.44
C CYS A 75 5.90 -4.81 10.13
N SER A 76 5.76 -5.32 8.91
CA SER A 76 6.51 -6.48 8.47
C SER A 76 7.05 -6.25 7.06
N ARG A 77 7.98 -7.11 6.66
CA ARG A 77 8.57 -7.02 5.34
C ARG A 77 7.50 -6.67 4.30
N VAL A 78 6.39 -7.39 4.38
CA VAL A 78 5.29 -7.17 3.45
C VAL A 78 4.01 -6.92 4.24
N HIS A 79 4.00 -5.81 4.95
CA HIS A 79 2.85 -5.44 5.76
C HIS A 79 1.58 -5.55 4.91
N ALA A 80 1.65 -4.98 3.72
CA ALA A 80 0.51 -5.00 2.81
C ALA A 80 1.01 -4.69 1.38
N ALA A 81 0.05 -4.61 0.47
CA ALA A 81 0.37 -4.32 -0.92
C ALA A 81 -0.78 -3.50 -1.54
N LEU A 82 -0.39 -2.64 -2.46
CA LEU A 82 -1.36 -1.79 -3.14
C LEU A 82 -1.70 -2.40 -4.51
N VAL A 83 -2.83 -1.96 -5.04
CA VAL A 83 -3.27 -2.44 -6.34
C VAL A 83 -4.17 -1.39 -6.99
N TYR A 84 -3.82 -1.04 -8.22
CA TYR A 84 -4.59 -0.06 -8.97
C TYR A 84 -5.65 -0.73 -9.84
N HIS A 85 -6.90 -0.53 -9.45
CA HIS A 85 -8.01 -1.10 -10.19
C HIS A 85 -8.04 -0.54 -11.62
N LYS A 86 -8.65 -1.29 -12.51
CA LYS A 86 -8.76 -0.87 -13.89
C LYS A 86 -10.23 -0.63 -14.24
N HIS A 87 -11.07 -1.54 -13.77
CA HIS A 87 -12.49 -1.44 -14.02
C HIS A 87 -13.10 -0.34 -13.15
N LEU A 88 -12.28 0.13 -12.22
CA LEU A 88 -12.72 1.19 -11.31
C LEU A 88 -11.85 2.41 -11.51
N LYS A 89 -10.62 2.17 -11.95
CA LYS A 89 -9.67 3.25 -12.19
C LYS A 89 -9.28 3.89 -10.84
N ARG A 90 -9.19 3.04 -9.83
CA ARG A 90 -8.82 3.51 -8.50
C ARG A 90 -7.68 2.65 -7.94
N VAL A 91 -7.44 2.82 -6.65
CA VAL A 91 -6.39 2.08 -5.98
C VAL A 91 -7.00 1.18 -4.92
N PHE A 92 -6.19 0.24 -4.44
CA PHE A 92 -6.64 -0.70 -3.42
C PHE A 92 -5.50 -1.07 -2.48
N LEU A 93 -5.87 -1.37 -1.24
CA LEU A 93 -4.89 -1.75 -0.24
C LEU A 93 -5.23 -3.14 0.31
N ILE A 94 -4.42 -4.11 -0.07
CA ILE A 94 -4.63 -5.48 0.37
C ILE A 94 -3.79 -5.74 1.62
N ASP A 95 -4.46 -5.84 2.75
CA ASP A 95 -3.79 -6.09 4.01
C ASP A 95 -3.28 -7.53 4.04
N LEU A 96 -2.02 -7.68 3.69
CA LEU A 96 -1.41 -9.00 3.67
C LEU A 96 -1.20 -9.49 5.10
N ASN A 97 -2.27 -10.06 5.65
CA ASN A 97 -2.22 -10.56 7.02
C ASN A 97 -1.28 -9.70 7.85
N SER A 98 -1.51 -8.39 7.80
CA SER A 98 -0.70 -7.46 8.54
C SER A 98 -0.67 -7.83 10.02
N THR A 99 0.51 -7.74 10.60
CA THR A 99 0.69 -8.07 12.01
C THR A 99 -0.50 -7.57 12.82
N HIS A 100 -0.86 -6.32 12.58
CA HIS A 100 -1.98 -5.70 13.28
C HIS A 100 -3.20 -5.66 12.36
N GLY A 101 -3.13 -4.76 11.37
CA GLY A 101 -4.21 -4.61 10.43
C GLY A 101 -4.09 -3.29 9.66
N THR A 102 -4.86 -3.18 8.60
CA THR A 102 -4.86 -1.98 7.79
C THR A 102 -6.23 -1.31 7.80
N PHE A 103 -6.22 0.01 7.68
CA PHE A 103 -7.45 0.78 7.68
C PHE A 103 -7.44 1.83 6.57
N LEU A 104 -8.62 2.40 6.33
CA LEU A 104 -8.75 3.42 5.30
C LEU A 104 -9.23 4.73 5.94
N GLY A 105 -8.48 5.17 6.93
CA GLY A 105 -8.80 6.40 7.64
C GLY A 105 -9.62 6.11 8.89
N HIS A 106 -10.83 5.59 8.68
CA HIS A 106 -11.71 5.27 9.79
C HIS A 106 -12.40 3.93 9.51
N ILE A 107 -11.88 3.23 8.51
CA ILE A 107 -12.44 1.93 8.14
C ILE A 107 -11.37 0.86 8.30
N ARG A 108 -11.83 -0.35 8.62
CA ARG A 108 -10.93 -1.47 8.80
C ARG A 108 -10.95 -2.38 7.57
N LEU A 109 -9.77 -2.87 7.20
CA LEU A 109 -9.65 -3.74 6.05
C LEU A 109 -9.30 -5.16 6.53
N GLU A 110 -9.76 -6.14 5.78
CA GLU A 110 -9.50 -7.52 6.10
C GLU A 110 -8.09 -7.92 5.67
N PRO A 111 -7.50 -8.88 6.44
CA PRO A 111 -6.16 -9.35 6.15
C PRO A 111 -6.15 -10.27 4.93
N HIS A 112 -6.65 -9.73 3.82
CA HIS A 112 -6.71 -10.49 2.58
C HIS A 112 -7.62 -9.77 1.58
N LYS A 113 -8.75 -9.31 2.09
CA LYS A 113 -9.71 -8.61 1.25
C LYS A 113 -9.18 -7.20 0.96
N PRO A 114 -9.15 -6.85 -0.35
CA PRO A 114 -8.68 -5.54 -0.77
C PRO A 114 -9.72 -4.46 -0.49
N GLN A 115 -9.25 -3.23 -0.40
CA GLN A 115 -10.12 -2.10 -0.13
C GLN A 115 -9.72 -0.90 -0.99
N GLN A 116 -10.60 -0.58 -1.93
CA GLN A 116 -10.36 0.54 -2.83
C GLN A 116 -9.79 1.73 -2.05
N ILE A 117 -9.24 2.68 -2.78
CA ILE A 117 -8.66 3.87 -2.18
C ILE A 117 -9.01 5.08 -3.03
N PRO A 118 -9.92 5.94 -2.48
CA PRO A 118 -10.34 7.14 -3.18
C PRO A 118 -9.25 8.21 -3.12
N ILE A 119 -9.41 9.21 -3.98
CA ILE A 119 -8.46 10.31 -4.03
C ILE A 119 -8.59 11.16 -2.78
N ASP A 120 -7.49 11.80 -2.42
CA ASP A 120 -7.47 12.65 -1.23
C ASP A 120 -7.97 11.86 -0.02
N SER A 121 -7.92 10.55 -0.17
CA SER A 121 -8.37 9.66 0.90
C SER A 121 -7.31 9.61 2.01
N THR A 122 -7.52 8.68 2.94
CA THR A 122 -6.59 8.52 4.05
C THR A 122 -6.66 7.09 4.59
N VAL A 123 -5.49 6.47 4.69
CA VAL A 123 -5.40 5.11 5.18
C VAL A 123 -4.36 5.05 6.31
N SER A 124 -4.62 4.16 7.26
CA SER A 124 -3.71 3.99 8.38
C SER A 124 -3.46 2.50 8.64
N PHE A 125 -2.24 2.09 8.36
CA PHE A 125 -1.85 0.70 8.54
C PHE A 125 -1.83 0.33 10.02
N GLY A 126 -1.36 -0.87 10.30
CA GLY A 126 -1.28 -1.36 11.66
C GLY A 126 -0.56 -0.36 12.56
N ALA A 127 0.75 -0.51 12.62
CA ALA A 127 1.57 0.38 13.44
C ALA A 127 1.55 1.78 12.84
N SER A 128 2.20 1.91 11.69
CA SER A 128 2.28 3.18 10.99
C SER A 128 0.95 3.94 11.17
N THR A 129 0.95 4.85 12.13
CA THR A 129 -0.23 5.64 12.40
C THR A 129 -0.44 6.69 11.31
N ARG A 130 0.49 6.70 10.37
CA ARG A 130 0.42 7.64 9.26
C ARG A 130 -0.99 7.66 8.66
N ALA A 131 -1.17 8.56 7.71
CA ALA A 131 -2.46 8.69 7.05
C ALA A 131 -2.25 8.75 5.54
N TYR A 132 -1.68 7.67 5.01
CA TYR A 132 -1.42 7.60 3.58
C TYR A 132 -2.52 8.28 2.77
N THR A 133 -2.26 9.53 2.42
CA THR A 133 -3.22 10.31 1.65
C THR A 133 -2.99 10.12 0.14
N LEU A 134 -3.72 9.16 -0.41
CA LEU A 134 -3.61 8.87 -1.83
C LEU A 134 -4.15 10.04 -2.64
N ARG A 135 -3.23 10.76 -3.27
CA ARG A 135 -3.60 11.91 -4.07
C ARG A 135 -3.70 11.52 -5.54
N GLU A 136 -3.90 12.53 -6.39
CA GLU A 136 -4.03 12.30 -7.81
C GLU A 136 -3.68 13.58 -8.58
N LYS A 137 -2.50 13.57 -9.18
CA LYS A 137 -2.05 14.72 -9.95
C LYS A 137 -3.23 15.34 -10.68
N PRO A 138 -3.79 16.42 -10.07
CA PRO A 138 -4.94 17.11 -10.65
C PRO A 138 -4.50 17.97 -11.83
N GLN A 139 -5.38 18.90 -12.20
CA GLN A 139 -5.10 19.79 -13.31
C GLN A 139 -4.03 20.81 -12.91
N THR A 140 -3.21 21.18 -13.90
CA THR A 140 -2.14 22.14 -13.67
C THR A 140 -2.60 23.54 -14.08
N MET A 9 20.83 -5.07 -9.43
CA MET A 9 21.18 -4.68 -8.07
C MET A 9 20.25 -5.37 -7.06
N ALA A 10 20.84 -5.76 -5.94
CA ALA A 10 20.09 -6.42 -4.89
C ALA A 10 19.45 -7.70 -5.46
N ALA A 11 20.19 -8.33 -6.36
CA ALA A 11 19.71 -9.56 -6.98
C ALA A 11 19.42 -10.59 -5.90
N ALA A 12 18.64 -11.60 -6.27
CA ALA A 12 18.29 -12.66 -5.34
C ALA A 12 18.92 -13.97 -5.81
N VAL A 13 20.24 -14.01 -5.73
CA VAL A 13 20.98 -15.19 -6.13
C VAL A 13 20.82 -16.28 -5.07
N ASN A 14 20.48 -15.84 -3.87
CA ASN A 14 20.29 -16.76 -2.77
C ASN A 14 18.79 -16.95 -2.50
N SER A 15 18.09 -17.34 -3.55
CA SER A 15 16.66 -17.55 -3.44
C SER A 15 16.26 -18.85 -4.17
N GLY A 16 14.97 -19.16 -4.10
CA GLY A 16 14.46 -20.36 -4.74
C GLY A 16 12.96 -20.49 -4.51
N SER A 17 12.41 -21.62 -4.95
CA SER A 17 10.99 -21.89 -4.80
C SER A 17 10.54 -21.53 -3.38
N SER A 18 9.53 -20.67 -3.32
CA SER A 18 8.99 -20.23 -2.05
C SER A 18 7.76 -19.36 -2.28
N LEU A 19 6.90 -19.33 -1.27
CA LEU A 19 5.69 -18.53 -1.35
C LEU A 19 6.05 -17.07 -1.64
N PRO A 20 5.06 -16.33 -2.21
CA PRO A 20 5.28 -14.94 -2.54
C PRO A 20 5.24 -14.07 -1.29
N LEU A 21 5.04 -12.77 -1.50
CA LEU A 21 5.00 -11.83 -0.41
C LEU A 21 3.58 -11.24 -0.29
N PHE A 22 2.79 -11.51 -1.34
CA PHE A 22 1.42 -11.02 -1.37
C PHE A 22 0.65 -11.64 -2.54
N ASP A 23 -0.66 -11.75 -2.36
CA ASP A 23 -1.52 -12.32 -3.38
C ASP A 23 -2.12 -11.20 -4.21
N CYS A 24 -1.75 -11.17 -5.49
CA CYS A 24 -2.25 -10.15 -6.40
C CYS A 24 -3.57 -10.65 -6.99
N PRO A 25 -4.54 -9.71 -7.08
CA PRO A 25 -5.85 -10.03 -7.62
C PRO A 25 -5.80 -10.18 -9.15
N THR A 26 -6.97 -10.10 -9.76
CA THR A 26 -7.06 -10.22 -11.21
C THR A 26 -7.71 -8.96 -11.80
N TRP A 27 -8.02 -8.02 -10.91
CA TRP A 27 -8.64 -6.77 -11.34
C TRP A 27 -7.52 -5.73 -11.50
N ALA A 28 -6.32 -6.13 -11.10
CA ALA A 28 -5.17 -5.24 -11.20
C ALA A 28 -4.74 -5.12 -12.66
N GLY A 29 -4.30 -3.93 -13.01
CA GLY A 29 -3.86 -3.67 -14.37
C GLY A 29 -2.52 -2.92 -14.38
N LYS A 30 -2.55 -1.72 -14.95
CA LYS A 30 -1.37 -0.89 -15.03
C LYS A 30 -1.76 0.58 -14.87
N PRO A 31 -1.24 1.19 -13.77
CA PRO A 31 -1.52 2.60 -13.49
C PRO A 31 -0.75 3.51 -14.42
N PRO A 32 -1.40 4.64 -14.80
CA PRO A 32 -0.78 5.61 -15.70
C PRO A 32 0.27 6.43 -14.95
N PRO A 33 1.19 7.05 -15.75
CA PRO A 33 2.25 7.86 -15.19
C PRO A 33 1.71 9.20 -14.71
N GLY A 34 0.97 9.16 -13.62
CA GLY A 34 0.39 10.36 -13.04
C GLY A 34 -0.22 10.09 -11.67
N LEU A 35 0.37 9.12 -10.99
CA LEU A 35 -0.10 8.74 -9.67
C LEU A 35 1.08 8.71 -8.69
N HIS A 36 0.76 8.75 -7.41
CA HIS A 36 1.78 8.73 -6.37
C HIS A 36 1.11 8.69 -4.99
N LEU A 37 1.75 7.97 -4.09
CA LEU A 37 1.23 7.85 -2.73
C LEU A 37 1.74 9.02 -1.89
N ASP A 38 1.39 8.98 -0.62
CA ASP A 38 1.81 10.03 0.31
C ASP A 38 1.55 9.57 1.74
N VAL A 39 2.19 10.26 2.67
CA VAL A 39 2.05 9.93 4.08
C VAL A 39 1.83 11.22 4.88
N VAL A 40 1.01 11.10 5.92
CA VAL A 40 0.70 12.25 6.77
C VAL A 40 0.61 11.79 8.22
N LYS A 41 1.32 12.49 9.08
CA LYS A 41 1.33 12.17 10.50
C LYS A 41 -0.02 12.57 11.11
N GLY A 42 -0.74 13.40 10.38
CA GLY A 42 -2.03 13.86 10.83
C GLY A 42 -2.48 15.12 10.07
N ASP A 43 -1.66 16.15 10.16
CA ASP A 43 -1.94 17.40 9.49
C ASP A 43 -0.65 17.94 8.85
N LYS A 44 0.28 17.03 8.62
CA LYS A 44 1.56 17.40 8.02
C LYS A 44 2.06 16.25 7.15
N LEU A 45 2.39 16.59 5.91
CA LEU A 45 2.88 15.59 4.97
C LEU A 45 4.24 15.09 5.44
N ILE A 46 4.32 13.80 5.68
CA ILE A 46 5.56 13.18 6.13
C ILE A 46 6.47 12.95 4.92
N GLU A 47 6.11 11.96 4.13
CA GLU A 47 6.90 11.63 2.95
C GLU A 47 5.97 11.40 1.75
N LYS A 48 6.58 11.01 0.63
CA LYS A 48 5.82 10.76 -0.58
C LYS A 48 6.31 9.45 -1.22
N LEU A 49 5.42 8.84 -1.99
CA LEU A 49 5.75 7.59 -2.65
C LEU A 49 5.09 7.57 -4.02
N ILE A 50 5.54 6.64 -4.85
CA ILE A 50 5.01 6.50 -6.20
C ILE A 50 4.21 5.20 -6.29
N ILE A 51 3.18 5.23 -7.13
CA ILE A 51 2.33 4.07 -7.31
C ILE A 51 1.95 3.95 -8.79
N ASP A 52 2.68 4.70 -9.62
CA ASP A 52 2.43 4.68 -11.05
C ASP A 52 3.55 3.91 -11.74
N GLU A 53 3.86 2.75 -11.18
CA GLU A 53 4.91 1.91 -11.74
C GLU A 53 4.43 0.46 -11.86
N LYS A 54 3.83 -0.01 -10.77
CA LYS A 54 3.33 -1.38 -10.73
C LYS A 54 1.80 -1.34 -10.61
N LYS A 55 1.24 -2.52 -10.39
CA LYS A 55 -0.21 -2.64 -10.25
C LYS A 55 -0.54 -3.17 -8.86
N TYR A 56 0.52 -3.51 -8.13
CA TYR A 56 0.36 -4.03 -6.79
C TYR A 56 1.65 -3.91 -5.98
N TYR A 57 1.55 -3.26 -4.83
CA TYR A 57 2.70 -3.06 -3.96
C TYR A 57 2.49 -3.73 -2.61
N LEU A 58 3.40 -3.43 -1.70
CA LEU A 58 3.32 -3.99 -0.35
C LEU A 58 3.45 -2.86 0.67
N PHE A 59 3.30 -3.24 1.93
CA PHE A 59 3.40 -2.28 3.02
C PHE A 59 3.55 -2.99 4.37
N GLY A 60 4.75 -2.85 4.93
CA GLY A 60 5.03 -3.47 6.22
C GLY A 60 6.28 -2.85 6.85
N ARG A 61 7.38 -3.58 6.73
CA ARG A 61 8.65 -3.11 7.30
C ARG A 61 9.82 -3.79 6.57
N ASN A 62 9.66 -5.08 6.33
CA ASN A 62 10.69 -5.84 5.65
C ASN A 62 10.60 -5.60 4.15
N PRO A 63 11.63 -4.91 3.61
CA PRO A 63 11.67 -4.61 2.18
C PRO A 63 12.03 -5.86 1.38
N ASP A 64 12.65 -6.80 2.06
CA ASP A 64 13.06 -8.04 1.41
C ASP A 64 11.82 -8.74 0.83
N LEU A 65 10.66 -8.31 1.31
CA LEU A 65 9.41 -8.88 0.84
C LEU A 65 8.52 -7.77 0.28
N CYS A 66 8.42 -6.70 1.04
CA CYS A 66 7.61 -5.55 0.63
C CYS A 66 8.51 -4.58 -0.13
N ASP A 67 7.86 -3.67 -0.85
CA ASP A 67 8.59 -2.68 -1.63
C ASP A 67 8.78 -1.43 -0.78
N PHE A 68 7.82 -1.17 0.08
CA PHE A 68 7.88 0.00 0.95
C PHE A 68 8.19 -0.41 2.39
N THR A 69 8.06 0.56 3.28
CA THR A 69 8.32 0.31 4.69
C THR A 69 7.54 1.28 5.57
N ILE A 70 6.72 0.72 6.44
CA ILE A 70 5.91 1.53 7.32
C ILE A 70 6.80 2.19 8.37
N ASP A 71 7.88 1.50 8.71
CA ASP A 71 8.82 2.00 9.69
C ASP A 71 8.11 2.19 11.03
N HIS A 72 7.73 1.07 11.63
CA HIS A 72 7.03 1.10 12.90
C HIS A 72 7.50 -0.07 13.77
N GLN A 73 6.68 -0.38 14.77
CA GLN A 73 6.99 -1.48 15.66
C GLN A 73 5.86 -2.51 15.66
N SER A 74 4.64 -1.99 15.57
CA SER A 74 3.46 -2.85 15.56
C SER A 74 3.29 -3.47 14.17
N CYS A 75 3.53 -2.66 13.17
CA CYS A 75 3.41 -3.11 11.79
C CYS A 75 4.09 -4.47 11.67
N SER A 76 3.89 -5.11 10.52
CA SER A 76 4.48 -6.41 10.27
C SER A 76 5.18 -6.41 8.91
N ARG A 77 6.04 -7.40 8.72
CA ARG A 77 6.77 -7.53 7.47
C ARG A 77 5.89 -7.11 6.29
N VAL A 78 4.70 -7.70 6.26
CA VAL A 78 3.76 -7.41 5.19
C VAL A 78 2.42 -6.98 5.80
N HIS A 79 2.45 -5.85 6.49
CA HIS A 79 1.26 -5.32 7.12
C HIS A 79 0.08 -5.40 6.14
N ALA A 80 0.32 -4.91 4.94
CA ALA A 80 -0.71 -4.92 3.91
C ALA A 80 -0.06 -4.76 2.54
N ALA A 81 -0.89 -4.60 1.54
CA ALA A 81 -0.42 -4.44 0.17
C ALA A 81 -1.42 -3.59 -0.62
N LEU A 82 -0.88 -2.84 -1.57
CA LEU A 82 -1.72 -1.98 -2.40
C LEU A 82 -1.95 -2.66 -3.75
N VAL A 83 -3.06 -2.31 -4.37
CA VAL A 83 -3.42 -2.88 -5.67
C VAL A 83 -4.20 -1.84 -6.47
N TYR A 84 -3.69 -1.57 -7.67
CA TYR A 84 -4.34 -0.61 -8.55
C TYR A 84 -5.36 -1.29 -9.45
N HIS A 85 -6.62 -0.95 -9.21
CA HIS A 85 -7.72 -1.52 -9.98
C HIS A 85 -7.60 -1.07 -11.45
N LYS A 86 -8.19 -1.85 -12.32
CA LYS A 86 -8.15 -1.55 -13.75
C LYS A 86 -9.57 -1.27 -14.24
N HIS A 87 -10.50 -2.10 -13.78
CA HIS A 87 -11.90 -1.95 -14.16
C HIS A 87 -12.50 -0.74 -13.43
N LEU A 88 -11.75 -0.24 -12.46
CA LEU A 88 -12.21 0.89 -11.68
C LEU A 88 -11.26 2.07 -11.92
N LYS A 89 -10.01 1.74 -12.21
CA LYS A 89 -9.00 2.76 -12.46
C LYS A 89 -8.68 3.48 -11.15
N ARG A 90 -8.68 2.71 -10.07
CA ARG A 90 -8.40 3.25 -8.75
C ARG A 90 -7.35 2.38 -8.03
N VAL A 91 -7.25 2.60 -6.73
CA VAL A 91 -6.31 1.86 -5.92
C VAL A 91 -7.06 1.10 -4.83
N PHE A 92 -6.36 0.17 -4.20
CA PHE A 92 -6.96 -0.63 -3.14
C PHE A 92 -5.92 -1.00 -2.08
N LEU A 93 -6.41 -1.24 -0.88
CA LEU A 93 -5.54 -1.61 0.23
C LEU A 93 -6.03 -2.91 0.85
N ILE A 94 -5.27 -3.97 0.61
CA ILE A 94 -5.61 -5.28 1.14
C ILE A 94 -4.91 -5.48 2.49
N ASP A 95 -5.71 -5.43 3.54
CA ASP A 95 -5.18 -5.61 4.88
C ASP A 95 -4.73 -7.04 5.07
N LEU A 96 -3.51 -7.31 4.62
CA LEU A 96 -2.95 -8.65 4.72
C LEU A 96 -2.89 -9.06 6.20
N ASN A 97 -4.02 -9.54 6.69
CA ASN A 97 -4.11 -9.97 8.07
C ASN A 97 -3.29 -9.02 8.95
N SER A 98 -3.52 -7.73 8.76
CA SER A 98 -2.82 -6.71 9.52
C SER A 98 -2.96 -6.99 11.01
N THR A 99 -1.85 -6.83 11.72
CA THR A 99 -1.83 -7.06 13.16
C THR A 99 -3.13 -6.55 13.79
N HIS A 100 -3.49 -5.33 13.42
CA HIS A 100 -4.70 -4.71 13.95
C HIS A 100 -5.74 -4.58 12.82
N GLY A 101 -5.31 -3.97 11.74
CA GLY A 101 -6.18 -3.78 10.59
C GLY A 101 -5.89 -2.46 9.88
N THR A 102 -6.48 -2.29 8.72
CA THR A 102 -6.28 -1.09 7.93
C THR A 102 -7.58 -0.27 7.88
N PHE A 103 -7.42 1.01 7.61
CA PHE A 103 -8.57 1.91 7.53
C PHE A 103 -8.43 2.87 6.34
N LEU A 104 -9.56 3.44 5.94
CA LEU A 104 -9.57 4.37 4.83
C LEU A 104 -9.84 5.78 5.36
N GLY A 105 -9.15 6.11 6.44
CA GLY A 105 -9.30 7.42 7.06
C GLY A 105 -10.35 7.39 8.17
N HIS A 106 -11.55 6.95 7.80
CA HIS A 106 -12.64 6.86 8.75
C HIS A 106 -13.37 5.52 8.58
N ILE A 107 -12.77 4.66 7.77
CA ILE A 107 -13.33 3.35 7.52
C ILE A 107 -12.29 2.27 7.82
N ARG A 108 -12.77 1.04 7.96
CA ARG A 108 -11.89 -0.07 8.25
C ARG A 108 -12.04 -1.15 7.17
N LEU A 109 -10.96 -1.89 6.96
CA LEU A 109 -10.96 -2.96 5.97
C LEU A 109 -10.73 -4.30 6.66
N GLU A 110 -11.13 -5.35 5.98
CA GLU A 110 -10.98 -6.69 6.52
C GLU A 110 -9.57 -7.21 6.26
N PRO A 111 -9.15 -8.19 7.10
CA PRO A 111 -7.83 -8.79 6.96
C PRO A 111 -7.77 -9.74 5.77
N HIS A 112 -8.21 -9.24 4.63
CA HIS A 112 -8.23 -10.03 3.41
C HIS A 112 -9.01 -9.29 2.32
N LYS A 113 -10.11 -8.69 2.73
CA LYS A 113 -10.96 -7.95 1.81
C LYS A 113 -10.30 -6.61 1.49
N PRO A 114 -10.11 -6.38 0.16
CA PRO A 114 -9.49 -5.14 -0.29
C PRO A 114 -10.46 -3.97 -0.19
N GLN A 115 -9.90 -2.78 -0.10
CA GLN A 115 -10.71 -1.57 0.00
C GLN A 115 -10.16 -0.48 -0.92
N GLN A 116 -10.94 -0.18 -1.95
CA GLN A 116 -10.54 0.84 -2.92
C GLN A 116 -9.96 2.05 -2.20
N ILE A 117 -9.29 2.89 -2.96
CA ILE A 117 -8.68 4.10 -2.41
C ILE A 117 -8.85 5.26 -3.40
N PRO A 118 -9.74 6.21 -3.02
CA PRO A 118 -10.00 7.36 -3.86
C PRO A 118 -8.84 8.36 -3.80
N ILE A 119 -8.87 9.31 -4.72
CA ILE A 119 -7.83 10.33 -4.78
C ILE A 119 -8.01 11.29 -3.60
N ASP A 120 -6.89 11.86 -3.19
CA ASP A 120 -6.89 12.79 -2.07
C ASP A 120 -7.52 12.13 -0.85
N SER A 121 -7.58 10.80 -0.90
CA SER A 121 -8.14 10.03 0.19
C SER A 121 -7.16 9.96 1.36
N THR A 122 -7.50 9.14 2.34
CA THR A 122 -6.66 8.98 3.51
C THR A 122 -6.84 7.58 4.12
N VAL A 123 -5.73 6.98 4.46
CA VAL A 123 -5.74 5.65 5.05
C VAL A 123 -4.89 5.63 6.31
N SER A 124 -5.31 4.82 7.27
CA SER A 124 -4.59 4.70 8.53
C SER A 124 -4.44 3.23 8.91
N PHE A 125 -3.20 2.76 8.86
CA PHE A 125 -2.91 1.39 9.19
C PHE A 125 -3.01 1.15 10.70
N GLY A 126 -3.10 -0.11 11.07
CA GLY A 126 -3.20 -0.48 12.47
C GLY A 126 -2.04 0.11 13.28
N ALA A 127 -0.88 -0.52 13.14
CA ALA A 127 0.31 -0.07 13.85
C ALA A 127 0.44 1.44 13.70
N SER A 128 1.02 1.85 12.59
CA SER A 128 1.21 3.26 12.31
C SER A 128 -0.15 3.97 12.19
N THR A 129 -0.28 5.05 12.93
CA THR A 129 -1.52 5.82 12.92
C THR A 129 -1.47 6.89 11.83
N ARG A 130 -0.49 6.75 10.96
CA ARG A 130 -0.32 7.71 9.86
C ARG A 130 -1.65 7.93 9.14
N ALA A 131 -1.61 8.79 8.13
CA ALA A 131 -2.79 9.10 7.35
C ALA A 131 -2.44 9.13 5.87
N TYR A 132 -1.92 7.99 5.39
CA TYR A 132 -1.54 7.88 4.00
C TYR A 132 -2.60 8.50 3.08
N THR A 133 -2.21 9.56 2.41
CA THR A 133 -3.12 10.25 1.50
C THR A 133 -2.74 9.94 0.05
N LEU A 134 -3.57 9.10 -0.56
CA LEU A 134 -3.35 8.72 -1.95
C LEU A 134 -3.71 9.88 -2.86
N ARG A 135 -2.67 10.47 -3.47
CA ARG A 135 -2.87 11.60 -4.36
C ARG A 135 -2.88 11.12 -5.81
N GLU A 136 -2.92 12.08 -6.72
CA GLU A 136 -2.92 11.78 -8.14
C GLU A 136 -2.37 12.95 -8.94
N LYS A 137 -1.15 12.78 -9.44
CA LYS A 137 -0.51 13.82 -10.22
C LYS A 137 -1.54 14.50 -11.12
N PRO A 138 -2.01 15.68 -10.63
CA PRO A 138 -3.01 16.44 -11.37
C PRO A 138 -2.38 17.15 -12.58
N GLN A 139 -3.09 18.14 -13.08
CA GLN A 139 -2.61 18.90 -14.22
C GLN A 139 -1.37 19.71 -13.84
N THR A 140 -0.55 20.00 -14.84
CA THR A 140 0.66 20.78 -14.62
C THR A 140 0.62 22.06 -15.44
N MET A 9 27.80 -17.88 -4.91
CA MET A 9 27.02 -17.31 -5.99
C MET A 9 26.68 -15.85 -5.71
N ALA A 10 27.61 -14.98 -6.08
CA ALA A 10 27.43 -13.55 -5.88
C ALA A 10 26.52 -13.00 -6.97
N ALA A 11 25.26 -12.80 -6.60
CA ALA A 11 24.28 -12.29 -7.53
C ALA A 11 23.26 -11.43 -6.78
N ALA A 12 22.43 -10.72 -7.54
CA ALA A 12 21.41 -9.87 -6.95
C ALA A 12 20.07 -10.58 -7.02
N VAL A 13 20.05 -11.80 -6.52
CA VAL A 13 18.82 -12.59 -6.52
C VAL A 13 18.51 -13.02 -5.08
N ASN A 14 17.22 -13.06 -4.78
CA ASN A 14 16.77 -13.45 -3.45
C ASN A 14 17.25 -14.87 -3.16
N SER A 15 17.46 -15.13 -1.87
CA SER A 15 17.92 -16.44 -1.44
C SER A 15 16.97 -17.00 -0.38
N GLY A 16 15.73 -17.19 -0.78
CA GLY A 16 14.72 -17.71 0.13
C GLY A 16 13.75 -18.63 -0.60
N SER A 17 13.29 -19.65 0.11
CA SER A 17 12.35 -20.60 -0.46
C SER A 17 11.15 -20.78 0.47
N SER A 18 10.12 -19.98 0.23
CA SER A 18 8.92 -20.05 1.04
C SER A 18 7.81 -19.21 0.40
N LEU A 19 6.63 -19.29 0.99
CA LEU A 19 5.49 -18.54 0.49
C LEU A 19 5.93 -17.12 0.13
N PRO A 20 5.12 -16.48 -0.76
CA PRO A 20 5.42 -15.13 -1.19
C PRO A 20 5.07 -14.12 -0.10
N LEU A 21 4.94 -12.87 -0.52
CA LEU A 21 4.62 -11.79 0.41
C LEU A 21 3.20 -11.29 0.11
N PHE A 22 2.79 -11.45 -1.14
CA PHE A 22 1.47 -11.02 -1.56
C PHE A 22 1.12 -11.59 -2.94
N ASP A 23 -0.18 -11.66 -3.20
CA ASP A 23 -0.65 -12.18 -4.47
C ASP A 23 -1.54 -11.13 -5.15
N CYS A 24 -1.07 -10.65 -6.28
CA CYS A 24 -1.81 -9.65 -7.04
C CYS A 24 -3.10 -10.27 -7.54
N PRO A 25 -4.19 -9.46 -7.52
CA PRO A 25 -5.49 -9.93 -7.98
C PRO A 25 -5.53 -10.02 -9.50
N THR A 26 -6.75 -10.07 -10.02
CA THR A 26 -6.95 -10.15 -11.46
C THR A 26 -7.60 -8.88 -11.99
N TRP A 27 -7.90 -7.98 -11.07
CA TRP A 27 -8.53 -6.71 -11.42
C TRP A 27 -7.42 -5.66 -11.55
N ALA A 28 -6.21 -6.08 -11.22
CA ALA A 28 -5.07 -5.19 -11.30
C ALA A 28 -4.64 -5.03 -12.75
N GLY A 29 -4.21 -3.82 -13.08
CA GLY A 29 -3.78 -3.51 -14.43
C GLY A 29 -2.45 -2.73 -14.42
N LYS A 30 -2.51 -1.54 -14.98
CA LYS A 30 -1.34 -0.68 -15.05
C LYS A 30 -1.77 0.78 -14.88
N PRO A 31 -1.26 1.41 -13.79
CA PRO A 31 -1.57 2.80 -13.51
C PRO A 31 -0.81 3.74 -14.45
N PRO A 32 -1.50 4.85 -14.83
CA PRO A 32 -0.90 5.83 -15.72
C PRO A 32 0.15 6.67 -14.99
N PRO A 33 1.04 7.31 -15.79
CA PRO A 33 2.09 8.14 -15.24
C PRO A 33 1.53 9.48 -14.75
N GLY A 34 0.82 9.42 -13.63
CA GLY A 34 0.22 10.62 -13.06
C GLY A 34 -0.39 10.32 -11.69
N LEU A 35 0.22 9.36 -11.00
CA LEU A 35 -0.25 8.98 -9.68
C LEU A 35 0.93 8.97 -8.71
N HIS A 36 0.61 8.95 -7.42
CA HIS A 36 1.62 8.93 -6.39
C HIS A 36 0.96 8.86 -5.01
N LEU A 37 1.61 8.15 -4.12
CA LEU A 37 1.10 7.99 -2.76
C LEU A 37 1.64 9.13 -1.88
N ASP A 38 1.17 9.14 -0.64
CA ASP A 38 1.58 10.15 0.31
C ASP A 38 1.29 9.67 1.72
N VAL A 39 1.89 10.36 2.68
CA VAL A 39 1.71 10.01 4.09
C VAL A 39 1.50 11.29 4.90
N VAL A 40 0.73 11.16 5.97
CA VAL A 40 0.45 12.29 6.84
C VAL A 40 0.28 11.79 8.27
N LYS A 41 0.87 12.55 9.20
CA LYS A 41 0.79 12.20 10.61
C LYS A 41 -0.59 12.57 11.15
N GLY A 42 -1.23 13.51 10.46
CA GLY A 42 -2.55 13.97 10.85
C GLY A 42 -2.96 15.22 10.08
N ASP A 43 -2.13 16.24 10.19
CA ASP A 43 -2.39 17.50 9.52
C ASP A 43 -1.09 18.02 8.90
N LYS A 44 -0.13 17.12 8.77
CA LYS A 44 1.16 17.47 8.20
C LYS A 44 1.65 16.33 7.30
N LEU A 45 2.00 16.70 6.07
CA LEU A 45 2.48 15.72 5.12
C LEU A 45 3.83 15.17 5.59
N ILE A 46 3.84 13.86 5.82
CA ILE A 46 5.06 13.20 6.27
C ILE A 46 6.03 13.05 5.10
N GLU A 47 5.70 12.12 4.22
CA GLU A 47 6.52 11.86 3.04
C GLU A 47 5.64 11.63 1.82
N LYS A 48 6.29 11.29 0.72
CA LYS A 48 5.58 11.05 -0.53
C LYS A 48 6.13 9.78 -1.18
N LEU A 49 5.30 9.16 -2.00
CA LEU A 49 5.69 7.93 -2.69
C LEU A 49 5.00 7.88 -4.06
N ILE A 50 5.52 7.00 -4.90
CA ILE A 50 4.96 6.85 -6.24
C ILE A 50 4.16 5.55 -6.31
N ILE A 51 3.13 5.57 -7.15
CA ILE A 51 2.28 4.41 -7.31
C ILE A 51 1.90 4.26 -8.79
N ASP A 52 2.63 4.99 -9.63
CA ASP A 52 2.37 4.96 -11.06
C ASP A 52 3.51 4.22 -11.75
N GLU A 53 3.84 3.06 -11.22
CA GLU A 53 4.91 2.24 -11.77
C GLU A 53 4.46 0.79 -11.88
N LYS A 54 3.86 0.31 -10.80
CA LYS A 54 3.38 -1.07 -10.76
C LYS A 54 1.85 -1.06 -10.65
N LYS A 55 1.30 -2.26 -10.44
CA LYS A 55 -0.14 -2.40 -10.32
C LYS A 55 -0.47 -2.93 -8.92
N TYR A 56 0.58 -3.24 -8.17
CA TYR A 56 0.41 -3.76 -6.82
C TYR A 56 1.71 -3.64 -6.02
N TYR A 57 1.60 -2.96 -4.88
CA TYR A 57 2.75 -2.76 -4.02
C TYR A 57 2.56 -3.46 -2.67
N LEU A 58 3.44 -3.14 -1.74
CA LEU A 58 3.37 -3.72 -0.41
C LEU A 58 3.45 -2.61 0.63
N PHE A 59 3.34 -3.02 1.89
CA PHE A 59 3.40 -2.07 3.00
C PHE A 59 3.59 -2.79 4.33
N GLY A 60 4.79 -2.62 4.88
CA GLY A 60 5.11 -3.25 6.15
C GLY A 60 6.36 -2.62 6.77
N ARG A 61 7.47 -3.34 6.66
CA ARG A 61 8.73 -2.85 7.19
C ARG A 61 9.91 -3.49 6.45
N ASN A 62 9.77 -4.78 6.19
CA ASN A 62 10.81 -5.52 5.49
C ASN A 62 10.69 -5.26 3.99
N PRO A 63 11.71 -4.53 3.46
CA PRO A 63 11.73 -4.19 2.04
C PRO A 63 12.12 -5.42 1.20
N ASP A 64 12.76 -6.37 1.86
CA ASP A 64 13.18 -7.58 1.19
C ASP A 64 11.96 -8.30 0.61
N LEU A 65 10.80 -7.89 1.09
CA LEU A 65 9.54 -8.49 0.64
C LEU A 65 8.63 -7.38 0.09
N CYS A 66 8.52 -6.31 0.87
CA CYS A 66 7.68 -5.20 0.47
C CYS A 66 8.56 -4.18 -0.27
N ASP A 67 7.90 -3.27 -0.96
CA ASP A 67 8.59 -2.24 -1.72
C ASP A 67 8.77 -1.00 -0.84
N PHE A 68 7.80 -0.78 0.03
CA PHE A 68 7.84 0.37 0.92
C PHE A 68 8.19 -0.07 2.35
N THR A 69 8.03 0.87 3.27
CA THR A 69 8.33 0.61 4.66
C THR A 69 7.54 1.56 5.57
N ILE A 70 6.69 0.96 6.39
CA ILE A 70 5.86 1.73 7.30
C ILE A 70 6.76 2.39 8.35
N ASP A 71 7.84 1.71 8.67
CA ASP A 71 8.79 2.21 9.66
C ASP A 71 8.07 2.37 11.00
N HIS A 72 7.78 1.23 11.62
CA HIS A 72 7.10 1.23 12.90
C HIS A 72 7.57 0.02 13.73
N GLN A 73 6.80 -0.28 14.76
CA GLN A 73 7.11 -1.40 15.62
C GLN A 73 5.98 -2.43 15.60
N SER A 74 4.76 -1.92 15.51
CA SER A 74 3.59 -2.78 15.48
C SER A 74 3.43 -3.39 14.09
N CYS A 75 3.66 -2.56 13.08
CA CYS A 75 3.54 -3.00 11.70
C CYS A 75 4.27 -4.34 11.56
N SER A 76 4.06 -4.98 10.43
CA SER A 76 4.70 -6.26 10.17
C SER A 76 5.37 -6.24 8.79
N ARG A 77 6.23 -7.21 8.58
CA ARG A 77 6.95 -7.32 7.32
C ARG A 77 6.04 -6.90 6.16
N VAL A 78 4.88 -7.51 6.11
CA VAL A 78 3.91 -7.20 5.06
C VAL A 78 2.57 -6.82 5.69
N HIS A 79 2.58 -5.69 6.39
CA HIS A 79 1.38 -5.22 7.04
C HIS A 79 0.19 -5.30 6.08
N ALA A 80 0.41 -4.77 4.89
CA ALA A 80 -0.63 -4.77 3.87
C ALA A 80 0.02 -4.62 2.49
N ALA A 81 -0.83 -4.48 1.48
CA ALA A 81 -0.36 -4.34 0.11
C ALA A 81 -1.37 -3.51 -0.68
N LEU A 82 -0.85 -2.67 -1.56
CA LEU A 82 -1.69 -1.82 -2.38
C LEU A 82 -1.92 -2.50 -3.73
N VAL A 83 -3.02 -2.12 -4.37
CA VAL A 83 -3.37 -2.68 -5.66
C VAL A 83 -4.15 -1.64 -6.47
N TYR A 84 -3.69 -1.41 -7.69
CA TYR A 84 -4.32 -0.45 -8.57
C TYR A 84 -5.34 -1.15 -9.48
N HIS A 85 -6.61 -0.88 -9.21
CA HIS A 85 -7.68 -1.46 -10.00
C HIS A 85 -7.56 -1.01 -11.45
N LYS A 86 -8.14 -1.82 -12.34
CA LYS A 86 -8.09 -1.51 -13.75
C LYS A 86 -9.51 -1.24 -14.25
N HIS A 87 -10.44 -2.08 -13.80
CA HIS A 87 -11.83 -1.94 -14.20
C HIS A 87 -12.46 -0.75 -13.47
N LEU A 88 -11.71 -0.23 -12.50
CA LEU A 88 -12.17 0.91 -11.74
C LEU A 88 -11.23 2.10 -11.96
N LYS A 89 -9.98 1.77 -12.25
CA LYS A 89 -8.97 2.79 -12.49
C LYS A 89 -8.67 3.52 -11.18
N ARG A 90 -8.69 2.75 -10.10
CA ARG A 90 -8.41 3.30 -8.78
C ARG A 90 -7.37 2.45 -8.05
N VAL A 91 -7.25 2.70 -6.75
CA VAL A 91 -6.30 1.97 -5.93
C VAL A 91 -7.06 1.18 -4.87
N PHE A 92 -6.34 0.27 -4.23
CA PHE A 92 -6.92 -0.55 -3.18
C PHE A 92 -5.89 -0.90 -2.11
N LEU A 93 -6.39 -1.10 -0.90
CA LEU A 93 -5.52 -1.44 0.21
C LEU A 93 -6.00 -2.75 0.85
N ILE A 94 -5.24 -3.80 0.59
CA ILE A 94 -5.56 -5.11 1.12
C ILE A 94 -4.87 -5.30 2.47
N ASP A 95 -5.67 -5.29 3.52
CA ASP A 95 -5.16 -5.46 4.87
C ASP A 95 -4.67 -6.90 5.05
N LEU A 96 -3.42 -7.11 4.66
CA LEU A 96 -2.82 -8.44 4.78
C LEU A 96 -2.78 -8.84 6.25
N ASN A 97 -3.92 -9.31 6.75
CA ASN A 97 -4.00 -9.74 8.14
C ASN A 97 -3.07 -8.88 8.99
N SER A 98 -3.23 -7.57 8.87
CA SER A 98 -2.41 -6.65 9.62
C SER A 98 -2.54 -6.93 11.13
N THR A 99 -1.40 -6.81 11.81
CA THR A 99 -1.38 -7.04 13.24
C THR A 99 -2.67 -6.56 13.89
N HIS A 100 -3.05 -5.34 13.53
CA HIS A 100 -4.26 -4.75 14.06
C HIS A 100 -5.34 -4.70 12.98
N GLY A 101 -5.13 -3.80 12.02
CA GLY A 101 -6.06 -3.63 10.92
C GLY A 101 -5.78 -2.35 10.16
N THR A 102 -6.43 -2.24 9.00
CA THR A 102 -6.27 -1.07 8.17
C THR A 102 -7.60 -0.34 7.99
N PHE A 103 -7.52 0.97 7.81
CA PHE A 103 -8.71 1.79 7.63
C PHE A 103 -8.54 2.74 6.46
N LEU A 104 -9.65 3.33 6.04
CA LEU A 104 -9.65 4.26 4.93
C LEU A 104 -10.13 5.63 5.42
N GLY A 105 -9.44 6.15 6.42
CA GLY A 105 -9.81 7.44 6.99
C GLY A 105 -10.73 7.27 8.19
N HIS A 106 -11.92 6.77 7.92
CA HIS A 106 -12.91 6.55 8.96
C HIS A 106 -13.65 5.23 8.71
N ILE A 107 -13.06 4.42 7.83
CA ILE A 107 -13.65 3.14 7.49
C ILE A 107 -12.66 2.02 7.83
N ARG A 108 -13.21 0.87 8.17
CA ARG A 108 -12.39 -0.28 8.53
C ARG A 108 -12.37 -1.29 7.37
N LEU A 109 -11.19 -1.87 7.16
CA LEU A 109 -11.02 -2.84 6.11
C LEU A 109 -10.76 -4.22 6.72
N GLU A 110 -11.23 -5.24 6.03
CA GLU A 110 -11.05 -6.61 6.49
C GLU A 110 -9.63 -7.09 6.21
N PRO A 111 -9.13 -8.00 7.10
CA PRO A 111 -7.79 -8.53 6.96
C PRO A 111 -7.72 -9.54 5.81
N HIS A 112 -8.09 -9.08 4.63
CA HIS A 112 -8.06 -9.93 3.45
C HIS A 112 -8.83 -9.25 2.31
N LYS A 113 -9.97 -8.69 2.67
CA LYS A 113 -10.81 -8.00 1.69
C LYS A 113 -10.20 -6.63 1.39
N PRO A 114 -9.98 -6.38 0.06
CA PRO A 114 -9.41 -5.12 -0.38
C PRO A 114 -10.44 -3.99 -0.30
N GLN A 115 -9.93 -2.77 -0.26
CA GLN A 115 -10.79 -1.60 -0.19
C GLN A 115 -10.26 -0.49 -1.09
N GLN A 116 -11.02 -0.20 -2.13
CA GLN A 116 -10.63 0.84 -3.07
C GLN A 116 -10.10 2.06 -2.33
N ILE A 117 -9.43 2.93 -3.08
CA ILE A 117 -8.85 4.13 -2.50
C ILE A 117 -9.05 5.30 -3.47
N PRO A 118 -9.94 6.24 -3.07
CA PRO A 118 -10.23 7.41 -3.89
C PRO A 118 -9.08 8.42 -3.83
N ILE A 119 -9.07 9.32 -4.80
CA ILE A 119 -8.05 10.33 -4.88
C ILE A 119 -8.21 11.31 -3.70
N ASP A 120 -7.09 11.84 -3.26
CA ASP A 120 -7.09 12.78 -2.14
C ASP A 120 -7.77 12.12 -0.94
N SER A 121 -7.86 10.80 -0.99
CA SER A 121 -8.48 10.06 0.08
C SER A 121 -7.60 10.10 1.34
N THR A 122 -7.96 9.28 2.31
CA THR A 122 -7.22 9.22 3.55
C THR A 122 -7.42 7.87 4.22
N VAL A 123 -6.29 7.24 4.56
CA VAL A 123 -6.32 5.94 5.21
C VAL A 123 -5.59 6.02 6.55
N SER A 124 -5.52 4.88 7.23
CA SER A 124 -4.85 4.81 8.51
C SER A 124 -4.72 3.35 8.95
N PHE A 125 -3.48 2.89 9.01
CA PHE A 125 -3.21 1.52 9.41
C PHE A 125 -3.38 1.36 10.92
N GLY A 126 -3.02 0.16 11.39
CA GLY A 126 -3.14 -0.14 12.81
C GLY A 126 -1.88 0.28 13.56
N ALA A 127 -0.73 -0.11 13.00
CA ALA A 127 0.54 0.22 13.62
C ALA A 127 0.72 1.74 13.63
N SER A 128 1.32 2.24 12.55
CA SER A 128 1.55 3.67 12.44
C SER A 128 0.22 4.42 12.44
N THR A 129 -0.70 3.92 11.62
CA THR A 129 -2.01 4.54 11.51
C THR A 129 -1.91 5.93 10.88
N ARG A 130 -0.91 6.08 10.02
CA ARG A 130 -0.69 7.35 9.35
C ARG A 130 -1.96 7.81 8.63
N ALA A 131 -1.81 8.83 7.82
CA ALA A 131 -2.94 9.37 7.06
C ALA A 131 -2.60 9.35 5.57
N TYR A 132 -2.24 8.17 5.10
CA TYR A 132 -1.90 8.00 3.69
C TYR A 132 -2.94 8.66 2.79
N THR A 133 -2.54 9.79 2.22
CA THR A 133 -3.43 10.53 1.32
C THR A 133 -3.10 10.22 -0.14
N LEU A 134 -3.78 9.22 -0.66
CA LEU A 134 -3.57 8.81 -2.04
C LEU A 134 -3.96 9.97 -2.97
N ARG A 135 -2.93 10.57 -3.57
CA ARG A 135 -3.14 11.69 -4.47
C ARG A 135 -3.12 11.20 -5.92
N GLU A 136 -3.19 12.16 -6.83
CA GLU A 136 -3.18 11.85 -8.25
C GLU A 136 -2.69 13.05 -9.06
N LYS A 137 -1.47 12.94 -9.54
CA LYS A 137 -0.87 14.00 -10.34
C LYS A 137 -1.95 14.63 -11.22
N PRO A 138 -2.50 15.78 -10.73
CA PRO A 138 -3.54 16.50 -11.46
C PRO A 138 -2.94 17.24 -12.65
N GLN A 139 -3.72 18.20 -13.15
CA GLN A 139 -3.29 18.99 -14.29
C GLN A 139 -1.84 19.47 -14.09
N THR A 140 -1.11 19.53 -15.19
CA THR A 140 0.27 19.96 -15.15
C THR A 140 0.53 21.02 -16.22
N MET A 9 13.98 0.37 -8.02
CA MET A 9 14.27 -0.78 -8.86
C MET A 9 15.21 -1.76 -8.15
N ALA A 10 14.61 -2.79 -7.57
CA ALA A 10 15.39 -3.79 -6.86
C ALA A 10 16.28 -4.54 -7.84
N ALA A 11 16.99 -5.53 -7.33
CA ALA A 11 17.88 -6.33 -8.15
C ALA A 11 17.38 -7.77 -8.18
N ALA A 12 16.07 -7.92 -8.29
CA ALA A 12 15.46 -9.23 -8.33
C ALA A 12 16.10 -10.12 -7.26
N VAL A 13 16.18 -9.57 -6.05
CA VAL A 13 16.76 -10.31 -4.94
C VAL A 13 15.64 -10.88 -4.07
N ASN A 14 15.99 -11.95 -3.35
CA ASN A 14 15.02 -12.59 -2.48
C ASN A 14 15.76 -13.60 -1.59
N SER A 15 15.04 -14.05 -0.57
CA SER A 15 15.61 -15.01 0.37
C SER A 15 14.96 -16.38 0.16
N GLY A 16 14.17 -16.48 -0.89
CA GLY A 16 13.50 -17.72 -1.21
C GLY A 16 12.82 -18.31 0.03
N SER A 17 12.13 -17.44 0.77
CA SER A 17 11.45 -17.86 1.97
C SER A 17 10.22 -18.71 1.61
N SER A 18 9.48 -19.08 2.64
CA SER A 18 8.29 -19.89 2.45
C SER A 18 7.14 -19.02 1.92
N LEU A 19 6.51 -19.50 0.86
CA LEU A 19 5.41 -18.77 0.26
C LEU A 19 5.87 -17.37 -0.13
N PRO A 20 5.08 -16.73 -1.04
CA PRO A 20 5.40 -15.40 -1.51
C PRO A 20 5.09 -14.34 -0.44
N LEU A 21 5.00 -13.10 -0.87
CA LEU A 21 4.70 -12.00 0.03
C LEU A 21 3.30 -11.46 -0.28
N PHE A 22 2.92 -11.59 -1.53
CA PHE A 22 1.62 -11.11 -1.97
C PHE A 22 1.24 -11.70 -3.33
N ASP A 23 -0.05 -11.67 -3.62
CA ASP A 23 -0.55 -12.19 -4.88
C ASP A 23 -1.43 -11.13 -5.55
N CYS A 24 -0.95 -10.65 -6.69
CA CYS A 24 -1.67 -9.64 -7.44
C CYS A 24 -2.98 -10.27 -7.95
N PRO A 25 -4.07 -9.46 -7.89
CA PRO A 25 -5.37 -9.92 -8.34
C PRO A 25 -5.44 -9.95 -9.87
N THR A 26 -6.66 -9.99 -10.37
CA THR A 26 -6.88 -10.02 -11.81
C THR A 26 -7.55 -8.73 -12.27
N TRP A 27 -7.85 -7.87 -11.31
CA TRP A 27 -8.49 -6.60 -11.60
C TRP A 27 -7.40 -5.54 -11.71
N ALA A 28 -6.17 -5.96 -11.43
CA ALA A 28 -5.04 -5.05 -11.49
C ALA A 28 -4.65 -4.82 -12.95
N GLY A 29 -4.21 -3.61 -13.23
CA GLY A 29 -3.81 -3.25 -14.58
C GLY A 29 -2.48 -2.49 -14.56
N LYS A 30 -2.52 -1.28 -15.09
CA LYS A 30 -1.32 -0.45 -15.15
C LYS A 30 -1.72 1.02 -14.94
N PRO A 31 -1.18 1.61 -13.84
CA PRO A 31 -1.46 2.98 -13.51
C PRO A 31 -0.71 3.94 -14.44
N PRO A 32 -1.37 5.08 -14.76
CA PRO A 32 -0.77 6.08 -15.63
C PRO A 32 0.30 6.88 -14.90
N PRO A 33 1.19 7.51 -15.70
CA PRO A 33 2.27 8.31 -15.14
C PRO A 33 1.75 9.64 -14.61
N GLY A 34 1.04 9.56 -13.48
CA GLY A 34 0.49 10.75 -12.86
C GLY A 34 -0.14 10.42 -11.50
N LEU A 35 0.46 9.43 -10.84
CA LEU A 35 -0.02 9.02 -9.54
C LEU A 35 1.15 8.96 -8.55
N HIS A 36 0.81 8.95 -7.27
CA HIS A 36 1.83 8.91 -6.23
C HIS A 36 1.14 8.81 -4.87
N LEU A 37 1.81 8.12 -3.96
CA LEU A 37 1.29 7.95 -2.61
C LEU A 37 1.80 9.08 -1.72
N ASP A 38 1.49 8.96 -0.44
CA ASP A 38 1.91 9.97 0.52
C ASP A 38 1.73 9.42 1.94
N VAL A 39 2.28 10.16 2.90
CA VAL A 39 2.19 9.75 4.29
C VAL A 39 2.04 10.99 5.17
N VAL A 40 1.23 10.85 6.20
CA VAL A 40 0.99 11.95 7.13
C VAL A 40 0.93 11.40 8.56
N LYS A 41 1.62 12.11 9.45
CA LYS A 41 1.65 11.71 10.85
C LYS A 41 0.38 12.20 11.54
N GLY A 42 -0.31 13.11 10.87
CA GLY A 42 -1.54 13.68 11.41
C GLY A 42 -2.04 14.83 10.55
N ASP A 43 -1.31 15.93 10.61
CA ASP A 43 -1.68 17.11 9.84
C ASP A 43 -0.42 17.68 9.17
N LYS A 44 0.56 16.81 8.96
CA LYS A 44 1.80 17.21 8.34
C LYS A 44 2.34 16.06 7.48
N LEU A 45 2.57 16.36 6.21
CA LEU A 45 3.08 15.35 5.29
C LEU A 45 4.46 14.90 5.75
N ILE A 46 4.57 13.61 6.01
CA ILE A 46 5.83 13.03 6.45
C ILE A 46 6.72 12.76 5.24
N GLU A 47 6.28 11.85 4.40
CA GLU A 47 7.03 11.49 3.21
C GLU A 47 6.07 11.28 2.03
N LYS A 48 6.66 11.08 0.86
CA LYS A 48 5.88 10.86 -0.34
C LYS A 48 6.39 9.60 -1.05
N LEU A 49 5.47 8.95 -1.75
CA LEU A 49 5.82 7.74 -2.48
C LEU A 49 5.14 7.75 -3.85
N ILE A 50 5.58 6.85 -4.72
CA ILE A 50 5.03 6.75 -6.05
C ILE A 50 4.24 5.45 -6.18
N ILE A 51 3.20 5.50 -7.02
CA ILE A 51 2.37 4.34 -7.23
C ILE A 51 2.00 4.25 -8.72
N ASP A 52 2.72 5.02 -9.52
CA ASP A 52 2.47 5.05 -10.95
C ASP A 52 3.62 4.34 -11.67
N GLU A 53 3.88 3.12 -11.22
CA GLU A 53 4.95 2.32 -11.80
C GLU A 53 4.50 0.87 -11.96
N LYS A 54 3.89 0.36 -10.89
CA LYS A 54 3.41 -1.01 -10.89
C LYS A 54 1.89 -1.01 -10.77
N LYS A 55 1.34 -2.21 -10.60
CA LYS A 55 -0.10 -2.37 -10.46
C LYS A 55 -0.41 -2.95 -9.08
N TYR A 56 0.65 -3.27 -8.35
CA TYR A 56 0.50 -3.85 -7.02
C TYR A 56 1.81 -3.80 -6.25
N TYR A 57 1.76 -3.18 -5.09
CA TYR A 57 2.93 -3.06 -4.24
C TYR A 57 2.72 -3.77 -2.90
N LEU A 58 3.62 -3.46 -1.97
CA LEU A 58 3.54 -4.07 -0.65
C LEU A 58 3.66 -2.96 0.42
N PHE A 59 3.51 -3.37 1.66
CA PHE A 59 3.59 -2.43 2.77
C PHE A 59 3.75 -3.18 4.11
N GLY A 60 4.97 -3.11 4.64
CA GLY A 60 5.26 -3.76 5.90
C GLY A 60 6.50 -3.15 6.55
N ARG A 61 7.63 -3.85 6.37
CA ARG A 61 8.88 -3.39 6.94
C ARG A 61 10.06 -4.01 6.18
N ASN A 62 9.93 -5.30 5.89
CA ASN A 62 10.96 -6.02 5.18
C ASN A 62 10.83 -5.74 3.68
N PRO A 63 11.84 -4.99 3.14
CA PRO A 63 11.84 -4.63 1.73
C PRO A 63 12.24 -5.84 0.87
N ASP A 64 12.91 -6.79 1.52
CA ASP A 64 13.34 -8.00 0.82
C ASP A 64 12.12 -8.71 0.23
N LEU A 65 10.95 -8.33 0.72
CA LEU A 65 9.72 -8.92 0.24
C LEU A 65 8.79 -7.81 -0.27
N CYS A 66 8.68 -6.77 0.53
CA CYS A 66 7.84 -5.63 0.17
C CYS A 66 8.69 -4.61 -0.57
N ASP A 67 8.01 -3.66 -1.21
CA ASP A 67 8.69 -2.63 -1.96
C ASP A 67 8.90 -1.41 -1.06
N PHE A 68 7.96 -1.20 -0.15
CA PHE A 68 8.04 -0.08 0.77
C PHE A 68 8.35 -0.56 2.19
N THR A 69 8.22 0.36 3.13
CA THR A 69 8.49 0.05 4.52
C THR A 69 7.69 0.97 5.45
N ILE A 70 6.81 0.36 6.23
CA ILE A 70 5.97 1.11 7.15
C ILE A 70 6.85 1.71 8.25
N ASP A 71 7.97 1.06 8.50
CA ASP A 71 8.89 1.52 9.51
C ASP A 71 8.21 1.48 10.89
N HIS A 72 7.81 0.28 11.28
CA HIS A 72 7.14 0.09 12.55
C HIS A 72 7.30 -1.36 13.00
N GLN A 73 7.55 -1.52 14.30
CA GLN A 73 7.73 -2.85 14.87
C GLN A 73 6.39 -3.58 14.92
N SER A 74 5.35 -2.84 15.25
CA SER A 74 4.02 -3.41 15.34
C SER A 74 3.67 -4.11 14.02
N CYS A 75 3.79 -3.36 12.94
CA CYS A 75 3.49 -3.90 11.62
C CYS A 75 4.30 -5.18 11.43
N SER A 76 4.19 -5.74 10.23
CA SER A 76 4.89 -6.97 9.91
C SER A 76 5.56 -6.84 8.54
N ARG A 77 6.42 -7.81 8.25
CA ARG A 77 7.13 -7.81 6.98
C ARG A 77 6.19 -7.39 5.84
N VAL A 78 5.03 -8.02 5.81
CA VAL A 78 4.04 -7.73 4.79
C VAL A 78 2.71 -7.35 5.46
N HIS A 79 2.73 -6.21 6.14
CA HIS A 79 1.56 -5.72 6.83
C HIS A 79 0.36 -5.73 5.87
N ALA A 80 0.61 -5.23 4.66
CA ALA A 80 -0.43 -5.17 3.64
C ALA A 80 0.22 -4.97 2.28
N ALA A 81 -0.64 -4.76 1.28
CA ALA A 81 -0.16 -4.55 -0.07
C ALA A 81 -1.18 -3.71 -0.84
N LEU A 82 -0.66 -2.88 -1.73
CA LEU A 82 -1.51 -2.01 -2.53
C LEU A 82 -1.78 -2.66 -3.89
N VAL A 83 -2.88 -2.27 -4.50
CA VAL A 83 -3.25 -2.81 -5.80
C VAL A 83 -4.05 -1.76 -6.57
N TYR A 84 -3.57 -1.45 -7.77
CA TYR A 84 -4.22 -0.47 -8.61
C TYR A 84 -5.27 -1.12 -9.51
N HIS A 85 -6.53 -0.84 -9.21
CA HIS A 85 -7.63 -1.39 -9.98
C HIS A 85 -7.56 -0.89 -11.43
N LYS A 86 -8.14 -1.66 -12.32
CA LYS A 86 -8.15 -1.30 -13.73
C LYS A 86 -9.58 -1.03 -14.17
N HIS A 87 -10.49 -1.89 -13.73
CA HIS A 87 -11.90 -1.75 -14.07
C HIS A 87 -12.50 -0.59 -13.28
N LEU A 88 -11.74 -0.11 -12.31
CA LEU A 88 -12.18 1.00 -11.48
C LEU A 88 -11.26 2.21 -11.70
N LYS A 89 -10.02 1.90 -12.07
CA LYS A 89 -9.03 2.94 -12.32
C LYS A 89 -8.69 3.62 -10.99
N ARG A 90 -8.64 2.82 -9.94
CA ARG A 90 -8.32 3.34 -8.62
C ARG A 90 -7.26 2.46 -7.94
N VAL A 91 -7.14 2.64 -6.64
CA VAL A 91 -6.17 1.88 -5.87
C VAL A 91 -6.89 1.09 -4.79
N PHE A 92 -6.18 0.13 -4.22
CA PHE A 92 -6.74 -0.71 -3.17
C PHE A 92 -5.68 -1.10 -2.15
N LEU A 93 -6.14 -1.35 -0.93
CA LEU A 93 -5.24 -1.73 0.15
C LEU A 93 -5.70 -3.07 0.74
N ILE A 94 -4.95 -4.12 0.40
CA ILE A 94 -5.27 -5.45 0.89
C ILE A 94 -4.56 -5.68 2.23
N ASP A 95 -5.36 -5.73 3.28
CA ASP A 95 -4.82 -5.95 4.62
C ASP A 95 -4.39 -7.40 4.76
N LEU A 96 -3.20 -7.70 4.25
CA LEU A 96 -2.66 -9.04 4.31
C LEU A 96 -2.59 -9.48 5.77
N ASN A 97 -3.71 -9.98 6.27
CA ASN A 97 -3.78 -10.43 7.65
C ASN A 97 -2.94 -9.51 8.54
N SER A 98 -3.18 -8.22 8.36
CA SER A 98 -2.45 -7.22 9.13
C SER A 98 -2.56 -7.54 10.63
N THR A 99 -1.41 -7.47 11.30
CA THR A 99 -1.37 -7.74 12.72
C THR A 99 -2.61 -7.20 13.41
N HIS A 100 -2.94 -5.97 13.09
CA HIS A 100 -4.11 -5.32 13.68
C HIS A 100 -5.19 -5.14 12.61
N GLY A 101 -4.77 -4.57 11.48
CA GLY A 101 -5.69 -4.34 10.38
C GLY A 101 -5.39 -3.01 9.68
N THR A 102 -6.13 -2.76 8.61
CA THR A 102 -5.95 -1.53 7.86
C THR A 102 -7.25 -0.73 7.84
N PHE A 103 -7.10 0.58 7.67
CA PHE A 103 -8.25 1.46 7.63
C PHE A 103 -8.11 2.49 6.50
N LEU A 104 -9.24 3.09 6.15
CA LEU A 104 -9.26 4.08 5.10
C LEU A 104 -9.70 5.43 5.68
N GLY A 105 -9.00 5.84 6.72
CA GLY A 105 -9.31 7.10 7.38
C GLY A 105 -10.23 6.88 8.58
N HIS A 106 -11.45 6.44 8.28
CA HIS A 106 -12.43 6.18 9.31
C HIS A 106 -13.12 4.84 9.06
N ILE A 107 -12.56 4.10 8.11
CA ILE A 107 -13.09 2.80 7.76
C ILE A 107 -12.03 1.73 7.99
N ARG A 108 -12.49 0.49 8.09
CA ARG A 108 -11.59 -0.63 8.31
C ARG A 108 -11.74 -1.65 7.18
N LEU A 109 -10.63 -2.32 6.88
CA LEU A 109 -10.63 -3.33 5.83
C LEU A 109 -10.40 -4.70 6.45
N GLU A 110 -10.82 -5.73 5.73
CA GLU A 110 -10.67 -7.09 6.20
C GLU A 110 -9.26 -7.60 5.93
N PRO A 111 -8.84 -8.60 6.74
CA PRO A 111 -7.51 -9.18 6.60
C PRO A 111 -7.44 -10.10 5.37
N HIS A 112 -7.79 -9.53 4.23
CA HIS A 112 -7.77 -10.29 2.99
C HIS A 112 -8.52 -9.51 1.90
N LYS A 113 -9.69 -9.01 2.29
CA LYS A 113 -10.52 -8.25 1.37
C LYS A 113 -9.89 -6.88 1.13
N PRO A 114 -9.70 -6.56 -0.18
CA PRO A 114 -9.10 -5.29 -0.55
C PRO A 114 -10.11 -4.14 -0.37
N GLN A 115 -9.56 -2.95 -0.19
CA GLN A 115 -10.39 -1.77 -0.02
C GLN A 115 -9.90 -0.63 -0.91
N GLN A 116 -10.71 -0.31 -1.91
CA GLN A 116 -10.37 0.75 -2.83
C GLN A 116 -9.78 1.95 -2.08
N ILE A 117 -9.12 2.81 -2.83
CA ILE A 117 -8.51 3.99 -2.26
C ILE A 117 -8.71 5.19 -3.19
N PRO A 118 -9.59 6.12 -2.75
CA PRO A 118 -9.88 7.31 -3.54
C PRO A 118 -8.72 8.31 -3.48
N ILE A 119 -8.80 9.30 -4.36
CA ILE A 119 -7.77 10.33 -4.41
C ILE A 119 -7.89 11.22 -3.17
N ASP A 120 -6.76 11.82 -2.80
CA ASP A 120 -6.72 12.70 -1.65
C ASP A 120 -7.34 11.98 -0.45
N SER A 121 -7.39 10.66 -0.54
CA SER A 121 -7.96 9.86 0.52
C SER A 121 -7.00 9.81 1.72
N THR A 122 -7.35 8.96 2.68
CA THR A 122 -6.52 8.81 3.87
C THR A 122 -6.72 7.42 4.49
N VAL A 123 -5.61 6.73 4.67
CA VAL A 123 -5.65 5.39 5.24
C VAL A 123 -4.74 5.35 6.47
N SER A 124 -5.04 4.41 7.36
CA SER A 124 -4.26 4.25 8.57
C SER A 124 -4.14 2.76 8.92
N PHE A 125 -2.91 2.26 8.80
CA PHE A 125 -2.65 0.87 9.09
C PHE A 125 -2.78 0.59 10.59
N GLY A 126 -2.75 -0.69 10.93
CA GLY A 126 -2.86 -1.10 12.32
C GLY A 126 -2.09 -0.16 13.24
N ALA A 127 -0.78 -0.37 13.29
CA ALA A 127 0.08 0.45 14.13
C ALA A 127 0.27 1.82 13.47
N SER A 128 1.00 1.81 12.37
CA SER A 128 1.26 3.03 11.64
C SER A 128 0.06 3.98 11.75
N THR A 129 0.18 4.90 12.68
CA THR A 129 -0.89 5.87 12.90
C THR A 129 -0.92 6.89 11.75
N ARG A 130 0.04 6.76 10.85
CA ARG A 130 0.13 7.66 9.72
C ARG A 130 -1.24 7.79 9.04
N ALA A 131 -1.28 8.63 8.02
CA ALA A 131 -2.51 8.85 7.28
C ALA A 131 -2.21 8.84 5.78
N TYR A 132 -1.73 7.70 5.32
CA TYR A 132 -1.40 7.54 3.91
C TYR A 132 -2.45 8.20 3.02
N THR A 133 -2.06 9.32 2.43
CA THR A 133 -2.96 10.06 1.56
C THR A 133 -2.64 9.77 0.09
N LEU A 134 -3.47 8.93 -0.50
CA LEU A 134 -3.28 8.56 -1.89
C LEU A 134 -3.65 9.74 -2.78
N ARG A 135 -2.63 10.34 -3.37
CA ARG A 135 -2.83 11.48 -4.25
C ARG A 135 -2.83 11.03 -5.71
N GLU A 136 -2.89 12.02 -6.60
CA GLU A 136 -2.90 11.74 -8.02
C GLU A 136 -2.46 12.98 -8.81
N LYS A 137 -1.23 12.92 -9.30
CA LYS A 137 -0.68 14.04 -10.07
C LYS A 137 -1.78 14.65 -10.93
N PRO A 138 -2.37 15.75 -10.42
CA PRO A 138 -3.44 16.44 -11.14
C PRO A 138 -2.88 17.23 -12.33
N GLN A 139 -3.69 18.17 -12.80
CA GLN A 139 -3.29 19.00 -13.93
C GLN A 139 -1.84 19.45 -13.76
N THR A 140 -1.07 19.25 -14.82
CA THR A 140 0.34 19.63 -14.81
C THR A 140 0.49 21.10 -14.41
N MET A 9 27.39 -8.02 4.70
CA MET A 9 26.19 -8.44 5.41
C MET A 9 25.54 -9.64 4.73
N ALA A 10 24.57 -10.22 5.41
CA ALA A 10 23.86 -11.37 4.88
C ALA A 10 22.36 -11.06 4.84
N ALA A 11 22.04 -9.86 4.38
CA ALA A 11 20.66 -9.44 4.30
C ALA A 11 20.35 -9.00 2.86
N ALA A 12 20.32 -9.98 1.98
CA ALA A 12 20.04 -9.71 0.58
C ALA A 12 19.83 -11.04 -0.16
N VAL A 13 18.61 -11.20 -0.67
CA VAL A 13 18.27 -12.41 -1.40
C VAL A 13 18.34 -13.61 -0.45
N ASN A 14 17.83 -13.40 0.76
CA ASN A 14 17.83 -14.45 1.76
C ASN A 14 16.83 -15.53 1.37
N SER A 15 17.36 -16.60 0.78
CA SER A 15 16.53 -17.71 0.35
C SER A 15 15.76 -18.29 1.55
N GLY A 16 14.75 -19.08 1.23
CA GLY A 16 13.94 -19.69 2.26
C GLY A 16 12.50 -19.16 2.22
N SER A 17 11.84 -19.42 1.11
CA SER A 17 10.46 -18.97 0.93
C SER A 17 9.67 -20.02 0.16
N SER A 18 8.55 -20.43 0.76
CA SER A 18 7.69 -21.42 0.14
C SER A 18 6.38 -20.76 -0.31
N LEU A 19 6.43 -19.45 -0.47
CA LEU A 19 5.28 -18.69 -0.90
C LEU A 19 5.70 -17.26 -1.25
N PRO A 20 4.85 -16.61 -2.09
CA PRO A 20 5.13 -15.24 -2.51
C PRO A 20 4.83 -14.25 -1.39
N LEU A 21 4.66 -12.99 -1.78
CA LEU A 21 4.37 -11.95 -0.81
C LEU A 21 2.95 -11.45 -1.02
N PHE A 22 2.51 -11.50 -2.27
CA PHE A 22 1.18 -11.04 -2.62
C PHE A 22 0.75 -11.61 -3.98
N ASP A 23 -0.53 -11.44 -4.28
CA ASP A 23 -1.07 -11.92 -5.53
C ASP A 23 -1.96 -10.83 -6.16
N CYS A 24 -1.59 -10.43 -7.36
CA CYS A 24 -2.34 -9.40 -8.06
C CYS A 24 -3.65 -10.01 -8.55
N PRO A 25 -4.75 -9.20 -8.43
CA PRO A 25 -6.06 -9.66 -8.85
C PRO A 25 -6.18 -9.65 -10.38
N THR A 26 -7.42 -9.67 -10.84
CA THR A 26 -7.68 -9.67 -12.26
C THR A 26 -8.32 -8.35 -12.69
N TRP A 27 -8.59 -7.51 -11.69
CA TRP A 27 -9.19 -6.21 -11.95
C TRP A 27 -8.05 -5.19 -12.06
N ALA A 28 -6.84 -5.65 -11.82
CA ALA A 28 -5.67 -4.80 -11.88
C ALA A 28 -5.29 -4.57 -13.35
N GLY A 29 -4.86 -3.35 -13.63
CA GLY A 29 -4.46 -2.99 -14.98
C GLY A 29 -3.14 -2.22 -14.98
N LYS A 30 -3.21 -0.99 -15.48
CA LYS A 30 -2.03 -0.15 -15.55
C LYS A 30 -2.43 1.31 -15.28
N PRO A 31 -1.88 1.86 -14.17
CA PRO A 31 -2.17 3.24 -13.80
C PRO A 31 -1.43 4.22 -14.72
N PRO A 32 -2.11 5.36 -15.00
CA PRO A 32 -1.53 6.39 -15.86
C PRO A 32 -0.46 7.18 -15.11
N PRO A 33 0.42 7.85 -15.89
CA PRO A 33 1.49 8.65 -15.32
C PRO A 33 0.95 9.96 -14.74
N GLY A 34 0.23 9.82 -13.63
CA GLY A 34 -0.34 10.99 -12.97
C GLY A 34 -0.85 10.63 -11.58
N LEU A 35 -0.20 9.64 -10.98
CA LEU A 35 -0.58 9.18 -9.65
C LEU A 35 0.66 9.12 -8.76
N HIS A 36 0.42 9.08 -7.47
CA HIS A 36 1.51 9.02 -6.50
C HIS A 36 0.94 8.88 -5.09
N LEU A 37 1.64 8.09 -4.28
CA LEU A 37 1.22 7.86 -2.92
C LEU A 37 1.80 8.96 -2.02
N ASP A 38 1.34 8.96 -0.77
CA ASP A 38 1.80 9.94 0.19
C ASP A 38 1.54 9.43 1.61
N VAL A 39 2.24 10.03 2.56
CA VAL A 39 2.09 9.64 3.95
C VAL A 39 1.92 10.90 4.81
N VAL A 40 1.18 10.74 5.90
CA VAL A 40 0.94 11.85 6.81
C VAL A 40 0.89 11.32 8.24
N LYS A 41 1.58 12.03 9.12
CA LYS A 41 1.62 11.65 10.52
C LYS A 41 0.28 12.02 11.19
N GLY A 42 -0.46 12.87 10.51
CA GLY A 42 -1.75 13.31 11.02
C GLY A 42 -2.23 14.57 10.29
N ASP A 43 -1.43 15.62 10.38
CA ASP A 43 -1.77 16.88 9.74
C ASP A 43 -0.52 17.45 9.06
N LYS A 44 0.44 16.57 8.84
CA LYS A 44 1.69 16.96 8.21
C LYS A 44 2.16 15.86 7.27
N LEU A 45 2.45 16.24 6.03
CA LEU A 45 2.92 15.28 5.04
C LEU A 45 4.30 14.78 5.43
N ILE A 46 4.37 13.46 5.65
CA ILE A 46 5.63 12.84 6.03
C ILE A 46 6.52 12.69 4.78
N GLU A 47 6.18 11.70 3.97
CA GLU A 47 6.93 11.44 2.77
C GLU A 47 5.99 11.32 1.56
N LYS A 48 6.57 10.97 0.43
CA LYS A 48 5.79 10.81 -0.80
C LYS A 48 6.31 9.61 -1.58
N LEU A 49 5.40 8.98 -2.30
CA LEU A 49 5.76 7.81 -3.10
C LEU A 49 4.98 7.84 -4.42
N ILE A 50 5.39 6.97 -5.33
CA ILE A 50 4.74 6.89 -6.63
C ILE A 50 3.95 5.59 -6.72
N ILE A 51 2.86 5.65 -7.45
CA ILE A 51 2.01 4.47 -7.64
C ILE A 51 1.54 4.41 -9.09
N ASP A 52 2.19 5.21 -9.93
CA ASP A 52 1.85 5.24 -11.34
C ASP A 52 2.94 4.54 -12.14
N GLU A 53 3.24 3.32 -11.74
CA GLU A 53 4.27 2.54 -12.41
C GLU A 53 3.81 1.09 -12.56
N LYS A 54 3.28 0.54 -11.48
CA LYS A 54 2.80 -0.83 -11.48
C LYS A 54 1.27 -0.83 -11.31
N LYS A 55 0.74 -2.02 -11.10
CA LYS A 55 -0.69 -2.18 -10.93
C LYS A 55 -0.96 -2.77 -9.54
N TYR A 56 0.12 -3.12 -8.86
CA TYR A 56 0.01 -3.69 -7.53
C TYR A 56 1.36 -3.66 -6.80
N TYR A 57 1.34 -3.05 -5.62
CA TYR A 57 2.54 -2.94 -4.82
C TYR A 57 2.38 -3.66 -3.48
N LEU A 58 3.31 -3.38 -2.57
CA LEU A 58 3.28 -3.99 -1.26
C LEU A 58 3.45 -2.90 -0.20
N PHE A 59 3.38 -3.32 1.06
CA PHE A 59 3.52 -2.39 2.17
C PHE A 59 3.78 -3.15 3.47
N GLY A 60 4.99 -3.00 3.97
CA GLY A 60 5.39 -3.66 5.21
C GLY A 60 6.65 -3.04 5.78
N ARG A 61 7.77 -3.72 5.57
CA ARG A 61 9.05 -3.24 6.06
C ARG A 61 10.19 -3.87 5.25
N ASN A 62 10.04 -5.14 4.95
CA ASN A 62 11.04 -5.85 4.18
C ASN A 62 10.84 -5.57 2.68
N PRO A 63 11.81 -4.82 2.10
CA PRO A 63 11.75 -4.47 0.70
C PRO A 63 12.10 -5.66 -0.18
N ASP A 64 12.80 -6.62 0.43
CA ASP A 64 13.20 -7.81 -0.29
C ASP A 64 11.96 -8.55 -0.80
N LEU A 65 10.82 -8.17 -0.23
CA LEU A 65 9.55 -8.78 -0.61
C LEU A 65 8.60 -7.69 -1.08
N CYS A 66 8.50 -6.65 -0.29
CA CYS A 66 7.62 -5.53 -0.61
C CYS A 66 8.42 -4.51 -1.43
N ASP A 67 7.69 -3.55 -1.99
CA ASP A 67 8.31 -2.52 -2.80
C ASP A 67 8.57 -1.29 -1.94
N PHE A 68 7.68 -1.09 -0.97
CA PHE A 68 7.81 0.05 -0.07
C PHE A 68 8.21 -0.41 1.34
N THR A 69 8.15 0.52 2.27
CA THR A 69 8.50 0.23 3.65
C THR A 69 7.74 1.16 4.61
N ILE A 70 6.98 0.56 5.49
CA ILE A 70 6.20 1.32 6.46
C ILE A 70 7.16 1.97 7.47
N ASP A 71 8.27 1.29 7.71
CA ASP A 71 9.26 1.79 8.64
C ASP A 71 8.64 1.90 10.03
N HIS A 72 8.33 0.75 10.61
CA HIS A 72 7.72 0.72 11.93
C HIS A 72 8.25 -0.50 12.70
N GLN A 73 7.53 -0.86 13.74
CA GLN A 73 7.91 -1.99 14.57
C GLN A 73 6.79 -3.03 14.62
N SER A 74 5.57 -2.52 14.64
CA SER A 74 4.40 -3.39 14.69
C SER A 74 4.12 -3.96 13.30
N CYS A 75 4.32 -3.13 12.29
CA CYS A 75 4.10 -3.54 10.92
C CYS A 75 4.80 -4.89 10.70
N SER A 76 4.56 -5.46 9.53
CA SER A 76 5.16 -6.74 9.19
C SER A 76 5.75 -6.68 7.78
N ARG A 77 6.65 -7.63 7.51
CA ARG A 77 7.29 -7.70 6.22
C ARG A 77 6.31 -7.30 5.12
N VAL A 78 5.15 -7.92 5.15
CA VAL A 78 4.11 -7.64 4.16
C VAL A 78 2.82 -7.26 4.87
N HIS A 79 2.86 -6.12 5.54
CA HIS A 79 1.70 -5.64 6.27
C HIS A 79 0.46 -5.70 5.37
N ALA A 80 0.62 -5.15 4.18
CA ALA A 80 -0.47 -5.14 3.21
C ALA A 80 0.10 -4.90 1.81
N ALA A 81 -0.80 -4.81 0.84
CA ALA A 81 -0.41 -4.58 -0.53
C ALA A 81 -1.46 -3.71 -1.22
N LEU A 82 -0.99 -2.87 -2.12
CA LEU A 82 -1.88 -1.98 -2.86
C LEU A 82 -2.18 -2.60 -4.23
N VAL A 83 -3.27 -2.13 -4.82
CA VAL A 83 -3.68 -2.62 -6.12
C VAL A 83 -4.48 -1.53 -6.85
N TYR A 84 -4.06 -1.25 -8.07
CA TYR A 84 -4.73 -0.23 -8.87
C TYR A 84 -5.79 -0.86 -9.78
N HIS A 85 -7.04 -0.54 -9.49
CA HIS A 85 -8.14 -1.06 -10.27
C HIS A 85 -8.06 -0.54 -11.71
N LYS A 86 -8.68 -1.27 -12.61
CA LYS A 86 -8.68 -0.88 -14.01
C LYS A 86 -10.11 -0.56 -14.45
N HIS A 87 -11.04 -1.41 -14.01
CA HIS A 87 -12.45 -1.22 -14.33
C HIS A 87 -13.01 -0.07 -13.51
N LEU A 88 -12.22 0.38 -12.55
CA LEU A 88 -12.64 1.47 -11.69
C LEU A 88 -11.68 2.65 -11.87
N LYS A 89 -10.45 2.33 -12.22
CA LYS A 89 -9.43 3.34 -12.42
C LYS A 89 -9.07 3.97 -11.08
N ARG A 90 -9.08 3.14 -10.05
CA ARG A 90 -8.76 3.60 -8.71
C ARG A 90 -7.70 2.69 -8.07
N VAL A 91 -7.49 2.89 -6.78
CA VAL A 91 -6.52 2.10 -6.05
C VAL A 91 -7.24 1.26 -4.99
N PHE A 92 -6.50 0.29 -4.44
CA PHE A 92 -7.06 -0.57 -3.42
C PHE A 92 -5.99 -1.00 -2.42
N LEU A 93 -6.43 -1.21 -1.18
CA LEU A 93 -5.52 -1.61 -0.13
C LEU A 93 -5.98 -2.96 0.45
N ILE A 94 -5.22 -3.99 0.12
CA ILE A 94 -5.53 -5.34 0.59
C ILE A 94 -4.75 -5.61 1.88
N ASP A 95 -5.50 -5.62 2.99
CA ASP A 95 -4.90 -5.87 4.29
C ASP A 95 -4.48 -7.34 4.37
N LEU A 96 -3.21 -7.58 4.11
CA LEU A 96 -2.67 -8.93 4.15
C LEU A 96 -2.56 -9.38 5.61
N ASN A 97 -3.69 -9.82 6.16
CA ASN A 97 -3.73 -10.28 7.53
C ASN A 97 -2.75 -9.45 8.36
N SER A 98 -2.89 -8.14 8.26
CA SER A 98 -2.03 -7.23 9.01
C SER A 98 -2.10 -7.55 10.50
N THR A 99 -0.94 -7.43 11.16
CA THR A 99 -0.86 -7.70 12.58
C THR A 99 -2.13 -7.23 13.29
N HIS A 100 -2.51 -6.00 12.98
CA HIS A 100 -3.70 -5.41 13.59
C HIS A 100 -4.82 -5.32 12.53
N GLY A 101 -4.60 -4.43 11.58
CA GLY A 101 -5.58 -4.23 10.51
C GLY A 101 -5.31 -2.92 9.77
N THR A 102 -6.01 -2.76 8.65
CA THR A 102 -5.87 -1.57 7.83
C THR A 102 -7.19 -0.81 7.76
N PHE A 103 -7.08 0.49 7.62
CA PHE A 103 -8.26 1.34 7.52
C PHE A 103 -8.12 2.35 6.37
N LEU A 104 -9.24 2.98 6.06
CA LEU A 104 -9.26 3.97 4.99
C LEU A 104 -9.69 5.32 5.55
N GLY A 105 -8.97 5.75 6.58
CA GLY A 105 -9.26 7.02 7.23
C GLY A 105 -10.16 6.82 8.45
N HIS A 106 -11.38 6.37 8.18
CA HIS A 106 -12.34 6.14 9.24
C HIS A 106 -13.10 4.84 8.98
N ILE A 107 -12.57 4.07 8.04
CA ILE A 107 -13.18 2.81 7.68
C ILE A 107 -12.19 1.67 7.93
N ARG A 108 -12.73 0.50 8.25
CA ARG A 108 -11.91 -0.66 8.51
C ARG A 108 -11.95 -1.63 7.32
N LEU A 109 -10.78 -2.17 7.00
CA LEU A 109 -10.68 -3.11 5.90
C LEU A 109 -10.42 -4.52 6.45
N GLU A 110 -10.94 -5.50 5.72
CA GLU A 110 -10.78 -6.89 6.13
C GLU A 110 -9.37 -7.39 5.78
N PRO A 111 -8.87 -8.34 6.60
CA PRO A 111 -7.55 -8.90 6.40
C PRO A 111 -7.55 -9.88 5.21
N HIS A 112 -7.91 -9.35 4.06
CA HIS A 112 -7.96 -10.16 2.85
C HIS A 112 -8.75 -9.43 1.77
N LYS A 113 -9.91 -8.91 2.17
CA LYS A 113 -10.78 -8.19 1.26
C LYS A 113 -10.16 -6.82 0.96
N PRO A 114 -10.03 -6.51 -0.36
CA PRO A 114 -9.47 -5.26 -0.79
C PRO A 114 -10.47 -4.11 -0.58
N GLN A 115 -9.93 -2.90 -0.50
CA GLN A 115 -10.76 -1.73 -0.31
C GLN A 115 -10.27 -0.58 -1.19
N GLN A 116 -11.10 -0.22 -2.16
CA GLN A 116 -10.76 0.86 -3.08
C GLN A 116 -10.13 2.03 -2.31
N ILE A 117 -9.52 2.93 -3.07
CA ILE A 117 -8.88 4.10 -2.48
C ILE A 117 -9.10 5.30 -3.39
N PRO A 118 -9.94 6.25 -2.90
CA PRO A 118 -10.24 7.45 -3.65
C PRO A 118 -9.07 8.43 -3.61
N ILE A 119 -9.14 9.44 -4.47
CA ILE A 119 -8.10 10.44 -4.55
C ILE A 119 -8.17 11.33 -3.31
N ASP A 120 -7.02 11.86 -2.94
CA ASP A 120 -6.93 12.74 -1.78
C ASP A 120 -7.53 12.02 -0.56
N SER A 121 -7.60 10.71 -0.68
CA SER A 121 -8.15 9.89 0.40
C SER A 121 -7.15 9.81 1.56
N THR A 122 -7.49 8.98 2.54
CA THR A 122 -6.64 8.80 3.70
C THR A 122 -6.81 7.39 4.26
N VAL A 123 -5.67 6.74 4.49
CA VAL A 123 -5.69 5.39 5.02
C VAL A 123 -4.73 5.32 6.22
N SER A 124 -5.15 4.55 7.22
CA SER A 124 -4.35 4.38 8.42
C SER A 124 -4.22 2.90 8.77
N PHE A 125 -3.03 2.38 8.54
CA PHE A 125 -2.76 0.98 8.83
C PHE A 125 -2.84 0.70 10.33
N GLY A 126 -2.56 -0.55 10.68
CA GLY A 126 -2.61 -0.96 12.07
C GLY A 126 -1.37 -0.47 12.83
N ALA A 127 -0.28 -1.20 12.65
CA ALA A 127 0.96 -0.85 13.30
C ALA A 127 1.15 0.66 13.29
N SER A 128 1.51 1.17 12.12
CA SER A 128 1.72 2.60 11.96
C SER A 128 0.38 3.34 12.04
N THR A 129 0.44 4.55 12.59
CA THR A 129 -0.76 5.35 12.74
C THR A 129 -0.79 6.46 11.67
N ARG A 130 0.08 6.31 10.69
CA ARG A 130 0.16 7.29 9.62
C ARG A 130 -1.21 7.53 9.01
N ALA A 131 -1.24 8.38 7.99
CA ALA A 131 -2.49 8.69 7.31
C ALA A 131 -2.25 8.73 5.81
N TYR A 132 -1.73 7.62 5.29
CA TYR A 132 -1.46 7.51 3.88
C TYR A 132 -2.54 8.22 3.05
N THR A 133 -2.12 9.28 2.37
CA THR A 133 -3.03 10.05 1.55
C THR A 133 -2.74 9.81 0.06
N LEU A 134 -3.63 9.06 -0.57
CA LEU A 134 -3.47 8.75 -1.98
C LEU A 134 -3.90 9.96 -2.81
N ARG A 135 -2.91 10.62 -3.41
CA ARG A 135 -3.17 11.79 -4.23
C ARG A 135 -3.26 11.39 -5.71
N GLU A 136 -3.38 12.40 -6.55
CA GLU A 136 -3.47 12.18 -7.98
C GLU A 136 -2.98 13.41 -8.75
N LYS A 137 -1.78 13.26 -9.32
CA LYS A 137 -1.19 14.35 -10.08
C LYS A 137 -2.29 15.10 -10.84
N PRO A 138 -2.73 16.23 -10.24
CA PRO A 138 -3.78 17.04 -10.85
C PRO A 138 -3.23 17.85 -12.03
N GLN A 139 -3.98 18.87 -12.41
CA GLN A 139 -3.58 19.72 -13.52
C GLN A 139 -2.13 20.18 -13.34
N THR A 140 -1.48 20.44 -14.47
CA THR A 140 -0.10 20.89 -14.45
C THR A 140 0.06 22.13 -15.32
N MET A 9 16.50 3.10 -5.35
CA MET A 9 15.97 1.88 -5.92
C MET A 9 17.10 0.87 -6.21
N ALA A 10 17.20 -0.12 -5.33
CA ALA A 10 18.22 -1.14 -5.47
C ALA A 10 17.61 -2.36 -6.15
N ALA A 11 18.48 -3.28 -6.53
CA ALA A 11 18.04 -4.51 -7.19
C ALA A 11 18.65 -5.72 -6.45
N ALA A 12 18.33 -5.80 -5.17
CA ALA A 12 18.83 -6.89 -4.35
C ALA A 12 17.67 -7.50 -3.55
N VAL A 13 17.07 -8.52 -4.13
CA VAL A 13 15.95 -9.19 -3.49
C VAL A 13 16.44 -10.48 -2.82
N ASN A 14 16.74 -11.47 -3.66
CA ASN A 14 17.23 -12.74 -3.16
C ASN A 14 16.21 -13.32 -2.18
N SER A 15 14.95 -13.31 -2.60
CA SER A 15 13.88 -13.84 -1.77
C SER A 15 13.94 -15.36 -1.74
N GLY A 16 13.15 -15.93 -0.84
CA GLY A 16 13.11 -17.38 -0.69
C GLY A 16 12.65 -17.78 0.72
N SER A 17 11.34 -17.83 0.89
CA SER A 17 10.76 -18.19 2.17
C SER A 17 9.44 -18.91 1.97
N SER A 18 8.83 -19.30 3.08
CA SER A 18 7.55 -20.00 3.03
C SER A 18 6.48 -19.09 2.44
N LEU A 19 5.86 -19.57 1.37
CA LEU A 19 4.82 -18.82 0.70
C LEU A 19 5.37 -17.46 0.27
N PRO A 20 4.63 -16.81 -0.65
CA PRO A 20 5.04 -15.50 -1.16
C PRO A 20 4.77 -14.41 -0.12
N LEU A 21 4.75 -13.17 -0.60
CA LEU A 21 4.49 -12.04 0.27
C LEU A 21 3.13 -11.44 -0.07
N PHE A 22 2.73 -11.60 -1.32
CA PHE A 22 1.45 -11.09 -1.77
C PHE A 22 1.03 -11.77 -3.07
N ASP A 23 -0.27 -11.68 -3.35
CA ASP A 23 -0.82 -12.28 -4.55
C ASP A 23 -1.59 -11.21 -5.34
N CYS A 24 -1.08 -10.90 -6.52
CA CYS A 24 -1.70 -9.92 -7.37
C CYS A 24 -3.02 -10.48 -7.89
N PRO A 25 -4.07 -9.60 -7.87
CA PRO A 25 -5.39 -10.01 -8.32
C PRO A 25 -5.45 -10.08 -9.84
N THR A 26 -6.66 -10.06 -10.35
CA THR A 26 -6.87 -10.13 -11.80
C THR A 26 -7.54 -8.85 -12.30
N TRP A 27 -7.81 -7.96 -11.36
CA TRP A 27 -8.46 -6.70 -11.69
C TRP A 27 -7.37 -5.63 -11.83
N ALA A 28 -6.14 -6.04 -11.55
CA ALA A 28 -5.00 -5.14 -11.64
C ALA A 28 -4.65 -4.91 -13.11
N GLY A 29 -4.33 -3.67 -13.42
CA GLY A 29 -3.98 -3.30 -14.78
C GLY A 29 -2.64 -2.55 -14.81
N LYS A 30 -2.72 -1.29 -15.22
CA LYS A 30 -1.53 -0.46 -15.30
C LYS A 30 -1.92 1.00 -15.04
N PRO A 31 -1.36 1.56 -13.93
CA PRO A 31 -1.64 2.94 -13.57
C PRO A 31 -0.89 3.91 -14.48
N PRO A 32 -1.56 5.06 -14.78
CA PRO A 32 -0.97 6.07 -15.62
C PRO A 32 0.10 6.86 -14.88
N PRO A 33 1.00 7.51 -15.67
CA PRO A 33 2.07 8.31 -15.10
C PRO A 33 1.54 9.63 -14.53
N GLY A 34 0.82 9.52 -13.42
CA GLY A 34 0.26 10.69 -12.78
C GLY A 34 -0.29 10.35 -11.40
N LEU A 35 0.32 9.34 -10.79
CA LEU A 35 -0.11 8.90 -9.46
C LEU A 35 1.12 8.83 -8.54
N HIS A 36 0.84 8.76 -7.25
CA HIS A 36 1.90 8.69 -6.26
C HIS A 36 1.29 8.56 -4.86
N LEU A 37 1.97 7.80 -4.02
CA LEU A 37 1.50 7.59 -2.66
C LEU A 37 2.08 8.69 -1.76
N ASP A 38 1.61 8.70 -0.52
CA ASP A 38 2.06 9.68 0.44
C ASP A 38 1.83 9.14 1.86
N VAL A 39 2.40 9.86 2.83
CA VAL A 39 2.28 9.46 4.22
C VAL A 39 2.14 10.71 5.08
N VAL A 40 1.30 10.59 6.11
CA VAL A 40 1.08 11.70 7.02
C VAL A 40 1.00 11.18 8.45
N LYS A 41 1.74 11.83 9.33
CA LYS A 41 1.77 11.44 10.73
C LYS A 41 0.49 11.92 11.42
N GLY A 42 -0.27 12.73 10.69
CA GLY A 42 -1.50 13.27 11.21
C GLY A 42 -1.96 14.48 10.39
N ASP A 43 -1.17 15.55 10.48
CA ASP A 43 -1.49 16.77 9.75
C ASP A 43 -0.20 17.32 9.11
N LYS A 44 0.77 16.43 8.96
CA LYS A 44 2.03 16.81 8.36
C LYS A 44 2.53 15.68 7.47
N LEU A 45 2.77 16.03 6.21
CA LEU A 45 3.24 15.05 5.24
C LEU A 45 4.63 14.57 5.65
N ILE A 46 4.74 13.27 5.90
CA ILE A 46 5.99 12.68 6.30
C ILE A 46 6.88 12.50 5.07
N GLU A 47 6.50 11.54 4.24
CA GLU A 47 7.25 11.26 3.03
C GLU A 47 6.31 11.09 1.84
N LYS A 48 6.89 10.71 0.71
CA LYS A 48 6.11 10.52 -0.49
C LYS A 48 6.62 9.27 -1.23
N LEU A 49 5.71 8.67 -1.99
CA LEU A 49 6.06 7.47 -2.75
C LEU A 49 5.32 7.50 -4.09
N ILE A 50 5.78 6.64 -4.99
CA ILE A 50 5.17 6.54 -6.32
C ILE A 50 4.34 5.27 -6.40
N ILE A 51 3.29 5.33 -7.21
CA ILE A 51 2.41 4.19 -7.40
C ILE A 51 1.97 4.12 -8.86
N ASP A 52 2.69 4.86 -9.70
CA ASP A 52 2.38 4.90 -11.11
C ASP A 52 3.46 4.14 -11.88
N GLU A 53 3.72 2.92 -11.44
CA GLU A 53 4.72 2.08 -12.08
C GLU A 53 4.22 0.65 -12.20
N LYS A 54 3.67 0.15 -11.09
CA LYS A 54 3.15 -1.21 -11.07
C LYS A 54 1.63 -1.16 -10.86
N LYS A 55 1.05 -2.35 -10.70
CA LYS A 55 -0.38 -2.45 -10.51
C LYS A 55 -0.66 -3.07 -9.13
N TYR A 56 0.43 -3.41 -8.44
CA TYR A 56 0.31 -4.00 -7.12
C TYR A 56 1.64 -3.90 -6.36
N TYR A 57 1.57 -3.31 -5.19
CA TYR A 57 2.74 -3.14 -4.35
C TYR A 57 2.58 -3.87 -3.01
N LEU A 58 3.48 -3.56 -2.09
CA LEU A 58 3.44 -4.17 -0.77
C LEU A 58 3.56 -3.09 0.30
N PHE A 59 3.44 -3.51 1.54
CA PHE A 59 3.53 -2.58 2.65
C PHE A 59 3.71 -3.34 3.98
N GLY A 60 4.92 -3.25 4.50
CA GLY A 60 5.24 -3.92 5.76
C GLY A 60 6.50 -3.33 6.39
N ARG A 61 7.61 -4.04 6.19
CA ARG A 61 8.88 -3.59 6.73
C ARG A 61 10.04 -4.24 5.96
N ASN A 62 9.87 -5.52 5.67
CA ASN A 62 10.89 -6.25 4.94
C ASN A 62 10.75 -5.96 3.45
N PRO A 63 11.77 -5.23 2.90
CA PRO A 63 11.77 -4.88 1.49
C PRO A 63 12.13 -6.08 0.62
N ASP A 64 12.75 -7.07 1.26
CA ASP A 64 13.15 -8.27 0.55
C ASP A 64 11.90 -8.96 -0.02
N LEU A 65 10.76 -8.54 0.49
CA LEU A 65 9.49 -9.10 0.04
C LEU A 65 8.58 -7.97 -0.47
N CYS A 66 8.53 -6.91 0.31
CA CYS A 66 7.72 -5.75 -0.05
C CYS A 66 8.61 -4.74 -0.77
N ASP A 67 7.95 -3.79 -1.41
CA ASP A 67 8.67 -2.75 -2.14
C ASP A 67 8.89 -1.55 -1.22
N PHE A 68 7.93 -1.35 -0.34
CA PHE A 68 8.00 -0.24 0.60
C PHE A 68 8.34 -0.73 2.01
N THR A 69 8.20 0.18 2.97
CA THR A 69 8.48 -0.15 4.36
C THR A 69 7.72 0.79 5.29
N ILE A 70 6.85 0.19 6.09
CA ILE A 70 6.05 0.95 7.03
C ILE A 70 6.96 1.55 8.11
N ASP A 71 8.07 0.86 8.34
CA ASP A 71 9.03 1.30 9.33
C ASP A 71 8.39 1.25 10.71
N HIS A 72 7.90 0.06 11.06
CA HIS A 72 7.27 -0.13 12.35
C HIS A 72 7.42 -1.60 12.77
N GLN A 73 7.74 -1.78 14.05
CA GLN A 73 7.92 -3.11 14.59
C GLN A 73 6.56 -3.81 14.76
N SER A 74 5.54 -3.00 15.00
CA SER A 74 4.19 -3.52 15.18
C SER A 74 3.74 -4.22 13.90
N CYS A 75 3.86 -3.51 12.80
CA CYS A 75 3.47 -4.05 11.51
C CYS A 75 4.21 -5.36 11.29
N SER A 76 4.10 -5.87 10.07
CA SER A 76 4.76 -7.12 9.72
C SER A 76 5.46 -6.98 8.36
N ARG A 77 6.30 -7.96 8.06
CA ARG A 77 7.03 -7.97 6.81
C ARG A 77 6.10 -7.54 5.65
N VAL A 78 4.92 -8.15 5.63
CA VAL A 78 3.95 -7.85 4.59
C VAL A 78 2.62 -7.47 5.26
N HIS A 79 2.65 -6.37 5.99
CA HIS A 79 1.47 -5.89 6.67
C HIS A 79 0.29 -5.91 5.71
N ALA A 80 0.50 -5.33 4.54
CA ALA A 80 -0.54 -5.27 3.53
C ALA A 80 0.10 -5.09 2.15
N ALA A 81 -0.76 -4.88 1.17
CA ALA A 81 -0.29 -4.69 -0.20
C ALA A 81 -1.29 -3.83 -0.96
N LEU A 82 -0.76 -3.00 -1.85
CA LEU A 82 -1.59 -2.12 -2.65
C LEU A 82 -1.86 -2.78 -4.01
N VAL A 83 -2.98 -2.38 -4.62
CA VAL A 83 -3.37 -2.92 -5.91
C VAL A 83 -4.17 -1.87 -6.67
N TYR A 84 -3.64 -1.48 -7.82
CA TYR A 84 -4.29 -0.49 -8.65
C TYR A 84 -5.33 -1.14 -9.57
N HIS A 85 -6.59 -0.87 -9.25
CA HIS A 85 -7.69 -1.43 -10.03
C HIS A 85 -7.62 -0.90 -11.46
N LYS A 86 -8.17 -1.68 -12.37
CA LYS A 86 -8.18 -1.31 -13.78
C LYS A 86 -9.61 -1.04 -14.22
N HIS A 87 -10.50 -1.91 -13.78
CA HIS A 87 -11.91 -1.77 -14.13
C HIS A 87 -12.52 -0.61 -13.35
N LEU A 88 -11.77 -0.14 -12.37
CA LEU A 88 -12.22 0.97 -11.54
C LEU A 88 -11.30 2.17 -11.76
N LYS A 89 -10.06 1.86 -12.11
CA LYS A 89 -9.08 2.91 -12.34
C LYS A 89 -8.73 3.59 -11.01
N ARG A 90 -8.70 2.78 -9.96
CA ARG A 90 -8.39 3.29 -8.64
C ARG A 90 -7.34 2.41 -7.97
N VAL A 91 -7.20 2.60 -6.67
CA VAL A 91 -6.23 1.83 -5.89
C VAL A 91 -6.97 1.03 -4.82
N PHE A 92 -6.25 0.08 -4.25
CA PHE A 92 -6.82 -0.76 -3.21
C PHE A 92 -5.76 -1.16 -2.17
N LEU A 93 -6.23 -1.45 -0.97
CA LEU A 93 -5.34 -1.84 0.11
C LEU A 93 -5.79 -3.18 0.69
N ILE A 94 -5.02 -4.21 0.38
CA ILE A 94 -5.34 -5.55 0.86
C ILE A 94 -4.62 -5.79 2.19
N ASP A 95 -5.42 -5.84 3.25
CA ASP A 95 -4.88 -6.05 4.58
C ASP A 95 -4.45 -7.52 4.72
N LEU A 96 -3.29 -7.81 4.16
CA LEU A 96 -2.74 -9.16 4.21
C LEU A 96 -2.68 -9.62 5.67
N ASN A 97 -3.80 -10.13 6.16
CA ASN A 97 -3.88 -10.61 7.52
C ASN A 97 -3.04 -9.69 8.42
N SER A 98 -3.27 -8.40 8.27
CA SER A 98 -2.55 -7.41 9.07
C SER A 98 -2.64 -7.77 10.55
N THR A 99 -1.49 -7.76 11.20
CA THR A 99 -1.43 -8.06 12.62
C THR A 99 -2.64 -7.48 13.35
N HIS A 100 -2.99 -6.26 12.98
CA HIS A 100 -4.13 -5.59 13.59
C HIS A 100 -5.23 -5.41 12.55
N GLY A 101 -4.93 -4.61 11.53
CA GLY A 101 -5.89 -4.35 10.47
C GLY A 101 -5.57 -3.02 9.77
N THR A 102 -6.23 -2.83 8.63
CA THR A 102 -6.03 -1.61 7.85
C THR A 102 -7.32 -0.79 7.81
N PHE A 103 -7.15 0.51 7.64
CA PHE A 103 -8.28 1.42 7.58
C PHE A 103 -8.09 2.44 6.47
N LEU A 104 -9.21 3.06 6.08
CA LEU A 104 -9.19 4.07 5.03
C LEU A 104 -9.67 5.40 5.61
N GLY A 105 -9.01 5.81 6.67
CA GLY A 105 -9.35 7.07 7.32
C GLY A 105 -10.29 6.83 8.51
N HIS A 106 -11.50 6.39 8.19
CA HIS A 106 -12.49 6.12 9.21
C HIS A 106 -13.17 4.78 8.93
N ILE A 107 -12.61 4.05 7.98
CA ILE A 107 -13.15 2.75 7.62
C ILE A 107 -12.09 1.68 7.88
N ARG A 108 -12.56 0.45 7.96
CA ARG A 108 -11.69 -0.68 8.21
C ARG A 108 -11.83 -1.73 7.10
N LEU A 109 -10.71 -2.39 6.81
CA LEU A 109 -10.70 -3.41 5.78
C LEU A 109 -10.51 -4.78 6.42
N GLU A 110 -10.84 -5.81 5.66
CA GLU A 110 -10.71 -7.18 6.14
C GLU A 110 -9.30 -7.70 5.86
N PRO A 111 -8.90 -8.73 6.66
CA PRO A 111 -7.58 -9.32 6.50
C PRO A 111 -7.54 -10.23 5.26
N HIS A 112 -7.89 -9.65 4.13
CA HIS A 112 -7.90 -10.39 2.88
C HIS A 112 -8.67 -9.60 1.82
N LYS A 113 -9.83 -9.10 2.22
CA LYS A 113 -10.66 -8.32 1.32
C LYS A 113 -10.02 -6.96 1.08
N PRO A 114 -9.82 -6.64 -0.22
CA PRO A 114 -9.22 -5.38 -0.60
C PRO A 114 -10.22 -4.22 -0.44
N GLN A 115 -9.67 -3.04 -0.24
CA GLN A 115 -10.49 -1.85 -0.06
C GLN A 115 -9.97 -0.71 -0.94
N GLN A 116 -10.78 -0.37 -1.94
CA GLN A 116 -10.41 0.69 -2.86
C GLN A 116 -9.81 1.87 -2.10
N ILE A 117 -9.15 2.76 -2.83
CA ILE A 117 -8.54 3.93 -2.24
C ILE A 117 -8.74 5.13 -3.16
N PRO A 118 -9.60 6.08 -2.69
CA PRO A 118 -9.89 7.27 -3.46
C PRO A 118 -8.71 8.25 -3.40
N ILE A 119 -8.77 9.24 -4.29
CA ILE A 119 -7.72 10.24 -4.36
C ILE A 119 -7.85 11.19 -3.16
N ASP A 120 -6.72 11.75 -2.77
CA ASP A 120 -6.68 12.67 -1.65
C ASP A 120 -7.32 12.00 -0.43
N SER A 121 -7.37 10.67 -0.48
CA SER A 121 -7.95 9.91 0.60
C SER A 121 -6.97 9.82 1.78
N THR A 122 -7.29 8.94 2.71
CA THR A 122 -6.44 8.76 3.88
C THR A 122 -6.67 7.38 4.49
N VAL A 123 -5.58 6.64 4.64
CA VAL A 123 -5.64 5.31 5.21
C VAL A 123 -4.70 5.22 6.42
N SER A 124 -5.07 4.36 7.35
CA SER A 124 -4.28 4.18 8.55
C SER A 124 -4.18 2.69 8.89
N PHE A 125 -2.97 2.16 8.72
CA PHE A 125 -2.72 0.75 9.00
C PHE A 125 -2.86 0.45 10.49
N GLY A 126 -2.80 -0.82 10.82
CA GLY A 126 -2.92 -1.26 12.20
C GLY A 126 -2.11 -0.35 13.13
N ALA A 127 -0.83 -0.64 13.20
CA ALA A 127 0.07 0.15 14.04
C ALA A 127 0.30 1.51 13.41
N SER A 128 1.04 1.50 12.31
CA SER A 128 1.34 2.73 11.60
C SER A 128 0.14 3.68 11.65
N THR A 129 0.22 4.62 12.59
CA THR A 129 -0.85 5.58 12.75
C THR A 129 -0.87 6.56 11.57
N ARG A 130 0.11 6.41 10.70
CA ARG A 130 0.21 7.26 9.53
C ARG A 130 -1.16 7.43 8.87
N ALA A 131 -1.22 8.38 7.95
CA ALA A 131 -2.46 8.65 7.23
C ALA A 131 -2.18 8.65 5.73
N TYR A 132 -1.68 7.52 5.24
CA TYR A 132 -1.38 7.38 3.84
C TYR A 132 -2.41 8.12 2.97
N THR A 133 -2.01 9.29 2.51
CA THR A 133 -2.89 10.10 1.66
C THR A 133 -2.59 9.84 0.19
N LEU A 134 -3.32 8.88 -0.37
CA LEU A 134 -3.14 8.54 -1.78
C LEU A 134 -3.54 9.73 -2.64
N ARG A 135 -2.52 10.36 -3.23
CA ARG A 135 -2.75 11.51 -4.09
C ARG A 135 -2.77 11.08 -5.56
N GLU A 136 -2.84 12.08 -6.43
CA GLU A 136 -2.86 11.83 -7.86
C GLU A 136 -2.39 13.06 -8.63
N LYS A 137 -1.18 12.97 -9.15
CA LYS A 137 -0.60 14.06 -9.91
C LYS A 137 -1.70 14.75 -10.72
N PRO A 138 -2.21 15.87 -10.14
CA PRO A 138 -3.26 16.63 -10.80
C PRO A 138 -2.70 17.45 -11.96
N GLN A 139 -3.48 18.43 -12.39
CA GLN A 139 -3.08 19.29 -13.48
C GLN A 139 -1.78 20.02 -13.14
N THR A 140 -0.97 20.22 -14.17
CA THR A 140 0.30 20.91 -14.00
C THR A 140 0.17 22.39 -14.34
N MET A 9 21.38 -1.59 0.11
CA MET A 9 20.51 -2.70 0.44
C MET A 9 20.82 -3.93 -0.42
N ALA A 10 21.41 -4.94 0.21
CA ALA A 10 21.77 -6.15 -0.49
C ALA A 10 20.87 -7.30 -0.01
N ALA A 11 20.95 -8.41 -0.72
CA ALA A 11 20.15 -9.58 -0.38
C ALA A 11 20.90 -10.84 -0.80
N ALA A 12 20.50 -11.95 -0.20
CA ALA A 12 21.12 -13.24 -0.51
C ALA A 12 20.03 -14.29 -0.73
N VAL A 13 19.50 -14.29 -1.95
CA VAL A 13 18.45 -15.24 -2.30
C VAL A 13 18.42 -15.41 -3.81
N ASN A 14 18.13 -16.64 -4.23
CA ASN A 14 18.07 -16.96 -5.65
C ASN A 14 16.60 -16.98 -6.10
N SER A 15 15.88 -17.97 -5.58
CA SER A 15 14.48 -18.12 -5.91
C SER A 15 13.62 -17.99 -4.65
N GLY A 16 13.77 -18.98 -3.77
CA GLY A 16 13.02 -18.99 -2.53
C GLY A 16 11.97 -20.11 -2.53
N SER A 17 12.07 -20.96 -1.52
CA SER A 17 11.13 -22.07 -1.38
C SER A 17 10.13 -21.78 -0.27
N SER A 18 9.32 -20.77 -0.48
CA SER A 18 8.32 -20.39 0.50
C SER A 18 7.29 -19.44 -0.13
N LEU A 19 6.08 -19.48 0.40
CA LEU A 19 5.01 -18.64 -0.10
C LEU A 19 5.56 -17.22 -0.34
N PRO A 20 4.85 -16.49 -1.24
CA PRO A 20 5.25 -15.14 -1.57
C PRO A 20 4.89 -14.17 -0.44
N LEU A 21 4.84 -12.89 -0.79
CA LEU A 21 4.51 -11.86 0.18
C LEU A 21 3.14 -11.26 -0.16
N PHE A 22 2.70 -11.53 -1.37
CA PHE A 22 1.41 -11.03 -1.83
C PHE A 22 1.04 -11.64 -3.18
N ASP A 23 -0.26 -11.61 -3.46
CA ASP A 23 -0.76 -12.15 -4.71
C ASP A 23 -1.57 -11.08 -5.45
N CYS A 24 -1.00 -10.61 -6.55
CA CYS A 24 -1.64 -9.59 -7.35
C CYS A 24 -2.91 -10.18 -7.96
N PRO A 25 -4.00 -9.37 -7.92
CA PRO A 25 -5.28 -9.81 -8.47
C PRO A 25 -5.26 -9.77 -10.00
N THR A 26 -6.46 -9.78 -10.57
CA THR A 26 -6.60 -9.75 -12.02
C THR A 26 -7.34 -8.48 -12.45
N TRP A 27 -7.74 -7.69 -11.46
CA TRP A 27 -8.45 -6.46 -11.73
C TRP A 27 -7.44 -5.31 -11.75
N ALA A 28 -6.20 -5.66 -11.44
CA ALA A 28 -5.13 -4.68 -11.42
C ALA A 28 -4.76 -4.31 -12.86
N GLY A 29 -4.72 -3.00 -13.11
CA GLY A 29 -4.38 -2.50 -14.43
C GLY A 29 -3.32 -1.41 -14.34
N LYS A 30 -2.35 -1.51 -15.25
CA LYS A 30 -1.27 -0.55 -15.28
C LYS A 30 -1.84 0.87 -15.14
N PRO A 31 -1.45 1.54 -14.02
CA PRO A 31 -1.93 2.89 -13.77
C PRO A 31 -1.21 3.91 -14.66
N PRO A 32 -1.92 5.04 -14.92
CA PRO A 32 -1.38 6.09 -15.76
C PRO A 32 -0.30 6.88 -15.02
N PRO A 33 0.61 7.51 -15.81
CA PRO A 33 1.69 8.30 -15.25
C PRO A 33 1.16 9.64 -14.72
N GLY A 34 0.46 9.57 -13.60
CA GLY A 34 -0.10 10.77 -13.00
C GLY A 34 -0.66 10.46 -11.60
N LEU A 35 -0.04 9.50 -10.95
CA LEU A 35 -0.46 9.10 -9.61
C LEU A 35 0.76 9.07 -8.69
N HIS A 36 0.48 9.07 -7.40
CA HIS A 36 1.54 9.03 -6.40
C HIS A 36 0.93 8.94 -5.00
N LEU A 37 1.63 8.23 -4.13
CA LEU A 37 1.16 8.05 -2.77
C LEU A 37 1.69 9.20 -1.90
N ASP A 38 1.39 9.12 -0.62
CA ASP A 38 1.84 10.15 0.32
C ASP A 38 1.68 9.62 1.74
N VAL A 39 2.32 10.31 2.68
CA VAL A 39 2.26 9.94 4.08
C VAL A 39 2.06 11.19 4.93
N VAL A 40 1.25 11.03 5.97
CA VAL A 40 0.97 12.14 6.88
C VAL A 40 0.91 11.61 8.31
N LYS A 41 1.73 12.23 9.17
CA LYS A 41 1.78 11.83 10.56
C LYS A 41 0.51 12.31 11.27
N GLY A 42 -0.28 13.07 10.54
CA GLY A 42 -1.53 13.60 11.08
C GLY A 42 -2.06 14.75 10.21
N ASP A 43 -1.34 15.86 10.25
CA ASP A 43 -1.73 17.03 9.48
C ASP A 43 -0.49 17.63 8.82
N LYS A 44 0.54 16.81 8.72
CA LYS A 44 1.79 17.25 8.12
C LYS A 44 2.35 16.13 7.23
N LEU A 45 2.52 16.44 5.96
CA LEU A 45 3.03 15.48 5.01
C LEU A 45 4.44 15.07 5.43
N ILE A 46 4.59 13.78 5.69
CA ILE A 46 5.88 13.24 6.10
C ILE A 46 6.74 12.99 4.86
N GLU A 47 6.31 12.03 4.05
CA GLU A 47 7.03 11.69 2.84
C GLU A 47 6.06 11.50 1.68
N LYS A 48 6.61 11.17 0.52
CA LYS A 48 5.81 10.96 -0.66
C LYS A 48 6.29 9.70 -1.38
N LEU A 49 5.37 9.07 -2.10
CA LEU A 49 5.69 7.86 -2.83
C LEU A 49 4.97 7.87 -4.17
N ILE A 50 5.37 6.96 -5.04
CA ILE A 50 4.76 6.85 -6.36
C ILE A 50 3.97 5.54 -6.45
N ILE A 51 2.89 5.60 -7.22
CA ILE A 51 2.05 4.43 -7.39
C ILE A 51 1.60 4.35 -8.85
N ASP A 52 2.27 5.12 -9.69
CA ASP A 52 1.96 5.16 -11.11
C ASP A 52 3.05 4.43 -11.89
N GLU A 53 3.30 3.19 -11.50
CA GLU A 53 4.33 2.39 -12.15
C GLU A 53 3.86 0.94 -12.28
N LYS A 54 3.33 0.43 -11.18
CA LYS A 54 2.85 -0.94 -11.15
C LYS A 54 1.33 -0.94 -10.94
N LYS A 55 0.78 -2.14 -10.78
CA LYS A 55 -0.65 -2.28 -10.56
C LYS A 55 -0.89 -2.88 -9.17
N TYR A 56 0.21 -3.22 -8.51
CA TYR A 56 0.13 -3.80 -7.18
C TYR A 56 1.47 -3.68 -6.45
N TYR A 57 1.40 -3.11 -5.25
CA TYR A 57 2.60 -2.92 -4.45
C TYR A 57 2.47 -3.64 -3.10
N LEU A 58 3.38 -3.31 -2.21
CA LEU A 58 3.38 -3.92 -0.88
C LEU A 58 3.52 -2.82 0.17
N PHE A 59 3.41 -3.22 1.43
CA PHE A 59 3.52 -2.28 2.53
C PHE A 59 3.73 -3.02 3.86
N GLY A 60 4.94 -2.93 4.36
CA GLY A 60 5.29 -3.57 5.63
C GLY A 60 6.55 -2.97 6.23
N ARG A 61 7.66 -3.68 6.04
CA ARG A 61 8.93 -3.23 6.56
C ARG A 61 10.08 -3.86 5.78
N ASN A 62 9.92 -5.15 5.50
CA ASN A 62 10.93 -5.89 4.76
C ASN A 62 10.77 -5.61 3.26
N PRO A 63 11.77 -4.88 2.70
CA PRO A 63 11.74 -4.54 1.29
C PRO A 63 12.10 -5.76 0.43
N ASP A 64 12.75 -6.73 1.05
CA ASP A 64 13.14 -7.94 0.36
C ASP A 64 11.90 -8.63 -0.19
N LEU A 65 10.75 -8.23 0.33
CA LEU A 65 9.48 -8.80 -0.11
C LEU A 65 8.58 -7.67 -0.61
N CYS A 66 8.50 -6.61 0.18
CA CYS A 66 7.67 -5.47 -0.18
C CYS A 66 8.53 -4.47 -0.93
N ASP A 67 7.86 -3.53 -1.58
CA ASP A 67 8.55 -2.51 -2.35
C ASP A 67 8.77 -1.28 -1.47
N PHE A 68 7.83 -1.06 -0.56
CA PHE A 68 7.90 0.07 0.34
C PHE A 68 8.28 -0.38 1.76
N THR A 69 8.15 0.54 2.70
CA THR A 69 8.47 0.26 4.08
C THR A 69 7.70 1.20 5.02
N ILE A 70 6.91 0.60 5.89
CA ILE A 70 6.12 1.37 6.83
C ILE A 70 7.06 2.02 7.86
N ASP A 71 8.15 1.32 8.14
CA ASP A 71 9.12 1.81 9.09
C ASP A 71 8.46 1.96 10.46
N HIS A 72 8.14 0.81 11.05
CA HIS A 72 7.51 0.80 12.36
C HIS A 72 8.02 -0.41 13.17
N GLN A 73 7.25 -0.75 14.20
CA GLN A 73 7.61 -1.88 15.04
C GLN A 73 6.48 -2.91 15.06
N SER A 74 5.25 -2.40 15.03
CA SER A 74 4.09 -3.27 15.03
C SER A 74 3.86 -3.86 13.64
N CYS A 75 4.06 -3.00 12.63
CA CYS A 75 3.88 -3.41 11.25
C CYS A 75 4.58 -4.75 11.07
N SER A 76 4.30 -5.38 9.93
CA SER A 76 4.89 -6.67 9.60
C SER A 76 5.54 -6.62 8.22
N ARG A 77 6.42 -7.58 7.98
CA ARG A 77 7.12 -7.65 6.71
C ARG A 77 6.19 -7.20 5.57
N VAL A 78 5.00 -7.77 5.57
CA VAL A 78 4.02 -7.45 4.54
C VAL A 78 2.69 -7.06 5.21
N HIS A 79 2.73 -5.95 5.93
CA HIS A 79 1.55 -5.47 6.63
C HIS A 79 0.35 -5.53 5.69
N ALA A 80 0.54 -5.02 4.48
CA ALA A 80 -0.51 -5.02 3.50
C ALA A 80 0.10 -4.81 2.11
N ALA A 81 -0.78 -4.63 1.13
CA ALA A 81 -0.34 -4.42 -0.24
C ALA A 81 -1.39 -3.59 -0.98
N LEU A 82 -0.90 -2.77 -1.90
CA LEU A 82 -1.77 -1.91 -2.68
C LEU A 82 -2.05 -2.57 -4.04
N VAL A 83 -3.18 -2.20 -4.62
CA VAL A 83 -3.57 -2.75 -5.91
C VAL A 83 -4.41 -1.71 -6.66
N TYR A 84 -3.89 -1.32 -7.83
CA TYR A 84 -4.58 -0.34 -8.64
C TYR A 84 -5.63 -1.00 -9.53
N HIS A 85 -6.89 -0.83 -9.15
CA HIS A 85 -7.98 -1.41 -9.89
C HIS A 85 -7.93 -0.92 -11.34
N LYS A 86 -8.46 -1.75 -12.24
CA LYS A 86 -8.47 -1.41 -13.65
C LYS A 86 -9.92 -1.17 -14.09
N HIS A 87 -10.80 -2.05 -13.64
CA HIS A 87 -12.21 -1.94 -13.98
C HIS A 87 -12.82 -0.75 -13.24
N LEU A 88 -12.09 -0.26 -12.27
CA LEU A 88 -12.55 0.88 -11.49
C LEU A 88 -11.64 2.08 -11.74
N LYS A 89 -10.39 1.76 -12.10
CA LYS A 89 -9.41 2.80 -12.38
C LYS A 89 -9.06 3.53 -11.08
N ARG A 90 -9.02 2.77 -10.00
CA ARG A 90 -8.70 3.33 -8.71
C ARG A 90 -7.63 2.49 -8.01
N VAL A 91 -7.46 2.74 -6.72
CA VAL A 91 -6.48 2.00 -5.94
C VAL A 91 -7.19 1.24 -4.83
N PHE A 92 -6.48 0.27 -4.27
CA PHE A 92 -7.02 -0.55 -3.20
C PHE A 92 -5.93 -0.92 -2.18
N LEU A 93 -6.38 -1.25 -0.98
CA LEU A 93 -5.46 -1.63 0.08
C LEU A 93 -5.93 -2.95 0.71
N ILE A 94 -5.15 -3.98 0.46
CA ILE A 94 -5.48 -5.30 0.99
C ILE A 94 -4.70 -5.52 2.30
N ASP A 95 -5.43 -5.48 3.39
CA ASP A 95 -4.84 -5.66 4.70
C ASP A 95 -4.37 -7.12 4.83
N LEU A 96 -3.25 -7.40 4.19
CA LEU A 96 -2.68 -8.74 4.23
C LEU A 96 -2.59 -9.21 5.67
N ASN A 97 -3.70 -9.76 6.16
CA ASN A 97 -3.76 -10.26 7.52
C ASN A 97 -2.92 -9.35 8.42
N SER A 98 -3.15 -8.05 8.29
CA SER A 98 -2.42 -7.08 9.09
C SER A 98 -2.55 -7.41 10.58
N THR A 99 -1.42 -7.37 11.26
CA THR A 99 -1.40 -7.66 12.68
C THR A 99 -2.64 -7.07 13.37
N HIS A 100 -2.98 -5.86 12.97
CA HIS A 100 -4.14 -5.19 13.53
C HIS A 100 -5.21 -5.00 12.45
N GLY A 101 -4.78 -4.41 11.35
CA GLY A 101 -5.69 -4.18 10.23
C GLY A 101 -5.38 -2.85 9.55
N THR A 102 -6.17 -2.54 8.53
CA THR A 102 -5.99 -1.30 7.79
C THR A 102 -7.29 -0.49 7.78
N PHE A 103 -7.14 0.81 7.58
CA PHE A 103 -8.28 1.70 7.54
C PHE A 103 -8.17 2.69 6.38
N LEU A 104 -9.31 3.26 6.01
CA LEU A 104 -9.35 4.23 4.93
C LEU A 104 -9.60 5.62 5.51
N GLY A 105 -8.88 5.92 6.58
CA GLY A 105 -9.03 7.22 7.23
C GLY A 105 -10.06 7.16 8.37
N HIS A 106 -11.25 6.71 8.01
CA HIS A 106 -12.33 6.60 8.98
C HIS A 106 -13.06 5.26 8.78
N ILE A 107 -12.48 4.42 7.93
CA ILE A 107 -13.06 3.13 7.64
C ILE A 107 -12.02 2.04 7.88
N ARG A 108 -12.50 0.81 8.00
CA ARG A 108 -11.62 -0.32 8.22
C ARG A 108 -11.79 -1.35 7.10
N LEU A 109 -10.70 -2.05 6.81
CA LEU A 109 -10.70 -3.06 5.77
C LEU A 109 -10.47 -4.43 6.39
N GLU A 110 -10.89 -5.46 5.66
CA GLU A 110 -10.73 -6.82 6.14
C GLU A 110 -9.33 -7.34 5.81
N PRO A 111 -8.88 -8.34 6.63
CA PRO A 111 -7.57 -8.93 6.45
C PRO A 111 -7.55 -9.86 5.23
N HIS A 112 -7.91 -9.29 4.08
CA HIS A 112 -7.93 -10.07 2.85
C HIS A 112 -8.73 -9.30 1.79
N LYS A 113 -9.86 -8.77 2.22
CA LYS A 113 -10.73 -8.02 1.32
C LYS A 113 -10.10 -6.65 1.05
N PRO A 114 -9.93 -6.34 -0.26
CA PRO A 114 -9.35 -5.08 -0.67
C PRO A 114 -10.35 -3.94 -0.51
N GLN A 115 -9.81 -2.75 -0.24
CA GLN A 115 -10.65 -1.58 -0.05
C GLN A 115 -10.16 -0.44 -0.96
N GLN A 116 -10.99 -0.12 -1.94
CA GLN A 116 -10.66 0.95 -2.87
C GLN A 116 -10.06 2.14 -2.13
N ILE A 117 -9.41 3.00 -2.90
CA ILE A 117 -8.79 4.19 -2.33
C ILE A 117 -9.03 5.38 -3.26
N PRO A 118 -9.89 6.31 -2.77
CA PRO A 118 -10.21 7.51 -3.54
C PRO A 118 -9.06 8.51 -3.51
N ILE A 119 -9.09 9.42 -4.47
CA ILE A 119 -8.06 10.44 -4.56
C ILE A 119 -8.18 11.40 -3.37
N ASP A 120 -7.03 11.91 -2.95
CA ASP A 120 -7.00 12.83 -1.83
C ASP A 120 -7.57 12.15 -0.60
N SER A 121 -7.66 10.84 -0.67
CA SER A 121 -8.19 10.04 0.43
C SER A 121 -7.16 9.96 1.56
N THR A 122 -7.42 9.06 2.49
CA THR A 122 -6.52 8.87 3.62
C THR A 122 -6.68 7.46 4.20
N VAL A 123 -5.55 6.86 4.51
CA VAL A 123 -5.55 5.51 5.07
C VAL A 123 -4.65 5.48 6.30
N SER A 124 -5.02 4.62 7.24
CA SER A 124 -4.26 4.47 8.47
C SER A 124 -4.11 2.99 8.83
N PHE A 125 -2.89 2.50 8.71
CA PHE A 125 -2.61 1.11 9.02
C PHE A 125 -2.67 0.86 10.52
N GLY A 126 -2.62 -0.41 10.88
CA GLY A 126 -2.68 -0.80 12.28
C GLY A 126 -1.50 -0.21 13.05
N ALA A 127 -0.35 -0.84 12.88
CA ALA A 127 0.86 -0.40 13.55
C ALA A 127 0.97 1.13 13.44
N SER A 128 1.51 1.58 12.32
CA SER A 128 1.68 2.99 12.09
C SER A 128 0.31 3.69 12.10
N THR A 129 0.31 4.90 12.66
CA THR A 129 -0.92 5.68 12.75
C THR A 129 -0.95 6.76 11.67
N ARG A 130 -0.01 6.65 10.74
CA ARG A 130 0.08 7.61 9.65
C ARG A 130 -1.28 7.80 8.99
N ALA A 131 -1.30 8.67 7.99
CA ALA A 131 -2.54 8.96 7.28
C ALA A 131 -2.24 9.02 5.78
N TYR A 132 -1.74 7.89 5.27
CA TYR A 132 -1.41 7.80 3.86
C TYR A 132 -2.52 8.43 3.00
N THR A 133 -2.18 9.53 2.36
CA THR A 133 -3.14 10.23 1.51
C THR A 133 -2.84 9.94 0.03
N LEU A 134 -3.68 9.10 -0.55
CA LEU A 134 -3.52 8.73 -1.94
C LEU A 134 -3.90 9.92 -2.82
N ARG A 135 -2.89 10.52 -3.44
CA ARG A 135 -3.11 11.66 -4.31
C ARG A 135 -3.16 11.21 -5.77
N GLU A 136 -3.25 12.20 -6.66
CA GLU A 136 -3.31 11.92 -8.08
C GLU A 136 -2.85 13.15 -8.88
N LYS A 137 -1.66 13.05 -9.43
CA LYS A 137 -1.09 14.13 -10.21
C LYS A 137 -2.21 14.80 -11.02
N PRO A 138 -2.72 15.93 -10.47
CA PRO A 138 -3.78 16.68 -11.12
C PRO A 138 -3.25 17.46 -12.33
N GLN A 139 -4.04 18.43 -12.76
CA GLN A 139 -3.66 19.24 -13.90
C GLN A 139 -2.30 19.90 -13.65
N THR A 140 -1.47 19.86 -14.68
CA THR A 140 -0.14 20.44 -14.59
C THR A 140 -0.13 21.86 -15.18
N MET A 9 29.66 -4.54 2.52
CA MET A 9 28.32 -4.50 3.08
C MET A 9 27.90 -5.89 3.59
N ALA A 10 27.23 -5.88 4.74
CA ALA A 10 26.77 -7.12 5.34
C ALA A 10 25.43 -7.51 4.71
N ALA A 11 25.34 -8.79 4.37
CA ALA A 11 24.13 -9.31 3.76
C ALA A 11 23.62 -10.51 4.58
N ALA A 12 22.80 -10.20 5.57
CA ALA A 12 22.24 -11.23 6.42
C ALA A 12 20.72 -11.28 6.22
N VAL A 13 20.33 -11.94 5.14
CA VAL A 13 18.92 -12.08 4.83
C VAL A 13 18.60 -13.54 4.56
N ASN A 14 17.36 -13.90 4.82
CA ASN A 14 16.91 -15.28 4.61
C ASN A 14 15.50 -15.26 4.00
N SER A 15 15.35 -16.05 2.95
CA SER A 15 14.06 -16.15 2.27
C SER A 15 13.00 -16.70 3.22
N GLY A 16 13.08 -18.00 3.47
CA GLY A 16 12.13 -18.64 4.35
C GLY A 16 11.30 -19.68 3.60
N SER A 17 9.99 -19.46 3.62
CA SER A 17 9.08 -20.36 2.94
C SER A 17 9.29 -20.28 1.42
N SER A 18 8.44 -21.00 0.70
CA SER A 18 8.52 -21.02 -0.75
C SER A 18 7.29 -20.33 -1.34
N LEU A 19 6.64 -19.51 -0.51
CA LEU A 19 5.47 -18.79 -0.95
C LEU A 19 5.88 -17.37 -1.37
N PRO A 20 5.00 -16.75 -2.22
CA PRO A 20 5.26 -15.40 -2.70
C PRO A 20 5.01 -14.37 -1.60
N LEU A 21 4.85 -13.12 -2.04
CA LEU A 21 4.60 -12.04 -1.10
C LEU A 21 3.19 -11.49 -1.32
N PHE A 22 2.75 -11.56 -2.57
CA PHE A 22 1.42 -11.10 -2.93
C PHE A 22 1.02 -11.58 -4.32
N ASP A 23 -0.27 -11.53 -4.57
CA ASP A 23 -0.79 -11.96 -5.86
C ASP A 23 -1.73 -10.88 -6.41
N CYS A 24 -1.35 -10.33 -7.56
CA CYS A 24 -2.14 -9.29 -8.20
C CYS A 24 -3.45 -9.91 -8.67
N PRO A 25 -4.55 -9.11 -8.53
CA PRO A 25 -5.86 -9.57 -8.93
C PRO A 25 -6.00 -9.55 -10.46
N THR A 26 -7.25 -9.58 -10.91
CA THR A 26 -7.52 -9.56 -12.34
C THR A 26 -8.22 -8.26 -12.73
N TRP A 27 -8.50 -7.44 -11.72
CA TRP A 27 -9.15 -6.17 -11.95
C TRP A 27 -8.07 -5.10 -12.06
N ALA A 28 -6.84 -5.52 -11.85
CA ALA A 28 -5.70 -4.61 -11.92
C ALA A 28 -5.37 -4.34 -13.39
N GLY A 29 -4.96 -3.11 -13.66
CA GLY A 29 -4.61 -2.70 -15.01
C GLY A 29 -3.29 -1.95 -15.02
N LYS A 30 -3.34 -0.72 -15.52
CA LYS A 30 -2.15 0.11 -15.60
C LYS A 30 -2.54 1.57 -15.32
N PRO A 31 -1.94 2.13 -14.24
CA PRO A 31 -2.22 3.50 -13.86
C PRO A 31 -1.51 4.48 -14.80
N PRO A 32 -2.19 5.63 -15.06
CA PRO A 32 -1.64 6.66 -15.93
C PRO A 32 -0.52 7.43 -15.23
N PRO A 33 0.31 8.11 -16.06
CA PRO A 33 1.42 8.90 -15.53
C PRO A 33 0.91 10.20 -14.92
N GLY A 34 0.23 10.06 -13.79
CA GLY A 34 -0.30 11.22 -13.10
C GLY A 34 -0.86 10.83 -11.72
N LEU A 35 -0.23 9.81 -11.14
CA LEU A 35 -0.64 9.33 -9.83
C LEU A 35 0.58 9.25 -8.91
N HIS A 36 0.31 9.23 -7.62
CA HIS A 36 1.37 9.14 -6.64
C HIS A 36 0.77 9.02 -5.24
N LEU A 37 1.46 8.26 -4.39
CA LEU A 37 1.01 8.06 -3.03
C LEU A 37 1.60 9.15 -2.13
N ASP A 38 1.30 9.04 -0.84
CA ASP A 38 1.78 10.00 0.13
C ASP A 38 1.61 9.43 1.54
N VAL A 39 2.26 10.08 2.49
CA VAL A 39 2.18 9.65 3.88
C VAL A 39 2.02 10.88 4.78
N VAL A 40 1.30 10.69 5.87
CA VAL A 40 1.06 11.76 6.82
C VAL A 40 1.05 11.19 8.24
N LYS A 41 1.80 11.84 9.11
CA LYS A 41 1.89 11.42 10.50
C LYS A 41 0.58 11.79 11.21
N GLY A 42 -0.17 12.67 10.58
CA GLY A 42 -1.44 13.11 11.15
C GLY A 42 -1.93 14.40 10.47
N ASP A 43 -1.10 15.44 10.56
CA ASP A 43 -1.43 16.71 9.97
C ASP A 43 -0.18 17.29 9.28
N LYS A 44 0.75 16.40 9.00
CA LYS A 44 2.00 16.81 8.35
C LYS A 44 2.43 15.71 7.37
N LEU A 45 2.70 16.14 6.14
CA LEU A 45 3.14 15.21 5.11
C LEU A 45 4.53 14.68 5.46
N ILE A 46 4.61 13.37 5.64
CA ILE A 46 5.86 12.73 5.97
C ILE A 46 6.70 12.58 4.70
N GLU A 47 6.32 11.60 3.89
CA GLU A 47 7.02 11.34 2.65
C GLU A 47 6.04 11.25 1.48
N LYS A 48 6.57 10.93 0.32
CA LYS A 48 5.75 10.80 -0.88
C LYS A 48 6.23 9.58 -1.68
N LEU A 49 5.27 8.96 -2.35
CA LEU A 49 5.57 7.79 -3.17
C LEU A 49 4.81 7.88 -4.48
N ILE A 50 5.18 7.01 -5.41
CA ILE A 50 4.56 6.99 -6.71
C ILE A 50 3.67 5.74 -6.83
N ILE A 51 2.62 5.87 -7.63
CA ILE A 51 1.69 4.76 -7.82
C ILE A 51 1.28 4.72 -9.29
N ASP A 52 2.03 5.43 -10.12
CA ASP A 52 1.75 5.47 -11.54
C ASP A 52 2.88 4.77 -12.31
N GLU A 53 3.19 3.57 -11.85
CA GLU A 53 4.23 2.78 -12.47
C GLU A 53 3.79 1.32 -12.63
N LYS A 54 3.22 0.80 -11.55
CA LYS A 54 2.74 -0.58 -11.55
C LYS A 54 1.23 -0.59 -11.36
N LYS A 55 0.69 -1.79 -11.21
CA LYS A 55 -0.74 -1.95 -11.00
C LYS A 55 -0.99 -2.59 -9.64
N TYR A 56 0.10 -2.93 -8.98
CA TYR A 56 0.01 -3.54 -7.66
C TYR A 56 1.35 -3.44 -6.92
N TYR A 57 1.30 -2.88 -5.73
CA TYR A 57 2.48 -2.72 -4.92
C TYR A 57 2.36 -3.49 -3.59
N LEU A 58 3.30 -3.23 -2.70
CA LEU A 58 3.30 -3.89 -1.40
C LEU A 58 3.46 -2.84 -0.30
N PHE A 59 3.40 -3.31 0.94
CA PHE A 59 3.53 -2.42 2.08
C PHE A 59 3.79 -3.22 3.36
N GLY A 60 5.01 -3.07 3.87
CA GLY A 60 5.40 -3.76 5.09
C GLY A 60 6.68 -3.17 5.67
N ARG A 61 7.77 -3.90 5.46
CA ARG A 61 9.07 -3.46 5.96
C ARG A 61 10.19 -4.07 5.12
N ASN A 62 10.03 -5.35 4.81
CA ASN A 62 11.02 -6.06 4.02
C ASN A 62 10.82 -5.72 2.53
N PRO A 63 11.82 -4.99 1.97
CA PRO A 63 11.76 -4.60 0.58
C PRO A 63 12.07 -5.78 -0.34
N ASP A 64 12.72 -6.77 0.24
CA ASP A 64 13.08 -7.96 -0.51
C ASP A 64 11.81 -8.64 -1.04
N LEU A 65 10.69 -8.23 -0.46
CA LEU A 65 9.40 -8.79 -0.85
C LEU A 65 8.49 -7.65 -1.31
N CYS A 66 8.43 -6.61 -0.50
CA CYS A 66 7.60 -5.46 -0.81
C CYS A 66 8.46 -4.43 -1.55
N ASP A 67 7.78 -3.47 -2.15
CA ASP A 67 8.47 -2.42 -2.89
C ASP A 67 8.70 -1.22 -1.98
N PHE A 68 7.78 -1.05 -1.04
CA PHE A 68 7.87 0.05 -0.10
C PHE A 68 8.29 -0.45 1.29
N THR A 69 8.19 0.44 2.27
CA THR A 69 8.56 0.11 3.63
C THR A 69 7.84 1.03 4.62
N ILE A 70 7.00 0.42 5.44
CA ILE A 70 6.24 1.17 6.44
C ILE A 70 7.21 1.74 7.47
N ASP A 71 8.32 1.04 7.66
CA ASP A 71 9.32 1.46 8.62
C ASP A 71 8.70 1.49 10.02
N HIS A 72 8.13 0.35 10.41
CA HIS A 72 7.51 0.24 11.72
C HIS A 72 8.01 -1.03 12.41
N GLN A 73 7.39 -1.33 13.54
CA GLN A 73 7.75 -2.51 14.30
C GLN A 73 6.56 -3.45 14.42
N SER A 74 5.37 -2.87 14.46
CA SER A 74 4.15 -3.65 14.57
C SER A 74 3.81 -4.27 13.21
N CYS A 75 3.98 -3.47 12.18
CA CYS A 75 3.70 -3.94 10.82
C CYS A 75 4.46 -5.24 10.58
N SER A 76 4.34 -5.74 9.36
CA SER A 76 5.01 -6.97 9.00
C SER A 76 5.69 -6.82 7.64
N ARG A 77 6.47 -7.84 7.29
CA ARG A 77 7.19 -7.82 6.02
C ARG A 77 6.26 -7.38 4.89
N VAL A 78 5.07 -7.98 4.87
CA VAL A 78 4.10 -7.66 3.85
C VAL A 78 2.77 -7.28 4.52
N HIS A 79 2.83 -6.23 5.33
CA HIS A 79 1.65 -5.77 6.04
C HIS A 79 0.44 -5.83 5.11
N ALA A 80 0.57 -5.16 3.98
CA ALA A 80 -0.51 -5.12 3.00
C ALA A 80 0.08 -4.89 1.61
N ALA A 81 -0.81 -4.68 0.65
CA ALA A 81 -0.40 -4.44 -0.72
C ALA A 81 -1.44 -3.58 -1.43
N LEU A 82 -0.95 -2.72 -2.31
CA LEU A 82 -1.83 -1.83 -3.05
C LEU A 82 -2.16 -2.47 -4.41
N VAL A 83 -3.27 -2.02 -4.98
CA VAL A 83 -3.70 -2.54 -6.27
C VAL A 83 -4.54 -1.47 -6.97
N TYR A 84 -4.10 -1.13 -8.18
CA TYR A 84 -4.80 -0.13 -8.97
C TYR A 84 -5.89 -0.77 -9.83
N HIS A 85 -7.13 -0.46 -9.50
CA HIS A 85 -8.27 -1.00 -10.23
C HIS A 85 -8.26 -0.45 -11.66
N LYS A 86 -8.85 -1.23 -12.55
CA LYS A 86 -8.93 -0.83 -13.95
C LYS A 86 -10.38 -0.55 -14.32
N HIS A 87 -11.26 -1.41 -13.86
CA HIS A 87 -12.68 -1.27 -14.13
C HIS A 87 -13.24 -0.11 -13.31
N LEU A 88 -12.43 0.36 -12.37
CA LEU A 88 -12.83 1.46 -11.52
C LEU A 88 -11.91 2.66 -11.75
N LYS A 89 -10.69 2.34 -12.15
CA LYS A 89 -9.70 3.37 -12.42
C LYS A 89 -9.29 4.03 -11.10
N ARG A 90 -9.22 3.21 -10.06
CA ARG A 90 -8.85 3.70 -8.74
C ARG A 90 -7.79 2.80 -8.12
N VAL A 91 -7.57 2.99 -6.83
CA VAL A 91 -6.59 2.19 -6.10
C VAL A 91 -7.30 1.37 -5.03
N PHE A 92 -6.57 0.40 -4.49
CA PHE A 92 -7.12 -0.46 -3.45
C PHE A 92 -6.03 -0.88 -2.47
N LEU A 93 -6.47 -1.21 -1.26
CA LEU A 93 -5.55 -1.62 -0.21
C LEU A 93 -5.98 -2.98 0.33
N ILE A 94 -5.22 -4.01 -0.02
CA ILE A 94 -5.52 -5.35 0.43
C ILE A 94 -4.75 -5.63 1.72
N ASP A 95 -5.49 -5.68 2.82
CA ASP A 95 -4.90 -5.94 4.12
C ASP A 95 -4.43 -7.40 4.18
N LEU A 96 -3.24 -7.62 3.63
CA LEU A 96 -2.68 -8.96 3.62
C LEU A 96 -2.56 -9.48 5.05
N ASN A 97 -3.68 -10.01 5.53
CA ASN A 97 -3.73 -10.55 6.89
C ASN A 97 -2.85 -9.71 7.80
N SER A 98 -3.08 -8.40 7.75
CA SER A 98 -2.31 -7.47 8.57
C SER A 98 -2.41 -7.87 10.04
N THR A 99 -1.25 -7.89 10.69
CA THR A 99 -1.20 -8.25 12.09
C THR A 99 -2.44 -7.75 12.84
N HIS A 100 -2.83 -6.53 12.50
CA HIS A 100 -4.00 -5.93 13.12
C HIS A 100 -5.08 -5.71 12.06
N GLY A 101 -4.76 -4.88 11.08
CA GLY A 101 -5.69 -4.58 10.01
C GLY A 101 -5.38 -3.22 9.38
N THR A 102 -6.09 -2.92 8.30
CA THR A 102 -5.91 -1.66 7.60
C THR A 102 -7.21 -0.85 7.62
N PHE A 103 -7.05 0.46 7.50
CA PHE A 103 -8.19 1.36 7.50
C PHE A 103 -8.05 2.43 6.41
N LEU A 104 -9.18 3.03 6.08
CA LEU A 104 -9.20 4.06 5.05
C LEU A 104 -9.68 5.38 5.68
N GLY A 105 -8.92 5.84 6.65
CA GLY A 105 -9.25 7.08 7.33
C GLY A 105 -10.15 6.82 8.54
N HIS A 106 -11.35 6.36 8.27
CA HIS A 106 -12.30 6.06 9.33
C HIS A 106 -13.00 4.72 9.03
N ILE A 107 -12.46 4.01 8.05
CA ILE A 107 -13.02 2.74 7.66
C ILE A 107 -11.96 1.64 7.86
N ARG A 108 -12.45 0.41 7.93
CA ARG A 108 -11.56 -0.73 8.12
C ARG A 108 -11.73 -1.73 6.97
N LEU A 109 -10.63 -2.39 6.65
CA LEU A 109 -10.64 -3.38 5.58
C LEU A 109 -10.41 -4.77 6.18
N GLU A 110 -10.80 -5.77 5.41
CA GLU A 110 -10.64 -7.16 5.85
C GLU A 110 -9.24 -7.66 5.48
N PRO A 111 -8.80 -8.70 6.24
CA PRO A 111 -7.48 -9.28 6.01
C PRO A 111 -7.48 -10.15 4.76
N HIS A 112 -7.85 -9.52 3.64
CA HIS A 112 -7.89 -10.23 2.37
C HIS A 112 -8.71 -9.41 1.36
N LYS A 113 -9.84 -8.92 1.83
CA LYS A 113 -10.72 -8.13 0.99
C LYS A 113 -10.08 -6.75 0.76
N PRO A 114 -9.95 -6.39 -0.55
CA PRO A 114 -9.37 -5.11 -0.92
C PRO A 114 -10.35 -3.97 -0.67
N GLN A 115 -9.80 -2.78 -0.45
CA GLN A 115 -10.61 -1.61 -0.20
C GLN A 115 -10.15 -0.45 -1.08
N GLN A 116 -11.01 -0.09 -2.02
CA GLN A 116 -10.70 0.99 -2.94
C GLN A 116 -10.07 2.17 -2.19
N ILE A 117 -9.45 3.05 -2.95
CA ILE A 117 -8.82 4.22 -2.36
C ILE A 117 -9.07 5.45 -3.25
N PRO A 118 -9.93 6.36 -2.72
CA PRO A 118 -10.27 7.57 -3.45
C PRO A 118 -9.12 8.58 -3.42
N ILE A 119 -9.16 9.51 -4.35
CA ILE A 119 -8.13 10.54 -4.43
C ILE A 119 -8.23 11.46 -3.20
N ASP A 120 -7.07 11.93 -2.77
CA ASP A 120 -7.01 12.81 -1.62
C ASP A 120 -7.53 12.07 -0.39
N SER A 121 -7.65 10.76 -0.53
CA SER A 121 -8.15 9.93 0.56
C SER A 121 -7.09 9.85 1.67
N THR A 122 -7.36 8.97 2.63
CA THR A 122 -6.46 8.78 3.74
C THR A 122 -6.61 7.38 4.33
N VAL A 123 -5.48 6.69 4.43
CA VAL A 123 -5.48 5.34 4.96
C VAL A 123 -4.56 5.28 6.18
N SER A 124 -4.89 4.38 7.10
CA SER A 124 -4.11 4.22 8.31
C SER A 124 -4.02 2.74 8.68
N PHE A 125 -2.82 2.20 8.58
CA PHE A 125 -2.60 0.80 8.91
C PHE A 125 -2.71 0.57 10.41
N GLY A 126 -3.00 -0.68 10.77
CA GLY A 126 -3.13 -1.06 12.17
C GLY A 126 -1.84 -0.78 12.93
N ALA A 127 -0.82 -1.56 12.63
CA ALA A 127 0.48 -1.40 13.27
C ALA A 127 0.84 0.09 13.33
N SER A 128 1.33 0.58 12.20
CA SER A 128 1.71 1.99 12.12
C SER A 128 0.51 2.88 12.43
N THR A 129 0.76 4.19 12.39
CA THR A 129 -0.28 5.16 12.67
C THR A 129 -0.22 6.31 11.67
N ARG A 130 0.26 5.99 10.48
CA ARG A 130 0.38 6.98 9.42
C ARG A 130 -0.99 7.30 8.83
N ALA A 131 -0.99 8.20 7.85
CA ALA A 131 -2.22 8.59 7.20
C ALA A 131 -1.98 8.72 5.69
N TYR A 132 -1.61 7.60 5.09
CA TYR A 132 -1.34 7.56 3.67
C TYR A 132 -2.45 8.27 2.89
N THR A 133 -2.08 9.39 2.26
CA THR A 133 -3.03 10.16 1.49
C THR A 133 -2.80 9.95 -0.01
N LEU A 134 -3.59 9.07 -0.58
CA LEU A 134 -3.48 8.76 -2.01
C LEU A 134 -3.91 9.99 -2.81
N ARG A 135 -2.94 10.60 -3.46
CA ARG A 135 -3.20 11.79 -4.27
C ARG A 135 -3.28 11.39 -5.75
N GLU A 136 -3.36 12.42 -6.59
CA GLU A 136 -3.45 12.20 -8.02
C GLU A 136 -2.98 13.44 -8.78
N LYS A 137 -1.80 13.34 -9.36
CA LYS A 137 -1.23 14.45 -10.11
C LYS A 137 -2.34 15.17 -10.87
N PRO A 138 -2.81 16.29 -10.26
CA PRO A 138 -3.87 17.09 -10.88
C PRO A 138 -3.34 17.89 -12.06
N GLN A 139 -4.11 18.91 -12.43
CA GLN A 139 -3.72 19.76 -13.54
C GLN A 139 -2.38 20.42 -13.26
N THR A 140 -1.68 20.76 -14.34
CA THR A 140 -0.39 21.40 -14.22
C THR A 140 -0.43 22.82 -14.78
N MET A 9 17.14 -26.54 -1.68
CA MET A 9 16.84 -25.14 -1.47
C MET A 9 17.63 -24.25 -2.42
N ALA A 10 18.17 -24.89 -3.46
CA ALA A 10 18.94 -24.17 -4.45
C ALA A 10 18.11 -23.02 -5.03
N ALA A 11 18.40 -21.82 -4.55
CA ALA A 11 17.68 -20.64 -5.00
C ALA A 11 18.68 -19.59 -5.48
N ALA A 12 18.45 -19.12 -6.70
CA ALA A 12 19.33 -18.10 -7.28
C ALA A 12 18.48 -17.00 -7.91
N VAL A 13 17.43 -16.63 -7.19
CA VAL A 13 16.52 -15.59 -7.65
C VAL A 13 16.35 -14.54 -6.55
N ASN A 14 15.70 -14.97 -5.49
CA ASN A 14 15.44 -14.09 -4.35
C ASN A 14 15.62 -14.88 -3.05
N SER A 15 16.53 -14.39 -2.22
CA SER A 15 16.80 -15.03 -0.94
C SER A 15 15.50 -15.19 -0.15
N GLY A 16 15.16 -16.45 0.09
CA GLY A 16 13.94 -16.75 0.83
C GLY A 16 13.26 -18.01 0.27
N SER A 17 13.15 -19.02 1.12
CA SER A 17 12.53 -20.27 0.72
C SER A 17 11.24 -20.48 1.52
N SER A 18 10.40 -19.45 1.51
CA SER A 18 9.14 -19.51 2.22
C SER A 18 8.08 -18.68 1.47
N LEU A 19 6.91 -18.58 2.08
CA LEU A 19 5.82 -17.83 1.49
C LEU A 19 6.34 -16.48 1.00
N PRO A 20 5.59 -15.90 0.02
CA PRO A 20 5.97 -14.61 -0.53
C PRO A 20 5.65 -13.47 0.44
N LEU A 21 5.58 -12.27 -0.11
CA LEU A 21 5.27 -11.10 0.69
C LEU A 21 3.87 -10.59 0.34
N PHE A 22 3.47 -10.88 -0.90
CA PHE A 22 2.16 -10.45 -1.37
C PHE A 22 1.76 -11.22 -2.63
N ASP A 23 0.49 -11.09 -2.99
CA ASP A 23 -0.03 -11.76 -4.17
C ASP A 23 -0.85 -10.77 -4.99
N CYS A 24 -0.37 -10.50 -6.19
CA CYS A 24 -1.05 -9.58 -7.08
C CYS A 24 -2.34 -10.25 -7.58
N PRO A 25 -3.43 -9.45 -7.58
CA PRO A 25 -4.72 -9.95 -8.03
C PRO A 25 -4.77 -10.08 -9.55
N THR A 26 -5.99 -10.16 -10.07
CA THR A 26 -6.19 -10.29 -11.50
C THR A 26 -6.95 -9.08 -12.05
N TRP A 27 -7.26 -8.16 -11.15
CA TRP A 27 -7.99 -6.97 -11.52
C TRP A 27 -6.98 -5.83 -11.68
N ALA A 28 -5.73 -6.15 -11.40
CA ALA A 28 -4.65 -5.17 -11.50
C ALA A 28 -4.31 -4.96 -12.98
N GLY A 29 -4.10 -3.70 -13.33
CA GLY A 29 -3.76 -3.35 -14.71
C GLY A 29 -2.48 -2.51 -14.76
N LYS A 30 -2.64 -1.27 -15.18
CA LYS A 30 -1.52 -0.36 -15.29
C LYS A 30 -1.99 1.07 -15.09
N PRO A 31 -1.49 1.70 -14.00
CA PRO A 31 -1.85 3.07 -13.68
C PRO A 31 -1.16 4.06 -14.62
N PRO A 32 -1.90 5.15 -14.95
CA PRO A 32 -1.36 6.18 -15.83
C PRO A 32 -0.33 7.05 -15.10
N PRO A 33 0.53 7.71 -15.92
CA PRO A 33 1.56 8.57 -15.37
C PRO A 33 0.97 9.89 -14.85
N GLY A 34 0.26 9.79 -13.74
CA GLY A 34 -0.37 10.95 -13.14
C GLY A 34 -0.93 10.62 -11.76
N LEU A 35 -0.28 9.68 -11.10
CA LEU A 35 -0.70 9.26 -9.77
C LEU A 35 0.50 9.29 -8.82
N HIS A 36 0.20 9.31 -7.53
CA HIS A 36 1.23 9.33 -6.51
C HIS A 36 0.60 9.23 -5.13
N LEU A 37 1.32 8.58 -4.23
CA LEU A 37 0.84 8.40 -2.87
C LEU A 37 1.29 9.60 -2.03
N ASP A 38 1.00 9.51 -0.73
CA ASP A 38 1.37 10.57 0.19
C ASP A 38 1.24 10.06 1.63
N VAL A 39 1.75 10.85 2.56
CA VAL A 39 1.71 10.48 3.96
C VAL A 39 1.52 11.75 4.80
N VAL A 40 0.76 11.60 5.87
CA VAL A 40 0.49 12.71 6.77
C VAL A 40 0.45 12.20 8.22
N LYS A 41 1.08 12.97 9.09
CA LYS A 41 1.12 12.62 10.50
C LYS A 41 -0.18 13.05 11.17
N GLY A 42 -0.94 13.86 10.45
CA GLY A 42 -2.21 14.36 10.96
C GLY A 42 -2.75 15.48 10.09
N ASP A 43 -2.04 16.61 10.10
CA ASP A 43 -2.43 17.76 9.32
C ASP A 43 -1.21 18.35 8.62
N LYS A 44 -0.16 17.52 8.53
CA LYS A 44 1.07 17.95 7.89
C LYS A 44 1.61 16.81 7.04
N LEU A 45 1.80 17.11 5.76
CA LEU A 45 2.32 16.12 4.83
C LEU A 45 3.74 15.72 5.24
N ILE A 46 3.90 14.45 5.55
CA ILE A 46 5.20 13.94 5.96
C ILE A 46 6.09 13.76 4.72
N GLU A 47 5.73 12.76 3.92
CA GLU A 47 6.49 12.47 2.71
C GLU A 47 5.53 12.22 1.54
N LYS A 48 6.11 11.84 0.42
CA LYS A 48 5.33 11.56 -0.77
C LYS A 48 5.89 10.33 -1.48
N LEU A 49 5.00 9.62 -2.17
CA LEU A 49 5.40 8.42 -2.88
C LEU A 49 4.68 8.38 -4.23
N ILE A 50 5.15 7.48 -5.09
CA ILE A 50 4.56 7.33 -6.41
C ILE A 50 3.84 5.98 -6.49
N ILE A 51 2.77 5.96 -7.27
CA ILE A 51 1.99 4.76 -7.44
C ILE A 51 1.58 4.62 -8.92
N ASP A 52 2.23 5.42 -9.74
CA ASP A 52 1.94 5.40 -11.17
C ASP A 52 3.11 4.72 -11.91
N GLU A 53 3.40 3.50 -11.48
CA GLU A 53 4.48 2.74 -12.09
C GLU A 53 4.10 1.26 -12.20
N LYS A 54 3.59 0.73 -11.10
CA LYS A 54 3.18 -0.66 -11.05
C LYS A 54 1.66 -0.73 -10.86
N LYS A 55 1.18 -1.95 -10.66
CA LYS A 55 -0.23 -2.17 -10.46
C LYS A 55 -0.46 -2.78 -9.07
N TYR A 56 0.64 -3.02 -8.38
CA TYR A 56 0.58 -3.60 -7.05
C TYR A 56 1.91 -3.43 -6.31
N TYR A 57 1.82 -2.84 -5.13
CA TYR A 57 3.01 -2.62 -4.32
C TYR A 57 2.87 -3.28 -2.95
N LEU A 58 3.77 -2.91 -2.05
CA LEU A 58 3.76 -3.46 -0.71
C LEU A 58 3.85 -2.32 0.30
N PHE A 59 3.68 -2.68 1.57
CA PHE A 59 3.75 -1.70 2.64
C PHE A 59 3.97 -2.38 3.99
N GLY A 60 5.19 -2.22 4.50
CA GLY A 60 5.54 -2.81 5.78
C GLY A 60 6.77 -2.11 6.39
N ARG A 61 7.92 -2.74 6.23
CA ARG A 61 9.15 -2.20 6.76
C ARG A 61 10.35 -2.77 6.00
N ASN A 62 10.29 -4.07 5.76
CA ASN A 62 11.36 -4.75 5.05
C ASN A 62 11.20 -4.52 3.55
N PRO A 63 12.16 -3.74 2.98
CA PRO A 63 12.13 -3.44 1.56
C PRO A 63 12.58 -4.64 0.73
N ASP A 64 13.28 -5.55 1.39
CA ASP A 64 13.77 -6.76 0.74
C ASP A 64 12.58 -7.55 0.22
N LEU A 65 11.40 -7.22 0.73
CA LEU A 65 10.19 -7.90 0.32
C LEU A 65 9.18 -6.88 -0.22
N CYS A 66 9.04 -5.80 0.52
CA CYS A 66 8.13 -4.73 0.14
C CYS A 66 8.91 -3.70 -0.67
N ASP A 67 8.16 -2.82 -1.32
CA ASP A 67 8.76 -1.78 -2.14
C ASP A 67 8.92 -0.51 -1.30
N PHE A 68 7.98 -0.32 -0.39
CA PHE A 68 8.00 0.85 0.48
C PHE A 68 8.37 0.46 1.91
N THR A 69 8.21 1.42 2.81
CA THR A 69 8.53 1.19 4.21
C THR A 69 7.67 2.09 5.10
N ILE A 70 6.92 1.45 5.98
CA ILE A 70 6.06 2.19 6.90
C ILE A 70 6.92 2.91 7.94
N ASP A 71 8.06 2.31 8.24
CA ASP A 71 8.98 2.89 9.20
C ASP A 71 8.30 2.93 10.57
N HIS A 72 8.16 1.76 11.17
CA HIS A 72 7.53 1.65 12.47
C HIS A 72 7.89 0.31 13.11
N GLN A 73 7.62 0.21 14.40
CA GLN A 73 7.91 -1.01 15.13
C GLN A 73 6.68 -1.92 15.14
N SER A 74 5.52 -1.30 15.21
CA SER A 74 4.26 -2.04 15.23
C SER A 74 4.05 -2.72 13.88
N CYS A 75 4.24 -1.96 12.82
CA CYS A 75 4.07 -2.48 11.48
C CYS A 75 4.85 -3.79 11.37
N SER A 76 4.72 -4.43 10.22
CA SER A 76 5.41 -5.69 9.97
C SER A 76 6.06 -5.67 8.58
N ARG A 77 6.96 -6.61 8.37
CA ARG A 77 7.65 -6.72 7.10
C ARG A 77 6.70 -6.40 5.95
N VAL A 78 5.56 -7.07 5.96
CA VAL A 78 4.56 -6.87 4.92
C VAL A 78 3.21 -6.53 5.58
N HIS A 79 3.17 -5.35 6.19
CA HIS A 79 1.96 -4.89 6.85
C HIS A 79 0.78 -5.02 5.90
N ALA A 80 0.99 -4.56 4.67
CA ALA A 80 -0.05 -4.62 3.66
C ALA A 80 0.56 -4.37 2.29
N ALA A 81 -0.31 -4.26 1.29
CA ALA A 81 0.14 -4.01 -0.07
C ALA A 81 -0.95 -3.24 -0.82
N LEU A 82 -0.51 -2.47 -1.81
CA LEU A 82 -1.44 -1.69 -2.61
C LEU A 82 -1.66 -2.39 -3.95
N VAL A 83 -2.80 -2.09 -4.55
CA VAL A 83 -3.15 -2.68 -5.84
C VAL A 83 -4.03 -1.69 -6.62
N TYR A 84 -3.54 -1.35 -7.81
CA TYR A 84 -4.26 -0.42 -8.66
C TYR A 84 -5.26 -1.16 -9.55
N HIS A 85 -6.53 -0.97 -9.24
CA HIS A 85 -7.60 -1.60 -10.00
C HIS A 85 -7.57 -1.12 -11.44
N LYS A 86 -8.05 -1.96 -12.34
CA LYS A 86 -8.08 -1.63 -13.75
C LYS A 86 -9.53 -1.47 -14.20
N HIS A 87 -10.37 -2.39 -13.74
CA HIS A 87 -11.78 -2.36 -14.08
C HIS A 87 -12.47 -1.23 -13.33
N LEU A 88 -11.76 -0.68 -12.35
CA LEU A 88 -12.29 0.41 -11.56
C LEU A 88 -11.45 1.67 -11.82
N LYS A 89 -10.20 1.44 -12.18
CA LYS A 89 -9.29 2.55 -12.45
C LYS A 89 -8.99 3.29 -11.15
N ARG A 90 -8.89 2.52 -10.07
CA ARG A 90 -8.61 3.09 -8.76
C ARG A 90 -7.50 2.31 -8.07
N VAL A 91 -7.36 2.56 -6.78
CA VAL A 91 -6.34 1.88 -5.99
C VAL A 91 -7.01 1.06 -4.88
N PHE A 92 -6.22 0.18 -4.28
CA PHE A 92 -6.73 -0.65 -3.21
C PHE A 92 -5.64 -0.94 -2.18
N LEU A 93 -6.08 -1.24 -0.97
CA LEU A 93 -5.16 -1.53 0.12
C LEU A 93 -5.53 -2.87 0.75
N ILE A 94 -4.73 -3.88 0.43
CA ILE A 94 -4.95 -5.21 0.96
C ILE A 94 -4.22 -5.36 2.29
N ASP A 95 -5.01 -5.43 3.35
CA ASP A 95 -4.45 -5.58 4.69
C ASP A 95 -3.92 -7.01 4.86
N LEU A 96 -2.69 -7.21 4.43
CA LEU A 96 -2.05 -8.51 4.53
C LEU A 96 -1.96 -8.92 6.01
N ASN A 97 -3.06 -9.43 6.52
CA ASN A 97 -3.11 -9.85 7.91
C ASN A 97 -2.33 -8.86 8.77
N SER A 98 -2.64 -7.59 8.58
CA SER A 98 -1.96 -6.54 9.33
C SER A 98 -2.05 -6.83 10.83
N THR A 99 -0.94 -6.60 11.51
CA THR A 99 -0.87 -6.84 12.94
C THR A 99 -2.19 -6.42 13.61
N HIS A 100 -2.64 -5.23 13.26
CA HIS A 100 -3.87 -4.70 13.81
C HIS A 100 -4.94 -4.63 12.71
N GLY A 101 -4.55 -4.02 11.60
CA GLY A 101 -5.46 -3.88 10.48
C GLY A 101 -5.25 -2.54 9.77
N THR A 102 -5.95 -2.38 8.65
CA THR A 102 -5.84 -1.16 7.88
C THR A 102 -7.19 -0.44 7.83
N PHE A 103 -7.12 0.87 7.61
CA PHE A 103 -8.32 1.68 7.54
C PHE A 103 -8.25 2.68 6.39
N LEU A 104 -9.40 3.22 6.04
CA LEU A 104 -9.48 4.18 4.96
C LEU A 104 -10.04 5.50 5.49
N GLY A 105 -9.38 6.03 6.51
CA GLY A 105 -9.81 7.28 7.12
C GLY A 105 -10.70 7.02 8.33
N HIS A 106 -11.88 6.47 8.05
CA HIS A 106 -12.83 6.17 9.11
C HIS A 106 -13.42 4.78 8.89
N ILE A 107 -12.81 4.06 7.96
CA ILE A 107 -13.26 2.71 7.64
C ILE A 107 -12.13 1.72 7.90
N ARG A 108 -12.51 0.46 8.05
CA ARG A 108 -11.54 -0.59 8.30
C ARG A 108 -11.63 -1.67 7.21
N LEU A 109 -10.48 -2.25 6.90
CA LEU A 109 -10.40 -3.29 5.90
C LEU A 109 -10.10 -4.63 6.56
N GLU A 110 -10.43 -5.70 5.87
CA GLU A 110 -10.20 -7.03 6.38
C GLU A 110 -8.75 -7.46 6.11
N PRO A 111 -8.26 -8.41 6.95
CA PRO A 111 -6.90 -8.90 6.82
C PRO A 111 -6.78 -9.85 5.61
N HIS A 112 -7.22 -9.36 4.47
CA HIS A 112 -7.17 -10.15 3.24
C HIS A 112 -7.98 -9.45 2.15
N LYS A 113 -9.16 -9.01 2.53
CA LYS A 113 -10.05 -8.32 1.59
C LYS A 113 -9.49 -6.92 1.31
N PRO A 114 -9.32 -6.64 -0.01
CA PRO A 114 -8.80 -5.34 -0.43
C PRO A 114 -9.87 -4.25 -0.29
N GLN A 115 -9.39 -3.02 -0.15
CA GLN A 115 -10.29 -1.89 -0.01
C GLN A 115 -9.86 -0.76 -0.94
N GLN A 116 -10.70 -0.50 -1.94
CA GLN A 116 -10.42 0.55 -2.91
C GLN A 116 -9.90 1.80 -2.19
N ILE A 117 -9.32 2.69 -2.97
CA ILE A 117 -8.78 3.93 -2.43
C ILE A 117 -9.05 5.06 -3.41
N PRO A 118 -10.00 5.96 -3.01
CA PRO A 118 -10.36 7.10 -3.84
C PRO A 118 -9.27 8.18 -3.80
N ILE A 119 -9.37 9.11 -4.74
CA ILE A 119 -8.40 10.19 -4.83
C ILE A 119 -8.61 11.15 -3.65
N ASP A 120 -7.52 11.78 -3.24
CA ASP A 120 -7.57 12.72 -2.14
C ASP A 120 -8.15 12.02 -0.91
N SER A 121 -8.11 10.70 -0.95
CA SER A 121 -8.62 9.90 0.16
C SER A 121 -7.65 9.96 1.34
N THR A 122 -7.96 9.16 2.35
CA THR A 122 -7.13 9.12 3.54
C THR A 122 -7.25 7.76 4.22
N VAL A 123 -6.09 7.15 4.45
CA VAL A 123 -6.05 5.84 5.09
C VAL A 123 -5.20 5.93 6.36
N SER A 124 -5.27 4.86 7.15
CA SER A 124 -4.52 4.81 8.40
C SER A 124 -4.29 3.35 8.81
N PHE A 125 -3.03 2.95 8.75
CA PHE A 125 -2.66 1.59 9.11
C PHE A 125 -2.69 1.40 10.62
N GLY A 126 -2.88 0.15 11.03
CA GLY A 126 -2.93 -0.18 12.44
C GLY A 126 -1.69 0.34 13.17
N ALA A 127 -0.59 -0.38 12.98
CA ALA A 127 0.66 -0.02 13.61
C ALA A 127 0.80 1.51 13.59
N SER A 128 1.21 2.02 12.45
CA SER A 128 1.39 3.46 12.28
C SER A 128 0.06 4.18 12.51
N THR A 129 0.13 5.50 12.46
CA THR A 129 -1.05 6.32 12.67
C THR A 129 -1.13 7.42 11.60
N ARG A 130 -0.23 7.33 10.63
CA ARG A 130 -0.18 8.31 9.57
C ARG A 130 -1.55 8.45 8.92
N ALA A 131 -1.59 9.25 7.86
CA ALA A 131 -2.84 9.48 7.14
C ALA A 131 -2.56 9.47 5.63
N TYR A 132 -2.13 8.31 5.15
CA TYR A 132 -1.83 8.16 3.74
C TYR A 132 -2.95 8.75 2.87
N THR A 133 -2.61 9.84 2.20
CA THR A 133 -3.57 10.51 1.34
C THR A 133 -3.26 10.22 -0.13
N LEU A 134 -3.99 9.25 -0.67
CA LEU A 134 -3.79 8.88 -2.06
C LEU A 134 -4.23 10.02 -2.97
N ARG A 135 -3.24 10.66 -3.59
CA ARG A 135 -3.52 11.77 -4.48
C ARG A 135 -3.49 11.31 -5.93
N GLU A 136 -3.56 12.28 -6.83
CA GLU A 136 -3.53 11.98 -8.25
C GLU A 136 -3.17 13.24 -9.05
N LYS A 137 -1.99 13.20 -9.66
CA LYS A 137 -1.52 14.33 -10.44
C LYS A 137 -2.70 14.94 -11.20
N PRO A 138 -3.25 16.04 -10.61
CA PRO A 138 -4.37 16.73 -11.23
C PRO A 138 -3.93 17.54 -12.45
N GLN A 139 -4.78 18.48 -12.83
CA GLN A 139 -4.49 19.33 -13.97
C GLN A 139 -3.08 19.91 -13.85
N THR A 140 -2.43 20.04 -15.00
CA THR A 140 -1.07 20.58 -15.03
C THR A 140 -1.10 22.10 -14.97
N MET A 9 17.33 1.50 10.15
CA MET A 9 17.64 1.54 8.73
C MET A 9 17.23 0.23 8.04
N ALA A 10 16.55 0.38 6.92
CA ALA A 10 16.10 -0.77 6.15
C ALA A 10 17.22 -1.82 6.12
N ALA A 11 16.83 -3.06 6.39
CA ALA A 11 17.79 -4.15 6.38
C ALA A 11 17.60 -4.98 5.10
N ALA A 12 18.50 -5.93 4.90
CA ALA A 12 18.45 -6.78 3.74
C ALA A 12 18.57 -8.25 4.19
N VAL A 13 17.40 -8.87 4.37
CA VAL A 13 17.36 -10.26 4.80
C VAL A 13 16.45 -11.04 3.84
N ASN A 14 16.88 -12.26 3.54
CA ASN A 14 16.12 -13.12 2.65
C ASN A 14 15.96 -14.50 3.31
N SER A 15 14.78 -14.73 3.85
CA SER A 15 14.49 -16.00 4.50
C SER A 15 13.03 -16.40 4.24
N GLY A 16 12.88 -17.65 3.82
CA GLY A 16 11.55 -18.17 3.54
C GLY A 16 11.54 -18.99 2.23
N SER A 17 11.41 -18.27 1.13
CA SER A 17 11.40 -18.91 -0.17
C SER A 17 10.14 -19.77 -0.32
N SER A 18 9.24 -19.62 0.64
CA SER A 18 8.00 -20.37 0.63
C SER A 18 6.84 -19.48 0.14
N LEU A 19 6.24 -19.90 -0.95
CA LEU A 19 5.13 -19.15 -1.52
C LEU A 19 5.59 -17.73 -1.83
N PRO A 20 4.76 -17.03 -2.65
CA PRO A 20 5.08 -15.66 -3.02
C PRO A 20 4.78 -14.70 -1.88
N LEU A 21 4.68 -13.43 -2.21
CA LEU A 21 4.40 -12.39 -1.22
C LEU A 21 2.99 -11.85 -1.45
N PHE A 22 2.56 -11.89 -2.69
CA PHE A 22 1.24 -11.39 -3.06
C PHE A 22 0.89 -11.78 -4.49
N ASP A 23 -0.42 -11.84 -4.75
CA ASP A 23 -0.90 -12.20 -6.07
C ASP A 23 -1.80 -11.08 -6.59
N CYS A 24 -1.33 -10.43 -7.65
CA CYS A 24 -2.09 -9.34 -8.25
C CYS A 24 -3.39 -9.91 -8.82
N PRO A 25 -4.48 -9.11 -8.69
CA PRO A 25 -5.78 -9.53 -9.18
C PRO A 25 -5.84 -9.42 -10.71
N THR A 26 -7.06 -9.41 -11.21
CA THR A 26 -7.28 -9.31 -12.65
C THR A 26 -8.02 -8.00 -12.99
N TRP A 27 -8.35 -7.26 -11.95
CA TRP A 27 -9.05 -6.00 -12.13
C TRP A 27 -8.01 -4.88 -12.15
N ALA A 28 -6.77 -5.28 -11.93
CA ALA A 28 -5.67 -4.32 -11.93
C ALA A 28 -5.38 -3.88 -13.37
N GLY A 29 -5.26 -2.57 -13.53
CA GLY A 29 -4.98 -2.01 -14.84
C GLY A 29 -3.91 -0.92 -14.75
N LYS A 30 -2.97 -0.99 -15.68
CA LYS A 30 -1.88 -0.02 -15.73
C LYS A 30 -2.45 1.38 -15.48
N PRO A 31 -1.99 1.99 -14.35
CA PRO A 31 -2.45 3.33 -13.99
C PRO A 31 -1.79 4.39 -14.88
N PRO A 32 -2.50 5.53 -15.02
CA PRO A 32 -1.99 6.63 -15.84
C PRO A 32 -0.87 7.38 -15.12
N PRO A 33 0.00 8.04 -15.93
CA PRO A 33 1.11 8.79 -15.39
C PRO A 33 0.63 10.11 -14.77
N GLY A 34 -0.01 9.98 -13.62
CA GLY A 34 -0.52 11.15 -12.91
C GLY A 34 -0.99 10.78 -11.50
N LEU A 35 -0.34 9.77 -10.94
CA LEU A 35 -0.68 9.32 -9.60
C LEU A 35 0.60 9.21 -8.77
N HIS A 36 0.41 9.11 -7.46
CA HIS A 36 1.53 9.00 -6.55
C HIS A 36 1.01 8.84 -5.12
N LEU A 37 1.71 8.02 -4.35
CA LEU A 37 1.33 7.75 -2.98
C LEU A 37 1.94 8.83 -2.07
N ASP A 38 1.55 8.80 -0.82
CA ASP A 38 2.04 9.77 0.16
C ASP A 38 1.88 9.20 1.57
N VAL A 39 2.54 9.84 2.51
CA VAL A 39 2.48 9.42 3.90
C VAL A 39 2.31 10.64 4.79
N VAL A 40 1.61 10.44 5.90
CA VAL A 40 1.38 11.51 6.85
C VAL A 40 1.42 10.94 8.27
N LYS A 41 2.17 11.63 9.13
CA LYS A 41 2.30 11.21 10.52
C LYS A 41 1.10 11.71 11.30
N GLY A 42 0.20 12.40 10.60
CA GLY A 42 -0.99 12.93 11.23
C GLY A 42 -1.53 14.13 10.45
N ASP A 43 -0.78 15.23 10.51
CA ASP A 43 -1.17 16.44 9.80
C ASP A 43 0.04 17.03 9.09
N LYS A 44 1.03 16.17 8.87
CA LYS A 44 2.24 16.59 8.20
C LYS A 44 2.70 15.47 7.24
N LEU A 45 2.91 15.86 5.99
CA LEU A 45 3.35 14.91 4.99
C LEU A 45 4.76 14.42 5.33
N ILE A 46 4.86 13.11 5.54
CA ILE A 46 6.14 12.51 5.88
C ILE A 46 6.97 12.36 4.61
N GLU A 47 6.61 11.35 3.82
CA GLU A 47 7.32 11.08 2.58
C GLU A 47 6.32 11.00 1.41
N LYS A 48 6.86 10.68 0.24
CA LYS A 48 6.04 10.57 -0.95
C LYS A 48 6.50 9.36 -1.78
N LEU A 49 5.56 8.77 -2.48
CA LEU A 49 5.86 7.62 -3.32
C LEU A 49 5.06 7.71 -4.62
N ILE A 50 5.45 6.89 -5.57
CA ILE A 50 4.78 6.86 -6.86
C ILE A 50 3.93 5.60 -6.97
N ILE A 51 2.83 5.72 -7.71
CA ILE A 51 1.93 4.60 -7.89
C ILE A 51 1.42 4.58 -9.34
N ASP A 52 2.11 5.36 -10.18
CA ASP A 52 1.74 5.45 -11.58
C ASP A 52 2.78 4.71 -12.43
N GLU A 53 3.03 3.46 -12.07
CA GLU A 53 3.99 2.65 -12.78
C GLU A 53 3.48 1.22 -12.91
N LYS A 54 3.00 0.68 -11.80
CA LYS A 54 2.47 -0.68 -11.79
C LYS A 54 0.97 -0.63 -11.51
N LYS A 55 0.39 -1.82 -11.37
CA LYS A 55 -1.03 -1.92 -11.10
C LYS A 55 -1.23 -2.61 -9.74
N TYR A 56 -0.12 -2.93 -9.12
CA TYR A 56 -0.16 -3.59 -7.81
C TYR A 56 1.20 -3.52 -7.11
N TYR A 57 1.18 -2.98 -5.91
CA TYR A 57 2.40 -2.85 -5.13
C TYR A 57 2.31 -3.64 -3.83
N LEU A 58 3.27 -3.40 -2.94
CA LEU A 58 3.30 -4.08 -1.67
C LEU A 58 3.51 -3.05 -0.55
N PHE A 59 3.47 -3.54 0.68
CA PHE A 59 3.65 -2.67 1.83
C PHE A 59 3.94 -3.49 3.09
N GLY A 60 5.17 -3.40 3.55
CA GLY A 60 5.60 -4.12 4.73
C GLY A 60 6.90 -3.55 5.29
N ARG A 61 7.98 -4.27 5.00
CA ARG A 61 9.30 -3.85 5.47
C ARG A 61 10.40 -4.45 4.57
N ASN A 62 10.20 -5.72 4.25
CA ASN A 62 11.16 -6.42 3.42
C ASN A 62 10.93 -6.05 1.94
N PRO A 63 11.91 -5.30 1.38
CA PRO A 63 11.82 -4.87 0.00
C PRO A 63 12.10 -6.04 -0.96
N ASP A 64 12.76 -7.05 -0.43
CA ASP A 64 13.09 -8.22 -1.22
C ASP A 64 11.81 -8.88 -1.73
N LEU A 65 10.71 -8.47 -1.11
CA LEU A 65 9.41 -9.02 -1.49
C LEU A 65 8.48 -7.86 -1.88
N CYS A 66 8.47 -6.84 -1.04
CA CYS A 66 7.64 -5.68 -1.29
C CYS A 66 8.47 -4.63 -2.02
N ASP A 67 7.78 -3.64 -2.58
CA ASP A 67 8.45 -2.58 -3.31
C ASP A 67 8.73 -1.41 -2.37
N PHE A 68 7.84 -1.26 -1.40
CA PHE A 68 7.98 -0.19 -0.41
C PHE A 68 8.42 -0.74 0.94
N THR A 69 8.36 0.12 1.94
CA THR A 69 8.75 -0.26 3.29
C THR A 69 8.06 0.63 4.32
N ILE A 70 7.25 0.01 5.16
CA ILE A 70 6.53 0.74 6.19
C ILE A 70 7.52 1.28 7.22
N ASP A 71 8.59 0.51 7.42
CA ASP A 71 9.62 0.90 8.36
C ASP A 71 9.07 0.79 9.78
N HIS A 72 8.58 -0.40 10.11
CA HIS A 72 8.03 -0.66 11.42
C HIS A 72 8.18 -2.14 11.77
N GLN A 73 8.67 -2.38 12.98
CA GLN A 73 8.88 -3.74 13.44
C GLN A 73 7.54 -4.43 13.67
N SER A 74 6.54 -3.62 13.96
CA SER A 74 5.20 -4.14 14.21
C SER A 74 4.65 -4.77 12.93
N CYS A 75 4.71 -4.01 11.86
CA CYS A 75 4.21 -4.49 10.58
C CYS A 75 4.92 -5.80 10.24
N SER A 76 4.72 -6.25 9.01
CA SER A 76 5.33 -7.49 8.56
C SER A 76 5.94 -7.30 7.17
N ARG A 77 6.76 -8.26 6.77
CA ARG A 77 7.40 -8.21 5.48
C ARG A 77 6.42 -7.73 4.42
N VAL A 78 5.24 -8.31 4.43
CA VAL A 78 4.21 -7.96 3.48
C VAL A 78 2.93 -7.58 4.24
N HIS A 79 3.04 -6.55 5.04
CA HIS A 79 1.90 -6.07 5.83
C HIS A 79 0.64 -6.06 4.95
N ALA A 80 0.78 -5.47 3.78
CA ALA A 80 -0.32 -5.39 2.84
C ALA A 80 0.21 -5.10 1.44
N ALA A 81 -0.71 -4.92 0.51
CA ALA A 81 -0.35 -4.64 -0.87
C ALA A 81 -1.43 -3.76 -1.51
N LEU A 82 -0.97 -2.89 -2.40
CA LEU A 82 -1.89 -1.98 -3.08
C LEU A 82 -2.21 -2.56 -4.47
N VAL A 83 -3.36 -2.15 -4.99
CA VAL A 83 -3.80 -2.62 -6.29
C VAL A 83 -4.64 -1.52 -6.95
N TYR A 84 -4.22 -1.15 -8.16
CA TYR A 84 -4.92 -0.12 -8.90
C TYR A 84 -6.02 -0.72 -9.78
N HIS A 85 -7.25 -0.51 -9.36
CA HIS A 85 -8.39 -1.04 -10.09
C HIS A 85 -8.38 -0.49 -11.52
N LYS A 86 -8.96 -1.27 -12.43
CA LYS A 86 -9.01 -0.88 -13.83
C LYS A 86 -10.46 -0.58 -14.21
N HIS A 87 -11.35 -1.45 -13.76
CA HIS A 87 -12.76 -1.30 -14.05
C HIS A 87 -13.32 -0.13 -13.26
N LEU A 88 -12.55 0.31 -12.28
CA LEU A 88 -12.95 1.43 -11.43
C LEU A 88 -12.02 2.61 -11.68
N LYS A 89 -10.79 2.29 -12.05
CA LYS A 89 -9.80 3.31 -12.33
C LYS A 89 -9.37 3.97 -11.01
N ARG A 90 -9.35 3.16 -9.96
CA ARG A 90 -8.97 3.66 -8.65
C ARG A 90 -7.90 2.76 -8.04
N VAL A 91 -7.63 2.98 -6.77
CA VAL A 91 -6.63 2.20 -6.05
C VAL A 91 -7.32 1.37 -4.97
N PHE A 92 -6.59 0.36 -4.50
CA PHE A 92 -7.11 -0.51 -3.47
C PHE A 92 -5.99 -0.98 -2.53
N LEU A 93 -6.38 -1.28 -1.29
CA LEU A 93 -5.42 -1.74 -0.30
C LEU A 93 -5.87 -3.09 0.25
N ILE A 94 -5.14 -4.12 -0.13
CA ILE A 94 -5.46 -5.47 0.32
C ILE A 94 -4.66 -5.78 1.58
N ASP A 95 -5.38 -5.84 2.70
CA ASP A 95 -4.76 -6.13 3.98
C ASP A 95 -4.33 -7.60 4.01
N LEU A 96 -3.08 -7.82 3.61
CA LEU A 96 -2.53 -9.18 3.59
C LEU A 96 -2.40 -9.68 5.03
N ASN A 97 -3.52 -10.15 5.56
CA ASN A 97 -3.55 -10.67 6.92
C ASN A 97 -2.54 -9.89 7.77
N SER A 98 -2.68 -8.57 7.73
CA SER A 98 -1.80 -7.71 8.50
C SER A 98 -1.82 -8.10 9.98
N THR A 99 -0.63 -8.14 10.57
CA THR A 99 -0.51 -8.50 11.97
C THR A 99 -1.69 -7.95 12.77
N HIS A 100 -1.97 -6.68 12.55
CA HIS A 100 -3.06 -6.02 13.23
C HIS A 100 -4.26 -5.88 12.29
N GLY A 101 -4.13 -4.93 11.36
CA GLY A 101 -5.18 -4.68 10.40
C GLY A 101 -4.95 -3.36 9.67
N THR A 102 -5.65 -3.20 8.56
CA THR A 102 -5.53 -1.98 7.76
C THR A 102 -6.86 -1.22 7.74
N PHE A 103 -6.75 0.09 7.62
CA PHE A 103 -7.92 0.94 7.59
C PHE A 103 -7.81 2.01 6.51
N LEU A 104 -8.93 2.65 6.23
CA LEU A 104 -8.96 3.70 5.22
C LEU A 104 -9.36 5.02 5.88
N GLY A 105 -8.56 5.42 6.86
CA GLY A 105 -8.83 6.66 7.58
C GLY A 105 -9.68 6.41 8.82
N HIS A 106 -10.90 5.97 8.57
CA HIS A 106 -11.83 5.68 9.66
C HIS A 106 -12.62 4.41 9.33
N ILE A 107 -12.12 3.67 8.37
CA ILE A 107 -12.77 2.43 7.96
C ILE A 107 -11.79 1.26 8.12
N ARG A 108 -12.36 0.11 8.42
CA ARG A 108 -11.56 -1.09 8.61
C ARG A 108 -11.63 -1.98 7.37
N LEU A 109 -10.50 -2.59 7.05
CA LEU A 109 -10.42 -3.46 5.89
C LEU A 109 -10.18 -4.90 6.37
N GLU A 110 -10.71 -5.84 5.59
CA GLU A 110 -10.56 -7.25 5.92
C GLU A 110 -9.17 -7.74 5.52
N PRO A 111 -8.66 -8.73 6.30
CA PRO A 111 -7.35 -9.30 6.04
C PRO A 111 -7.38 -10.23 4.81
N HIS A 112 -7.82 -9.66 3.70
CA HIS A 112 -7.92 -10.43 2.47
C HIS A 112 -8.75 -9.65 1.44
N LYS A 113 -9.81 -9.02 1.95
CA LYS A 113 -10.70 -8.25 1.10
C LYS A 113 -10.08 -6.86 0.84
N PRO A 114 -10.00 -6.51 -0.46
CA PRO A 114 -9.43 -5.23 -0.86
C PRO A 114 -10.41 -4.10 -0.56
N GLN A 115 -9.87 -2.88 -0.51
CA GLN A 115 -10.68 -1.70 -0.24
C GLN A 115 -10.20 -0.53 -1.10
N GLN A 116 -11.05 -0.12 -2.02
CA GLN A 116 -10.73 0.99 -2.90
C GLN A 116 -10.07 2.12 -2.10
N ILE A 117 -9.45 3.03 -2.84
CA ILE A 117 -8.77 4.16 -2.22
C ILE A 117 -9.02 5.42 -3.05
N PRO A 118 -9.84 6.33 -2.49
CA PRO A 118 -10.16 7.58 -3.16
C PRO A 118 -8.99 8.55 -3.12
N ILE A 119 -9.02 9.51 -4.03
CA ILE A 119 -7.97 10.51 -4.11
C ILE A 119 -8.01 11.39 -2.86
N ASP A 120 -6.86 11.92 -2.50
CA ASP A 120 -6.74 12.78 -1.33
C ASP A 120 -7.34 12.06 -0.12
N SER A 121 -7.42 10.74 -0.24
CA SER A 121 -7.96 9.93 0.84
C SER A 121 -6.94 9.79 1.97
N THR A 122 -7.24 8.89 2.90
CA THR A 122 -6.36 8.67 4.03
C THR A 122 -6.52 7.24 4.56
N VAL A 123 -5.41 6.52 4.60
CA VAL A 123 -5.43 5.16 5.08
C VAL A 123 -4.44 5.02 6.23
N SER A 124 -4.82 4.18 7.19
CA SER A 124 -3.97 3.94 8.36
C SER A 124 -3.88 2.45 8.64
N PHE A 125 -2.69 1.92 8.44
CA PHE A 125 -2.44 0.51 8.67
C PHE A 125 -2.57 0.16 10.16
N GLY A 126 -2.20 -1.07 10.48
CA GLY A 126 -2.27 -1.54 11.85
C GLY A 126 -1.35 -0.70 12.76
N ALA A 127 -0.06 -0.95 12.63
CA ALA A 127 0.93 -0.25 13.42
C ALA A 127 1.11 1.17 12.85
N SER A 128 1.81 1.23 11.72
CA SER A 128 2.06 2.50 11.06
C SER A 128 0.87 3.45 11.28
N THR A 129 1.04 4.33 12.25
CA THR A 129 -0.01 5.29 12.57
C THR A 129 -0.16 6.31 11.44
N ARG A 130 0.76 6.23 10.48
CA ARG A 130 0.74 7.13 9.34
C ARG A 130 -0.68 7.23 8.77
N ALA A 131 -0.84 8.17 7.85
CA ALA A 131 -2.14 8.38 7.22
C ALA A 131 -1.95 8.49 5.70
N TYR A 132 -1.46 7.41 5.13
CA TYR A 132 -1.23 7.37 3.69
C TYR A 132 -2.32 8.16 2.94
N THR A 133 -1.92 9.26 2.36
CA THR A 133 -2.84 10.10 1.61
C THR A 133 -2.64 9.90 0.10
N LEU A 134 -3.40 8.95 -0.43
CA LEU A 134 -3.32 8.64 -1.85
C LEU A 134 -3.76 9.86 -2.65
N ARG A 135 -2.79 10.49 -3.29
CA ARG A 135 -3.06 11.67 -4.10
C ARG A 135 -3.16 11.30 -5.58
N GLU A 136 -3.28 12.32 -6.40
CA GLU A 136 -3.39 12.12 -7.84
C GLU A 136 -2.95 13.37 -8.59
N LYS A 137 -1.75 13.30 -9.16
CA LYS A 137 -1.21 14.42 -9.91
C LYS A 137 -2.34 15.12 -10.67
N PRO A 138 -2.85 16.23 -10.06
CA PRO A 138 -3.93 16.98 -10.67
C PRO A 138 -3.41 17.83 -11.84
N GLN A 139 -4.22 18.81 -12.22
CA GLN A 139 -3.86 19.69 -13.31
C GLN A 139 -2.48 20.31 -13.07
N THR A 140 -1.80 20.63 -14.16
CA THR A 140 -0.48 21.22 -14.08
C THR A 140 -0.59 22.73 -13.81
N MET A 9 24.43 1.96 7.75
CA MET A 9 23.23 1.87 6.94
C MET A 9 23.41 0.89 5.80
N ALA A 10 23.49 -0.39 6.15
CA ALA A 10 23.65 -1.44 5.17
C ALA A 10 22.98 -2.72 5.66
N ALA A 11 22.73 -3.62 4.73
CA ALA A 11 22.10 -4.89 5.06
C ALA A 11 22.16 -5.81 3.84
N ALA A 12 21.56 -6.99 4.00
CA ALA A 12 21.53 -7.97 2.93
C ALA A 12 20.39 -8.96 3.18
N VAL A 13 19.37 -8.85 2.35
CA VAL A 13 18.21 -9.71 2.47
C VAL A 13 18.61 -11.14 2.07
N ASN A 14 17.63 -12.02 2.09
CA ASN A 14 17.86 -13.40 1.73
C ASN A 14 16.71 -13.91 0.84
N SER A 15 17.00 -14.94 0.08
CA SER A 15 16.02 -15.52 -0.81
C SER A 15 15.63 -16.92 -0.33
N GLY A 16 14.64 -17.49 -1.01
CA GLY A 16 14.16 -18.81 -0.66
C GLY A 16 13.00 -19.24 -1.56
N SER A 17 12.90 -20.54 -1.78
CA SER A 17 11.84 -21.08 -2.61
C SER A 17 10.63 -21.44 -1.75
N SER A 18 9.62 -20.58 -1.81
CA SER A 18 8.41 -20.80 -1.04
C SER A 18 7.29 -19.89 -1.56
N LEU A 19 6.13 -20.00 -0.92
CA LEU A 19 4.98 -19.20 -1.31
C LEU A 19 5.45 -17.77 -1.61
N PRO A 20 4.64 -17.07 -2.45
CA PRO A 20 4.96 -15.70 -2.83
C PRO A 20 4.66 -14.73 -1.69
N LEU A 21 4.56 -13.46 -2.04
CA LEU A 21 4.29 -12.43 -1.05
C LEU A 21 2.87 -11.89 -1.28
N PHE A 22 2.44 -11.95 -2.52
CA PHE A 22 1.12 -11.47 -2.89
C PHE A 22 0.75 -11.88 -4.32
N ASP A 23 -0.55 -11.92 -4.57
CA ASP A 23 -1.04 -12.29 -5.89
C ASP A 23 -1.99 -11.20 -6.40
N CYS A 24 -1.57 -10.56 -7.49
CA CYS A 24 -2.36 -9.51 -8.08
C CYS A 24 -3.70 -10.10 -8.53
N PRO A 25 -4.77 -9.30 -8.38
CA PRO A 25 -6.10 -9.73 -8.76
C PRO A 25 -6.26 -9.71 -10.28
N THR A 26 -7.52 -9.72 -10.72
CA THR A 26 -7.83 -9.70 -12.13
C THR A 26 -8.48 -8.37 -12.52
N TRP A 27 -8.75 -7.56 -11.51
CA TRP A 27 -9.38 -6.27 -11.73
C TRP A 27 -8.27 -5.22 -11.84
N ALA A 28 -7.04 -5.68 -11.65
CA ALA A 28 -5.89 -4.80 -11.74
C ALA A 28 -5.55 -4.55 -13.21
N GLY A 29 -5.12 -3.33 -13.49
CA GLY A 29 -4.76 -2.96 -14.85
C GLY A 29 -3.40 -2.24 -14.88
N LYS A 30 -3.44 -1.00 -15.34
CA LYS A 30 -2.23 -0.20 -15.43
C LYS A 30 -2.57 1.27 -15.17
N PRO A 31 -1.96 1.82 -14.09
CA PRO A 31 -2.20 3.21 -13.73
C PRO A 31 -1.45 4.15 -14.67
N PRO A 32 -2.10 5.31 -14.96
CA PRO A 32 -1.50 6.30 -15.84
C PRO A 32 -0.38 7.07 -15.13
N PRO A 33 0.49 7.69 -15.96
CA PRO A 33 1.61 8.46 -15.43
C PRO A 33 1.13 9.79 -14.85
N GLY A 34 0.46 9.71 -13.71
CA GLY A 34 -0.05 10.90 -13.06
C GLY A 34 -0.60 10.56 -11.66
N LEU A 35 0.01 9.55 -11.05
CA LEU A 35 -0.42 9.12 -9.73
C LEU A 35 0.81 9.02 -8.82
N HIS A 36 0.55 8.98 -7.52
CA HIS A 36 1.61 8.87 -6.54
C HIS A 36 1.01 8.74 -5.14
N LEU A 37 1.72 7.99 -4.30
CA LEU A 37 1.26 7.79 -2.93
C LEU A 37 1.87 8.87 -2.03
N ASP A 38 1.50 8.81 -0.76
CA ASP A 38 2.00 9.76 0.21
C ASP A 38 1.82 9.20 1.62
N VAL A 39 2.47 9.85 2.57
CA VAL A 39 2.38 9.43 3.96
C VAL A 39 2.24 10.66 4.86
N VAL A 40 1.44 10.51 5.90
CA VAL A 40 1.21 11.60 6.83
C VAL A 40 1.18 11.04 8.25
N LYS A 41 1.98 11.65 9.12
CA LYS A 41 2.05 11.23 10.51
C LYS A 41 0.75 11.62 11.22
N GLY A 42 0.00 12.51 10.58
CA GLY A 42 -1.25 12.96 11.14
C GLY A 42 -1.73 14.24 10.44
N ASP A 43 -0.92 15.28 10.54
CA ASP A 43 -1.24 16.55 9.94
C ASP A 43 0.01 17.12 9.26
N LYS A 44 0.95 16.24 8.99
CA LYS A 44 2.20 16.62 8.35
C LYS A 44 2.64 15.53 7.38
N LEU A 45 2.94 15.93 6.16
CA LEU A 45 3.37 15.00 5.14
C LEU A 45 4.77 14.49 5.49
N ILE A 46 4.85 13.17 5.68
CA ILE A 46 6.11 12.55 6.02
C ILE A 46 6.95 12.39 4.75
N GLU A 47 6.57 11.43 3.94
CA GLU A 47 7.28 11.16 2.70
C GLU A 47 6.29 11.05 1.54
N LYS A 48 6.82 10.70 0.38
CA LYS A 48 6.00 10.56 -0.81
C LYS A 48 6.46 9.33 -1.61
N LEU A 49 5.50 8.69 -2.25
CA LEU A 49 5.80 7.50 -3.03
C LEU A 49 5.03 7.58 -4.36
N ILE A 50 5.39 6.68 -5.27
CA ILE A 50 4.75 6.64 -6.57
C ILE A 50 3.90 5.37 -6.68
N ILE A 51 2.84 5.47 -7.45
CA ILE A 51 1.94 4.35 -7.64
C ILE A 51 1.49 4.31 -9.11
N ASP A 52 2.20 5.06 -9.93
CA ASP A 52 1.87 5.12 -11.35
C ASP A 52 2.96 4.39 -12.14
N GLU A 53 3.21 3.15 -11.75
CA GLU A 53 4.21 2.34 -12.41
C GLU A 53 3.72 0.90 -12.55
N LYS A 54 3.18 0.37 -11.47
CA LYS A 54 2.66 -0.99 -11.46
C LYS A 54 1.15 -0.95 -11.26
N LYS A 55 0.58 -2.14 -11.11
CA LYS A 55 -0.85 -2.27 -10.90
C LYS A 55 -1.12 -2.87 -9.52
N TYR A 56 -0.03 -3.22 -8.85
CA TYR A 56 -0.13 -3.81 -7.52
C TYR A 56 1.21 -3.75 -6.79
N TYR A 57 1.18 -3.17 -5.60
CA TYR A 57 2.38 -3.04 -4.80
C TYR A 57 2.24 -3.80 -3.48
N LEU A 58 3.17 -3.53 -2.57
CA LEU A 58 3.16 -4.18 -1.27
C LEU A 58 3.33 -3.13 -0.19
N PHE A 59 3.26 -3.58 1.06
CA PHE A 59 3.41 -2.68 2.19
C PHE A 59 3.63 -3.48 3.49
N GLY A 60 4.85 -3.40 4.00
CA GLY A 60 5.20 -4.10 5.22
C GLY A 60 6.49 -3.54 5.82
N ARG A 61 7.57 -4.25 5.56
CA ARG A 61 8.88 -3.85 6.07
C ARG A 61 9.99 -4.49 5.25
N ASN A 62 9.79 -5.76 4.93
CA ASN A 62 10.77 -6.50 4.14
C ASN A 62 10.59 -6.15 2.66
N PRO A 63 11.60 -5.44 2.11
CA PRO A 63 11.57 -5.04 0.71
C PRO A 63 11.87 -6.23 -0.21
N ASP A 64 12.52 -7.24 0.37
CA ASP A 64 12.87 -8.43 -0.36
C ASP A 64 11.59 -9.08 -0.91
N LEU A 65 10.46 -8.66 -0.36
CA LEU A 65 9.18 -9.19 -0.77
C LEU A 65 8.28 -8.05 -1.22
N CYS A 66 8.26 -7.00 -0.41
CA CYS A 66 7.44 -5.83 -0.71
C CYS A 66 8.31 -4.81 -1.43
N ASP A 67 7.65 -3.84 -2.05
CA ASP A 67 8.36 -2.79 -2.77
C ASP A 67 8.62 -1.62 -1.83
N PHE A 68 7.70 -1.42 -0.91
CA PHE A 68 7.82 -0.34 0.05
C PHE A 68 8.19 -0.87 1.44
N THR A 69 8.10 0.01 2.42
CA THR A 69 8.42 -0.36 3.78
C THR A 69 7.71 0.58 4.77
N ILE A 70 6.86 -0.02 5.59
CA ILE A 70 6.11 0.74 6.58
C ILE A 70 7.07 1.31 7.61
N ASP A 71 8.11 0.54 7.91
CA ASP A 71 9.11 0.95 8.87
C ASP A 71 8.51 0.86 10.27
N HIS A 72 8.03 -0.32 10.61
CA HIS A 72 7.44 -0.55 11.92
C HIS A 72 7.53 -2.04 12.26
N GLN A 73 7.91 -2.30 13.51
CA GLN A 73 8.04 -3.67 13.98
C GLN A 73 6.65 -4.32 14.08
N SER A 74 5.69 -3.52 14.53
CA SER A 74 4.33 -4.00 14.68
C SER A 74 3.86 -4.66 13.38
N CYS A 75 3.96 -3.90 12.30
CA CYS A 75 3.55 -4.39 10.99
C CYS A 75 4.29 -5.70 10.72
N SER A 76 4.15 -6.17 9.49
CA SER A 76 4.79 -7.42 9.10
C SER A 76 5.45 -7.24 7.72
N ARG A 77 6.24 -8.24 7.35
CA ARG A 77 6.93 -8.21 6.08
C ARG A 77 5.98 -7.73 4.97
N VAL A 78 4.80 -8.32 4.95
CA VAL A 78 3.79 -7.96 3.96
C VAL A 78 2.50 -7.58 4.67
N HIS A 79 2.58 -6.51 5.45
CA HIS A 79 1.43 -6.02 6.19
C HIS A 79 0.20 -6.02 5.27
N ALA A 80 0.38 -5.40 4.11
CA ALA A 80 -0.70 -5.31 3.14
C ALA A 80 -0.11 -5.14 1.74
N ALA A 81 -0.99 -4.84 0.79
CA ALA A 81 -0.57 -4.64 -0.59
C ALA A 81 -1.57 -3.74 -1.29
N LEU A 82 -1.05 -2.91 -2.18
CA LEU A 82 -1.89 -1.99 -2.93
C LEU A 82 -2.22 -2.61 -4.29
N VAL A 83 -3.36 -2.20 -4.83
CA VAL A 83 -3.81 -2.71 -6.12
C VAL A 83 -4.61 -1.62 -6.83
N TYR A 84 -4.20 -1.33 -8.05
CA TYR A 84 -4.87 -0.31 -8.85
C TYR A 84 -5.98 -0.93 -9.70
N HIS A 85 -7.21 -0.62 -9.34
CA HIS A 85 -8.36 -1.15 -10.06
C HIS A 85 -8.36 -0.60 -11.50
N LYS A 86 -8.97 -1.37 -12.38
CA LYS A 86 -9.05 -0.99 -13.79
C LYS A 86 -10.50 -0.67 -14.15
N HIS A 87 -11.39 -1.53 -13.66
CA HIS A 87 -12.81 -1.35 -13.94
C HIS A 87 -13.34 -0.17 -13.13
N LEU A 88 -12.53 0.29 -12.19
CA LEU A 88 -12.90 1.41 -11.35
C LEU A 88 -11.95 2.58 -11.62
N LYS A 89 -10.72 2.24 -11.95
CA LYS A 89 -9.71 3.25 -12.23
C LYS A 89 -9.27 3.90 -10.92
N ARG A 90 -9.25 3.09 -9.88
CA ARG A 90 -8.84 3.58 -8.56
C ARG A 90 -7.79 2.65 -7.96
N VAL A 91 -7.56 2.84 -6.66
CA VAL A 91 -6.58 2.03 -5.96
C VAL A 91 -7.28 1.24 -4.86
N PHE A 92 -6.56 0.25 -4.33
CA PHE A 92 -7.10 -0.59 -3.28
C PHE A 92 -6.01 -1.02 -2.30
N LEU A 93 -6.42 -1.28 -1.07
CA LEU A 93 -5.49 -1.70 -0.03
C LEU A 93 -5.97 -3.01 0.57
N ILE A 94 -5.25 -4.08 0.24
CA ILE A 94 -5.60 -5.40 0.75
C ILE A 94 -4.80 -5.67 2.03
N ASP A 95 -5.52 -5.67 3.15
CA ASP A 95 -4.90 -5.91 4.44
C ASP A 95 -4.47 -7.37 4.52
N LEU A 96 -3.43 -7.70 3.77
CA LEU A 96 -2.92 -9.06 3.75
C LEU A 96 -2.74 -9.55 5.19
N ASN A 97 -3.82 -10.10 5.73
CA ASN A 97 -3.80 -10.62 7.08
C ASN A 97 -2.93 -9.71 7.96
N SER A 98 -3.18 -8.41 7.82
CA SER A 98 -2.44 -7.42 8.58
C SER A 98 -2.40 -7.82 10.07
N THR A 99 -1.21 -7.74 10.64
CA THR A 99 -1.04 -8.09 12.04
C THR A 99 -2.24 -7.63 12.86
N HIS A 100 -2.70 -6.42 12.56
CA HIS A 100 -3.83 -5.86 13.26
C HIS A 100 -4.99 -5.64 12.27
N GLY A 101 -4.74 -4.75 11.31
CA GLY A 101 -5.74 -4.45 10.30
C GLY A 101 -5.44 -3.12 9.62
N THR A 102 -6.14 -2.89 8.51
CA THR A 102 -5.96 -1.67 7.75
C THR A 102 -7.24 -0.83 7.78
N PHE A 103 -7.06 0.47 7.60
CA PHE A 103 -8.19 1.39 7.59
C PHE A 103 -8.04 2.44 6.50
N LEU A 104 -9.16 3.06 6.15
CA LEU A 104 -9.16 4.09 5.13
C LEU A 104 -9.56 5.42 5.75
N GLY A 105 -8.80 5.81 6.76
CA GLY A 105 -9.06 7.07 7.45
C GLY A 105 -10.01 6.85 8.64
N HIS A 106 -11.21 6.43 8.31
CA HIS A 106 -12.22 6.17 9.33
C HIS A 106 -12.96 4.87 9.03
N ILE A 107 -12.39 4.12 8.09
CA ILE A 107 -12.98 2.85 7.70
C ILE A 107 -11.96 1.73 7.97
N ARG A 108 -12.49 0.51 8.05
CA ARG A 108 -11.64 -0.64 8.30
C ARG A 108 -11.82 -1.67 7.18
N LEU A 109 -10.73 -2.37 6.88
CA LEU A 109 -10.75 -3.38 5.83
C LEU A 109 -10.51 -4.76 6.46
N GLU A 110 -10.86 -5.79 5.70
CA GLU A 110 -10.70 -7.16 6.17
C GLU A 110 -9.31 -7.68 5.79
N PRO A 111 -8.86 -8.72 6.54
CA PRO A 111 -7.57 -9.32 6.29
C PRO A 111 -7.59 -10.20 5.04
N HIS A 112 -8.06 -9.60 3.94
CA HIS A 112 -8.14 -10.31 2.68
C HIS A 112 -8.95 -9.48 1.68
N LYS A 113 -10.06 -8.94 2.16
CA LYS A 113 -10.91 -8.13 1.31
C LYS A 113 -10.26 -6.75 1.09
N PRO A 114 -10.09 -6.41 -0.20
CA PRO A 114 -9.48 -5.14 -0.56
C PRO A 114 -10.45 -3.98 -0.34
N GLN A 115 -9.89 -2.79 -0.22
CA GLN A 115 -10.69 -1.59 0.00
C GLN A 115 -10.19 -0.46 -0.89
N GLN A 116 -11.03 -0.10 -1.86
CA GLN A 116 -10.69 0.98 -2.78
C GLN A 116 -10.04 2.13 -2.03
N ILE A 117 -9.39 3.00 -2.79
CA ILE A 117 -8.72 4.16 -2.21
C ILE A 117 -8.93 5.36 -3.12
N PRO A 118 -9.77 6.31 -2.63
CA PRO A 118 -10.06 7.53 -3.38
C PRO A 118 -8.88 8.50 -3.34
N ILE A 119 -8.94 9.49 -4.21
CA ILE A 119 -7.89 10.49 -4.29
C ILE A 119 -7.96 11.40 -3.06
N ASP A 120 -6.80 11.91 -2.67
CA ASP A 120 -6.72 12.79 -1.51
C ASP A 120 -7.31 12.07 -0.29
N SER A 121 -7.41 10.76 -0.41
CA SER A 121 -7.94 9.95 0.68
C SER A 121 -6.90 9.82 1.79
N THR A 122 -7.18 8.91 2.72
CA THR A 122 -6.29 8.68 3.84
C THR A 122 -6.49 7.28 4.41
N VAL A 123 -5.40 6.55 4.53
CA VAL A 123 -5.44 5.19 5.05
C VAL A 123 -4.50 5.09 6.26
N SER A 124 -4.90 4.24 7.20
CA SER A 124 -4.11 4.04 8.40
C SER A 124 -4.04 2.55 8.73
N PHE A 125 -2.83 2.00 8.60
CA PHE A 125 -2.62 0.60 8.88
C PHE A 125 -2.80 0.30 10.38
N GLY A 126 -2.61 -0.97 10.71
CA GLY A 126 -2.75 -1.39 12.10
C GLY A 126 -1.87 -0.55 13.02
N ALA A 127 -0.57 -0.79 12.93
CA ALA A 127 0.40 -0.07 13.75
C ALA A 127 0.60 1.32 13.15
N SER A 128 1.35 1.36 12.06
CA SER A 128 1.64 2.62 11.39
C SER A 128 0.43 3.55 11.48
N THR A 129 0.53 4.51 12.40
CA THR A 129 -0.54 5.46 12.60
C THR A 129 -0.60 6.45 11.43
N ARG A 130 0.36 6.31 10.54
CA ARG A 130 0.43 7.17 9.37
C ARG A 130 -0.95 7.32 8.73
N ALA A 131 -1.04 8.24 7.78
CA ALA A 131 -2.29 8.49 7.09
C ALA A 131 -2.03 8.53 5.58
N TYR A 132 -1.53 7.42 5.06
CA TYR A 132 -1.23 7.32 3.64
C TYR A 132 -2.30 8.04 2.81
N THR A 133 -1.91 9.20 2.30
CA THR A 133 -2.82 9.99 1.49
C THR A 133 -2.56 9.75 0.00
N LEU A 134 -3.43 8.94 -0.59
CA LEU A 134 -3.31 8.61 -2.00
C LEU A 134 -3.71 9.82 -2.84
N ARG A 135 -2.71 10.44 -3.45
CA ARG A 135 -2.94 11.61 -4.29
C ARG A 135 -3.03 11.20 -5.76
N GLU A 136 -3.11 12.21 -6.61
CA GLU A 136 -3.19 11.97 -8.04
C GLU A 136 -2.70 13.21 -8.81
N LYS A 137 -1.50 13.09 -9.35
CA LYS A 137 -0.91 14.18 -10.12
C LYS A 137 -2.00 14.88 -10.92
N PRO A 138 -2.50 16.01 -10.35
CA PRO A 138 -3.53 16.78 -11.01
C PRO A 138 -2.97 17.57 -12.20
N GLN A 139 -3.74 18.57 -12.62
CA GLN A 139 -3.33 19.41 -13.73
C GLN A 139 -1.92 19.97 -13.49
N THR A 140 -1.07 19.80 -14.49
CA THR A 140 0.30 20.29 -14.39
C THR A 140 0.50 21.49 -15.31
N MET A 9 25.84 -15.34 19.76
CA MET A 9 25.31 -14.06 19.34
C MET A 9 25.05 -14.03 17.83
N ALA A 10 24.09 -14.84 17.41
CA ALA A 10 23.75 -14.93 16.00
C ALA A 10 22.44 -15.73 15.85
N ALA A 11 21.60 -15.25 14.95
CA ALA A 11 20.32 -15.90 14.70
C ALA A 11 20.23 -16.28 13.22
N ALA A 12 19.80 -17.51 12.98
CA ALA A 12 19.66 -18.01 11.63
C ALA A 12 18.29 -18.65 11.46
N VAL A 13 17.28 -17.80 11.38
CA VAL A 13 15.91 -18.28 11.22
C VAL A 13 15.60 -18.42 9.72
N ASN A 14 15.37 -19.67 9.32
CA ASN A 14 15.05 -19.96 7.94
C ASN A 14 13.94 -21.00 7.87
N SER A 15 12.92 -20.68 7.09
CA SER A 15 11.78 -21.58 6.94
C SER A 15 11.10 -21.33 5.59
N GLY A 16 10.27 -22.29 5.20
CA GLY A 16 9.56 -22.19 3.94
C GLY A 16 10.49 -22.43 2.75
N SER A 17 9.90 -22.90 1.66
CA SER A 17 10.67 -23.18 0.45
C SER A 17 10.93 -21.89 -0.31
N SER A 18 9.88 -21.38 -0.94
CA SER A 18 9.98 -20.16 -1.70
C SER A 18 8.59 -19.68 -2.12
N LEU A 19 8.21 -18.51 -1.60
CA LEU A 19 6.92 -17.93 -1.91
C LEU A 19 7.10 -16.51 -2.41
N PRO A 20 6.08 -16.02 -3.15
CA PRO A 20 6.12 -14.66 -3.70
C PRO A 20 5.86 -13.63 -2.60
N LEU A 21 5.53 -12.42 -3.04
CA LEU A 21 5.26 -11.34 -2.11
C LEU A 21 3.78 -10.94 -2.23
N PHE A 22 3.27 -11.03 -3.45
CA PHE A 22 1.89 -10.67 -3.70
C PHE A 22 1.47 -11.07 -5.12
N ASP A 23 0.17 -11.22 -5.30
CA ASP A 23 -0.37 -11.60 -6.60
C ASP A 23 -1.36 -10.54 -7.06
N CYS A 24 -1.06 -9.92 -8.19
CA CYS A 24 -1.93 -8.89 -8.75
C CYS A 24 -3.21 -9.56 -9.24
N PRO A 25 -4.34 -8.83 -9.03
CA PRO A 25 -5.64 -9.34 -9.45
C PRO A 25 -5.81 -9.24 -10.96
N THR A 26 -7.06 -9.31 -11.39
CA THR A 26 -7.37 -9.23 -12.81
C THR A 26 -8.15 -7.94 -13.10
N TRP A 27 -8.45 -7.21 -12.05
CA TRP A 27 -9.19 -5.97 -12.18
C TRP A 27 -8.18 -4.81 -12.23
N ALA A 28 -6.91 -5.18 -12.09
CA ALA A 28 -5.84 -4.20 -12.12
C ALA A 28 -5.62 -3.73 -13.55
N GLY A 29 -5.41 -2.43 -13.70
CA GLY A 29 -5.18 -1.85 -15.00
C GLY A 29 -4.18 -0.69 -14.92
N LYS A 30 -3.34 -0.60 -15.94
CA LYS A 30 -2.34 0.45 -16.01
C LYS A 30 -3.01 1.79 -15.74
N PRO A 31 -2.57 2.45 -14.63
CA PRO A 31 -3.12 3.74 -14.25
C PRO A 31 -2.59 4.85 -15.15
N PRO A 32 -3.37 5.96 -15.24
CA PRO A 32 -2.98 7.09 -16.06
C PRO A 32 -1.86 7.89 -15.41
N PRO A 33 -1.07 8.58 -16.27
CA PRO A 33 0.04 9.39 -15.79
C PRO A 33 -0.46 10.69 -15.15
N GLY A 34 -0.99 10.55 -13.95
CA GLY A 34 -1.50 11.70 -13.21
C GLY A 34 -1.91 11.31 -11.79
N LEU A 35 -1.20 10.33 -11.26
CA LEU A 35 -1.48 9.86 -9.91
C LEU A 35 -0.17 9.83 -9.10
N HIS A 36 -0.34 9.71 -7.79
CA HIS A 36 0.82 9.67 -6.89
C HIS A 36 0.34 9.44 -5.46
N LEU A 37 1.15 8.69 -4.71
CA LEU A 37 0.83 8.40 -3.33
C LEU A 37 1.41 9.50 -2.43
N ASP A 38 1.04 9.42 -1.16
CA ASP A 38 1.51 10.40 -0.19
C ASP A 38 1.46 9.79 1.21
N VAL A 39 2.10 10.47 2.15
CA VAL A 39 2.12 10.01 3.53
C VAL A 39 2.01 11.22 4.47
N VAL A 40 1.31 11.01 5.56
CA VAL A 40 1.12 12.06 6.55
C VAL A 40 1.17 11.46 7.95
N LYS A 41 1.95 12.11 8.82
CA LYS A 41 2.09 11.65 10.18
C LYS A 41 0.79 11.91 10.95
N GLY A 42 0.00 12.81 10.38
CA GLY A 42 -1.27 13.17 11.00
C GLY A 42 -1.88 14.40 10.33
N ASP A 43 -1.15 15.50 10.41
CA ASP A 43 -1.61 16.74 9.80
C ASP A 43 -0.44 17.42 9.10
N LYS A 44 0.59 16.63 8.84
CA LYS A 44 1.78 17.15 8.16
C LYS A 44 2.26 16.12 7.14
N LEU A 45 2.30 16.55 5.90
CA LEU A 45 2.75 15.68 4.81
C LEU A 45 4.21 15.27 5.06
N ILE A 46 4.41 13.98 5.20
CA ILE A 46 5.75 13.44 5.44
C ILE A 46 6.52 13.39 4.12
N GLU A 47 6.15 12.42 3.29
CA GLU A 47 6.79 12.26 2.00
C GLU A 47 5.74 12.07 0.90
N LYS A 48 6.22 11.81 -0.30
CA LYS A 48 5.34 11.61 -1.44
C LYS A 48 5.89 10.47 -2.30
N LEU A 49 4.97 9.74 -2.91
CA LEU A 49 5.34 8.63 -3.76
C LEU A 49 4.49 8.64 -5.03
N ILE A 50 4.89 7.83 -5.99
CA ILE A 50 4.17 7.75 -7.26
C ILE A 50 3.46 6.40 -7.34
N ILE A 51 2.34 6.41 -8.05
CA ILE A 51 1.55 5.20 -8.21
C ILE A 51 0.95 5.18 -9.61
N ASP A 52 1.50 6.02 -10.48
CA ASP A 52 1.04 6.11 -11.85
C ASP A 52 2.07 5.46 -12.78
N GLU A 53 2.52 4.29 -12.37
CA GLU A 53 3.51 3.56 -13.16
C GLU A 53 3.07 2.11 -13.34
N LYS A 54 2.64 1.51 -12.24
CA LYS A 54 2.20 0.13 -12.27
C LYS A 54 0.70 0.06 -11.96
N LYS A 55 0.20 -1.16 -11.81
CA LYS A 55 -1.21 -1.35 -11.51
C LYS A 55 -1.34 -2.03 -10.14
N TYR A 56 -0.20 -2.38 -9.57
CA TYR A 56 -0.17 -3.02 -8.28
C TYR A 56 1.21 -2.91 -7.63
N TYR A 57 1.23 -2.38 -6.42
CA TYR A 57 2.47 -2.21 -5.68
C TYR A 57 2.44 -2.98 -4.37
N LEU A 58 3.42 -2.70 -3.52
CA LEU A 58 3.51 -3.36 -2.23
C LEU A 58 3.68 -2.30 -1.14
N PHE A 59 3.67 -2.77 0.09
CA PHE A 59 3.82 -1.89 1.24
C PHE A 59 4.15 -2.68 2.51
N GLY A 60 5.40 -2.55 2.94
CA GLY A 60 5.87 -3.24 4.12
C GLY A 60 7.14 -2.60 4.67
N ARG A 61 8.26 -3.21 4.34
CA ARG A 61 9.55 -2.72 4.79
C ARG A 61 10.67 -3.26 3.90
N ASN A 62 10.55 -4.54 3.57
CA ASN A 62 11.55 -5.19 2.73
C ASN A 62 11.26 -4.85 1.27
N PRO A 63 12.19 -4.04 0.67
CA PRO A 63 12.06 -3.64 -0.71
C PRO A 63 12.40 -4.79 -1.66
N ASP A 64 13.15 -5.75 -1.12
CA ASP A 64 13.56 -6.90 -1.90
C ASP A 64 12.31 -7.64 -2.39
N LEU A 65 11.19 -7.31 -1.77
CA LEU A 65 9.92 -7.95 -2.14
C LEU A 65 8.92 -6.87 -2.53
N CYS A 66 8.85 -5.84 -1.69
CA CYS A 66 7.93 -4.74 -1.94
C CYS A 66 8.68 -3.65 -2.69
N ASP A 67 7.92 -2.71 -3.23
CA ASP A 67 8.50 -1.60 -3.97
C ASP A 67 8.74 -0.42 -3.03
N PHE A 68 7.85 -0.31 -2.05
CA PHE A 68 7.95 0.77 -1.08
C PHE A 68 8.41 0.24 0.28
N THR A 69 8.31 1.10 1.28
CA THR A 69 8.71 0.74 2.62
C THR A 69 7.99 1.61 3.66
N ILE A 70 7.24 0.95 4.52
CA ILE A 70 6.49 1.65 5.55
C ILE A 70 7.48 2.27 6.54
N ASP A 71 8.56 1.56 6.78
CA ASP A 71 9.58 2.04 7.70
C ASP A 71 9.09 1.88 9.13
N HIS A 72 8.73 0.65 9.47
CA HIS A 72 8.22 0.35 10.80
C HIS A 72 8.45 -1.13 11.12
N GLN A 73 8.92 -1.39 12.33
CA GLN A 73 9.18 -2.75 12.76
C GLN A 73 7.86 -3.51 12.91
N SER A 74 6.86 -2.82 13.45
CA SER A 74 5.56 -3.42 13.66
C SER A 74 5.07 -4.06 12.36
N CYS A 75 5.07 -3.26 11.30
CA CYS A 75 4.63 -3.74 10.00
C CYS A 75 5.43 -5.00 9.65
N SER A 76 5.25 -5.46 8.43
CA SER A 76 5.94 -6.64 7.96
C SER A 76 6.49 -6.41 6.55
N ARG A 77 7.37 -7.31 6.14
CA ARG A 77 7.97 -7.21 4.82
C ARG A 77 6.94 -6.78 3.79
N VAL A 78 5.78 -7.42 3.85
CA VAL A 78 4.70 -7.12 2.92
C VAL A 78 3.43 -6.83 3.72
N HIS A 79 3.47 -5.76 4.50
CA HIS A 79 2.33 -5.37 5.32
C HIS A 79 1.05 -5.46 4.48
N ALA A 80 1.12 -4.87 3.30
CA ALA A 80 -0.02 -4.87 2.39
C ALA A 80 0.46 -4.64 0.96
N ALA A 81 -0.49 -4.42 0.08
CA ALA A 81 -0.18 -4.18 -1.32
C ALA A 81 -1.27 -3.31 -1.95
N LEU A 82 -0.82 -2.40 -2.82
CA LEU A 82 -1.74 -1.50 -3.49
C LEU A 82 -2.11 -2.08 -4.86
N VAL A 83 -3.33 -1.77 -5.29
CA VAL A 83 -3.80 -2.25 -6.58
C VAL A 83 -4.72 -1.20 -7.20
N TYR A 84 -4.35 -0.75 -8.38
CA TYR A 84 -5.14 0.25 -9.09
C TYR A 84 -6.23 -0.41 -9.94
N HIS A 85 -7.46 -0.28 -9.46
CA HIS A 85 -8.59 -0.86 -10.16
C HIS A 85 -8.67 -0.28 -11.58
N LYS A 86 -9.23 -1.07 -12.47
CA LYS A 86 -9.36 -0.66 -13.87
C LYS A 86 -10.85 -0.45 -14.18
N HIS A 87 -11.65 -1.38 -13.70
CA HIS A 87 -13.09 -1.31 -13.94
C HIS A 87 -13.70 -0.19 -13.08
N LEU A 88 -12.90 0.28 -12.14
CA LEU A 88 -13.34 1.35 -11.25
C LEU A 88 -12.48 2.59 -11.50
N LYS A 89 -11.28 2.36 -12.00
CA LYS A 89 -10.36 3.45 -12.28
C LYS A 89 -9.93 4.11 -10.96
N ARG A 90 -9.80 3.27 -9.94
CA ARG A 90 -9.40 3.77 -8.63
C ARG A 90 -8.24 2.92 -8.09
N VAL A 91 -7.96 3.12 -6.81
CA VAL A 91 -6.88 2.39 -6.16
C VAL A 91 -7.47 1.53 -5.03
N PHE A 92 -6.68 0.55 -4.61
CA PHE A 92 -7.10 -0.35 -3.56
C PHE A 92 -5.91 -0.73 -2.67
N LEU A 93 -6.24 -1.08 -1.42
CA LEU A 93 -5.22 -1.47 -0.47
C LEU A 93 -5.59 -2.83 0.13
N ILE A 94 -4.84 -3.84 -0.28
CA ILE A 94 -5.07 -5.19 0.21
C ILE A 94 -4.21 -5.44 1.44
N ASP A 95 -4.88 -5.50 2.58
CA ASP A 95 -4.19 -5.73 3.84
C ASP A 95 -3.65 -7.16 3.87
N LEU A 96 -2.60 -7.39 3.10
CA LEU A 96 -1.99 -8.70 3.02
C LEU A 96 -1.73 -9.21 4.44
N ASN A 97 -2.75 -9.83 5.00
CA ASN A 97 -2.65 -10.38 6.34
C ASN A 97 -1.77 -9.46 7.20
N SER A 98 -2.09 -8.17 7.14
CA SER A 98 -1.34 -7.19 7.90
C SER A 98 -1.28 -7.60 9.37
N THR A 99 -0.07 -7.54 9.92
CA THR A 99 0.13 -7.88 11.31
C THR A 99 -1.07 -7.46 12.16
N HIS A 100 -1.55 -6.26 11.89
CA HIS A 100 -2.68 -5.72 12.61
C HIS A 100 -3.86 -5.54 11.65
N GLY A 101 -3.59 -4.84 10.56
CA GLY A 101 -4.61 -4.59 9.56
C GLY A 101 -4.43 -3.20 8.94
N THR A 102 -5.26 -2.91 7.95
CA THR A 102 -5.21 -1.64 7.27
C THR A 102 -6.54 -0.88 7.42
N PHE A 103 -6.46 0.44 7.30
CA PHE A 103 -7.64 1.27 7.43
C PHE A 103 -7.65 2.38 6.37
N LEU A 104 -8.83 2.93 6.15
CA LEU A 104 -8.99 3.99 5.17
C LEU A 104 -9.46 5.26 5.87
N GLY A 105 -8.68 5.68 6.86
CA GLY A 105 -9.01 6.87 7.62
C GLY A 105 -9.79 6.52 8.88
N HIS A 106 -11.01 6.02 8.67
CA HIS A 106 -11.87 5.65 9.77
C HIS A 106 -12.51 4.29 9.48
N ILE A 107 -12.01 3.65 8.44
CA ILE A 107 -12.52 2.34 8.05
C ILE A 107 -11.40 1.31 8.13
N ARG A 108 -11.80 0.05 8.20
CA ARG A 108 -10.84 -1.03 8.28
C ARG A 108 -11.05 -2.01 7.12
N LEU A 109 -9.94 -2.60 6.67
CA LEU A 109 -9.98 -3.54 5.57
C LEU A 109 -9.65 -4.94 6.10
N GLU A 110 -10.07 -5.94 5.35
CA GLU A 110 -9.82 -7.32 5.73
C GLU A 110 -8.43 -7.75 5.29
N PRO A 111 -7.88 -8.75 6.02
CA PRO A 111 -6.55 -9.27 5.71
C PRO A 111 -6.56 -10.13 4.45
N HIS A 112 -7.05 -9.54 3.37
CA HIS A 112 -7.13 -10.24 2.09
C HIS A 112 -8.02 -9.46 1.13
N LYS A 113 -9.17 -9.03 1.64
CA LYS A 113 -10.11 -8.28 0.84
C LYS A 113 -9.57 -6.86 0.63
N PRO A 114 -9.50 -6.46 -0.67
CA PRO A 114 -9.01 -5.15 -1.03
C PRO A 114 -10.05 -4.06 -0.72
N GLN A 115 -9.55 -2.86 -0.49
CA GLN A 115 -10.43 -1.74 -0.18
C GLN A 115 -10.06 -0.52 -1.03
N GLN A 116 -10.96 -0.18 -1.93
CA GLN A 116 -10.74 0.95 -2.82
C GLN A 116 -10.14 2.12 -2.04
N ILE A 117 -9.58 3.06 -2.79
CA ILE A 117 -8.96 4.23 -2.19
C ILE A 117 -9.34 5.47 -3.01
N PRO A 118 -10.17 6.34 -2.38
CA PRO A 118 -10.62 7.56 -3.02
C PRO A 118 -9.50 8.60 -3.04
N ILE A 119 -9.65 9.58 -3.93
CA ILE A 119 -8.67 10.64 -4.05
C ILE A 119 -8.70 11.51 -2.81
N ASP A 120 -7.55 12.10 -2.50
CA ASP A 120 -7.44 12.96 -1.34
C ASP A 120 -7.93 12.21 -0.10
N SER A 121 -7.94 10.89 -0.21
CA SER A 121 -8.39 10.04 0.89
C SER A 121 -7.31 9.98 1.97
N THR A 122 -7.49 9.04 2.89
CA THR A 122 -6.54 8.86 3.97
C THR A 122 -6.63 7.44 4.52
N VAL A 123 -5.49 6.76 4.52
CA VAL A 123 -5.43 5.40 5.02
C VAL A 123 -4.40 5.32 6.15
N SER A 124 -4.61 4.36 7.04
CA SER A 124 -3.72 4.17 8.16
C SER A 124 -3.48 2.67 8.40
N PHE A 125 -2.25 2.25 8.17
CA PHE A 125 -1.90 0.85 8.35
C PHE A 125 -1.88 0.49 9.84
N GLY A 126 -1.82 -0.82 10.10
CA GLY A 126 -1.80 -1.31 11.47
C GLY A 126 -0.96 -0.39 12.36
N ALA A 127 0.35 -0.59 12.29
CA ALA A 127 1.27 0.21 13.08
C ALA A 127 1.32 1.62 12.52
N SER A 128 2.00 1.76 11.40
CA SER A 128 2.15 3.06 10.76
C SER A 128 0.85 3.86 10.93
N THR A 129 0.88 4.80 11.86
CA THR A 129 -0.28 5.64 12.12
C THR A 129 -0.42 6.70 11.04
N ARG A 130 0.49 6.66 10.08
CA ARG A 130 0.48 7.61 8.99
C ARG A 130 -0.93 7.75 8.41
N ALA A 131 -1.08 8.68 7.49
CA ALA A 131 -2.36 8.92 6.86
C ALA A 131 -2.18 8.99 5.34
N TYR A 132 -1.68 7.90 4.78
CA TYR A 132 -1.45 7.83 3.35
C TYR A 132 -2.57 8.53 2.58
N THR A 133 -2.28 9.77 2.18
CA THR A 133 -3.25 10.56 1.45
C THR A 133 -3.07 10.35 -0.06
N LEU A 134 -3.82 9.39 -0.59
CA LEU A 134 -3.75 9.08 -2.00
C LEU A 134 -4.28 10.27 -2.80
N ARG A 135 -3.37 10.95 -3.48
CA ARG A 135 -3.72 12.11 -4.28
C ARG A 135 -3.84 11.71 -5.75
N GLU A 136 -4.00 12.72 -6.59
CA GLU A 136 -4.13 12.49 -8.02
C GLU A 136 -3.84 13.78 -8.80
N LYS A 137 -2.71 13.78 -9.49
CA LYS A 137 -2.31 14.94 -10.27
C LYS A 137 -3.56 15.58 -10.90
N PRO A 138 -4.06 16.64 -10.23
CA PRO A 138 -5.23 17.34 -10.72
C PRO A 138 -4.89 18.23 -11.93
N GLN A 139 -5.78 19.16 -12.21
CA GLN A 139 -5.58 20.07 -13.33
C GLN A 139 -4.17 20.65 -13.30
N THR A 140 -3.64 20.90 -14.49
CA THR A 140 -2.30 21.46 -14.60
C THR A 140 -2.22 22.40 -15.81
N MET A 9 21.93 1.16 -0.41
CA MET A 9 22.72 0.74 0.74
C MET A 9 22.70 -0.78 0.89
N ALA A 10 22.45 -1.45 -0.23
CA ALA A 10 22.41 -2.90 -0.23
C ALA A 10 22.46 -3.40 -1.68
N ALA A 11 22.54 -4.72 -1.82
CA ALA A 11 22.61 -5.32 -3.14
C ALA A 11 21.39 -6.24 -3.32
N ALA A 12 20.41 -6.05 -2.45
CA ALA A 12 19.20 -6.85 -2.50
C ALA A 12 19.56 -8.32 -2.75
N VAL A 13 20.48 -8.81 -1.92
CA VAL A 13 20.92 -10.19 -2.03
C VAL A 13 20.36 -10.99 -0.85
N ASN A 14 19.24 -11.64 -1.11
CA ASN A 14 18.59 -12.45 -0.09
C ASN A 14 17.66 -13.47 -0.76
N SER A 15 16.92 -14.19 0.07
CA SER A 15 15.99 -15.18 -0.42
C SER A 15 14.68 -15.12 0.37
N GLY A 16 13.71 -15.89 -0.10
CA GLY A 16 12.41 -15.93 0.56
C GLY A 16 12.32 -17.12 1.51
N SER A 17 11.31 -17.07 2.37
CA SER A 17 11.11 -18.14 3.34
C SER A 17 10.18 -19.21 2.74
N SER A 18 8.91 -18.85 2.65
CA SER A 18 7.92 -19.76 2.10
C SER A 18 6.72 -18.96 1.56
N LEU A 19 6.09 -19.53 0.55
CA LEU A 19 4.94 -18.90 -0.07
C LEU A 19 5.34 -17.50 -0.57
N PRO A 20 4.48 -16.94 -1.44
CA PRO A 20 4.72 -15.62 -1.99
C PRO A 20 4.44 -14.53 -0.95
N LEU A 21 4.27 -13.31 -1.45
CA LEU A 21 4.00 -12.18 -0.58
C LEU A 21 2.59 -11.64 -0.87
N PHE A 22 2.21 -11.74 -2.14
CA PHE A 22 0.91 -11.28 -2.56
C PHE A 22 0.61 -11.69 -4.01
N ASP A 23 -0.66 -11.86 -4.29
CA ASP A 23 -1.08 -12.25 -5.63
C ASP A 23 -1.99 -11.16 -6.22
N CYS A 24 -1.51 -10.55 -7.30
CA CYS A 24 -2.26 -9.50 -7.97
C CYS A 24 -3.55 -10.10 -8.51
N PRO A 25 -4.65 -9.31 -8.37
CA PRO A 25 -5.95 -9.75 -8.85
C PRO A 25 -6.04 -9.67 -10.38
N THR A 26 -7.26 -9.69 -10.86
CA THR A 26 -7.50 -9.62 -12.30
C THR A 26 -8.14 -8.27 -12.67
N TRP A 27 -8.46 -7.51 -11.64
CA TRP A 27 -9.09 -6.21 -11.85
C TRP A 27 -7.98 -5.15 -11.85
N ALA A 28 -6.76 -5.61 -11.63
CA ALA A 28 -5.61 -4.73 -11.61
C ALA A 28 -5.26 -4.33 -13.04
N GLY A 29 -4.94 -3.04 -13.19
CA GLY A 29 -4.58 -2.52 -14.50
C GLY A 29 -3.50 -1.44 -14.38
N LYS A 30 -2.56 -1.48 -15.32
CA LYS A 30 -1.48 -0.51 -15.33
C LYS A 30 -2.05 0.90 -15.17
N PRO A 31 -1.63 1.56 -14.06
CA PRO A 31 -2.11 2.91 -13.78
C PRO A 31 -1.42 3.93 -14.70
N PRO A 32 -2.10 5.09 -14.88
CA PRO A 32 -1.57 6.15 -15.73
C PRO A 32 -0.43 6.89 -15.03
N PRO A 33 0.47 7.47 -15.86
CA PRO A 33 1.62 8.20 -15.33
C PRO A 33 1.18 9.56 -14.80
N GLY A 34 0.58 9.54 -13.62
CA GLY A 34 0.12 10.76 -12.98
C GLY A 34 -0.43 10.48 -11.58
N LEU A 35 0.16 9.48 -10.94
CA LEU A 35 -0.26 9.10 -9.60
C LEU A 35 0.98 9.01 -8.69
N HIS A 36 0.71 8.97 -7.39
CA HIS A 36 1.78 8.88 -6.41
C HIS A 36 1.18 8.76 -5.01
N LEU A 37 1.84 7.98 -4.17
CA LEU A 37 1.40 7.78 -2.81
C LEU A 37 2.02 8.85 -1.91
N ASP A 38 1.61 8.82 -0.65
CA ASP A 38 2.12 9.78 0.32
C ASP A 38 1.86 9.25 1.74
N VAL A 39 2.54 9.86 2.70
CA VAL A 39 2.39 9.47 4.09
C VAL A 39 2.24 10.72 4.96
N VAL A 40 1.48 10.56 6.04
CA VAL A 40 1.26 11.68 6.95
C VAL A 40 1.19 11.14 8.38
N LYS A 41 1.92 11.81 9.26
CA LYS A 41 1.95 11.42 10.66
C LYS A 41 0.67 11.90 11.35
N GLY A 42 -0.10 12.68 10.62
CA GLY A 42 -1.35 13.21 11.14
C GLY A 42 -1.78 14.46 10.38
N ASP A 43 -0.94 15.49 10.48
CA ASP A 43 -1.23 16.74 9.80
C ASP A 43 0.05 17.27 9.15
N LYS A 44 1.00 16.36 8.97
CA LYS A 44 2.28 16.72 8.37
C LYS A 44 2.72 15.59 7.42
N LEU A 45 3.00 15.97 6.20
CA LEU A 45 3.44 15.01 5.19
C LEU A 45 4.79 14.44 5.59
N ILE A 46 4.81 13.13 5.81
CA ILE A 46 6.04 12.45 6.19
C ILE A 46 6.92 12.24 4.95
N GLU A 47 6.53 11.26 4.16
CA GLU A 47 7.27 10.94 2.94
C GLU A 47 6.30 10.80 1.76
N LYS A 48 6.89 10.69 0.57
CA LYS A 48 6.10 10.55 -0.63
C LYS A 48 6.58 9.33 -1.42
N LEU A 49 5.63 8.68 -2.09
CA LEU A 49 5.94 7.50 -2.87
C LEU A 49 5.19 7.57 -4.20
N ILE A 50 5.57 6.67 -5.10
CA ILE A 50 4.95 6.61 -6.41
C ILE A 50 4.09 5.36 -6.50
N ILE A 51 3.01 5.46 -7.28
CA ILE A 51 2.11 4.35 -7.47
C ILE A 51 1.64 4.31 -8.92
N ASP A 52 2.37 5.03 -9.77
CA ASP A 52 2.03 5.09 -11.17
C ASP A 52 3.11 4.34 -11.98
N GLU A 53 3.44 3.16 -11.50
CA GLU A 53 4.44 2.34 -12.16
C GLU A 53 3.93 0.90 -12.33
N LYS A 54 3.32 0.39 -11.26
CA LYS A 54 2.80 -0.96 -11.30
C LYS A 54 1.28 -0.91 -11.09
N LYS A 55 0.69 -2.09 -10.96
CA LYS A 55 -0.76 -2.18 -10.77
C LYS A 55 -1.04 -2.79 -9.40
N TYR A 56 0.04 -3.20 -8.73
CA TYR A 56 -0.08 -3.80 -7.41
C TYR A 56 1.26 -3.75 -6.66
N TYR A 57 1.20 -3.16 -5.48
CA TYR A 57 2.40 -3.05 -4.65
C TYR A 57 2.24 -3.81 -3.33
N LEU A 58 3.17 -3.56 -2.43
CA LEU A 58 3.13 -4.21 -1.12
C LEU A 58 3.29 -3.15 -0.03
N PHE A 59 3.19 -3.61 1.21
CA PHE A 59 3.32 -2.72 2.35
C PHE A 59 3.51 -3.52 3.64
N GLY A 60 4.73 -3.45 4.16
CA GLY A 60 5.05 -4.16 5.39
C GLY A 60 6.34 -3.61 6.01
N ARG A 61 7.42 -4.36 5.81
CA ARG A 61 8.71 -3.95 6.34
C ARG A 61 9.84 -4.61 5.53
N ASN A 62 9.64 -5.87 5.21
CA ASN A 62 10.62 -6.62 4.44
C ASN A 62 10.47 -6.27 2.96
N PRO A 63 11.51 -5.56 2.42
CA PRO A 63 11.50 -5.17 1.02
C PRO A 63 11.80 -6.36 0.11
N ASP A 64 12.41 -7.38 0.71
CA ASP A 64 12.76 -8.58 -0.02
C ASP A 64 11.49 -9.22 -0.60
N LEU A 65 10.36 -8.77 -0.06
CA LEU A 65 9.07 -9.29 -0.50
C LEU A 65 8.20 -8.14 -0.97
N CYS A 66 8.18 -7.09 -0.16
CA CYS A 66 7.38 -5.91 -0.47
C CYS A 66 8.28 -4.90 -1.20
N ASP A 67 7.65 -3.93 -1.82
CA ASP A 67 8.37 -2.90 -2.55
C ASP A 67 8.62 -1.70 -1.62
N PHE A 68 7.69 -1.51 -0.70
CA PHE A 68 7.80 -0.41 0.25
C PHE A 68 8.16 -0.91 1.63
N THR A 69 8.06 -0.02 2.61
CA THR A 69 8.37 -0.37 3.99
C THR A 69 7.64 0.58 4.95
N ILE A 70 6.83 -0.03 5.80
CA ILE A 70 6.07 0.74 6.77
C ILE A 70 7.02 1.31 7.82
N ASP A 71 8.09 0.57 8.07
CA ASP A 71 9.08 0.98 9.05
C ASP A 71 8.42 1.11 10.43
N HIS A 72 8.05 -0.04 10.97
CA HIS A 72 7.40 -0.07 12.27
C HIS A 72 7.85 -1.33 13.04
N GLN A 73 7.07 -1.66 14.05
CA GLN A 73 7.37 -2.83 14.86
C GLN A 73 6.21 -3.82 14.84
N SER A 74 5.00 -3.26 14.84
CA SER A 74 3.80 -4.07 14.82
C SER A 74 3.55 -4.60 13.40
N CYS A 75 3.83 -3.75 12.43
CA CYS A 75 3.64 -4.12 11.04
C CYS A 75 4.31 -5.48 10.81
N SER A 76 4.03 -6.04 9.64
CA SER A 76 4.58 -7.34 9.28
C SER A 76 5.23 -7.27 7.90
N ARG A 77 6.06 -8.25 7.62
CA ARG A 77 6.75 -8.33 6.35
C ARG A 77 5.83 -7.82 5.23
N VAL A 78 4.62 -8.37 5.21
CA VAL A 78 3.64 -7.98 4.20
C VAL A 78 2.35 -7.56 4.89
N HIS A 79 2.42 -6.47 5.63
CA HIS A 79 1.28 -5.95 6.34
C HIS A 79 0.06 -5.94 5.40
N ALA A 80 0.28 -5.44 4.21
CA ALA A 80 -0.78 -5.36 3.21
C ALA A 80 -0.16 -5.17 1.83
N ALA A 81 -1.03 -4.90 0.87
CA ALA A 81 -0.59 -4.68 -0.50
C ALA A 81 -1.61 -3.79 -1.23
N LEU A 82 -1.07 -2.92 -2.08
CA LEU A 82 -1.92 -2.01 -2.84
C LEU A 82 -2.24 -2.64 -4.20
N VAL A 83 -3.36 -2.22 -4.76
CA VAL A 83 -3.80 -2.72 -6.05
C VAL A 83 -4.60 -1.65 -6.78
N TYR A 84 -4.08 -1.25 -7.93
CA TYR A 84 -4.75 -0.23 -8.73
C TYR A 84 -5.82 -0.84 -9.63
N HIS A 85 -7.07 -0.60 -9.25
CA HIS A 85 -8.20 -1.11 -10.01
C HIS A 85 -8.11 -0.64 -11.46
N LYS A 86 -8.70 -1.42 -12.34
CA LYS A 86 -8.69 -1.10 -13.75
C LYS A 86 -10.12 -0.77 -14.21
N HIS A 87 -11.06 -1.59 -13.75
CA HIS A 87 -12.45 -1.40 -14.10
C HIS A 87 -13.00 -0.18 -13.34
N LEU A 88 -12.23 0.27 -12.37
CA LEU A 88 -12.63 1.42 -11.58
C LEU A 88 -11.66 2.57 -11.83
N LYS A 89 -10.42 2.20 -12.11
CA LYS A 89 -9.38 3.19 -12.38
C LYS A 89 -8.99 3.88 -11.06
N ARG A 90 -9.04 3.09 -10.00
CA ARG A 90 -8.68 3.61 -8.68
C ARG A 90 -7.64 2.71 -8.02
N VAL A 91 -7.44 2.95 -6.72
CA VAL A 91 -6.48 2.16 -5.96
C VAL A 91 -7.21 1.40 -4.87
N PHE A 92 -6.55 0.37 -4.35
CA PHE A 92 -7.12 -0.45 -3.30
C PHE A 92 -6.05 -0.91 -2.32
N LEU A 93 -6.48 -1.19 -1.10
CA LEU A 93 -5.58 -1.64 -0.06
C LEU A 93 -6.09 -2.96 0.53
N ILE A 94 -5.41 -4.03 0.18
CA ILE A 94 -5.78 -5.35 0.66
C ILE A 94 -5.02 -5.65 1.96
N ASP A 95 -5.77 -5.61 3.06
CA ASP A 95 -5.19 -5.86 4.36
C ASP A 95 -4.76 -7.34 4.45
N LEU A 96 -3.63 -7.63 3.83
CA LEU A 96 -3.11 -8.98 3.82
C LEU A 96 -2.99 -9.49 5.26
N ASN A 97 -4.09 -10.00 5.77
CA ASN A 97 -4.12 -10.52 7.13
C ASN A 97 -3.24 -9.64 8.02
N SER A 98 -3.48 -8.34 7.92
CA SER A 98 -2.71 -7.39 8.71
C SER A 98 -2.79 -7.75 10.19
N THR A 99 -1.64 -7.66 10.85
CA THR A 99 -1.55 -7.97 12.26
C THR A 99 -2.82 -7.51 13.00
N HIS A 100 -3.21 -6.28 12.69
CA HIS A 100 -4.39 -5.71 13.31
C HIS A 100 -5.46 -5.45 12.24
N GLY A 101 -5.02 -4.82 11.15
CA GLY A 101 -5.93 -4.51 10.06
C GLY A 101 -5.58 -3.18 9.42
N THR A 102 -6.33 -2.82 8.39
CA THR A 102 -6.11 -1.58 7.68
C THR A 102 -7.37 -0.71 7.71
N PHE A 103 -7.17 0.58 7.54
CA PHE A 103 -8.28 1.52 7.54
C PHE A 103 -8.11 2.58 6.45
N LEU A 104 -9.22 3.22 6.12
CA LEU A 104 -9.21 4.25 5.09
C LEU A 104 -9.60 5.59 5.71
N GLY A 105 -8.88 5.96 6.77
CA GLY A 105 -9.15 7.20 7.46
C GLY A 105 -10.10 6.99 8.64
N HIS A 106 -11.31 6.59 8.30
CA HIS A 106 -12.33 6.34 9.31
C HIS A 106 -13.06 5.03 9.00
N ILE A 107 -12.51 4.29 8.05
CA ILE A 107 -13.09 3.03 7.65
C ILE A 107 -12.10 1.90 7.89
N ARG A 108 -12.62 0.69 7.98
CA ARG A 108 -11.78 -0.48 8.21
C ARG A 108 -11.97 -1.50 7.09
N LEU A 109 -10.88 -2.18 6.77
CA LEU A 109 -10.91 -3.19 5.71
C LEU A 109 -10.70 -4.58 6.33
N GLU A 110 -11.13 -5.58 5.59
CA GLU A 110 -11.00 -6.95 6.05
C GLU A 110 -9.61 -7.50 5.68
N PRO A 111 -9.18 -8.54 6.45
CA PRO A 111 -7.89 -9.17 6.23
C PRO A 111 -7.93 -10.05 4.99
N HIS A 112 -8.36 -9.46 3.88
CA HIS A 112 -8.44 -10.18 2.62
C HIS A 112 -9.30 -9.39 1.63
N LYS A 113 -10.24 -8.63 2.18
CA LYS A 113 -11.12 -7.83 1.36
C LYS A 113 -10.44 -6.48 1.05
N PRO A 114 -10.31 -6.20 -0.27
CA PRO A 114 -9.69 -4.96 -0.71
C PRO A 114 -10.63 -3.77 -0.51
N GLN A 115 -10.04 -2.61 -0.32
CA GLN A 115 -10.81 -1.39 -0.12
C GLN A 115 -10.26 -0.26 -0.99
N GLN A 116 -11.05 0.12 -1.98
CA GLN A 116 -10.66 1.19 -2.88
C GLN A 116 -10.02 2.33 -2.12
N ILE A 117 -9.35 3.20 -2.85
CA ILE A 117 -8.68 4.34 -2.25
C ILE A 117 -8.90 5.58 -3.13
N PRO A 118 -9.71 6.53 -2.61
CA PRO A 118 -10.00 7.75 -3.34
C PRO A 118 -8.81 8.71 -3.30
N ILE A 119 -8.84 9.68 -4.20
CA ILE A 119 -7.78 10.66 -4.28
C ILE A 119 -7.81 11.56 -3.04
N ASP A 120 -6.63 12.00 -2.64
CA ASP A 120 -6.52 12.86 -1.48
C ASP A 120 -7.13 12.16 -0.26
N SER A 121 -7.29 10.85 -0.39
CA SER A 121 -7.86 10.05 0.68
C SER A 121 -6.86 9.94 1.83
N THR A 122 -7.19 9.06 2.78
CA THR A 122 -6.34 8.84 3.93
C THR A 122 -6.56 7.44 4.50
N VAL A 123 -5.46 6.71 4.65
CA VAL A 123 -5.52 5.37 5.18
C VAL A 123 -4.61 5.27 6.41
N SER A 124 -4.95 4.32 7.27
CA SER A 124 -4.17 4.12 8.49
C SER A 124 -4.09 2.62 8.80
N PHE A 125 -2.88 2.10 8.71
CA PHE A 125 -2.65 0.69 8.98
C PHE A 125 -2.72 0.40 10.48
N GLY A 126 -2.93 -0.87 10.81
CA GLY A 126 -3.02 -1.28 12.19
C GLY A 126 -1.76 -0.87 12.97
N ALA A 127 -0.71 -1.64 12.77
CA ALA A 127 0.55 -1.37 13.43
C ALA A 127 0.79 0.14 13.48
N SER A 128 1.27 0.67 12.36
CA SER A 128 1.54 2.09 12.27
C SER A 128 0.26 2.88 12.46
N THR A 129 0.40 4.20 12.49
CA THR A 129 -0.73 5.08 12.67
C THR A 129 -0.69 6.24 11.67
N ARG A 130 0.17 6.07 10.66
CA ARG A 130 0.31 7.08 9.63
C ARG A 130 -1.04 7.40 8.99
N ALA A 131 -1.01 8.26 7.99
CA ALA A 131 -2.21 8.65 7.28
C ALA A 131 -1.93 8.72 5.79
N TYR A 132 -1.58 7.56 5.24
CA TYR A 132 -1.27 7.47 3.82
C TYR A 132 -2.32 8.23 2.98
N THR A 133 -1.87 9.28 2.33
CA THR A 133 -2.74 10.09 1.49
C THR A 133 -2.50 9.80 0.02
N LEU A 134 -3.41 9.02 -0.56
CA LEU A 134 -3.29 8.66 -1.97
C LEU A 134 -3.66 9.87 -2.82
N ARG A 135 -2.65 10.44 -3.45
CA ARG A 135 -2.85 11.60 -4.30
C ARG A 135 -2.91 11.17 -5.77
N GLU A 136 -2.92 12.17 -6.64
CA GLU A 136 -3.00 11.91 -8.07
C GLU A 136 -2.51 13.14 -8.85
N LYS A 137 -1.31 13.02 -9.40
CA LYS A 137 -0.73 14.10 -10.18
C LYS A 137 -1.83 14.80 -10.97
N PRO A 138 -2.31 15.94 -10.40
CA PRO A 138 -3.36 16.71 -11.05
C PRO A 138 -2.81 17.50 -12.24
N GLN A 139 -3.58 18.49 -12.65
CA GLN A 139 -3.17 19.32 -13.77
C GLN A 139 -2.40 20.55 -13.27
N THR A 140 -1.45 20.99 -14.09
CA THR A 140 -0.64 22.14 -13.74
C THR A 140 -1.44 23.43 -13.93
N MET A 9 20.73 -8.25 -3.57
CA MET A 9 22.16 -8.30 -3.31
C MET A 9 22.43 -8.31 -1.81
N ALA A 10 21.50 -8.90 -1.07
CA ALA A 10 21.63 -8.98 0.38
C ALA A 10 21.75 -10.45 0.78
N ALA A 11 22.19 -10.66 2.01
CA ALA A 11 22.35 -12.00 2.54
C ALA A 11 20.99 -12.70 2.56
N ALA A 12 21.04 -14.02 2.49
CA ALA A 12 19.83 -14.83 2.50
C ALA A 12 20.19 -16.30 2.70
N VAL A 13 19.88 -16.79 3.89
CA VAL A 13 20.17 -18.18 4.22
C VAL A 13 18.85 -18.97 4.27
N ASN A 14 18.21 -19.08 3.12
CA ASN A 14 16.96 -19.80 3.02
C ASN A 14 16.99 -20.72 1.80
N SER A 15 16.91 -22.01 2.08
CA SER A 15 16.93 -23.01 1.02
C SER A 15 15.54 -23.60 0.83
N GLY A 16 15.13 -23.70 -0.42
CA GLY A 16 13.83 -24.24 -0.76
C GLY A 16 12.84 -23.13 -1.10
N SER A 17 12.08 -23.36 -2.18
CA SER A 17 11.11 -22.39 -2.63
C SER A 17 10.10 -22.10 -1.51
N SER A 18 9.84 -20.82 -1.31
CA SER A 18 8.91 -20.40 -0.27
C SER A 18 7.75 -19.62 -0.90
N LEU A 19 6.83 -19.21 -0.05
CA LEU A 19 5.67 -18.45 -0.50
C LEU A 19 6.10 -17.01 -0.83
N PRO A 20 5.30 -16.37 -1.72
CA PRO A 20 5.59 -15.00 -2.12
C PRO A 20 5.21 -14.02 -1.02
N LEU A 21 5.09 -12.76 -1.40
CA LEU A 21 4.73 -11.71 -0.46
C LEU A 21 3.32 -11.21 -0.76
N PHE A 22 2.91 -11.42 -2.01
CA PHE A 22 1.58 -10.99 -2.43
C PHE A 22 1.28 -11.48 -3.85
N ASP A 23 0.02 -11.39 -4.22
CA ASP A 23 -0.42 -11.83 -5.53
C ASP A 23 -1.38 -10.78 -6.12
N CYS A 24 -0.94 -10.17 -7.20
CA CYS A 24 -1.75 -9.17 -7.86
C CYS A 24 -3.01 -9.84 -8.41
N PRO A 25 -4.15 -9.11 -8.29
CA PRO A 25 -5.43 -9.62 -8.78
C PRO A 25 -5.50 -9.56 -10.31
N THR A 26 -6.72 -9.65 -10.81
CA THR A 26 -6.94 -9.60 -12.24
C THR A 26 -7.65 -8.30 -12.63
N TRP A 27 -8.00 -7.53 -11.61
CA TRP A 27 -8.69 -6.26 -11.84
C TRP A 27 -7.63 -5.16 -11.86
N ALA A 28 -6.39 -5.56 -11.62
CA ALA A 28 -5.29 -4.62 -11.60
C ALA A 28 -4.94 -4.22 -13.05
N GLY A 29 -4.70 -2.93 -13.22
CA GLY A 29 -4.35 -2.41 -14.54
C GLY A 29 -3.34 -1.28 -14.43
N LYS A 30 -2.38 -1.30 -15.34
CA LYS A 30 -1.34 -0.28 -15.35
C LYS A 30 -2.00 1.11 -15.22
N PRO A 31 -1.62 1.80 -14.11
CA PRO A 31 -2.16 3.13 -13.84
C PRO A 31 -1.52 4.18 -14.76
N PRO A 32 -2.27 5.30 -14.97
CA PRO A 32 -1.79 6.37 -15.82
C PRO A 32 -0.70 7.18 -15.12
N PRO A 33 0.17 7.81 -15.95
CA PRO A 33 1.25 8.63 -15.42
C PRO A 33 0.73 9.97 -14.88
N GLY A 34 0.14 9.90 -13.69
CA GLY A 34 -0.40 11.09 -13.07
C GLY A 34 -0.96 10.77 -11.68
N LEU A 35 -0.31 9.82 -11.02
CA LEU A 35 -0.71 9.41 -9.69
C LEU A 35 0.51 9.40 -8.77
N HIS A 36 0.24 9.35 -7.47
CA HIS A 36 1.29 9.34 -6.48
C HIS A 36 0.69 9.21 -5.08
N LEU A 37 1.42 8.52 -4.21
CA LEU A 37 0.97 8.32 -2.84
C LEU A 37 1.49 9.46 -1.97
N ASP A 38 1.17 9.37 -0.69
CA ASP A 38 1.60 10.38 0.27
C ASP A 38 1.46 9.84 1.69
N VAL A 39 2.08 10.53 2.62
CA VAL A 39 2.03 10.13 4.01
C VAL A 39 1.78 11.36 4.89
N VAL A 40 0.99 11.17 5.93
CA VAL A 40 0.67 12.25 6.84
C VAL A 40 0.67 11.71 8.28
N LYS A 41 1.38 12.41 9.14
CA LYS A 41 1.46 12.02 10.54
C LYS A 41 0.14 12.31 11.23
N GLY A 42 -0.68 13.11 10.55
CA GLY A 42 -1.98 13.48 11.09
C GLY A 42 -2.52 14.74 10.40
N ASP A 43 -1.77 15.81 10.52
CA ASP A 43 -2.16 17.08 9.92
C ASP A 43 -0.94 17.72 9.25
N LYS A 44 0.06 16.89 8.98
CA LYS A 44 1.28 17.36 8.34
C LYS A 44 1.80 16.28 7.39
N LEU A 45 2.09 16.71 6.17
CA LEU A 45 2.59 15.80 5.15
C LEU A 45 4.01 15.37 5.53
N ILE A 46 4.17 14.06 5.72
CA ILE A 46 5.47 13.52 6.07
C ILE A 46 6.33 13.39 4.81
N GLU A 47 6.00 12.40 4.01
CA GLU A 47 6.72 12.16 2.77
C GLU A 47 5.75 11.95 1.61
N LYS A 48 6.32 11.63 0.46
CA LYS A 48 5.51 11.40 -0.73
C LYS A 48 6.04 10.17 -1.47
N LEU A 49 5.12 9.46 -2.12
CA LEU A 49 5.47 8.27 -2.86
C LEU A 49 4.75 8.28 -4.21
N ILE A 50 5.18 7.38 -5.08
CA ILE A 50 4.59 7.27 -6.41
C ILE A 50 3.85 5.94 -6.52
N ILE A 51 2.80 5.95 -7.34
CA ILE A 51 2.00 4.76 -7.54
C ILE A 51 1.52 4.72 -8.99
N ASP A 52 2.18 5.50 -9.82
CA ASP A 52 1.84 5.56 -11.23
C ASP A 52 2.92 4.86 -12.05
N GLU A 53 3.35 3.71 -11.53
CA GLU A 53 4.38 2.92 -12.20
C GLU A 53 3.93 1.48 -12.37
N LYS A 54 3.40 0.93 -11.28
CA LYS A 54 2.92 -0.43 -11.28
C LYS A 54 1.40 -0.45 -11.09
N LYS A 55 0.86 -1.65 -10.95
CA LYS A 55 -0.58 -1.81 -10.75
C LYS A 55 -0.83 -2.44 -9.39
N TYR A 56 0.26 -2.75 -8.71
CA TYR A 56 0.17 -3.36 -7.38
C TYR A 56 1.50 -3.26 -6.64
N TYR A 57 1.43 -2.67 -5.45
CA TYR A 57 2.62 -2.50 -4.64
C TYR A 57 2.48 -3.24 -3.30
N LEU A 58 3.41 -2.97 -2.40
CA LEU A 58 3.40 -3.59 -1.09
C LEU A 58 3.52 -2.51 -0.02
N PHE A 59 3.47 -2.96 1.23
CA PHE A 59 3.57 -2.05 2.36
C PHE A 59 3.81 -2.81 3.67
N GLY A 60 5.03 -2.69 4.17
CA GLY A 60 5.39 -3.36 5.40
C GLY A 60 6.67 -2.74 6.00
N ARG A 61 7.78 -3.42 5.78
CA ARG A 61 9.05 -2.95 6.28
C ARG A 61 10.20 -3.55 5.47
N ASN A 62 10.07 -4.85 5.18
CA ASN A 62 11.09 -5.55 4.41
C ASN A 62 10.90 -5.23 2.93
N PRO A 63 11.89 -4.47 2.37
CA PRO A 63 11.85 -4.09 0.97
C PRO A 63 12.20 -5.29 0.07
N ASP A 64 12.88 -6.26 0.67
CA ASP A 64 13.28 -7.45 -0.06
C ASP A 64 12.04 -8.14 -0.61
N LEU A 65 10.89 -7.78 -0.05
CA LEU A 65 9.63 -8.37 -0.47
C LEU A 65 8.69 -7.26 -0.93
N CYS A 66 8.62 -6.21 -0.13
CA CYS A 66 7.77 -5.08 -0.45
C CYS A 66 8.59 -4.04 -1.19
N ASP A 67 7.90 -3.08 -1.79
CA ASP A 67 8.57 -2.02 -2.54
C ASP A 67 8.78 -0.82 -1.62
N PHE A 68 7.84 -0.63 -0.71
CA PHE A 68 7.92 0.47 0.24
C PHE A 68 8.32 -0.02 1.63
N THR A 69 8.21 0.88 2.59
CA THR A 69 8.56 0.56 3.97
C THR A 69 7.79 1.45 4.94
N ILE A 70 6.94 0.81 5.74
CA ILE A 70 6.15 1.54 6.72
C ILE A 70 7.07 2.13 7.78
N ASP A 71 8.21 1.47 7.96
CA ASP A 71 9.18 1.91 8.95
C ASP A 71 8.55 1.85 10.34
N HIS A 72 8.11 0.65 10.71
CA HIS A 72 7.49 0.44 12.00
C HIS A 72 7.70 -1.01 12.44
N GLN A 73 8.04 -1.18 13.70
CA GLN A 73 8.26 -2.51 14.25
C GLN A 73 6.93 -3.24 14.41
N SER A 74 5.89 -2.48 14.67
CA SER A 74 4.57 -3.04 14.85
C SER A 74 4.12 -3.75 13.56
N CYS A 75 4.21 -3.02 12.46
CA CYS A 75 3.83 -3.57 11.17
C CYS A 75 4.63 -4.86 10.94
N SER A 76 4.51 -5.37 9.72
CA SER A 76 5.20 -6.59 9.36
C SER A 76 5.83 -6.44 7.97
N ARG A 77 6.67 -7.41 7.63
CA ARG A 77 7.32 -7.40 6.33
C ARG A 77 6.35 -6.98 5.24
N VAL A 78 5.19 -7.64 5.23
CA VAL A 78 4.17 -7.34 4.25
C VAL A 78 2.86 -6.98 4.97
N HIS A 79 2.91 -5.86 5.68
CA HIS A 79 1.74 -5.39 6.41
C HIS A 79 0.52 -5.41 5.49
N ALA A 80 0.71 -4.90 4.28
CA ALA A 80 -0.36 -4.86 3.31
C ALA A 80 0.22 -4.58 1.92
N ALA A 81 -0.67 -4.50 0.95
CA ALA A 81 -0.26 -4.25 -0.43
C ALA A 81 -1.35 -3.43 -1.13
N LEU A 82 -0.89 -2.54 -2.00
CA LEU A 82 -1.80 -1.69 -2.75
C LEU A 82 -2.07 -2.31 -4.12
N VAL A 83 -3.19 -1.93 -4.70
CA VAL A 83 -3.57 -2.44 -6.00
C VAL A 83 -4.42 -1.40 -6.74
N TYR A 84 -3.97 -1.04 -7.93
CA TYR A 84 -4.67 -0.06 -8.74
C TYR A 84 -5.71 -0.73 -9.63
N HIS A 85 -6.97 -0.55 -9.27
CA HIS A 85 -8.06 -1.12 -10.03
C HIS A 85 -7.98 -0.65 -11.48
N LYS A 86 -8.51 -1.48 -12.37
CA LYS A 86 -8.51 -1.16 -13.79
C LYS A 86 -9.94 -0.91 -14.26
N HIS A 87 -10.84 -1.77 -13.80
CA HIS A 87 -12.24 -1.64 -14.17
C HIS A 87 -12.86 -0.45 -13.43
N LEU A 88 -12.12 0.04 -12.45
CA LEU A 88 -12.59 1.17 -11.67
C LEU A 88 -11.65 2.36 -11.90
N LYS A 89 -10.41 2.04 -12.24
CA LYS A 89 -9.41 3.07 -12.49
C LYS A 89 -9.09 3.79 -11.18
N ARG A 90 -9.07 3.02 -10.11
CA ARG A 90 -8.77 3.57 -8.79
C ARG A 90 -7.70 2.74 -8.10
N VAL A 91 -7.53 3.01 -6.81
CA VAL A 91 -6.53 2.29 -6.03
C VAL A 91 -7.24 1.47 -4.95
N PHE A 92 -6.50 0.50 -4.42
CA PHE A 92 -7.04 -0.36 -3.37
C PHE A 92 -5.96 -0.78 -2.39
N LEU A 93 -6.38 -1.03 -1.16
CA LEU A 93 -5.45 -1.45 -0.12
C LEU A 93 -5.89 -2.81 0.44
N ILE A 94 -5.10 -3.82 0.11
CA ILE A 94 -5.39 -5.17 0.57
C ILE A 94 -4.63 -5.43 1.87
N ASP A 95 -5.38 -5.49 2.95
CA ASP A 95 -4.79 -5.72 4.27
C ASP A 95 -4.36 -7.19 4.36
N LEU A 96 -3.07 -7.40 4.13
CA LEU A 96 -2.52 -8.75 4.18
C LEU A 96 -2.44 -9.21 5.64
N ASN A 97 -3.58 -9.67 6.14
CA ASN A 97 -3.66 -10.15 7.51
C ASN A 97 -2.71 -9.32 8.38
N SER A 98 -2.87 -8.00 8.29
CA SER A 98 -2.05 -7.09 9.06
C SER A 98 -2.14 -7.43 10.55
N THR A 99 -1.00 -7.42 11.21
CA THR A 99 -0.95 -7.71 12.62
C THR A 99 -2.17 -7.14 13.34
N HIS A 100 -2.44 -5.88 13.06
CA HIS A 100 -3.57 -5.21 13.67
C HIS A 100 -4.71 -5.12 12.66
N GLY A 101 -4.56 -4.23 11.69
CA GLY A 101 -5.56 -4.05 10.67
C GLY A 101 -5.33 -2.74 9.90
N THR A 102 -5.98 -2.65 8.75
CA THR A 102 -5.84 -1.46 7.91
C THR A 102 -7.19 -0.73 7.82
N PHE A 103 -7.09 0.58 7.67
CA PHE A 103 -8.29 1.42 7.57
C PHE A 103 -8.15 2.44 6.44
N LEU A 104 -9.27 3.06 6.11
CA LEU A 104 -9.27 4.05 5.05
C LEU A 104 -9.75 5.39 5.62
N GLY A 105 -9.03 5.84 6.65
CA GLY A 105 -9.37 7.10 7.30
C GLY A 105 -10.26 6.87 8.52
N HIS A 106 -11.47 6.40 8.24
CA HIS A 106 -12.44 6.15 9.29
C HIS A 106 -13.17 4.83 9.01
N ILE A 107 -12.63 4.07 8.07
CA ILE A 107 -13.21 2.80 7.69
C ILE A 107 -12.20 1.68 7.93
N ARG A 108 -12.72 0.51 8.26
CA ARG A 108 -11.87 -0.64 8.52
C ARG A 108 -11.88 -1.59 7.31
N LEU A 109 -10.72 -2.15 7.04
CA LEU A 109 -10.58 -3.07 5.92
C LEU A 109 -10.33 -4.48 6.45
N GLU A 110 -10.79 -5.46 5.69
CA GLU A 110 -10.63 -6.85 6.07
C GLU A 110 -9.22 -7.34 5.73
N PRO A 111 -8.74 -8.32 6.54
CA PRO A 111 -7.42 -8.87 6.33
C PRO A 111 -7.40 -9.81 5.12
N HIS A 112 -7.75 -9.26 3.97
CA HIS A 112 -7.78 -10.04 2.75
C HIS A 112 -8.60 -9.29 1.69
N LYS A 113 -9.76 -8.80 2.13
CA LYS A 113 -10.64 -8.07 1.23
C LYS A 113 -10.06 -6.69 0.95
N PRO A 114 -9.92 -6.37 -0.36
CA PRO A 114 -9.38 -5.09 -0.77
C PRO A 114 -10.40 -3.97 -0.57
N GLN A 115 -9.89 -2.74 -0.50
CA GLN A 115 -10.74 -1.58 -0.31
C GLN A 115 -10.24 -0.41 -1.17
N GLN A 116 -11.06 -0.07 -2.15
CA GLN A 116 -10.72 1.03 -3.05
C GLN A 116 -10.15 2.21 -2.25
N ILE A 117 -9.53 3.13 -2.98
CA ILE A 117 -8.94 4.31 -2.36
C ILE A 117 -9.23 5.53 -3.22
N PRO A 118 -10.08 6.44 -2.67
CA PRO A 118 -10.44 7.65 -3.39
C PRO A 118 -9.29 8.66 -3.36
N ILE A 119 -9.35 9.61 -4.28
CA ILE A 119 -8.34 10.64 -4.37
C ILE A 119 -8.43 11.54 -3.14
N ASP A 120 -7.27 12.11 -2.77
CA ASP A 120 -7.21 12.99 -1.63
C ASP A 120 -7.82 12.29 -0.40
N SER A 121 -7.86 10.96 -0.49
CA SER A 121 -8.40 10.17 0.59
C SER A 121 -7.40 10.09 1.74
N THR A 122 -7.70 9.21 2.69
CA THR A 122 -6.85 9.04 3.85
C THR A 122 -6.99 7.62 4.42
N VAL A 123 -5.85 6.96 4.56
CA VAL A 123 -5.85 5.60 5.08
C VAL A 123 -4.89 5.53 6.28
N SER A 124 -5.24 4.67 7.23
CA SER A 124 -4.42 4.49 8.42
C SER A 124 -4.28 3.01 8.73
N PHE A 125 -3.07 2.51 8.56
CA PHE A 125 -2.79 1.10 8.82
C PHE A 125 -2.93 0.80 10.31
N GLY A 126 -2.57 -0.43 10.67
CA GLY A 126 -2.65 -0.87 12.05
C GLY A 126 -1.82 0.05 12.96
N ALA A 127 -0.52 -0.20 12.96
CA ALA A 127 0.39 0.59 13.77
C ALA A 127 0.56 1.98 13.14
N SER A 128 1.23 1.99 12.00
CA SER A 128 1.48 3.23 11.29
C SER A 128 0.27 4.17 11.44
N THR A 129 0.39 5.07 12.40
CA THR A 129 -0.68 6.03 12.66
C THR A 129 -0.81 7.02 11.49
N ARG A 130 0.14 6.93 10.58
CA ARG A 130 0.14 7.79 9.41
C ARG A 130 -1.26 7.87 8.80
N ALA A 131 -1.42 8.79 7.85
CA ALA A 131 -2.69 8.97 7.19
C ALA A 131 -2.47 9.04 5.68
N TYR A 132 -1.95 7.94 5.15
CA TYR A 132 -1.68 7.86 3.72
C TYR A 132 -2.77 8.58 2.91
N THR A 133 -2.37 9.67 2.27
CA THR A 133 -3.30 10.45 1.47
C THR A 133 -3.07 10.18 -0.02
N LEU A 134 -3.84 9.25 -0.54
CA LEU A 134 -3.74 8.89 -1.95
C LEU A 134 -4.16 10.09 -2.81
N ARG A 135 -3.17 10.68 -3.46
CA ARG A 135 -3.41 11.83 -4.31
C ARG A 135 -3.46 11.40 -5.78
N GLU A 136 -3.54 12.40 -6.65
CA GLU A 136 -3.60 12.13 -8.08
C GLU A 136 -3.15 13.37 -8.86
N LYS A 137 -1.94 13.29 -9.40
CA LYS A 137 -1.39 14.39 -10.17
C LYS A 137 -2.50 15.04 -11.00
N PRO A 138 -3.03 16.16 -10.45
CA PRO A 138 -4.09 16.89 -11.13
C PRO A 138 -3.56 17.68 -12.32
N GLN A 139 -4.35 18.64 -12.77
CA GLN A 139 -3.96 19.47 -13.90
C GLN A 139 -2.53 19.97 -13.72
N THR A 140 -1.72 19.74 -14.75
CA THR A 140 -0.34 20.16 -14.73
C THR A 140 0.07 20.79 -16.06
N MET A 9 17.62 -5.72 -4.26
CA MET A 9 18.21 -5.01 -5.38
C MET A 9 19.34 -5.82 -5.99
N ALA A 10 19.81 -5.35 -7.14
CA ALA A 10 20.90 -6.02 -7.85
C ALA A 10 20.45 -7.42 -8.26
N ALA A 11 19.16 -7.54 -8.54
CA ALA A 11 18.60 -8.81 -8.95
C ALA A 11 19.08 -9.90 -8.00
N ALA A 12 18.94 -9.62 -6.71
CA ALA A 12 19.36 -10.57 -5.69
C ALA A 12 18.25 -10.71 -4.65
N VAL A 13 17.35 -11.65 -4.90
CA VAL A 13 16.25 -11.90 -4.00
C VAL A 13 16.24 -13.38 -3.59
N ASN A 14 16.97 -13.66 -2.51
CA ASN A 14 17.06 -15.01 -2.01
C ASN A 14 16.88 -14.99 -0.49
N SER A 15 15.62 -15.03 -0.08
CA SER A 15 15.30 -15.02 1.34
C SER A 15 14.63 -16.34 1.74
N GLY A 16 15.19 -17.42 1.22
CA GLY A 16 14.66 -18.75 1.51
C GLY A 16 13.77 -19.24 0.36
N SER A 17 13.05 -20.33 0.63
CA SER A 17 12.17 -20.91 -0.36
C SER A 17 10.85 -21.32 0.28
N SER A 18 9.80 -20.58 -0.05
CA SER A 18 8.49 -20.86 0.49
C SER A 18 7.45 -19.95 -0.17
N LEU A 19 6.21 -20.10 0.28
CA LEU A 19 5.11 -19.30 -0.25
C LEU A 19 5.57 -17.84 -0.36
N PRO A 20 4.87 -17.09 -1.26
CA PRO A 20 5.19 -15.69 -1.47
C PRO A 20 4.69 -14.83 -0.31
N LEU A 21 4.59 -13.54 -0.57
CA LEU A 21 4.12 -12.60 0.44
C LEU A 21 2.76 -12.04 0.04
N PHE A 22 2.57 -11.93 -1.27
CA PHE A 22 1.32 -11.41 -1.80
C PHE A 22 1.07 -11.94 -3.21
N ASP A 23 -0.17 -11.79 -3.65
CA ASP A 23 -0.55 -12.24 -4.98
C ASP A 23 -1.45 -11.19 -5.63
N CYS A 24 -0.92 -10.61 -6.71
CA CYS A 24 -1.66 -9.59 -7.43
C CYS A 24 -2.93 -10.22 -8.00
N PRO A 25 -4.05 -9.44 -7.92
CA PRO A 25 -5.32 -9.92 -8.43
C PRO A 25 -5.37 -9.88 -9.95
N THR A 26 -6.58 -9.92 -10.49
CA THR A 26 -6.76 -9.90 -11.93
C THR A 26 -7.45 -8.59 -12.34
N TRP A 27 -7.81 -7.81 -11.35
CA TRP A 27 -8.47 -6.54 -11.60
C TRP A 27 -7.39 -5.44 -11.61
N ALA A 28 -6.17 -5.86 -11.33
CA ALA A 28 -5.06 -4.93 -11.31
C ALA A 28 -4.68 -4.55 -12.75
N GLY A 29 -4.40 -3.27 -12.93
CA GLY A 29 -4.03 -2.76 -14.25
C GLY A 29 -2.98 -1.67 -14.13
N LYS A 30 -2.01 -1.73 -15.04
CA LYS A 30 -0.94 -0.75 -15.05
C LYS A 30 -1.54 0.66 -14.97
N PRO A 31 -1.18 1.37 -13.87
CA PRO A 31 -1.68 2.72 -13.66
C PRO A 31 -0.95 3.72 -14.57
N PRO A 32 -1.66 4.84 -14.87
CA PRO A 32 -1.11 5.87 -15.73
C PRO A 32 -0.04 6.69 -14.98
N PRO A 33 0.88 7.29 -15.79
CA PRO A 33 1.94 8.10 -15.22
C PRO A 33 1.42 9.46 -14.75
N GLY A 34 0.72 9.41 -13.62
CA GLY A 34 0.16 10.63 -13.05
C GLY A 34 -0.43 10.36 -11.66
N LEU A 35 0.18 9.42 -10.96
CA LEU A 35 -0.27 9.05 -9.64
C LEU A 35 0.93 9.04 -8.69
N HIS A 36 0.62 8.99 -7.39
CA HIS A 36 1.66 8.98 -6.38
C HIS A 36 1.02 8.86 -5.00
N LEU A 37 1.73 8.18 -4.11
CA LEU A 37 1.25 7.98 -2.75
C LEU A 37 1.73 9.14 -1.87
N ASP A 38 1.43 9.04 -0.59
CA ASP A 38 1.82 10.06 0.37
C ASP A 38 1.65 9.52 1.79
N VAL A 39 2.21 10.26 2.73
CA VAL A 39 2.12 9.87 4.13
C VAL A 39 1.97 11.12 5.01
N VAL A 40 1.17 10.98 6.04
CA VAL A 40 0.94 12.10 6.95
C VAL A 40 0.84 11.56 8.38
N LYS A 41 1.57 12.23 9.27
CA LYS A 41 1.60 11.84 10.67
C LYS A 41 0.23 12.15 11.30
N GLY A 42 -0.51 13.01 10.62
CA GLY A 42 -1.83 13.41 11.10
C GLY A 42 -2.33 14.65 10.38
N ASP A 43 -1.52 15.71 10.48
CA ASP A 43 -1.87 16.97 9.84
C ASP A 43 -0.63 17.56 9.17
N LYS A 44 0.39 16.72 9.07
CA LYS A 44 1.65 17.14 8.44
C LYS A 44 2.15 16.03 7.51
N LEU A 45 2.36 16.42 6.26
CA LEU A 45 2.83 15.46 5.27
C LEU A 45 4.25 15.02 5.63
N ILE A 46 4.39 13.73 5.89
CA ILE A 46 5.67 13.16 6.24
C ILE A 46 6.55 13.06 5.00
N GLU A 47 6.22 12.09 4.16
CA GLU A 47 6.95 11.87 2.92
C GLU A 47 5.99 11.63 1.76
N LYS A 48 6.56 11.26 0.63
CA LYS A 48 5.77 11.00 -0.56
C LYS A 48 6.30 9.74 -1.26
N LEU A 49 5.40 9.09 -1.98
CA LEU A 49 5.76 7.88 -2.69
C LEU A 49 5.08 7.86 -4.06
N ILE A 50 5.53 6.96 -4.91
CA ILE A 50 4.97 6.85 -6.25
C ILE A 50 4.21 5.51 -6.37
N ILE A 51 3.17 5.53 -7.17
CA ILE A 51 2.36 4.34 -7.38
C ILE A 51 1.94 4.26 -8.85
N ASP A 52 2.62 5.06 -9.66
CA ASP A 52 2.33 5.08 -11.09
C ASP A 52 3.42 4.33 -11.84
N GLU A 53 3.78 3.17 -11.29
CA GLU A 53 4.81 2.36 -11.91
C GLU A 53 4.32 0.91 -12.05
N LYS A 54 3.74 0.41 -10.97
CA LYS A 54 3.23 -0.95 -10.96
C LYS A 54 1.71 -0.91 -10.78
N LYS A 55 1.12 -2.10 -10.67
CA LYS A 55 -0.31 -2.22 -10.50
C LYS A 55 -0.61 -2.81 -9.11
N TYR A 56 0.45 -3.15 -8.40
CA TYR A 56 0.32 -3.71 -7.08
C TYR A 56 1.65 -3.65 -6.32
N TYR A 57 1.61 -3.05 -5.15
CA TYR A 57 2.78 -2.92 -4.32
C TYR A 57 2.60 -3.63 -2.97
N LEU A 58 3.52 -3.35 -2.06
CA LEU A 58 3.46 -3.94 -0.74
C LEU A 58 3.61 -2.85 0.32
N PHE A 59 3.46 -3.26 1.57
CA PHE A 59 3.58 -2.32 2.68
C PHE A 59 3.76 -3.07 4.01
N GLY A 60 4.96 -2.99 4.54
CA GLY A 60 5.28 -3.64 5.80
C GLY A 60 6.53 -3.05 6.44
N ARG A 61 7.64 -3.76 6.27
CA ARG A 61 8.91 -3.31 6.81
C ARG A 61 10.07 -3.95 6.06
N ASN A 62 9.92 -5.23 5.76
CA ASN A 62 10.94 -5.96 5.04
C ASN A 62 10.82 -5.67 3.54
N PRO A 63 11.85 -4.94 3.02
CA PRO A 63 11.85 -4.60 1.60
C PRO A 63 12.22 -5.81 0.74
N ASP A 64 12.87 -6.78 1.37
CA ASP A 64 13.27 -7.98 0.67
C ASP A 64 12.02 -8.67 0.09
N LEU A 65 10.87 -8.27 0.61
CA LEU A 65 9.61 -8.83 0.15
C LEU A 65 8.72 -7.71 -0.38
N CYS A 66 8.57 -6.68 0.45
CA CYS A 66 7.75 -5.54 0.07
C CYS A 66 8.63 -4.53 -0.67
N ASP A 67 7.98 -3.61 -1.35
CA ASP A 67 8.68 -2.59 -2.11
C ASP A 67 8.90 -1.37 -1.22
N PHE A 68 7.94 -1.13 -0.34
CA PHE A 68 8.02 -0.01 0.58
C PHE A 68 8.34 -0.46 1.99
N THR A 69 8.22 0.47 2.94
CA THR A 69 8.51 0.17 4.32
C THR A 69 7.73 1.11 5.24
N ILE A 70 6.92 0.52 6.11
CA ILE A 70 6.12 1.30 7.04
C ILE A 70 7.04 1.94 8.07
N ASP A 71 8.12 1.24 8.38
CA ASP A 71 9.09 1.74 9.35
C ASP A 71 8.40 1.89 10.71
N HIS A 72 8.04 0.74 11.28
CA HIS A 72 7.38 0.73 12.58
C HIS A 72 7.84 -0.48 13.38
N GLN A 73 7.06 -0.80 14.41
CA GLN A 73 7.39 -1.93 15.26
C GLN A 73 6.23 -2.94 15.26
N SER A 74 5.02 -2.40 15.23
CA SER A 74 3.83 -3.23 15.23
C SER A 74 3.61 -3.83 13.83
N CYS A 75 3.90 -3.01 12.83
CA CYS A 75 3.74 -3.44 11.45
C CYS A 75 4.43 -4.80 11.29
N SER A 76 4.22 -5.40 10.12
CA SER A 76 4.81 -6.69 9.83
C SER A 76 5.48 -6.66 8.46
N ARG A 77 6.37 -7.62 8.24
CA ARG A 77 7.08 -7.71 6.98
C ARG A 77 6.17 -7.29 5.82
N VAL A 78 4.97 -7.87 5.81
CA VAL A 78 4.00 -7.57 4.77
C VAL A 78 2.68 -7.17 5.42
N HIS A 79 2.71 -6.04 6.10
CA HIS A 79 1.52 -5.53 6.77
C HIS A 79 0.33 -5.59 5.81
N ALA A 80 0.54 -5.05 4.61
CA ALA A 80 -0.51 -5.04 3.60
C ALA A 80 0.13 -4.85 2.23
N ALA A 81 -0.72 -4.63 1.24
CA ALA A 81 -0.26 -4.44 -0.13
C ALA A 81 -1.28 -3.58 -0.89
N LEU A 82 -0.76 -2.74 -1.76
CA LEU A 82 -1.60 -1.87 -2.55
C LEU A 82 -1.86 -2.51 -3.92
N VAL A 83 -3.01 -2.17 -4.48
CA VAL A 83 -3.38 -2.71 -5.79
C VAL A 83 -4.20 -1.67 -6.55
N TYR A 84 -3.70 -1.32 -7.72
CA TYR A 84 -4.37 -0.34 -8.56
C TYR A 84 -5.41 -1.01 -9.46
N HIS A 85 -6.67 -0.81 -9.11
CA HIS A 85 -7.77 -1.38 -9.86
C HIS A 85 -7.66 -0.94 -11.33
N LYS A 86 -8.21 -1.76 -12.21
CA LYS A 86 -8.18 -1.47 -13.63
C LYS A 86 -9.62 -1.20 -14.12
N HIS A 87 -10.53 -2.03 -13.65
CA HIS A 87 -11.93 -1.90 -14.03
C HIS A 87 -12.54 -0.68 -13.33
N LEU A 88 -11.80 -0.18 -12.34
CA LEU A 88 -12.25 0.97 -11.58
C LEU A 88 -11.31 2.15 -11.84
N LYS A 89 -10.07 1.81 -12.16
CA LYS A 89 -9.07 2.82 -12.43
C LYS A 89 -8.72 3.56 -11.13
N ARG A 90 -8.73 2.81 -10.04
CA ARG A 90 -8.44 3.37 -8.74
C ARG A 90 -7.38 2.53 -8.02
N VAL A 91 -7.20 2.82 -6.74
CA VAL A 91 -6.24 2.10 -5.94
C VAL A 91 -6.98 1.33 -4.83
N PHE A 92 -6.29 0.34 -4.28
CA PHE A 92 -6.86 -0.47 -3.21
C PHE A 92 -5.79 -0.88 -2.20
N LEU A 93 -6.25 -1.13 -0.98
CA LEU A 93 -5.34 -1.53 0.09
C LEU A 93 -5.82 -2.85 0.68
N ILE A 94 -5.08 -3.91 0.36
CA ILE A 94 -5.42 -5.24 0.86
C ILE A 94 -4.69 -5.48 2.18
N ASP A 95 -5.47 -5.47 3.25
CA ASP A 95 -4.93 -5.68 4.59
C ASP A 95 -4.48 -7.14 4.71
N LEU A 96 -3.31 -7.42 4.18
CA LEU A 96 -2.76 -8.77 4.23
C LEU A 96 -2.69 -9.23 5.68
N ASN A 97 -3.81 -9.74 6.17
CA ASN A 97 -3.89 -10.23 7.52
C ASN A 97 -3.00 -9.37 8.42
N SER A 98 -3.20 -8.06 8.32
CA SER A 98 -2.43 -7.11 9.11
C SER A 98 -2.58 -7.42 10.59
N THR A 99 -1.47 -7.33 11.30
CA THR A 99 -1.47 -7.59 12.73
C THR A 99 -2.78 -7.12 13.36
N HIS A 100 -3.11 -5.87 13.11
CA HIS A 100 -4.33 -5.29 13.64
C HIS A 100 -5.36 -5.16 12.53
N GLY A 101 -5.05 -4.30 11.57
CA GLY A 101 -5.93 -4.07 10.44
C GLY A 101 -5.63 -2.74 9.76
N THR A 102 -6.26 -2.54 8.62
CA THR A 102 -6.07 -1.31 7.86
C THR A 102 -7.35 -0.50 7.82
N PHE A 103 -7.19 0.81 7.63
CA PHE A 103 -8.32 1.71 7.59
C PHE A 103 -8.16 2.73 6.45
N LEU A 104 -9.27 3.35 6.09
CA LEU A 104 -9.27 4.34 5.04
C LEU A 104 -9.72 5.69 5.60
N GLY A 105 -9.03 6.12 6.65
CA GLY A 105 -9.35 7.38 7.29
C GLY A 105 -10.27 7.17 8.49
N HIS A 106 -11.48 6.73 8.19
CA HIS A 106 -12.47 6.48 9.23
C HIS A 106 -13.16 5.15 8.98
N ILE A 107 -12.61 4.40 8.04
CA ILE A 107 -13.16 3.10 7.69
C ILE A 107 -12.11 2.03 7.93
N ARG A 108 -12.58 0.80 8.03
CA ARG A 108 -11.69 -0.34 8.26
C ARG A 108 -11.86 -1.38 7.15
N LEU A 109 -10.76 -2.05 6.85
CA LEU A 109 -10.76 -3.07 5.82
C LEU A 109 -10.55 -4.44 6.45
N GLU A 110 -10.92 -5.47 5.71
CA GLU A 110 -10.77 -6.84 6.19
C GLU A 110 -9.35 -7.35 5.89
N PRO A 111 -8.93 -8.37 6.70
CA PRO A 111 -7.61 -8.95 6.53
C PRO A 111 -7.56 -9.85 5.29
N HIS A 112 -7.94 -9.27 4.16
CA HIS A 112 -7.95 -10.02 2.91
C HIS A 112 -8.73 -9.24 1.86
N LYS A 113 -9.87 -8.69 2.28
CA LYS A 113 -10.71 -7.92 1.39
C LYS A 113 -10.07 -6.56 1.13
N PRO A 114 -9.87 -6.26 -0.19
CA PRO A 114 -9.27 -5.00 -0.58
C PRO A 114 -10.26 -3.85 -0.43
N GLN A 115 -9.70 -2.65 -0.25
CA GLN A 115 -10.52 -1.46 -0.07
C GLN A 115 -10.01 -0.34 -0.98
N GLN A 116 -10.82 -0.01 -1.97
CA GLN A 116 -10.46 1.05 -2.91
C GLN A 116 -9.86 2.24 -2.16
N ILE A 117 -9.21 3.11 -2.92
CA ILE A 117 -8.60 4.29 -2.35
C ILE A 117 -8.81 5.49 -3.29
N PRO A 118 -9.69 6.42 -2.83
CA PRO A 118 -9.99 7.60 -3.62
C PRO A 118 -8.84 8.61 -3.57
N ILE A 119 -8.93 9.60 -4.43
CA ILE A 119 -7.91 10.63 -4.50
C ILE A 119 -8.02 11.54 -3.27
N ASP A 120 -6.88 12.05 -2.84
CA ASP A 120 -6.84 12.93 -1.67
C ASP A 120 -7.41 12.19 -0.47
N SER A 121 -7.51 10.88 -0.60
CA SER A 121 -8.04 10.05 0.47
C SER A 121 -7.04 10.01 1.64
N THR A 122 -7.36 9.15 2.60
CA THR A 122 -6.50 9.01 3.76
C THR A 122 -6.70 7.63 4.41
N VAL A 123 -5.59 6.92 4.57
CA VAL A 123 -5.64 5.59 5.16
C VAL A 123 -4.76 5.57 6.41
N SER A 124 -5.07 4.62 7.29
CA SER A 124 -4.32 4.48 8.53
C SER A 124 -4.19 3.01 8.90
N PHE A 125 -2.96 2.53 8.86
CA PHE A 125 -2.69 1.14 9.18
C PHE A 125 -2.76 0.90 10.70
N GLY A 126 -3.01 -0.34 11.06
CA GLY A 126 -3.09 -0.71 12.47
C GLY A 126 -1.82 -0.31 13.22
N ALA A 127 -0.78 -1.09 13.02
CA ALA A 127 0.49 -0.84 13.67
C ALA A 127 0.74 0.68 13.71
N SER A 128 1.21 1.19 12.59
CA SER A 128 1.50 2.61 12.48
C SER A 128 0.21 3.42 12.68
N THR A 129 0.37 4.73 12.68
CA THR A 129 -0.77 5.63 12.86
C THR A 129 -0.69 6.79 11.87
N ARG A 130 -0.10 6.51 10.71
CA ARG A 130 0.05 7.53 9.68
C ARG A 130 -1.31 7.82 9.03
N ALA A 131 -1.27 8.64 8.00
CA ALA A 131 -2.48 9.01 7.28
C ALA A 131 -2.19 9.03 5.78
N TYR A 132 -1.75 7.88 5.28
CA TYR A 132 -1.43 7.74 3.87
C TYR A 132 -2.53 8.37 3.00
N THR A 133 -2.15 9.45 2.32
CA THR A 133 -3.08 10.16 1.46
C THR A 133 -2.77 9.86 -0.01
N LEU A 134 -3.60 9.01 -0.60
CA LEU A 134 -3.43 8.64 -1.99
C LEU A 134 -3.79 9.84 -2.88
N ARG A 135 -2.78 10.38 -3.53
CA ARG A 135 -2.97 11.52 -4.41
C ARG A 135 -3.06 11.05 -5.87
N GLU A 136 -2.98 12.02 -6.77
CA GLU A 136 -3.05 11.73 -8.19
C GLU A 136 -2.68 12.97 -9.01
N LYS A 137 -1.52 12.91 -9.64
CA LYS A 137 -1.05 14.02 -10.45
C LYS A 137 -2.23 14.64 -11.19
N PRO A 138 -2.75 15.76 -10.61
CA PRO A 138 -3.88 16.46 -11.20
C PRO A 138 -3.45 17.26 -12.43
N GLN A 139 -4.29 18.20 -12.82
CA GLN A 139 -4.01 19.03 -13.97
C GLN A 139 -2.89 20.03 -13.65
N THR A 140 -2.14 20.38 -14.67
CA THR A 140 -1.04 21.32 -14.52
C THR A 140 -1.54 22.61 -13.85
N MET A 9 29.43 -23.94 6.13
CA MET A 9 30.41 -24.48 5.20
C MET A 9 29.73 -25.28 4.09
N ALA A 10 28.51 -24.88 3.77
CA ALA A 10 27.75 -25.55 2.73
C ALA A 10 27.70 -24.65 1.49
N ALA A 11 27.62 -25.31 0.34
CA ALA A 11 27.56 -24.59 -0.93
C ALA A 11 26.14 -24.11 -1.18
N ALA A 12 25.82 -22.96 -0.59
CA ALA A 12 24.50 -22.39 -0.75
C ALA A 12 24.57 -20.87 -0.52
N VAL A 13 24.44 -20.13 -1.60
CA VAL A 13 24.48 -18.68 -1.53
C VAL A 13 23.10 -18.14 -1.15
N ASN A 14 22.11 -18.53 -1.95
CA ASN A 14 20.74 -18.09 -1.71
C ASN A 14 19.79 -19.22 -2.09
N SER A 15 18.86 -19.50 -1.18
CA SER A 15 17.87 -20.55 -1.41
C SER A 15 16.78 -20.03 -2.34
N GLY A 16 15.94 -19.17 -1.79
CA GLY A 16 14.85 -18.61 -2.56
C GLY A 16 13.65 -19.56 -2.61
N SER A 17 13.36 -20.15 -1.46
CA SER A 17 12.25 -21.08 -1.35
C SER A 17 11.35 -20.70 -0.17
N SER A 18 10.27 -20.01 -0.50
CA SER A 18 9.32 -19.57 0.51
C SER A 18 8.12 -18.91 -0.15
N LEU A 19 7.09 -18.67 0.66
CA LEU A 19 5.88 -18.05 0.17
C LEU A 19 6.19 -16.63 -0.30
N PRO A 20 5.29 -16.10 -1.17
CA PRO A 20 5.47 -14.75 -1.70
C PRO A 20 5.13 -13.70 -0.65
N LEU A 21 4.90 -12.49 -1.12
CA LEU A 21 4.56 -11.38 -0.23
C LEU A 21 3.11 -10.95 -0.48
N PHE A 22 2.69 -11.11 -1.74
CA PHE A 22 1.34 -10.74 -2.12
C PHE A 22 1.03 -11.19 -3.54
N ASP A 23 -0.25 -11.42 -3.80
CA ASP A 23 -0.68 -11.84 -5.12
C ASP A 23 -1.63 -10.80 -5.70
N CYS A 24 -1.20 -10.20 -6.80
CA CYS A 24 -2.01 -9.19 -7.47
C CYS A 24 -3.27 -9.85 -8.02
N PRO A 25 -4.41 -9.10 -7.95
CA PRO A 25 -5.67 -9.61 -8.43
C PRO A 25 -5.71 -9.59 -9.96
N THR A 26 -6.93 -9.68 -10.48
CA THR A 26 -7.13 -9.67 -11.93
C THR A 26 -7.82 -8.38 -12.36
N TRP A 27 -8.16 -7.56 -11.38
CA TRP A 27 -8.83 -6.30 -11.65
C TRP A 27 -7.76 -5.20 -11.70
N ALA A 28 -6.54 -5.61 -11.42
CA ALA A 28 -5.42 -4.67 -11.42
C ALA A 28 -5.05 -4.33 -12.87
N GLY A 29 -4.79 -3.05 -13.09
CA GLY A 29 -4.42 -2.58 -14.42
C GLY A 29 -3.43 -1.43 -14.33
N LYS A 30 -2.45 -1.46 -15.23
CA LYS A 30 -1.43 -0.42 -15.27
C LYS A 30 -2.09 0.94 -15.18
N PRO A 31 -1.75 1.68 -14.09
CA PRO A 31 -2.30 3.01 -13.88
C PRO A 31 -1.67 4.03 -14.81
N PRO A 32 -2.42 5.14 -15.06
CA PRO A 32 -1.93 6.19 -15.94
C PRO A 32 -0.87 7.03 -15.25
N PRO A 33 0.01 7.65 -16.08
CA PRO A 33 1.07 8.49 -15.56
C PRO A 33 0.53 9.84 -15.08
N GLY A 34 -0.10 9.80 -13.92
CA GLY A 34 -0.67 11.00 -13.34
C GLY A 34 -1.22 10.73 -11.93
N LEU A 35 -0.57 9.80 -11.24
CA LEU A 35 -0.98 9.44 -9.90
C LEU A 35 0.23 9.48 -8.98
N HIS A 36 -0.05 9.46 -7.68
CA HIS A 36 1.00 9.49 -6.68
C HIS A 36 0.39 9.39 -5.29
N LEU A 37 1.12 8.74 -4.39
CA LEU A 37 0.67 8.57 -3.02
C LEU A 37 1.16 9.73 -2.18
N ASP A 38 0.88 9.65 -0.88
CA ASP A 38 1.29 10.70 0.04
C ASP A 38 1.13 10.18 1.48
N VAL A 39 1.71 10.94 2.40
CA VAL A 39 1.63 10.58 3.81
C VAL A 39 1.37 11.83 4.65
N VAL A 40 0.57 11.65 5.69
CA VAL A 40 0.23 12.76 6.57
C VAL A 40 0.22 12.26 8.01
N LYS A 41 0.93 12.99 8.86
CA LYS A 41 1.01 12.64 10.27
C LYS A 41 -0.29 13.05 10.97
N GLY A 42 -1.16 13.69 10.19
CA GLY A 42 -2.44 14.14 10.73
C GLY A 42 -2.99 15.29 9.90
N ASP A 43 -2.30 16.42 9.96
CA ASP A 43 -2.72 17.60 9.22
C ASP A 43 -1.49 18.24 8.56
N LYS A 44 -0.44 17.43 8.42
CA LYS A 44 0.78 17.91 7.82
C LYS A 44 1.37 16.81 6.93
N LEU A 45 1.57 17.16 5.66
CA LEU A 45 2.11 16.21 4.70
C LEU A 45 3.54 15.85 5.12
N ILE A 46 3.74 14.56 5.37
CA ILE A 46 5.05 14.07 5.78
C ILE A 46 5.92 13.90 4.53
N GLU A 47 5.60 12.87 3.76
CA GLU A 47 6.34 12.58 2.55
C GLU A 47 5.39 12.32 1.38
N LYS A 48 5.97 11.99 0.24
CA LYS A 48 5.19 11.73 -0.95
C LYS A 48 5.73 10.48 -1.65
N LEU A 49 4.83 9.78 -2.33
CA LEU A 49 5.21 8.57 -3.03
C LEU A 49 4.48 8.53 -4.38
N ILE A 50 4.93 7.63 -5.24
CA ILE A 50 4.33 7.47 -6.55
C ILE A 50 3.61 6.12 -6.62
N ILE A 51 2.55 6.10 -7.41
CA ILE A 51 1.77 4.88 -7.57
C ILE A 51 1.32 4.76 -9.03
N ASP A 52 1.97 5.55 -9.88
CA ASP A 52 1.64 5.54 -11.30
C ASP A 52 2.76 4.82 -12.06
N GLU A 53 3.07 3.62 -11.61
CA GLU A 53 4.11 2.83 -12.24
C GLU A 53 3.68 1.36 -12.35
N LYS A 54 3.15 0.86 -11.25
CA LYS A 54 2.68 -0.52 -11.21
C LYS A 54 1.16 -0.54 -11.01
N LYS A 55 0.64 -1.75 -10.86
CA LYS A 55 -0.79 -1.92 -10.67
C LYS A 55 -1.04 -2.50 -9.27
N TYR A 56 0.05 -2.78 -8.57
CA TYR A 56 -0.03 -3.34 -7.24
C TYR A 56 1.30 -3.23 -6.51
N TYR A 57 1.25 -2.65 -5.32
CA TYR A 57 2.44 -2.47 -4.52
C TYR A 57 2.29 -3.16 -3.16
N LEU A 58 3.21 -2.81 -2.25
CA LEU A 58 3.19 -3.39 -0.92
C LEU A 58 3.30 -2.27 0.12
N PHE A 59 3.24 -2.66 1.38
CA PHE A 59 3.34 -1.71 2.46
C PHE A 59 3.60 -2.41 3.80
N GLY A 60 4.79 -2.21 4.32
CA GLY A 60 5.19 -2.83 5.58
C GLY A 60 6.42 -2.14 6.16
N ARG A 61 7.56 -2.80 5.98
CA ARG A 61 8.81 -2.26 6.48
C ARG A 61 9.99 -2.84 5.70
N ASN A 62 9.89 -4.14 5.41
CA ASN A 62 10.93 -4.82 4.68
C ASN A 62 10.74 -4.57 3.18
N PRO A 63 11.69 -3.79 2.59
CA PRO A 63 11.63 -3.47 1.17
C PRO A 63 12.04 -4.67 0.32
N ASP A 64 12.77 -5.59 0.96
CA ASP A 64 13.24 -6.78 0.27
C ASP A 64 12.03 -7.57 -0.23
N LEU A 65 10.87 -7.24 0.30
CA LEU A 65 9.64 -7.91 -0.09
C LEU A 65 8.64 -6.87 -0.60
N CYS A 66 8.48 -5.82 0.18
CA CYS A 66 7.56 -4.75 -0.19
C CYS A 66 8.33 -3.72 -1.02
N ASP A 67 7.58 -2.79 -1.60
CA ASP A 67 8.17 -1.75 -2.42
C ASP A 67 8.36 -0.49 -1.57
N PHE A 68 7.44 -0.31 -0.64
CA PHE A 68 7.49 0.86 0.25
C PHE A 68 7.89 0.45 1.67
N THR A 69 7.77 1.39 2.58
CA THR A 69 8.10 1.15 3.97
C THR A 69 7.29 2.06 4.89
N ILE A 70 6.54 1.44 5.79
CA ILE A 70 5.72 2.18 6.72
C ILE A 70 6.63 2.90 7.73
N ASP A 71 7.76 2.27 8.02
CA ASP A 71 8.70 2.82 8.96
C ASP A 71 8.05 2.93 10.34
N HIS A 72 7.81 1.78 10.94
CA HIS A 72 7.19 1.74 12.26
C HIS A 72 7.77 0.58 13.06
N GLN A 73 7.05 0.20 14.10
CA GLN A 73 7.48 -0.90 14.95
C GLN A 73 6.42 -2.00 14.97
N SER A 74 5.17 -1.58 14.97
CA SER A 74 4.06 -2.51 14.98
C SER A 74 3.86 -3.11 13.59
N CYS A 75 3.97 -2.24 12.60
CA CYS A 75 3.81 -2.67 11.21
C CYS A 75 4.57 -3.98 11.02
N SER A 76 4.31 -4.62 9.89
CA SER A 76 4.96 -5.88 9.57
C SER A 76 5.58 -5.80 8.17
N ARG A 77 6.51 -6.72 7.93
CA ARG A 77 7.19 -6.77 6.65
C ARG A 77 6.22 -6.39 5.52
N VAL A 78 5.07 -7.04 5.54
CA VAL A 78 4.05 -6.79 4.54
C VAL A 78 2.74 -6.45 5.23
N HIS A 79 2.73 -5.31 5.91
CA HIS A 79 1.55 -4.86 6.61
C HIS A 79 0.32 -4.99 5.70
N ALA A 80 0.47 -4.44 4.50
CA ALA A 80 -0.61 -4.48 3.52
C ALA A 80 -0.03 -4.30 2.11
N ALA A 81 -0.93 -4.23 1.15
CA ALA A 81 -0.52 -4.07 -0.24
C ALA A 81 -1.59 -3.26 -0.98
N LEU A 82 -1.12 -2.40 -1.87
CA LEU A 82 -2.02 -1.57 -2.65
C LEU A 82 -2.29 -2.25 -4.00
N VAL A 83 -3.39 -1.83 -4.61
CA VAL A 83 -3.77 -2.39 -5.90
C VAL A 83 -4.62 -1.36 -6.66
N TYR A 84 -4.16 -1.04 -7.87
CA TYR A 84 -4.85 -0.08 -8.71
C TYR A 84 -5.87 -0.78 -9.60
N HIS A 85 -7.14 -0.56 -9.28
CA HIS A 85 -8.23 -1.15 -10.04
C HIS A 85 -8.11 -0.73 -11.51
N LYS A 86 -8.63 -1.59 -12.38
CA LYS A 86 -8.59 -1.32 -13.80
C LYS A 86 -10.01 -1.07 -14.31
N HIS A 87 -10.93 -1.91 -13.85
CA HIS A 87 -12.32 -1.79 -14.24
C HIS A 87 -12.94 -0.57 -13.57
N LEU A 88 -12.23 -0.03 -12.59
CA LEU A 88 -12.68 1.13 -11.87
C LEU A 88 -11.74 2.31 -12.13
N LYS A 89 -10.46 1.97 -12.31
CA LYS A 89 -9.46 2.98 -12.57
C LYS A 89 -9.14 3.73 -11.27
N ARG A 90 -9.19 2.99 -10.17
CA ARG A 90 -8.91 3.57 -8.87
C ARG A 90 -7.84 2.75 -8.15
N VAL A 91 -7.68 3.04 -6.86
CA VAL A 91 -6.70 2.34 -6.06
C VAL A 91 -7.42 1.56 -4.95
N PHE A 92 -6.70 0.60 -4.38
CA PHE A 92 -7.25 -0.22 -3.32
C PHE A 92 -6.17 -0.60 -2.31
N LEU A 93 -6.61 -0.84 -1.08
CA LEU A 93 -5.69 -1.21 -0.02
C LEU A 93 -6.12 -2.56 0.56
N ILE A 94 -5.33 -3.57 0.29
CA ILE A 94 -5.62 -4.91 0.78
C ILE A 94 -4.86 -5.14 2.09
N ASP A 95 -5.63 -5.17 3.17
CA ASP A 95 -5.05 -5.37 4.49
C ASP A 95 -4.61 -6.84 4.62
N LEU A 96 -3.31 -7.05 4.45
CA LEU A 96 -2.76 -8.38 4.55
C LEU A 96 -2.65 -8.78 6.03
N ASN A 97 -3.77 -9.25 6.56
CA ASN A 97 -3.82 -9.66 7.95
C ASN A 97 -2.84 -8.81 8.77
N SER A 98 -2.99 -7.50 8.63
CA SER A 98 -2.13 -6.57 9.35
C SER A 98 -2.21 -6.84 10.85
N THR A 99 -1.08 -6.67 11.52
CA THR A 99 -1.00 -6.89 12.95
C THR A 99 -2.29 -6.40 13.63
N HIS A 100 -2.84 -5.33 13.07
CA HIS A 100 -4.07 -4.75 13.61
C HIS A 100 -5.14 -4.71 12.52
N GLY A 101 -4.90 -3.85 11.54
CA GLY A 101 -5.83 -3.70 10.43
C GLY A 101 -5.61 -2.39 9.69
N THR A 102 -6.32 -2.23 8.60
CA THR A 102 -6.20 -1.03 7.80
C THR A 102 -7.55 -0.29 7.73
N PHE A 103 -7.47 1.02 7.60
CA PHE A 103 -8.65 1.85 7.53
C PHE A 103 -8.55 2.86 6.38
N LEU A 104 -9.69 3.48 6.09
CA LEU A 104 -9.75 4.47 5.02
C LEU A 104 -10.22 5.81 5.59
N GLY A 105 -9.45 6.31 6.55
CA GLY A 105 -9.78 7.57 7.19
C GLY A 105 -10.70 7.36 8.39
N HIS A 106 -11.88 6.86 8.11
CA HIS A 106 -12.87 6.60 9.15
C HIS A 106 -13.62 5.31 8.84
N ILE A 107 -12.97 4.45 8.07
CA ILE A 107 -13.57 3.18 7.70
C ILE A 107 -12.56 2.06 7.95
N ARG A 108 -13.09 0.91 8.37
CA ARG A 108 -12.25 -0.24 8.65
C ARG A 108 -12.33 -1.24 7.49
N LEU A 109 -11.18 -1.82 7.18
CA LEU A 109 -11.11 -2.79 6.10
C LEU A 109 -10.78 -4.17 6.68
N GLU A 110 -11.20 -5.19 5.96
CA GLU A 110 -10.95 -6.56 6.39
C GLU A 110 -9.53 -6.98 6.05
N PRO A 111 -8.98 -7.91 6.88
CA PRO A 111 -7.64 -8.40 6.68
C PRO A 111 -7.58 -9.38 5.50
N HIS A 112 -8.03 -8.90 4.35
CA HIS A 112 -8.03 -9.72 3.15
C HIS A 112 -8.86 -9.03 2.06
N LYS A 113 -9.97 -8.46 2.49
CA LYS A 113 -10.86 -7.76 1.56
C LYS A 113 -10.26 -6.39 1.24
N PRO A 114 -10.13 -6.12 -0.09
CA PRO A 114 -9.59 -4.86 -0.54
C PRO A 114 -10.61 -3.73 -0.39
N GLN A 115 -10.10 -2.50 -0.37
CA GLN A 115 -10.95 -1.34 -0.22
C GLN A 115 -10.45 -0.20 -1.12
N GLN A 116 -11.25 0.10 -2.14
CA GLN A 116 -10.90 1.16 -3.08
C GLN A 116 -10.36 2.37 -2.32
N ILE A 117 -9.76 3.27 -3.08
CA ILE A 117 -9.19 4.48 -2.50
C ILE A 117 -9.49 5.67 -3.41
N PRO A 118 -10.35 6.58 -2.90
CA PRO A 118 -10.72 7.77 -3.66
C PRO A 118 -9.59 8.80 -3.68
N ILE A 119 -9.69 9.72 -4.62
CA ILE A 119 -8.68 10.75 -4.75
C ILE A 119 -8.77 11.69 -3.54
N ASP A 120 -7.60 12.19 -3.14
CA ASP A 120 -7.53 13.09 -2.00
C ASP A 120 -8.10 12.40 -0.76
N SER A 121 -8.21 11.08 -0.86
CA SER A 121 -8.74 10.29 0.23
C SER A 121 -7.76 10.30 1.41
N THR A 122 -8.05 9.44 2.38
CA THR A 122 -7.20 9.34 3.56
C THR A 122 -7.33 7.95 4.18
N VAL A 123 -6.19 7.29 4.30
CA VAL A 123 -6.16 5.94 4.88
C VAL A 123 -5.24 5.95 6.10
N SER A 124 -5.57 5.09 7.06
CA SER A 124 -4.79 4.98 8.27
C SER A 124 -4.62 3.52 8.65
N PHE A 125 -3.39 3.03 8.50
CA PHE A 125 -3.10 1.65 8.82
C PHE A 125 -3.24 1.39 10.33
N GLY A 126 -3.07 0.14 10.70
CA GLY A 126 -3.18 -0.25 12.09
C GLY A 126 -2.32 0.65 12.98
N ALA A 127 -1.03 0.37 12.98
CA ALA A 127 -0.10 1.15 13.78
C ALA A 127 0.11 2.52 13.13
N SER A 128 0.79 2.50 11.99
CA SER A 128 1.05 3.72 11.26
C SER A 128 -0.13 4.68 11.38
N THR A 129 -0.01 5.61 12.32
CA THR A 129 -1.06 6.58 12.56
C THR A 129 -1.17 7.53 11.36
N ARG A 130 -0.21 7.41 10.45
CA ARG A 130 -0.20 8.25 9.26
C ARG A 130 -1.60 8.31 8.65
N ALA A 131 -1.75 9.22 7.70
CA ALA A 131 -3.02 9.40 7.02
C ALA A 131 -2.80 9.43 5.51
N TYR A 132 -2.25 8.33 5.01
CA TYR A 132 -1.98 8.22 3.58
C TYR A 132 -3.10 8.84 2.76
N THR A 133 -2.75 9.91 2.05
CA THR A 133 -3.72 10.61 1.22
C THR A 133 -3.45 10.34 -0.26
N LEU A 134 -4.22 9.41 -0.82
CA LEU A 134 -4.07 9.06 -2.22
C LEU A 134 -4.48 10.23 -3.09
N ARG A 135 -3.49 10.84 -3.72
CA ARG A 135 -3.73 11.99 -4.58
C ARG A 135 -3.78 11.54 -6.05
N GLU A 136 -3.86 12.52 -6.94
CA GLU A 136 -3.91 12.26 -8.35
C GLU A 136 -3.41 13.46 -9.15
N LYS A 137 -2.20 13.31 -9.67
CA LYS A 137 -1.59 14.39 -10.45
C LYS A 137 -2.67 15.08 -11.30
N PRO A 138 -3.15 16.23 -10.78
CA PRO A 138 -4.18 16.98 -11.48
C PRO A 138 -3.60 17.73 -12.67
N GLN A 139 -4.35 18.72 -13.14
CA GLN A 139 -3.92 19.52 -14.28
C GLN A 139 -2.74 20.42 -13.87
N THR A 140 -1.69 20.35 -14.66
CA THR A 140 -0.51 21.15 -14.40
C THR A 140 -0.72 22.59 -14.88
N MET A 9 18.46 -8.51 14.39
CA MET A 9 17.12 -8.98 14.74
C MET A 9 16.28 -9.18 13.48
N ALA A 10 16.67 -10.17 12.69
CA ALA A 10 15.95 -10.47 11.47
C ALA A 10 15.18 -11.79 11.64
N ALA A 11 14.31 -12.06 10.68
CA ALA A 11 13.51 -13.27 10.71
C ALA A 11 13.69 -14.04 9.40
N ALA A 12 14.38 -15.16 9.51
CA ALA A 12 14.63 -15.99 8.34
C ALA A 12 14.04 -17.39 8.57
N VAL A 13 12.72 -17.43 8.60
CA VAL A 13 12.02 -18.70 8.81
C VAL A 13 11.68 -19.31 7.45
N ASN A 14 11.60 -20.64 7.45
CA ASN A 14 11.28 -21.37 6.23
C ASN A 14 10.01 -22.19 6.45
N SER A 15 8.87 -21.50 6.37
CA SER A 15 7.59 -22.15 6.55
C SER A 15 7.33 -23.14 5.41
N GLY A 16 7.33 -22.60 4.20
CA GLY A 16 7.10 -23.41 3.02
C GLY A 16 8.31 -23.38 2.08
N SER A 17 8.14 -24.04 0.94
CA SER A 17 9.22 -24.10 -0.04
C SER A 17 9.72 -22.69 -0.35
N SER A 18 8.86 -21.91 -1.00
CA SER A 18 9.20 -20.55 -1.36
C SER A 18 7.96 -19.83 -1.90
N LEU A 19 7.58 -18.77 -1.20
CA LEU A 19 6.42 -18.00 -1.59
C LEU A 19 6.86 -16.56 -1.91
N PRO A 20 6.05 -15.88 -2.76
CA PRO A 20 6.34 -14.52 -3.15
C PRO A 20 6.03 -13.54 -2.01
N LEU A 21 5.90 -12.27 -2.38
CA LEU A 21 5.61 -11.23 -1.40
C LEU A 21 4.19 -10.72 -1.63
N PHE A 22 3.71 -10.90 -2.85
CA PHE A 22 2.38 -10.45 -3.21
C PHE A 22 1.92 -11.09 -4.53
N ASP A 23 0.62 -10.99 -4.78
CA ASP A 23 0.05 -11.55 -5.99
C ASP A 23 -0.90 -10.53 -6.62
N CYS A 24 -0.49 -10.01 -7.77
CA CYS A 24 -1.29 -9.03 -8.48
C CYS A 24 -2.57 -9.71 -8.96
N PRO A 25 -3.70 -8.99 -8.78
CA PRO A 25 -5.00 -9.51 -9.19
C PRO A 25 -5.15 -9.45 -10.72
N THR A 26 -6.40 -9.54 -11.16
CA THR A 26 -6.69 -9.50 -12.58
C THR A 26 -7.54 -8.26 -12.91
N TRP A 27 -7.86 -7.51 -11.87
CA TRP A 27 -8.65 -6.29 -12.04
C TRP A 27 -7.69 -5.11 -12.11
N ALA A 28 -6.41 -5.41 -11.97
CA ALA A 28 -5.39 -4.38 -12.02
C ALA A 28 -5.21 -3.92 -13.47
N GLY A 29 -5.05 -2.62 -13.62
CA GLY A 29 -4.88 -2.04 -14.94
C GLY A 29 -3.94 -0.82 -14.89
N LYS A 30 -3.05 -0.77 -15.88
CA LYS A 30 -2.09 0.33 -15.95
C LYS A 30 -2.81 1.64 -15.65
N PRO A 31 -2.39 2.30 -14.54
CA PRO A 31 -2.98 3.57 -14.14
C PRO A 31 -2.49 4.71 -15.04
N PRO A 32 -3.31 5.80 -15.08
CA PRO A 32 -2.99 6.95 -15.89
C PRO A 32 -1.87 7.77 -15.25
N PRO A 33 -1.10 8.48 -16.12
CA PRO A 33 0.01 9.30 -15.65
C PRO A 33 -0.51 10.59 -15.00
N GLY A 34 -1.03 10.44 -13.80
CA GLY A 34 -1.56 11.58 -13.06
C GLY A 34 -1.95 11.18 -11.64
N LEU A 35 -1.21 10.21 -11.11
CA LEU A 35 -1.46 9.74 -9.75
C LEU A 35 -0.16 9.75 -8.97
N HIS A 36 -0.29 9.64 -7.65
CA HIS A 36 0.86 9.64 -6.77
C HIS A 36 0.41 9.41 -5.33
N LEU A 37 1.22 8.67 -4.59
CA LEU A 37 0.92 8.38 -3.20
C LEU A 37 1.47 9.51 -2.32
N ASP A 38 1.11 9.44 -1.04
CA ASP A 38 1.55 10.45 -0.09
C ASP A 38 1.43 9.88 1.33
N VAL A 39 2.11 10.55 2.26
CA VAL A 39 2.09 10.12 3.65
C VAL A 39 1.91 11.34 4.55
N VAL A 40 1.24 11.11 5.67
CA VAL A 40 1.00 12.19 6.62
C VAL A 40 1.10 11.63 8.04
N LYS A 41 1.86 12.34 8.87
CA LYS A 41 2.04 11.94 10.25
C LYS A 41 0.77 12.24 11.04
N GLY A 42 -0.08 13.06 10.45
CA GLY A 42 -1.33 13.43 11.08
C GLY A 42 -1.98 14.61 10.36
N ASP A 43 -1.27 15.72 10.36
CA ASP A 43 -1.76 16.93 9.72
C ASP A 43 -0.61 17.60 8.96
N LYS A 44 0.43 16.82 8.71
CA LYS A 44 1.59 17.31 7.99
C LYS A 44 2.09 16.24 7.02
N LEU A 45 2.20 16.64 5.76
CA LEU A 45 2.65 15.72 4.73
C LEU A 45 4.10 15.34 5.01
N ILE A 46 4.31 14.04 5.22
CA ILE A 46 5.63 13.53 5.49
C ILE A 46 6.44 13.46 4.19
N GLU A 47 6.11 12.46 3.38
CA GLU A 47 6.79 12.27 2.12
C GLU A 47 5.78 12.10 0.99
N LYS A 48 6.29 11.79 -0.19
CA LYS A 48 5.44 11.61 -1.36
C LYS A 48 5.98 10.44 -2.19
N LEU A 49 5.07 9.78 -2.89
CA LEU A 49 5.44 8.66 -3.72
C LEU A 49 4.56 8.65 -4.99
N ILE A 50 4.97 7.84 -5.94
CA ILE A 50 4.24 7.74 -7.20
C ILE A 50 3.52 6.39 -7.26
N ILE A 51 2.37 6.40 -7.92
CA ILE A 51 1.57 5.19 -8.05
C ILE A 51 0.98 5.13 -9.46
N ASP A 52 1.53 5.96 -10.33
CA ASP A 52 1.05 6.02 -11.71
C ASP A 52 2.12 5.42 -12.63
N GLU A 53 2.68 4.30 -12.19
CA GLU A 53 3.71 3.63 -12.97
C GLU A 53 3.35 2.15 -13.15
N LYS A 54 2.90 1.55 -12.07
CA LYS A 54 2.52 0.14 -12.10
C LYS A 54 1.01 0.02 -11.84
N LYS A 55 0.58 -1.23 -11.67
CA LYS A 55 -0.82 -1.49 -11.40
C LYS A 55 -0.98 -2.08 -10.00
N TYR A 56 0.16 -2.39 -9.40
CA TYR A 56 0.17 -2.97 -8.07
C TYR A 56 1.57 -2.87 -7.44
N TYR A 57 1.59 -2.30 -6.25
CA TYR A 57 2.85 -2.13 -5.53
C TYR A 57 2.83 -2.88 -4.19
N LEU A 58 3.87 -2.67 -3.40
CA LEU A 58 3.97 -3.31 -2.11
C LEU A 58 4.13 -2.24 -1.02
N PHE A 59 4.06 -2.69 0.22
CA PHE A 59 4.20 -1.79 1.35
C PHE A 59 4.56 -2.55 2.63
N GLY A 60 5.81 -2.39 3.03
CA GLY A 60 6.31 -3.06 4.22
C GLY A 60 7.55 -2.36 4.76
N ARG A 61 8.70 -2.94 4.44
CA ARG A 61 9.98 -2.40 4.88
C ARG A 61 11.10 -2.89 3.98
N ASN A 62 11.06 -4.18 3.68
CA ASN A 62 12.07 -4.79 2.83
C ASN A 62 11.78 -4.44 1.37
N PRO A 63 12.69 -3.59 0.79
CA PRO A 63 12.54 -3.18 -0.60
C PRO A 63 12.93 -4.31 -1.55
N ASP A 64 13.65 -5.27 -1.02
CA ASP A 64 14.09 -6.42 -1.80
C ASP A 64 12.87 -7.20 -2.27
N LEU A 65 11.77 -7.01 -1.56
CA LEU A 65 10.54 -7.69 -1.89
C LEU A 65 9.47 -6.66 -2.28
N CYS A 66 9.40 -5.60 -1.48
CA CYS A 66 8.43 -4.56 -1.73
C CYS A 66 9.13 -3.45 -2.53
N ASP A 67 8.32 -2.55 -3.05
CA ASP A 67 8.84 -1.43 -3.84
C ASP A 67 9.03 -0.22 -2.93
N PHE A 68 8.15 -0.12 -1.94
CA PHE A 68 8.21 0.99 -1.00
C PHE A 68 8.73 0.52 0.37
N THR A 69 8.63 1.41 1.33
CA THR A 69 9.07 1.10 2.69
C THR A 69 8.28 1.93 3.71
N ILE A 70 7.62 1.22 4.60
CA ILE A 70 6.83 1.86 5.64
C ILE A 70 7.77 2.56 6.62
N ASP A 71 8.94 1.97 6.80
CA ASP A 71 9.94 2.52 7.70
C ASP A 71 9.37 2.54 9.12
N HIS A 72 9.23 1.35 9.68
CA HIS A 72 8.69 1.20 11.02
C HIS A 72 9.35 0.00 11.71
N GLN A 73 8.72 -0.43 12.80
CA GLN A 73 9.22 -1.57 13.55
C GLN A 73 8.17 -2.68 13.59
N SER A 74 6.92 -2.27 13.70
CA SER A 74 5.82 -3.21 13.75
C SER A 74 5.52 -3.76 12.36
N CYS A 75 5.64 -2.88 11.38
CA CYS A 75 5.39 -3.25 10.00
C CYS A 75 6.19 -4.51 9.69
N SER A 76 5.90 -5.10 8.53
CA SER A 76 6.59 -6.30 8.12
C SER A 76 7.10 -6.14 6.68
N ARG A 77 8.03 -7.02 6.31
CA ARG A 77 8.60 -6.98 4.98
C ARG A 77 7.53 -6.59 3.95
N VAL A 78 6.41 -7.29 4.00
CA VAL A 78 5.31 -7.03 3.09
C VAL A 78 4.04 -6.78 3.90
N HIS A 79 4.04 -5.68 4.63
CA HIS A 79 2.89 -5.32 5.45
C HIS A 79 1.62 -5.42 4.60
N ALA A 80 1.70 -4.88 3.40
CA ALA A 80 0.56 -4.90 2.49
C ALA A 80 1.05 -4.59 1.07
N ALA A 81 0.08 -4.39 0.19
CA ALA A 81 0.39 -4.09 -1.20
C ALA A 81 -0.78 -3.30 -1.81
N LEU A 82 -0.43 -2.34 -2.65
CA LEU A 82 -1.42 -1.51 -3.31
C LEU A 82 -1.74 -2.11 -4.68
N VAL A 83 -2.99 -1.91 -5.10
CA VAL A 83 -3.44 -2.42 -6.38
C VAL A 83 -4.40 -1.42 -7.01
N TYR A 84 -4.01 -0.92 -8.18
CA TYR A 84 -4.83 0.05 -8.89
C TYR A 84 -5.89 -0.66 -9.74
N HIS A 85 -7.13 -0.53 -9.30
CA HIS A 85 -8.24 -1.15 -10.02
C HIS A 85 -8.31 -0.60 -11.45
N LYS A 86 -8.90 -1.39 -12.32
CA LYS A 86 -9.04 -1.00 -13.72
C LYS A 86 -10.52 -0.83 -14.05
N HIS A 87 -11.31 -1.79 -13.58
CA HIS A 87 -12.74 -1.77 -13.82
C HIS A 87 -13.38 -0.68 -12.97
N LEU A 88 -12.62 -0.18 -12.01
CA LEU A 88 -13.10 0.87 -11.12
C LEU A 88 -12.32 2.15 -11.38
N LYS A 89 -11.07 1.98 -11.80
CA LYS A 89 -10.21 3.12 -12.09
C LYS A 89 -9.80 3.78 -10.78
N ARG A 90 -9.65 2.95 -9.76
CA ARG A 90 -9.25 3.44 -8.45
C ARG A 90 -8.07 2.63 -7.91
N VAL A 91 -7.80 2.83 -6.63
CA VAL A 91 -6.70 2.12 -5.99
C VAL A 91 -7.25 1.24 -4.86
N PHE A 92 -6.42 0.30 -4.43
CA PHE A 92 -6.81 -0.60 -3.36
C PHE A 92 -5.62 -0.95 -2.47
N LEU A 93 -5.92 -1.35 -1.24
CA LEU A 93 -4.89 -1.72 -0.29
C LEU A 93 -5.20 -3.10 0.28
N ILE A 94 -4.40 -4.07 -0.14
CA ILE A 94 -4.57 -5.44 0.32
C ILE A 94 -3.69 -5.67 1.56
N ASP A 95 -4.35 -5.74 2.71
CA ASP A 95 -3.64 -5.97 3.95
C ASP A 95 -3.08 -7.39 3.98
N LEU A 96 -1.96 -7.56 3.30
CA LEU A 96 -1.31 -8.86 3.23
C LEU A 96 -1.05 -9.37 4.66
N ASN A 97 -2.07 -10.00 5.22
CA ASN A 97 -1.97 -10.54 6.56
C ASN A 97 -1.11 -9.59 7.42
N SER A 98 -1.46 -8.32 7.37
CA SER A 98 -0.73 -7.32 8.13
C SER A 98 -0.70 -7.71 9.61
N THR A 99 0.48 -7.55 10.21
CA THR A 99 0.66 -7.88 11.61
C THR A 99 -0.59 -7.53 12.41
N HIS A 100 -1.07 -6.32 12.18
CA HIS A 100 -2.26 -5.84 12.87
C HIS A 100 -3.41 -5.71 11.88
N GLY A 101 -3.16 -4.94 10.82
CA GLY A 101 -4.16 -4.72 9.80
C GLY A 101 -3.99 -3.34 9.15
N THR A 102 -4.86 -3.07 8.18
CA THR A 102 -4.82 -1.81 7.48
C THR A 102 -6.16 -1.08 7.61
N PHE A 103 -6.11 0.23 7.46
CA PHE A 103 -7.31 1.05 7.54
C PHE A 103 -7.34 2.12 6.46
N LEU A 104 -8.53 2.66 6.23
CA LEU A 104 -8.69 3.69 5.22
C LEU A 104 -9.22 4.97 5.89
N GLY A 105 -8.50 5.41 6.90
CA GLY A 105 -8.87 6.60 7.62
C GLY A 105 -9.63 6.26 8.91
N HIS A 106 -10.83 5.73 8.72
CA HIS A 106 -11.67 5.35 9.84
C HIS A 106 -12.27 3.97 9.59
N ILE A 107 -11.75 3.30 8.57
CA ILE A 107 -12.23 1.98 8.21
C ILE A 107 -11.07 0.99 8.28
N ARG A 108 -11.43 -0.28 8.38
CA ARG A 108 -10.43 -1.33 8.45
C ARG A 108 -10.62 -2.33 7.30
N LEU A 109 -9.50 -2.91 6.87
CA LEU A 109 -9.54 -3.88 5.79
C LEU A 109 -9.15 -5.25 6.33
N GLU A 110 -9.53 -6.27 5.58
CA GLU A 110 -9.23 -7.64 5.96
C GLU A 110 -7.83 -8.03 5.51
N PRO A 111 -7.25 -9.04 6.22
CA PRO A 111 -5.92 -9.51 5.90
C PRO A 111 -5.94 -10.38 4.62
N HIS A 112 -6.44 -9.78 3.56
CA HIS A 112 -6.52 -10.46 2.28
C HIS A 112 -7.46 -9.72 1.34
N LYS A 113 -8.59 -9.31 1.90
CA LYS A 113 -9.58 -8.58 1.12
C LYS A 113 -9.08 -7.16 0.87
N PRO A 114 -9.05 -6.78 -0.44
CA PRO A 114 -8.58 -5.46 -0.84
C PRO A 114 -9.64 -4.40 -0.52
N GLN A 115 -9.16 -3.19 -0.28
CA GLN A 115 -10.05 -2.08 0.03
C GLN A 115 -9.72 -0.87 -0.85
N GLN A 116 -10.65 -0.56 -1.74
CA GLN A 116 -10.47 0.56 -2.64
C GLN A 116 -9.89 1.76 -1.89
N ILE A 117 -9.40 2.72 -2.66
CA ILE A 117 -8.81 3.91 -2.08
C ILE A 117 -9.21 5.13 -2.92
N PRO A 118 -10.09 5.98 -2.33
CA PRO A 118 -10.57 7.17 -3.00
C PRO A 118 -9.48 8.25 -3.01
N ILE A 119 -9.64 9.19 -3.93
CA ILE A 119 -8.68 10.28 -4.07
C ILE A 119 -8.78 11.18 -2.83
N ASP A 120 -7.64 11.77 -2.48
CA ASP A 120 -7.57 12.65 -1.34
C ASP A 120 -8.00 11.88 -0.08
N SER A 121 -8.00 10.56 -0.21
CA SER A 121 -8.39 9.70 0.90
C SER A 121 -7.28 9.66 1.95
N THR A 122 -7.42 8.74 2.89
CA THR A 122 -6.44 8.59 3.94
C THR A 122 -6.48 7.17 4.51
N VAL A 123 -5.30 6.58 4.62
CA VAL A 123 -5.19 5.23 5.15
C VAL A 123 -4.20 5.22 6.31
N SER A 124 -4.34 4.21 7.16
CA SER A 124 -3.46 4.07 8.31
C SER A 124 -3.18 2.58 8.58
N PHE A 125 -1.94 2.20 8.35
CA PHE A 125 -1.53 0.82 8.56
C PHE A 125 -1.43 0.51 10.06
N GLY A 126 -1.54 -0.78 10.36
CA GLY A 126 -1.47 -1.23 11.74
C GLY A 126 -0.21 -0.71 12.43
N ALA A 127 0.90 -1.35 12.11
CA ALA A 127 2.18 -0.96 12.69
C ALA A 127 2.26 0.56 12.75
N SER A 128 2.61 1.16 11.62
CA SER A 128 2.72 2.61 11.54
C SER A 128 1.39 3.26 11.92
N THR A 129 1.42 4.58 12.01
CA THR A 129 0.22 5.34 12.36
C THR A 129 0.04 6.52 11.41
N ARG A 130 0.81 6.50 10.34
CA ARG A 130 0.75 7.57 9.35
C ARG A 130 -0.68 7.71 8.82
N ALA A 131 -0.81 8.56 7.80
CA ALA A 131 -2.12 8.80 7.20
C ALA A 131 -1.96 8.91 5.68
N TYR A 132 -1.49 7.82 5.09
CA TYR A 132 -1.28 7.78 3.64
C TYR A 132 -2.48 8.39 2.91
N THR A 133 -2.23 9.56 2.32
CA THR A 133 -3.28 10.25 1.59
C THR A 133 -3.07 10.08 0.08
N LEU A 134 -3.83 9.15 -0.48
CA LEU A 134 -3.74 8.88 -1.90
C LEU A 134 -4.32 10.06 -2.68
N ARG A 135 -3.43 10.80 -3.33
CA ARG A 135 -3.84 11.95 -4.11
C ARG A 135 -3.96 11.57 -5.59
N GLU A 136 -4.20 12.59 -6.41
CA GLU A 136 -4.34 12.38 -7.84
C GLU A 136 -3.97 13.65 -8.60
N LYS A 137 -2.80 13.61 -9.23
CA LYS A 137 -2.32 14.75 -9.99
C LYS A 137 -3.50 15.42 -10.70
N PRO A 138 -4.01 16.51 -10.07
CA PRO A 138 -5.14 17.24 -10.63
C PRO A 138 -4.69 18.09 -11.82
N GLN A 139 -5.53 19.06 -12.16
CA GLN A 139 -5.25 19.95 -13.28
C GLN A 139 -4.37 21.11 -12.81
N THR A 140 -3.49 21.55 -13.70
CA THR A 140 -2.60 22.64 -13.40
C THR A 140 -2.78 23.78 -14.40
N MET A 9 20.38 1.14 0.19
CA MET A 9 21.34 0.07 -0.06
C MET A 9 21.18 -1.05 0.95
N ALA A 10 20.77 -2.21 0.43
CA ALA A 10 20.57 -3.37 1.28
C ALA A 10 21.12 -4.61 0.56
N ALA A 11 21.25 -5.70 1.33
CA ALA A 11 21.76 -6.94 0.77
C ALA A 11 20.58 -7.83 0.39
N ALA A 12 20.90 -8.91 -0.33
CA ALA A 12 19.89 -9.84 -0.77
C ALA A 12 20.55 -11.19 -1.09
N VAL A 13 20.25 -12.16 -0.26
CA VAL A 13 20.80 -13.49 -0.43
C VAL A 13 19.70 -14.45 -0.89
N ASN A 14 18.75 -13.89 -1.65
CA ASN A 14 17.64 -14.68 -2.16
C ASN A 14 17.04 -15.49 -1.01
N SER A 15 16.88 -14.83 0.12
CA SER A 15 16.31 -15.48 1.29
C SER A 15 14.85 -15.07 1.47
N GLY A 16 13.96 -16.01 1.17
CA GLY A 16 12.53 -15.75 1.29
C GLY A 16 11.90 -16.66 2.35
N SER A 17 10.66 -17.05 2.08
CA SER A 17 9.94 -17.93 2.99
C SER A 17 8.85 -18.69 2.24
N SER A 18 8.13 -19.52 2.98
CA SER A 18 7.07 -20.32 2.39
C SER A 18 6.00 -19.41 1.80
N LEU A 19 5.43 -19.86 0.69
CA LEU A 19 4.39 -19.10 0.02
C LEU A 19 4.93 -17.71 -0.33
N PRO A 20 4.20 -17.00 -1.24
CA PRO A 20 4.59 -15.68 -1.66
C PRO A 20 4.28 -14.65 -0.58
N LEU A 21 4.25 -13.39 -0.98
CA LEU A 21 3.97 -12.30 -0.06
C LEU A 21 2.62 -11.67 -0.44
N PHE A 22 2.29 -11.75 -1.71
CA PHE A 22 1.05 -11.19 -2.20
C PHE A 22 0.64 -11.85 -3.53
N ASP A 23 -0.61 -11.61 -3.91
CA ASP A 23 -1.13 -12.16 -5.15
C ASP A 23 -1.93 -11.08 -5.88
N CYS A 24 -1.40 -10.68 -7.03
CA CYS A 24 -2.05 -9.66 -7.83
C CYS A 24 -3.38 -10.23 -8.33
N PRO A 25 -4.43 -9.37 -8.27
CA PRO A 25 -5.76 -9.76 -8.71
C PRO A 25 -5.84 -9.80 -10.24
N THR A 26 -7.06 -9.78 -10.74
CA THR A 26 -7.30 -9.82 -12.16
C THR A 26 -7.97 -8.52 -12.63
N TRP A 27 -8.22 -7.64 -11.67
CA TRP A 27 -8.86 -6.37 -11.97
C TRP A 27 -7.77 -5.31 -12.09
N ALA A 28 -6.54 -5.74 -11.84
CA ALA A 28 -5.40 -4.83 -11.92
C ALA A 28 -5.06 -4.59 -13.40
N GLY A 29 -4.73 -3.34 -13.69
CA GLY A 29 -4.38 -2.97 -15.05
C GLY A 29 -3.04 -2.21 -15.08
N LYS A 30 -3.12 -0.95 -15.48
CA LYS A 30 -1.94 -0.12 -15.56
C LYS A 30 -2.32 1.34 -15.29
N PRO A 31 -1.76 1.88 -14.17
CA PRO A 31 -2.05 3.25 -13.78
C PRO A 31 -1.30 4.24 -14.67
N PRO A 32 -1.96 5.39 -14.93
CA PRO A 32 -1.37 6.43 -15.77
C PRO A 32 -0.28 7.19 -15.02
N PRO A 33 0.61 7.84 -15.81
CA PRO A 33 1.70 8.61 -15.22
C PRO A 33 1.19 9.92 -14.64
N GLY A 34 0.47 9.81 -13.53
CA GLY A 34 -0.07 10.98 -12.87
C GLY A 34 -0.61 10.62 -11.48
N LEU A 35 0.00 9.60 -10.88
CA LEU A 35 -0.40 9.14 -9.56
C LEU A 35 0.84 9.05 -8.67
N HIS A 36 0.58 9.00 -7.37
CA HIS A 36 1.65 8.89 -6.40
C HIS A 36 1.07 8.75 -4.99
N LEU A 37 1.76 7.99 -4.16
CA LEU A 37 1.32 7.76 -2.80
C LEU A 37 1.94 8.83 -1.89
N ASP A 38 1.49 8.83 -0.63
CA ASP A 38 1.98 9.79 0.34
C ASP A 38 1.77 9.23 1.74
N VAL A 39 2.42 9.87 2.71
CA VAL A 39 2.30 9.45 4.10
C VAL A 39 2.21 10.69 4.99
N VAL A 40 1.44 10.54 6.06
CA VAL A 40 1.26 11.63 7.01
C VAL A 40 1.25 11.08 8.43
N LYS A 41 1.95 11.77 9.30
CA LYS A 41 2.03 11.36 10.70
C LYS A 41 0.79 11.85 11.45
N GLY A 42 0.15 12.85 10.86
CA GLY A 42 -1.06 13.41 11.46
C GLY A 42 -1.62 14.55 10.60
N ASP A 43 -0.88 15.64 10.57
CA ASP A 43 -1.29 16.81 9.80
C ASP A 43 -0.07 17.37 9.05
N LYS A 44 0.89 16.49 8.82
CA LYS A 44 2.10 16.88 8.11
C LYS A 44 2.59 15.71 7.26
N LEU A 45 2.84 16.00 5.99
CA LEU A 45 3.31 14.99 5.06
C LEU A 45 4.71 14.52 5.49
N ILE A 46 4.81 13.23 5.75
CA ILE A 46 6.08 12.65 6.18
C ILE A 46 6.94 12.38 4.95
N GLU A 47 6.49 11.44 4.14
CA GLU A 47 7.20 11.08 2.93
C GLU A 47 6.23 10.94 1.75
N LYS A 48 6.79 10.72 0.58
CA LYS A 48 5.99 10.57 -0.63
C LYS A 48 6.48 9.34 -1.41
N LEU A 49 5.55 8.76 -2.15
CA LEU A 49 5.87 7.59 -2.95
C LEU A 49 5.10 7.65 -4.27
N ILE A 50 5.49 6.78 -5.18
CA ILE A 50 4.84 6.72 -6.49
C ILE A 50 4.00 5.46 -6.59
N ILE A 51 2.94 5.54 -7.38
CA ILE A 51 2.05 4.40 -7.56
C ILE A 51 1.58 4.37 -9.01
N ASP A 52 2.28 5.12 -9.86
CA ASP A 52 1.94 5.18 -11.27
C ASP A 52 3.02 4.46 -12.07
N GLU A 53 3.30 3.23 -11.66
CA GLU A 53 4.31 2.42 -12.33
C GLU A 53 3.81 0.98 -12.48
N LYS A 54 3.28 0.45 -11.39
CA LYS A 54 2.77 -0.91 -11.38
C LYS A 54 1.26 -0.89 -11.17
N LYS A 55 0.69 -2.07 -10.99
CA LYS A 55 -0.74 -2.19 -10.78
C LYS A 55 -0.99 -2.85 -9.42
N TYR A 56 0.10 -3.19 -8.75
CA TYR A 56 0.01 -3.83 -7.44
C TYR A 56 1.36 -3.75 -6.71
N TYR A 57 1.32 -3.20 -5.51
CA TYR A 57 2.52 -3.08 -4.70
C TYR A 57 2.35 -3.80 -3.36
N LEU A 58 3.26 -3.51 -2.45
CA LEU A 58 3.24 -4.12 -1.13
C LEU A 58 3.40 -3.03 -0.07
N PHE A 59 3.27 -3.46 1.18
CA PHE A 59 3.40 -2.53 2.29
C PHE A 59 3.62 -3.29 3.61
N GLY A 60 4.84 -3.18 4.12
CA GLY A 60 5.20 -3.84 5.36
C GLY A 60 6.48 -3.25 5.96
N ARG A 61 7.57 -3.97 5.75
CA ARG A 61 8.86 -3.53 6.25
C ARG A 61 10.00 -4.17 5.45
N ASN A 62 9.83 -5.45 5.17
CA ASN A 62 10.82 -6.19 4.41
C ASN A 62 10.65 -5.89 2.92
N PRO A 63 11.66 -5.16 2.36
CA PRO A 63 11.62 -4.79 0.96
C PRO A 63 11.96 -6.00 0.07
N ASP A 64 12.61 -6.99 0.69
CA ASP A 64 12.99 -8.18 -0.04
C ASP A 64 11.73 -8.88 -0.56
N LEU A 65 10.59 -8.47 -0.02
CA LEU A 65 9.32 -9.05 -0.43
C LEU A 65 8.39 -7.92 -0.90
N CYS A 66 8.35 -6.86 -0.10
CA CYS A 66 7.51 -5.72 -0.42
C CYS A 66 8.35 -4.71 -1.21
N ASP A 67 7.66 -3.74 -1.80
CA ASP A 67 8.32 -2.72 -2.57
C ASP A 67 8.58 -1.50 -1.69
N PHE A 68 7.68 -1.28 -0.75
CA PHE A 68 7.80 -0.15 0.16
C PHE A 68 8.19 -0.63 1.56
N THR A 69 8.11 0.29 2.51
CA THR A 69 8.46 -0.02 3.89
C THR A 69 7.71 0.92 4.85
N ILE A 70 6.86 0.32 5.66
CA ILE A 70 6.08 1.09 6.62
C ILE A 70 7.03 1.66 7.69
N ASP A 71 8.14 0.97 7.87
CA ASP A 71 9.13 1.41 8.85
C ASP A 71 8.50 1.39 10.25
N HIS A 72 8.04 0.21 10.63
CA HIS A 72 7.42 0.03 11.94
C HIS A 72 7.48 -1.43 12.35
N GLN A 73 7.76 -1.64 13.64
CA GLN A 73 7.86 -2.99 14.17
C GLN A 73 6.46 -3.61 14.28
N SER A 74 5.50 -2.78 14.64
CA SER A 74 4.13 -3.24 14.80
C SER A 74 3.68 -3.95 13.53
N CYS A 75 3.89 -3.28 12.41
CA CYS A 75 3.51 -3.84 11.12
C CYS A 75 4.24 -5.18 10.94
N SER A 76 4.18 -5.68 9.71
CA SER A 76 4.82 -6.95 9.40
C SER A 76 5.48 -6.87 8.02
N ARG A 77 6.29 -7.88 7.73
CA ARG A 77 6.99 -7.93 6.46
C ARG A 77 6.05 -7.51 5.32
N VAL A 78 4.87 -8.11 5.31
CA VAL A 78 3.88 -7.80 4.29
C VAL A 78 2.57 -7.40 4.97
N HIS A 79 2.63 -6.29 5.68
CA HIS A 79 1.46 -5.78 6.37
C HIS A 79 0.25 -5.83 5.44
N ALA A 80 0.43 -5.26 4.26
CA ALA A 80 -0.63 -5.23 3.27
C ALA A 80 -0.02 -5.02 1.88
N ALA A 81 -0.89 -4.74 0.92
CA ALA A 81 -0.46 -4.52 -0.45
C ALA A 81 -1.47 -3.63 -1.16
N LEU A 82 -0.98 -2.87 -2.14
CA LEU A 82 -1.82 -1.98 -2.89
C LEU A 82 -2.11 -2.60 -4.27
N VAL A 83 -3.23 -2.19 -4.85
CA VAL A 83 -3.62 -2.69 -6.15
C VAL A 83 -4.43 -1.61 -6.88
N TYR A 84 -3.95 -1.26 -8.06
CA TYR A 84 -4.61 -0.24 -8.87
C TYR A 84 -5.67 -0.88 -9.78
N HIS A 85 -6.92 -0.61 -9.45
CA HIS A 85 -8.03 -1.15 -10.22
C HIS A 85 -7.98 -0.59 -11.65
N LYS A 86 -8.55 -1.36 -12.56
CA LYS A 86 -8.58 -0.95 -13.96
C LYS A 86 -10.02 -0.66 -14.37
N HIS A 87 -10.92 -1.54 -13.94
CA HIS A 87 -12.33 -1.40 -14.26
C HIS A 87 -12.92 -0.24 -13.44
N LEU A 88 -12.15 0.21 -12.46
CA LEU A 88 -12.59 1.30 -11.61
C LEU A 88 -11.67 2.50 -11.81
N LYS A 89 -10.43 2.20 -12.20
CA LYS A 89 -9.45 3.24 -12.43
C LYS A 89 -9.09 3.89 -11.10
N ARG A 90 -9.02 3.07 -10.06
CA ARG A 90 -8.68 3.56 -8.74
C ARG A 90 -7.61 2.66 -8.09
N VAL A 91 -7.46 2.83 -6.79
CA VAL A 91 -6.48 2.05 -6.05
C VAL A 91 -7.20 1.23 -4.98
N PHE A 92 -6.47 0.27 -4.41
CA PHE A 92 -7.02 -0.58 -3.37
C PHE A 92 -5.94 -0.96 -2.35
N LEU A 93 -6.41 -1.30 -1.15
CA LEU A 93 -5.50 -1.69 -0.09
C LEU A 93 -5.96 -3.01 0.50
N ILE A 94 -5.19 -4.06 0.22
CA ILE A 94 -5.50 -5.39 0.71
C ILE A 94 -4.75 -5.63 2.02
N ASP A 95 -5.49 -5.62 3.11
CA ASP A 95 -4.90 -5.84 4.42
C ASP A 95 -4.44 -7.30 4.53
N LEU A 96 -3.35 -7.59 3.83
CA LEU A 96 -2.80 -8.93 3.84
C LEU A 96 -2.65 -9.41 5.28
N ASN A 97 -3.73 -9.97 5.80
CA ASN A 97 -3.74 -10.47 7.17
C ASN A 97 -2.93 -9.53 8.05
N SER A 98 -3.18 -8.24 7.88
CA SER A 98 -2.48 -7.23 8.65
C SER A 98 -2.51 -7.60 10.14
N THR A 99 -1.35 -7.46 10.77
CA THR A 99 -1.23 -7.76 12.19
C THR A 99 -2.52 -7.39 12.93
N HIS A 100 -2.98 -6.18 12.68
CA HIS A 100 -4.19 -5.70 13.31
C HIS A 100 -5.28 -5.49 12.24
N GLY A 101 -4.89 -4.79 11.18
CA GLY A 101 -5.82 -4.52 10.09
C GLY A 101 -5.52 -3.16 9.46
N THR A 102 -6.24 -2.88 8.38
CA THR A 102 -6.07 -1.63 7.68
C THR A 102 -7.37 -0.82 7.70
N PHE A 103 -7.23 0.48 7.53
CA PHE A 103 -8.38 1.37 7.53
C PHE A 103 -8.25 2.42 6.43
N LEU A 104 -9.38 3.04 6.10
CA LEU A 104 -9.41 4.07 5.08
C LEU A 104 -9.94 5.37 5.69
N GLY A 105 -9.20 5.87 6.65
CA GLY A 105 -9.59 7.11 7.32
C GLY A 105 -10.46 6.83 8.54
N HIS A 106 -11.66 6.33 8.28
CA HIS A 106 -12.59 6.01 9.34
C HIS A 106 -13.26 4.67 9.05
N ILE A 107 -12.71 3.97 8.07
CA ILE A 107 -13.25 2.67 7.69
C ILE A 107 -12.17 1.60 7.89
N ARG A 108 -12.62 0.36 7.96
CA ARG A 108 -11.71 -0.76 8.16
C ARG A 108 -11.86 -1.77 7.02
N LEU A 109 -10.75 -2.41 6.70
CA LEU A 109 -10.73 -3.40 5.63
C LEU A 109 -10.49 -4.79 6.22
N GLU A 110 -10.91 -5.80 5.47
CA GLU A 110 -10.74 -7.18 5.92
C GLU A 110 -9.34 -7.67 5.60
N PRO A 111 -8.88 -8.67 6.40
CA PRO A 111 -7.55 -9.24 6.19
C PRO A 111 -7.53 -10.15 4.97
N HIS A 112 -7.86 -9.58 3.83
CA HIS A 112 -7.88 -10.32 2.59
C HIS A 112 -8.65 -9.54 1.53
N LYS A 113 -9.81 -9.02 1.94
CA LYS A 113 -10.65 -8.26 1.04
C LYS A 113 -10.03 -6.87 0.83
N PRO A 114 -9.84 -6.51 -0.47
CA PRO A 114 -9.26 -5.23 -0.82
C PRO A 114 -10.28 -4.10 -0.63
N GLN A 115 -9.76 -2.90 -0.42
CA GLN A 115 -10.61 -1.74 -0.22
C GLN A 115 -10.13 -0.58 -1.10
N GLN A 116 -10.96 -0.24 -2.07
CA GLN A 116 -10.64 0.84 -2.98
C GLN A 116 -10.03 2.02 -2.22
N ILE A 117 -9.39 2.91 -2.97
CA ILE A 117 -8.76 4.07 -2.38
C ILE A 117 -8.98 5.28 -3.30
N PRO A 118 -9.82 6.23 -2.82
CA PRO A 118 -10.11 7.43 -3.59
C PRO A 118 -8.93 8.41 -3.55
N ILE A 119 -8.96 9.37 -4.46
CA ILE A 119 -7.91 10.37 -4.53
C ILE A 119 -7.99 11.28 -3.31
N ASP A 120 -6.85 11.83 -2.94
CA ASP A 120 -6.77 12.71 -1.79
C ASP A 120 -7.40 12.03 -0.58
N SER A 121 -7.49 10.71 -0.67
CA SER A 121 -8.07 9.93 0.41
C SER A 121 -7.12 9.90 1.62
N THR A 122 -7.48 9.08 2.59
CA THR A 122 -6.66 8.95 3.79
C THR A 122 -6.88 7.58 4.43
N VAL A 123 -5.79 6.86 4.61
CA VAL A 123 -5.85 5.54 5.20
C VAL A 123 -5.04 5.54 6.50
N SER A 124 -5.03 4.39 7.16
CA SER A 124 -4.31 4.24 8.41
C SER A 124 -4.21 2.76 8.79
N PHE A 125 -2.98 2.26 8.79
CA PHE A 125 -2.74 0.87 9.14
C PHE A 125 -2.81 0.65 10.64
N GLY A 126 -3.16 -0.57 11.02
CA GLY A 126 -3.26 -0.91 12.43
C GLY A 126 -1.95 -0.62 13.17
N ALA A 127 -0.94 -1.42 12.86
CA ALA A 127 0.36 -1.26 13.48
C ALA A 127 0.73 0.22 13.48
N SER A 128 1.19 0.69 12.33
CA SER A 128 1.58 2.08 12.19
C SER A 128 0.39 2.99 12.47
N THR A 129 0.67 4.28 12.52
CA THR A 129 -0.35 5.27 12.78
C THR A 129 -0.35 6.35 11.70
N ARG A 130 0.43 6.10 10.66
CA ARG A 130 0.54 7.04 9.55
C ARG A 130 -0.85 7.35 8.98
N ALA A 131 -0.86 8.19 7.97
CA ALA A 131 -2.11 8.58 7.32
C ALA A 131 -1.90 8.64 5.81
N TYR A 132 -1.61 7.48 5.24
CA TYR A 132 -1.39 7.40 3.80
C TYR A 132 -2.47 8.15 3.03
N THR A 133 -2.03 9.19 2.34
CA THR A 133 -2.93 10.02 1.55
C THR A 133 -2.70 9.80 0.06
N LEU A 134 -3.51 8.92 -0.52
CA LEU A 134 -3.40 8.61 -1.93
C LEU A 134 -3.79 9.85 -2.75
N ARG A 135 -2.78 10.47 -3.34
CA ARG A 135 -3.00 11.65 -4.15
C ARG A 135 -3.05 11.28 -5.63
N GLU A 136 -3.11 12.32 -6.46
CA GLU A 136 -3.16 12.11 -7.90
C GLU A 136 -2.62 13.35 -8.63
N LYS A 137 -1.41 13.20 -9.16
CA LYS A 137 -0.77 14.30 -9.87
C LYS A 137 -1.83 15.05 -10.68
N PRO A 138 -2.31 16.19 -10.09
CA PRO A 138 -3.31 17.00 -10.76
C PRO A 138 -2.70 17.81 -11.91
N GLN A 139 -3.43 18.83 -12.32
CA GLN A 139 -2.97 19.69 -13.40
C GLN A 139 -1.67 20.41 -13.00
N THR A 140 -0.74 20.44 -13.94
CA THR A 140 0.54 21.09 -13.70
C THR A 140 0.46 22.57 -14.09
N MET A 9 29.26 -7.31 9.74
CA MET A 9 28.73 -6.93 8.44
C MET A 9 28.76 -8.11 7.47
N ALA A 10 27.85 -9.04 7.70
CA ALA A 10 27.76 -10.22 6.85
C ALA A 10 26.62 -10.04 5.86
N ALA A 11 25.82 -9.02 6.08
CA ALA A 11 24.69 -8.72 5.22
C ALA A 11 23.93 -10.01 4.94
N ALA A 12 23.57 -10.70 6.02
CA ALA A 12 22.83 -11.94 5.91
C ALA A 12 21.67 -11.93 6.90
N VAL A 13 20.54 -11.42 6.44
CA VAL A 13 19.36 -11.34 7.26
C VAL A 13 18.31 -12.33 6.75
N ASN A 14 17.94 -12.16 5.48
CA ASN A 14 16.96 -13.04 4.87
C ASN A 14 17.62 -14.37 4.54
N SER A 15 16.85 -15.44 4.75
CA SER A 15 17.34 -16.78 4.47
C SER A 15 16.36 -17.52 3.57
N GLY A 16 15.94 -16.84 2.52
CA GLY A 16 15.00 -17.43 1.58
C GLY A 16 13.56 -17.36 2.11
N SER A 17 12.64 -17.87 1.30
CA SER A 17 11.25 -17.87 1.68
C SER A 17 10.44 -18.72 0.70
N SER A 18 9.20 -19.03 1.10
CA SER A 18 8.33 -19.84 0.27
C SER A 18 7.14 -18.99 -0.20
N LEU A 19 6.52 -19.45 -1.27
CA LEU A 19 5.37 -18.76 -1.83
C LEU A 19 5.76 -17.32 -2.17
N PRO A 20 4.90 -16.67 -2.99
CA PRO A 20 5.15 -15.29 -3.39
C PRO A 20 4.84 -14.32 -2.25
N LEU A 21 4.68 -13.06 -2.61
CA LEU A 21 4.39 -12.03 -1.63
C LEU A 21 2.96 -11.54 -1.83
N PHE A 22 2.49 -11.63 -3.06
CA PHE A 22 1.15 -11.19 -3.40
C PHE A 22 0.79 -11.58 -4.83
N ASP A 23 -0.49 -11.45 -5.14
CA ASP A 23 -0.98 -11.78 -6.47
C ASP A 23 -1.93 -10.69 -6.95
N CYS A 24 -1.62 -10.13 -8.11
CA CYS A 24 -2.43 -9.07 -8.67
C CYS A 24 -3.74 -9.70 -9.19
N PRO A 25 -4.85 -8.95 -8.96
CA PRO A 25 -6.15 -9.42 -9.40
C PRO A 25 -6.32 -9.28 -10.90
N THR A 26 -7.57 -9.33 -11.34
CA THR A 26 -7.88 -9.20 -12.76
C THR A 26 -8.50 -7.84 -13.06
N TRP A 27 -8.79 -7.11 -11.98
CA TRP A 27 -9.40 -5.79 -12.11
C TRP A 27 -8.28 -4.77 -12.11
N ALA A 28 -7.06 -5.26 -11.96
CA ALA A 28 -5.89 -4.39 -11.94
C ALA A 28 -5.52 -3.99 -13.37
N GLY A 29 -5.21 -2.71 -13.54
CA GLY A 29 -4.84 -2.20 -14.84
C GLY A 29 -3.81 -1.08 -14.72
N LYS A 30 -2.89 -1.06 -15.67
CA LYS A 30 -1.84 -0.05 -15.69
C LYS A 30 -2.47 1.33 -15.46
N PRO A 31 -2.05 1.98 -14.34
CA PRO A 31 -2.57 3.30 -14.01
C PRO A 31 -1.96 4.37 -14.91
N PRO A 32 -2.68 5.52 -15.00
CA PRO A 32 -2.22 6.63 -15.82
C PRO A 32 -1.06 7.37 -15.15
N PRO A 33 -0.19 7.97 -16.01
CA PRO A 33 0.95 8.71 -15.51
C PRO A 33 0.53 10.06 -14.93
N GLY A 34 -0.01 10.00 -13.73
CA GLY A 34 -0.47 11.21 -13.05
C GLY A 34 -0.98 10.89 -11.65
N LEU A 35 -0.36 9.89 -11.03
CA LEU A 35 -0.75 9.48 -9.69
C LEU A 35 0.50 9.40 -8.81
N HIS A 36 0.26 9.31 -7.51
CA HIS A 36 1.35 9.22 -6.55
C HIS A 36 0.78 9.06 -5.14
N LEU A 37 1.48 8.26 -4.35
CA LEU A 37 1.05 8.01 -2.98
C LEU A 37 1.65 9.09 -2.06
N ASP A 38 1.30 8.99 -0.79
CA ASP A 38 1.78 9.94 0.19
C ASP A 38 1.59 9.37 1.60
N VAL A 39 2.27 9.98 2.55
CA VAL A 39 2.19 9.53 3.94
C VAL A 39 2.00 10.74 4.84
N VAL A 40 1.24 10.53 5.90
CA VAL A 40 0.97 11.60 6.85
C VAL A 40 0.97 11.03 8.27
N LYS A 41 1.71 11.69 9.15
CA LYS A 41 1.80 11.26 10.53
C LYS A 41 0.51 11.62 11.27
N GLY A 42 -0.26 12.51 10.64
CA GLY A 42 -1.52 12.94 11.22
C GLY A 42 -2.02 14.21 10.52
N ASP A 43 -1.23 15.27 10.65
CA ASP A 43 -1.59 16.54 10.04
C ASP A 43 -0.36 17.13 9.34
N LYS A 44 0.58 16.25 9.02
CA LYS A 44 1.80 16.67 8.35
C LYS A 44 2.26 15.58 7.39
N LEU A 45 2.56 16.00 6.17
CA LEU A 45 3.00 15.06 5.14
C LEU A 45 4.41 14.57 5.48
N ILE A 46 4.52 13.27 5.68
CA ILE A 46 5.79 12.66 6.02
C ILE A 46 6.63 12.52 4.76
N GLU A 47 6.27 11.52 3.95
CA GLU A 47 6.97 11.26 2.71
C GLU A 47 5.98 11.13 1.56
N LYS A 48 6.54 10.98 0.36
CA LYS A 48 5.72 10.84 -0.83
C LYS A 48 6.23 9.66 -1.66
N LEU A 49 5.28 8.99 -2.30
CA LEU A 49 5.62 7.84 -3.13
C LEU A 49 4.84 7.91 -4.44
N ILE A 50 5.22 7.06 -5.38
CA ILE A 50 4.57 7.01 -6.68
C ILE A 50 3.78 5.71 -6.80
N ILE A 51 2.67 5.80 -7.52
CA ILE A 51 1.80 4.65 -7.73
C ILE A 51 1.30 4.64 -9.16
N ASP A 52 1.95 5.44 -9.99
CA ASP A 52 1.58 5.54 -11.39
C ASP A 52 2.66 4.85 -12.25
N GLU A 53 3.01 3.65 -11.82
CA GLU A 53 4.02 2.88 -12.53
C GLU A 53 3.54 1.43 -12.73
N LYS A 54 3.01 0.87 -11.66
CA LYS A 54 2.51 -0.50 -11.72
C LYS A 54 0.99 -0.49 -11.49
N LYS A 55 0.45 -1.69 -11.37
CA LYS A 55 -0.99 -1.83 -11.15
C LYS A 55 -1.23 -2.49 -9.79
N TYR A 56 -0.13 -2.87 -9.15
CA TYR A 56 -0.21 -3.51 -7.85
C TYR A 56 1.14 -3.46 -7.13
N TYR A 57 1.11 -2.90 -5.92
CA TYR A 57 2.32 -2.79 -5.13
C TYR A 57 2.20 -3.58 -3.82
N LEU A 58 3.13 -3.32 -2.92
CA LEU A 58 3.13 -3.99 -1.63
C LEU A 58 3.31 -2.96 -0.52
N PHE A 59 3.28 -3.45 0.71
CA PHE A 59 3.43 -2.58 1.87
C PHE A 59 3.70 -3.40 3.14
N GLY A 60 4.91 -3.29 3.63
CA GLY A 60 5.30 -4.01 4.83
C GLY A 60 6.59 -3.43 5.42
N ARG A 61 7.69 -4.13 5.15
CA ARG A 61 8.99 -3.71 5.65
C ARG A 61 10.10 -4.30 4.78
N ASN A 62 9.95 -5.58 4.45
CA ASN A 62 10.92 -6.26 3.63
C ASN A 62 10.72 -5.89 2.16
N PRO A 63 11.70 -5.13 1.62
CA PRO A 63 11.64 -4.71 0.23
C PRO A 63 11.96 -5.86 -0.72
N ASP A 64 12.63 -6.86 -0.18
CA ASP A 64 13.00 -8.03 -0.95
C ASP A 64 11.73 -8.70 -1.50
N LEU A 65 10.60 -8.32 -0.91
CA LEU A 65 9.32 -8.87 -1.32
C LEU A 65 8.39 -7.73 -1.72
N CYS A 66 8.34 -6.72 -0.87
CA CYS A 66 7.49 -5.56 -1.14
C CYS A 66 8.33 -4.51 -1.85
N ASP A 67 7.63 -3.54 -2.43
CA ASP A 67 8.30 -2.47 -3.15
C ASP A 67 8.56 -1.30 -2.19
N PHE A 68 7.64 -1.13 -1.25
CA PHE A 68 7.76 -0.07 -0.27
C PHE A 68 8.16 -0.63 1.10
N THR A 69 8.09 0.25 2.09
CA THR A 69 8.43 -0.15 3.46
C THR A 69 7.71 0.75 4.47
N ILE A 70 6.89 0.12 5.29
CA ILE A 70 6.14 0.85 6.30
C ILE A 70 7.10 1.39 7.36
N ASP A 71 8.22 0.68 7.50
CA ASP A 71 9.23 1.08 8.47
C ASP A 71 8.65 0.97 9.88
N HIS A 72 8.17 -0.23 10.20
CA HIS A 72 7.58 -0.47 11.50
C HIS A 72 7.71 -1.95 11.85
N GLN A 73 8.09 -2.21 13.10
CA GLN A 73 8.26 -3.58 13.56
C GLN A 73 6.90 -4.28 13.65
N SER A 74 5.92 -3.53 14.14
CA SER A 74 4.58 -4.07 14.28
C SER A 74 4.12 -4.71 12.98
N CYS A 75 4.20 -3.93 11.90
CA CYS A 75 3.80 -4.41 10.60
C CYS A 75 4.59 -5.70 10.30
N SER A 76 4.45 -6.17 9.07
CA SER A 76 5.12 -7.38 8.65
C SER A 76 5.73 -7.19 7.26
N ARG A 77 6.54 -8.16 6.86
CA ARG A 77 7.18 -8.10 5.55
C ARG A 77 6.18 -7.62 4.49
N VAL A 78 5.03 -8.27 4.49
CA VAL A 78 3.98 -7.92 3.53
C VAL A 78 2.70 -7.57 4.29
N HIS A 79 2.78 -6.49 5.05
CA HIS A 79 1.64 -6.04 5.83
C HIS A 79 0.39 -6.04 4.94
N ALA A 80 0.52 -5.45 3.77
CA ALA A 80 -0.58 -5.38 2.83
C ALA A 80 -0.04 -5.14 1.42
N ALA A 81 -0.96 -4.92 0.50
CA ALA A 81 -0.58 -4.68 -0.89
C ALA A 81 -1.61 -3.74 -1.54
N LEU A 82 -1.11 -2.87 -2.40
CA LEU A 82 -1.98 -1.93 -3.09
C LEU A 82 -2.28 -2.46 -4.50
N VAL A 83 -3.45 -2.08 -4.99
CA VAL A 83 -3.87 -2.51 -6.31
C VAL A 83 -4.69 -1.39 -6.97
N TYR A 84 -4.31 -1.06 -8.20
CA TYR A 84 -5.00 -0.02 -8.94
C TYR A 84 -6.09 -0.62 -9.84
N HIS A 85 -7.33 -0.35 -9.47
CA HIS A 85 -8.46 -0.85 -10.23
C HIS A 85 -8.40 -0.31 -11.67
N LYS A 86 -8.95 -1.09 -12.58
CA LYS A 86 -8.97 -0.70 -13.98
C LYS A 86 -10.40 -0.37 -14.41
N HIS A 87 -11.32 -1.21 -13.96
CA HIS A 87 -12.73 -1.02 -14.29
C HIS A 87 -13.29 0.16 -13.48
N LEU A 88 -12.50 0.59 -12.51
CA LEU A 88 -12.90 1.70 -11.66
C LEU A 88 -11.92 2.87 -11.86
N LYS A 89 -10.70 2.51 -12.23
CA LYS A 89 -9.67 3.51 -12.45
C LYS A 89 -9.29 4.16 -11.12
N ARG A 90 -9.28 3.33 -10.09
CA ARG A 90 -8.94 3.81 -8.76
C ARG A 90 -7.87 2.91 -8.12
N VAL A 91 -7.65 3.12 -6.83
CA VAL A 91 -6.67 2.34 -6.11
C VAL A 91 -7.37 1.51 -5.04
N PHE A 92 -6.65 0.51 -4.55
CA PHE A 92 -7.20 -0.37 -3.53
C PHE A 92 -6.11 -0.85 -2.57
N LEU A 93 -6.52 -1.17 -1.35
CA LEU A 93 -5.59 -1.64 -0.35
C LEU A 93 -6.07 -2.99 0.19
N ILE A 94 -5.34 -4.03 -0.17
CA ILE A 94 -5.68 -5.38 0.26
C ILE A 94 -4.90 -5.70 1.55
N ASP A 95 -5.63 -5.76 2.64
CA ASP A 95 -5.03 -6.06 3.94
C ASP A 95 -4.60 -7.53 3.96
N LEU A 96 -3.37 -7.76 3.53
CA LEU A 96 -2.84 -9.11 3.50
C LEU A 96 -2.70 -9.63 4.94
N ASN A 97 -3.81 -10.10 5.48
CA ASN A 97 -3.83 -10.63 6.83
C ASN A 97 -2.81 -9.87 7.68
N SER A 98 -2.94 -8.55 7.65
CA SER A 98 -2.03 -7.70 8.41
C SER A 98 -2.05 -8.10 9.88
N THR A 99 -0.87 -8.06 10.48
CA THR A 99 -0.74 -8.42 11.89
C THR A 99 -1.93 -7.91 12.69
N HIS A 100 -2.34 -6.69 12.37
CA HIS A 100 -3.47 -6.08 13.05
C HIS A 100 -4.63 -5.92 12.06
N GLY A 101 -4.46 -5.00 11.13
CA GLY A 101 -5.48 -4.73 10.14
C GLY A 101 -5.23 -3.40 9.44
N THR A 102 -6.00 -3.17 8.38
CA THR A 102 -5.87 -1.94 7.62
C THR A 102 -7.20 -1.17 7.64
N PHE A 103 -7.07 0.16 7.59
CA PHE A 103 -8.24 1.02 7.60
C PHE A 103 -8.17 2.06 6.48
N LEU A 104 -9.26 2.79 6.33
CA LEU A 104 -9.34 3.82 5.30
C LEU A 104 -9.94 5.09 5.91
N GLY A 105 -9.23 5.64 6.88
CA GLY A 105 -9.69 6.85 7.55
C GLY A 105 -11.01 6.61 8.28
N HIS A 106 -10.91 5.97 9.44
CA HIS A 106 -12.09 5.68 10.24
C HIS A 106 -12.80 4.46 9.67
N ILE A 107 -12.25 3.95 8.58
CA ILE A 107 -12.83 2.79 7.92
C ILE A 107 -11.92 1.57 8.14
N ARG A 108 -12.55 0.41 8.28
CA ARG A 108 -11.81 -0.82 8.50
C ARG A 108 -11.94 -1.74 7.28
N LEU A 109 -10.86 -2.45 7.00
CA LEU A 109 -10.84 -3.36 5.87
C LEU A 109 -10.57 -4.78 6.38
N GLU A 110 -11.05 -5.74 5.60
CA GLU A 110 -10.87 -7.15 5.95
C GLU A 110 -9.48 -7.63 5.53
N PRO A 111 -8.96 -8.64 6.28
CA PRO A 111 -7.65 -9.19 5.99
C PRO A 111 -7.69 -10.10 4.76
N HIS A 112 -8.18 -9.54 3.66
CA HIS A 112 -8.28 -10.27 2.41
C HIS A 112 -9.11 -9.47 1.41
N LYS A 113 -10.15 -8.84 1.92
CA LYS A 113 -11.03 -8.03 1.08
C LYS A 113 -10.38 -6.67 0.84
N PRO A 114 -10.26 -6.32 -0.47
CA PRO A 114 -9.66 -5.06 -0.86
C PRO A 114 -10.64 -3.90 -0.61
N GLN A 115 -10.07 -2.70 -0.56
CA GLN A 115 -10.88 -1.51 -0.34
C GLN A 115 -10.36 -0.34 -1.19
N GLN A 116 -11.16 0.04 -2.17
CA GLN A 116 -10.79 1.13 -3.05
C GLN A 116 -10.17 2.27 -2.26
N ILE A 117 -9.54 3.18 -2.98
CA ILE A 117 -8.90 4.33 -2.36
C ILE A 117 -9.15 5.57 -3.22
N PRO A 118 -9.98 6.50 -2.67
CA PRO A 118 -10.30 7.72 -3.36
C PRO A 118 -9.13 8.70 -3.32
N ILE A 119 -9.25 9.76 -4.10
CA ILE A 119 -8.22 10.78 -4.17
C ILE A 119 -8.26 11.62 -2.89
N ASP A 120 -7.07 12.07 -2.48
CA ASP A 120 -6.97 12.88 -1.28
C ASP A 120 -7.53 12.11 -0.09
N SER A 121 -7.66 10.80 -0.29
CA SER A 121 -8.19 9.94 0.76
C SER A 121 -7.16 9.79 1.88
N THR A 122 -7.45 8.88 2.80
CA THR A 122 -6.57 8.64 3.93
C THR A 122 -6.77 7.21 4.46
N VAL A 123 -5.65 6.54 4.66
CA VAL A 123 -5.68 5.17 5.17
C VAL A 123 -4.68 5.04 6.33
N SER A 124 -5.03 4.16 7.25
CA SER A 124 -4.18 3.92 8.42
C SER A 124 -4.08 2.43 8.70
N PHE A 125 -2.88 1.90 8.50
CA PHE A 125 -2.63 0.48 8.72
C PHE A 125 -2.75 0.13 10.21
N GLY A 126 -2.41 -1.10 10.52
CA GLY A 126 -2.48 -1.57 11.90
C GLY A 126 -1.63 -0.70 12.82
N ALA A 127 -0.32 -0.88 12.73
CA ALA A 127 0.61 -0.11 13.54
C ALA A 127 0.75 1.30 12.96
N SER A 128 1.47 1.38 11.85
CA SER A 128 1.67 2.65 11.19
C SER A 128 0.45 3.54 11.34
N THR A 129 0.54 4.47 12.29
CA THR A 129 -0.57 5.38 12.55
C THR A 129 -0.69 6.41 11.42
N ARG A 130 0.25 6.32 10.48
CA ARG A 130 0.27 7.24 9.35
C ARG A 130 -1.14 7.34 8.74
N ALA A 131 -1.26 8.25 7.78
CA ALA A 131 -2.53 8.46 7.10
C ALA A 131 -2.30 8.54 5.59
N TYR A 132 -1.81 7.44 5.04
CA TYR A 132 -1.54 7.37 3.62
C TYR A 132 -2.61 8.14 2.82
N THR A 133 -2.17 9.24 2.24
CA THR A 133 -3.07 10.07 1.44
C THR A 133 -2.85 9.82 -0.05
N LEU A 134 -3.77 9.07 -0.63
CA LEU A 134 -3.69 8.74 -2.05
C LEU A 134 -4.08 9.98 -2.87
N ARG A 135 -3.07 10.58 -3.49
CA ARG A 135 -3.29 11.75 -4.30
C ARG A 135 -3.38 11.37 -5.79
N GLU A 136 -3.39 12.39 -6.63
CA GLU A 136 -3.47 12.18 -8.07
C GLU A 136 -3.02 13.42 -8.82
N LYS A 137 -1.81 13.34 -9.37
CA LYS A 137 -1.25 14.45 -10.11
C LYS A 137 -2.36 15.13 -10.92
N PRO A 138 -2.87 16.26 -10.36
CA PRO A 138 -3.93 17.01 -11.00
C PRO A 138 -3.38 17.82 -12.18
N GLN A 139 -4.16 18.79 -12.61
CA GLN A 139 -3.77 19.64 -13.72
C GLN A 139 -2.48 20.39 -13.39
N THR A 140 -1.59 20.43 -14.37
CA THR A 140 -0.32 21.12 -14.19
C THR A 140 -0.54 22.60 -13.91
N MET A 9 34.51 -12.47 9.60
CA MET A 9 33.91 -13.33 8.60
C MET A 9 32.92 -14.32 9.23
N ALA A 10 31.70 -13.82 9.45
CA ALA A 10 30.67 -14.65 10.05
C ALA A 10 29.34 -14.36 9.36
N ALA A 11 28.83 -15.37 8.67
CA ALA A 11 27.57 -15.24 7.96
C ALA A 11 27.12 -16.63 7.47
N ALA A 12 25.93 -17.01 7.90
CA ALA A 12 25.39 -18.31 7.51
C ALA A 12 24.38 -18.10 6.38
N VAL A 13 24.83 -17.40 5.35
CA VAL A 13 23.98 -17.13 4.21
C VAL A 13 23.39 -18.44 3.69
N ASN A 14 22.06 -18.48 3.66
CA ASN A 14 21.36 -19.66 3.20
C ASN A 14 19.87 -19.36 3.09
N SER A 15 19.27 -19.85 2.02
CA SER A 15 17.86 -19.65 1.79
C SER A 15 17.37 -20.50 0.61
N GLY A 16 16.07 -20.51 0.42
CA GLY A 16 15.47 -21.29 -0.67
C GLY A 16 14.26 -20.57 -1.25
N SER A 17 13.31 -21.36 -1.71
CA SER A 17 12.10 -20.82 -2.29
C SER A 17 10.94 -20.90 -1.29
N SER A 18 9.89 -20.16 -1.59
CA SER A 18 8.72 -20.15 -0.72
C SER A 18 7.58 -19.37 -1.39
N LEU A 19 6.48 -19.24 -0.66
CA LEU A 19 5.33 -18.53 -1.17
C LEU A 19 5.72 -17.09 -1.48
N PRO A 20 4.87 -16.43 -2.32
CA PRO A 20 5.12 -15.05 -2.71
C PRO A 20 4.78 -14.10 -1.56
N LEU A 21 4.61 -12.83 -1.93
CA LEU A 21 4.29 -11.81 -0.94
C LEU A 21 2.86 -11.31 -1.19
N PHE A 22 2.46 -11.36 -2.45
CA PHE A 22 1.13 -10.92 -2.83
C PHE A 22 0.79 -11.35 -4.26
N ASP A 23 -0.50 -11.48 -4.52
CA ASP A 23 -0.96 -11.88 -5.84
C ASP A 23 -1.90 -10.82 -6.39
N CYS A 24 -1.46 -10.16 -7.44
CA CYS A 24 -2.26 -9.12 -8.07
C CYS A 24 -3.54 -9.76 -8.61
N PRO A 25 -4.65 -8.99 -8.48
CA PRO A 25 -5.95 -9.47 -8.94
C PRO A 25 -6.05 -9.40 -10.46
N THR A 26 -7.28 -9.45 -10.95
CA THR A 26 -7.52 -9.40 -12.37
C THR A 26 -8.22 -8.09 -12.75
N TRP A 27 -8.57 -7.33 -11.72
CA TRP A 27 -9.25 -6.07 -11.93
C TRP A 27 -8.19 -4.96 -11.95
N ALA A 28 -6.95 -5.37 -11.74
CA ALA A 28 -5.85 -4.42 -11.73
C ALA A 28 -5.53 -4.02 -13.18
N GLY A 29 -5.27 -2.73 -13.34
CA GLY A 29 -4.95 -2.19 -14.66
C GLY A 29 -3.90 -1.09 -14.56
N LYS A 30 -2.99 -1.09 -15.53
CA LYS A 30 -1.93 -0.09 -15.57
C LYS A 30 -2.54 1.30 -15.40
N PRO A 31 -2.12 1.97 -14.29
CA PRO A 31 -2.62 3.31 -14.00
C PRO A 31 -1.97 4.34 -14.92
N PRO A 32 -2.69 5.48 -15.11
CA PRO A 32 -2.20 6.55 -15.96
C PRO A 32 -1.08 7.33 -15.27
N PRO A 33 -0.21 7.96 -16.10
CA PRO A 33 0.90 8.73 -15.58
C PRO A 33 0.42 10.08 -15.02
N GLY A 34 -0.21 10.01 -13.85
CA GLY A 34 -0.71 11.20 -13.20
C GLY A 34 -1.22 10.89 -11.79
N LEU A 35 -0.57 9.91 -11.17
CA LEU A 35 -0.94 9.51 -9.83
C LEU A 35 0.32 9.43 -8.96
N HIS A 36 0.10 9.38 -7.66
CA HIS A 36 1.20 9.31 -6.71
C HIS A 36 0.65 9.17 -5.29
N LEU A 37 1.35 8.39 -4.48
CA LEU A 37 0.95 8.17 -3.11
C LEU A 37 1.52 9.28 -2.23
N ASP A 38 1.11 9.27 -0.97
CA ASP A 38 1.57 10.27 -0.02
C ASP A 38 1.34 9.76 1.40
N VAL A 39 2.00 10.42 2.34
CA VAL A 39 1.88 10.04 3.74
C VAL A 39 1.73 11.30 4.60
N VAL A 40 0.98 11.17 5.68
CA VAL A 40 0.75 12.29 6.57
C VAL A 40 0.71 11.78 8.02
N LYS A 41 1.50 12.42 8.85
CA LYS A 41 1.57 12.05 10.26
C LYS A 41 0.27 12.46 10.96
N GLY A 42 -0.44 13.37 10.31
CA GLY A 42 -1.70 13.86 10.86
C GLY A 42 -2.16 15.11 10.12
N ASP A 43 -1.35 16.15 10.19
CA ASP A 43 -1.66 17.40 9.54
C ASP A 43 -0.42 17.93 8.83
N LYS A 44 0.51 17.02 8.56
CA LYS A 44 1.74 17.39 7.89
C LYS A 44 2.17 16.24 6.97
N LEU A 45 2.46 16.60 5.73
CA LEU A 45 2.89 15.62 4.74
C LEU A 45 4.27 15.10 5.12
N ILE A 46 4.34 13.80 5.36
CA ILE A 46 5.59 13.16 5.73
C ILE A 46 6.45 12.99 4.47
N GLU A 47 6.08 12.00 3.67
CA GLU A 47 6.81 11.72 2.44
C GLU A 47 5.84 11.61 1.27
N LYS A 48 6.39 11.24 0.12
CA LYS A 48 5.59 11.09 -1.09
C LYS A 48 6.09 9.88 -1.88
N LEU A 49 5.15 9.22 -2.53
CA LEU A 49 5.48 8.05 -3.33
C LEU A 49 4.70 8.10 -4.64
N ILE A 50 5.10 7.24 -5.57
CA ILE A 50 4.46 7.17 -6.87
C ILE A 50 3.58 5.92 -6.93
N ILE A 51 2.52 6.03 -7.72
CA ILE A 51 1.59 4.93 -7.88
C ILE A 51 1.12 4.86 -9.33
N ASP A 52 1.86 5.55 -10.19
CA ASP A 52 1.53 5.58 -11.61
C ASP A 52 2.62 4.85 -12.39
N GLU A 53 3.02 3.70 -11.85
CA GLU A 53 4.04 2.89 -12.49
C GLU A 53 3.57 1.45 -12.63
N LYS A 54 2.96 0.95 -11.56
CA LYS A 54 2.45 -0.42 -11.56
C LYS A 54 0.94 -0.40 -11.35
N LYS A 55 0.38 -1.58 -11.19
CA LYS A 55 -1.06 -1.71 -10.98
C LYS A 55 -1.31 -2.34 -9.61
N TYR A 56 -0.23 -2.70 -8.94
CA TYR A 56 -0.31 -3.31 -7.63
C TYR A 56 1.03 -3.23 -6.89
N TYR A 57 0.98 -2.65 -5.70
CA TYR A 57 2.17 -2.51 -4.89
C TYR A 57 2.03 -3.25 -3.56
N LEU A 58 2.98 -3.00 -2.67
CA LEU A 58 2.97 -3.63 -1.37
C LEU A 58 3.09 -2.56 -0.28
N PHE A 59 3.04 -3.02 0.96
CA PHE A 59 3.14 -2.11 2.09
C PHE A 59 3.37 -2.88 3.39
N GLY A 60 4.60 -2.80 3.89
CA GLY A 60 4.96 -3.48 5.12
C GLY A 60 6.24 -2.90 5.72
N ARG A 61 7.33 -3.60 5.48
CA ARG A 61 8.62 -3.17 5.98
C ARG A 61 9.75 -3.80 5.17
N ASN A 62 9.60 -5.08 4.88
CA ASN A 62 10.59 -5.80 4.10
C ASN A 62 10.42 -5.46 2.62
N PRO A 63 11.43 -4.72 2.08
CA PRO A 63 11.41 -4.32 0.68
C PRO A 63 11.73 -5.50 -0.23
N ASP A 64 12.38 -6.50 0.36
CA ASP A 64 12.77 -7.69 -0.39
C ASP A 64 11.50 -8.37 -0.93
N LEU A 65 10.37 -7.95 -0.39
CA LEU A 65 9.09 -8.51 -0.81
C LEU A 65 8.17 -7.38 -1.27
N CYS A 66 8.12 -6.32 -0.46
CA CYS A 66 7.29 -5.18 -0.77
C CYS A 66 8.15 -4.15 -1.50
N ASP A 67 7.47 -3.20 -2.12
CA ASP A 67 8.17 -2.14 -2.86
C ASP A 67 8.39 -0.95 -1.94
N PHE A 68 7.47 -0.77 -1.00
CA PHE A 68 7.56 0.32 -0.05
C PHE A 68 7.94 -0.19 1.34
N THR A 69 7.83 0.71 2.31
CA THR A 69 8.16 0.37 3.69
C THR A 69 7.40 1.28 4.66
N ILE A 70 6.56 0.66 5.47
CA ILE A 70 5.77 1.39 6.44
C ILE A 70 6.70 1.95 7.52
N ASP A 71 7.82 1.27 7.71
CA ASP A 71 8.80 1.69 8.71
C ASP A 71 8.16 1.63 10.09
N HIS A 72 7.77 0.42 10.48
CA HIS A 72 7.14 0.22 11.77
C HIS A 72 7.31 -1.25 12.20
N GLN A 73 7.66 -1.42 13.46
CA GLN A 73 7.85 -2.76 14.01
C GLN A 73 6.51 -3.47 14.15
N SER A 74 5.48 -2.68 14.41
CA SER A 74 4.14 -3.22 14.58
C SER A 74 3.69 -3.89 13.28
N CYS A 75 3.80 -3.15 12.19
CA CYS A 75 3.42 -3.67 10.89
C CYS A 75 4.17 -4.98 10.64
N SER A 76 4.00 -5.50 9.44
CA SER A 76 4.66 -6.74 9.06
C SER A 76 5.30 -6.60 7.68
N ARG A 77 6.10 -7.59 7.33
CA ARG A 77 6.77 -7.58 6.04
C ARG A 77 5.81 -7.11 4.94
N VAL A 78 4.64 -7.72 4.93
CA VAL A 78 3.64 -7.38 3.94
C VAL A 78 2.34 -6.99 4.66
N HIS A 79 2.42 -5.90 5.41
CA HIS A 79 1.27 -5.41 6.15
C HIS A 79 0.04 -5.41 5.24
N ALA A 80 0.25 -4.94 4.01
CA ALA A 80 -0.82 -4.87 3.04
C ALA A 80 -0.23 -4.66 1.65
N ALA A 81 -1.12 -4.39 0.70
CA ALA A 81 -0.70 -4.15 -0.67
C ALA A 81 -1.75 -3.30 -1.39
N LEU A 82 -1.26 -2.44 -2.26
CA LEU A 82 -2.14 -1.56 -3.02
C LEU A 82 -2.45 -2.20 -4.38
N VAL A 83 -3.61 -1.84 -4.92
CA VAL A 83 -4.02 -2.36 -6.21
C VAL A 83 -4.87 -1.31 -6.92
N TYR A 84 -4.40 -0.90 -8.10
CA TYR A 84 -5.10 0.10 -8.89
C TYR A 84 -6.17 -0.57 -9.77
N HIS A 85 -7.42 -0.37 -9.36
CA HIS A 85 -8.54 -0.94 -10.09
C HIS A 85 -8.49 -0.45 -11.55
N LYS A 86 -9.08 -1.25 -12.42
CA LYS A 86 -9.12 -0.91 -13.83
C LYS A 86 -10.56 -0.65 -14.25
N HIS A 87 -11.45 -1.50 -13.77
CA HIS A 87 -12.87 -1.38 -14.09
C HIS A 87 -13.45 -0.19 -13.33
N LEU A 88 -12.69 0.30 -12.36
CA LEU A 88 -13.12 1.43 -11.56
C LEU A 88 -12.20 2.63 -11.83
N LYS A 89 -10.96 2.32 -12.17
CA LYS A 89 -9.98 3.35 -12.46
C LYS A 89 -9.58 4.04 -11.15
N ARG A 90 -9.56 3.26 -10.08
CA ARG A 90 -9.20 3.79 -8.77
C ARG A 90 -8.12 2.92 -8.13
N VAL A 91 -7.88 3.17 -6.86
CA VAL A 91 -6.89 2.43 -6.11
C VAL A 91 -7.57 1.63 -5.00
N PHE A 92 -6.85 0.64 -4.50
CA PHE A 92 -7.38 -0.20 -3.42
C PHE A 92 -6.26 -0.61 -2.45
N LEU A 93 -6.67 -0.90 -1.23
CA LEU A 93 -5.72 -1.31 -0.20
C LEU A 93 -6.19 -2.63 0.41
N ILE A 94 -5.46 -3.69 0.07
CA ILE A 94 -5.78 -5.01 0.57
C ILE A 94 -4.99 -5.26 1.87
N ASP A 95 -5.71 -5.23 2.98
CA ASP A 95 -5.09 -5.46 4.27
C ASP A 95 -4.65 -6.92 4.37
N LEU A 96 -3.58 -7.23 3.66
CA LEU A 96 -3.04 -8.58 3.66
C LEU A 96 -2.89 -9.06 5.11
N ASN A 97 -3.97 -9.62 5.63
CA ASN A 97 -3.96 -10.11 7.00
C ASN A 97 -3.11 -9.19 7.87
N SER A 98 -3.37 -7.90 7.74
CA SER A 98 -2.63 -6.91 8.51
C SER A 98 -2.64 -7.28 9.99
N THR A 99 -1.47 -7.18 10.61
CA THR A 99 -1.34 -7.50 12.02
C THR A 99 -2.59 -7.06 12.78
N HIS A 100 -3.01 -5.83 12.54
CA HIS A 100 -4.18 -5.30 13.19
C HIS A 100 -5.30 -5.11 12.17
N GLY A 101 -5.02 -4.30 11.17
CA GLY A 101 -5.99 -4.03 10.12
C GLY A 101 -5.71 -2.68 9.44
N THR A 102 -6.37 -2.47 8.31
CA THR A 102 -6.21 -1.24 7.56
C THR A 102 -7.51 -0.42 7.59
N PHE A 103 -7.35 0.88 7.44
CA PHE A 103 -8.50 1.78 7.44
C PHE A 103 -8.36 2.83 6.35
N LEU A 104 -9.49 3.44 6.00
CA LEU A 104 -9.52 4.47 4.98
C LEU A 104 -9.93 5.80 5.60
N GLY A 105 -9.21 6.18 6.64
CA GLY A 105 -9.49 7.43 7.34
C GLY A 105 -10.42 7.19 8.53
N HIS A 106 -11.64 6.75 8.23
CA HIS A 106 -12.61 6.48 9.27
C HIS A 106 -13.32 5.16 8.97
N ILE A 107 -12.77 4.43 8.01
CA ILE A 107 -13.33 3.14 7.63
C ILE A 107 -12.28 2.05 7.84
N ARG A 108 -12.77 0.82 7.93
CA ARG A 108 -11.90 -0.32 8.14
C ARG A 108 -12.06 -1.34 7.00
N LEU A 109 -10.97 -2.01 6.68
CA LEU A 109 -10.99 -3.01 5.63
C LEU A 109 -10.74 -4.39 6.23
N GLU A 110 -11.13 -5.41 5.48
CA GLU A 110 -10.95 -6.77 5.92
C GLU A 110 -9.56 -7.28 5.56
N PRO A 111 -9.09 -8.29 6.33
CA PRO A 111 -7.78 -8.87 6.10
C PRO A 111 -7.79 -9.78 4.87
N HIS A 112 -8.19 -9.21 3.75
CA HIS A 112 -8.26 -9.95 2.50
C HIS A 112 -9.10 -9.18 1.49
N LYS A 113 -10.11 -8.51 2.00
CA LYS A 113 -11.01 -7.73 1.16
C LYS A 113 -10.38 -6.37 0.89
N PRO A 114 -10.25 -6.05 -0.43
CA PRO A 114 -9.68 -4.77 -0.83
C PRO A 114 -10.66 -3.63 -0.61
N GLN A 115 -10.11 -2.44 -0.40
CA GLN A 115 -10.93 -1.26 -0.17
C GLN A 115 -10.46 -0.11 -1.06
N GLN A 116 -11.30 0.24 -2.02
CA GLN A 116 -10.99 1.32 -2.94
C GLN A 116 -10.36 2.49 -2.19
N ILE A 117 -9.72 3.37 -2.95
CA ILE A 117 -9.08 4.53 -2.37
C ILE A 117 -9.32 5.74 -3.27
N PRO A 118 -10.16 6.68 -2.76
CA PRO A 118 -10.50 7.89 -3.50
C PRO A 118 -9.33 8.88 -3.47
N ILE A 119 -9.39 9.83 -4.40
CA ILE A 119 -8.35 10.84 -4.49
C ILE A 119 -8.41 11.76 -3.27
N ASP A 120 -7.26 12.27 -2.88
CA ASP A 120 -7.18 13.16 -1.74
C ASP A 120 -7.77 12.46 -0.51
N SER A 121 -7.85 11.14 -0.61
CA SER A 121 -8.41 10.35 0.48
C SER A 121 -7.40 10.27 1.63
N THR A 122 -7.70 9.39 2.58
CA THR A 122 -6.83 9.22 3.73
C THR A 122 -7.02 7.81 4.33
N VAL A 123 -5.92 7.10 4.45
CA VAL A 123 -5.94 5.76 5.01
C VAL A 123 -4.99 5.69 6.21
N SER A 124 -5.30 4.75 7.10
CA SER A 124 -4.49 4.57 8.28
C SER A 124 -4.36 3.08 8.60
N PHE A 125 -3.14 2.57 8.46
CA PHE A 125 -2.87 1.18 8.73
C PHE A 125 -2.96 0.87 10.22
N GLY A 126 -3.02 -0.41 10.53
CA GLY A 126 -3.10 -0.84 11.91
C GLY A 126 -2.23 0.03 12.82
N ALA A 127 -0.93 -0.24 12.78
CA ALA A 127 0.01 0.50 13.58
C ALA A 127 0.23 1.89 12.95
N SER A 128 0.90 1.88 11.82
CA SER A 128 1.19 3.13 11.11
C SER A 128 0.01 4.09 11.26
N THR A 129 0.14 4.99 12.21
CA THR A 129 -0.90 5.97 12.47
C THR A 129 -0.97 6.98 11.32
N ARG A 130 -0.03 6.86 10.40
CA ARG A 130 0.03 7.76 9.25
C ARG A 130 -1.36 7.92 8.65
N ALA A 131 -1.45 8.86 7.72
CA ALA A 131 -2.71 9.13 7.05
C ALA A 131 -2.49 9.17 5.54
N TYR A 132 -2.00 8.05 5.01
CA TYR A 132 -1.75 7.95 3.59
C TYR A 132 -2.81 8.69 2.77
N THR A 133 -2.39 9.79 2.15
CA THR A 133 -3.30 10.58 1.35
C THR A 133 -3.06 10.32 -0.14
N LEU A 134 -3.84 9.41 -0.68
CA LEU A 134 -3.72 9.05 -2.08
C LEU A 134 -4.15 10.25 -2.94
N ARG A 135 -3.17 10.84 -3.60
CA ARG A 135 -3.43 11.99 -4.45
C ARG A 135 -3.50 11.56 -5.91
N GLU A 136 -3.62 12.56 -6.78
CA GLU A 136 -3.69 12.29 -8.21
C GLU A 136 -3.25 13.53 -9.00
N LYS A 137 -2.05 13.45 -9.54
CA LYS A 137 -1.50 14.54 -10.32
C LYS A 137 -2.61 15.19 -11.14
N PRO A 138 -3.15 16.32 -10.59
CA PRO A 138 -4.22 17.04 -11.26
C PRO A 138 -3.69 17.83 -12.44
N GLN A 139 -4.49 18.80 -12.89
CA GLN A 139 -4.11 19.63 -14.01
C GLN A 139 -3.28 20.82 -13.54
N THR A 140 -2.39 21.27 -14.40
CA THR A 140 -1.52 22.40 -14.08
C THR A 140 -2.37 23.65 -13.81
#